data_9EA9
#
_entry.id   9EA9
#
_cell.length_a   203.650
_cell.length_b   203.650
_cell.length_c   479.910
_cell.angle_alpha   90.000
_cell.angle_beta   90.000
_cell.angle_gamma   90.000
#
_symmetry.space_group_name_H-M   'P 42 21 2'
#
loop_
_entity.id
_entity.type
_entity.pdbx_description
1 polymer 'Botulinum neurotoxin type A'
2 polymer 'Non-toxic nonhemagglutinin type A'
3 polymer 'Nanobody ciA-F12'
4 polymer 'Nanobody ciA-H7'
5 polymer HA-70
6 polymer HA70/A1
7 polymer 'anti-NTNH Fab'
8 polymer 'anti-NTNH Fab'
9 polymer 'anti-NTNH Fab'
10 polymer 'anti-NTNH Fab'
11 non-polymer 'SULFATE ION'
12 non-polymer 'ZINC ION'
13 non-polymer 'MAGNESIUM ION'
14 water water
#
loop_
_entity_poly.entity_id
_entity_poly.type
_entity_poly.pdbx_seq_one_letter_code
_entity_poly.pdbx_strand_id
1 'polypeptide(L)'
;MPFVNKQFNYKDPVNGVDIAYIKIPNAGQMQPVKAFKIHNKIWVIPERDTFTNPEEGDLNPPPEAKQVPVSYYDSTYLST
DNEKDNYLKGVTKLFERIYSTDLGRMLLTSIVRGIPFWGGSTIDTELKVIDTNCINVIQPDGSYRSEELNLVIIGPSADI
IQFECKSFGHEVLNLTRNGYGSTQYIRFSPDFTFGFEESLEVDTNPLLGAGKFATDPAVTLAHQLIHAGHRLYGIAINPN
RVFKVNTNAYYEMSGLEVSFEELRTFGGHDAKFIDSLQENEFRLYYYNKFKDIASTLNKAKSIVGTTASLQYMKNVFKEK
YLLSEDTSGKFSVDKLKFDKLYKMLTEIYTEDNFVKFFKVLNAKTFLNFDKAVFKINIVPKVNYTIYDGFNLRNTNLAAN
FNGQNTEINNMNFTKLKNFTGLFEFYKLLCVRGIITSKTKSLDKGYNKALNDLCIKVNNWDLFFSPSEDNFTNDLNKGEE
ITSDTNIEAAEENISLDLIQQYYLTFNFDNEPENISIENLSSDIIGQLELMPNIERFPNGKKYELDKYTMFHYLRAQEFE
HGKSRIALTNSVNEALLNPSRVYTFFSSDYVKKVNKATEAAMFLGWVEQLVYDFTDETSEVSTTDKIADITIIIPYIGPA
LNIGNMLYKDDFVGALIFSGAVILLEFIPEIAIPVLGTFALVSYIANKVLTVQTIDNALSKRNEKWDEVYKYIVTNWLAK
VNTQIDLIRKKMKEALENQAEATKAIINYQYNQYTEEEKNNINFNIDDLSSKLNESINKAMININKFLNQCSVSYLMNSM
IPYGVKRLEDFDASLKDALLKYIYDNRGTLIGQVDRLKDKVNNTLSTDIPFQLSKYVDNQRLLSTFTEYIKNIINTSILN
LRYESNHLIDLSRYASKINIGSKVNFDPIDKNQIQLFNLESSKIEVILKNAIVYNSMYENFSTSFWIRIPKYFNSISLNN
EYTIINCMENNSGWKVSLNYGEIIWTLQDTQEIKQRVVFKYSQMINISDYINRWIFVTITNNRLNNSKIYINGRLIDQKP
ISNLGNIHASNNIMFKLDGCRDTHRYIWIKYFNLFDKELNEKEIKDLYDNQSNSGILKDFWGDYLQYDKPYYMLNLYDPN
KYVDVNNVGIRGYMYLKGPRGSVMTTNIYLNSSLYRGTKFIIKKYASGNKDNIVRNNDRVYINVVVKNKEYRLATNASQA
GVEKILSALEIPDVGNLSQVVVMKSKNDQGITNKCKMNLQDNNGNDIGFIGFHQFNNIAKLVASNWYNRQIERSSRTLGC
SWEFIPVDDGWGERPL
;
A
2 'polypeptide(L)'
;MNINDNLSINSPVDNKNVVVVRARKTDTVFKAFKVAPNIWVAPERYYGESLSIDEEYKVDGGIYDSNFLSQDSEKDKFLQ
AIITLLKRINSTNAGEKLLSLISTAIPFPYGYIGGGYYAPNMITFGSAPKSNKKLNSLISSTIPFPYAGYRETNYLSSED
NKSFYASNIVIFGPGANIVENNTVFYKKEDAENGMGTMTEIWFQPFLTYKYDEFYIDPAIELIKCLIKSLYFLYGIKPSD
DLVIPYRLRSELENIEYSQLNIVDLLVSGGIDPKFINTDPYWFTDNYFSNAKKVFEDHRNIYETEIEGNNAIGNDIKLRL
KQKFRININDIWELNLNYFSKEFSIMMPDRFNNALKHFYRKQYYKIDYPENYSINGFVNGQINAQLSLSDRNQDIINKPE
EIINLLNGNNVSLMRSNIYGDGLKSSVDDFYSNYKIPYNRAYEYHFNNSNDSSLDNVNIGVIDNIPEIIDVNPYKENCDK
FSPVQKITSTREINTNIPWPINYLQAQNTNNEKFSLSSDFVEVVSSKDKSLVYSFLSNVMFYLDSIKDNSPIDTDKKYYL
WLREIFRNYSFDITATQEINTNCGINKVVTWFGKALNILNTSDSFVEEFQNLGAISLINKKENLSMPIIESYEIPNDMLG
LPLNDLNEKLFNIYSKNTAYFKKIYYNFLDQWWTQYYSQYFDLICMAKRSVLAQETLIKRIIQKKLSYLIGNSNISSDNL
ALMNLTTTNTLRDISNESQIAMNNVDSFLNNAAICVFESNIYPKFISFMEQCINNINIKTKEFIQKCTNINEDEKLQLIN
QNVFNSLDFEFLNIQNMKSLFSSETALLIKEETWPYELVLYAFKEPGNNVIGDASGKNTSIEYSKDIGLVYGINSDALYL
NGSNQSISFSNDFFENGLTNSFSIYFWLRNLGKDTIKSKLIGSKEDNCGWEIYFQDTGLVFNMIDSNGNEKNIYLSDVSN
NSWHYITISVDRLKEQLLIFIDDNLVANESIKEILNIYSSNIISLLSENNPSYIEGLTILNKPTTSQEVLSNYFEVLNNS
YIRDSNEERLEYNKTYQLYNYVFSDKPICEVKQNNNIYLTINNTNNLNLQASKFKLLSINPNKQYVQKLDEVIISVLDNM
EKYIDISEDNRLQLIDNKNNAKKMIISNDIFISNCLTLSYNGKYICLSMKDENHNWMICNNDMSKYLYLWSFKP
;
B
3 'polypeptide(L)'
;QVQLVESGGGLVQPGGSLRLSCAASGFTLGSRYMSWVRQAPGEGFEWVSSIEPSGTAWDGDSAKGRFTTSRDDAKNTLYL
QMSNLQPEDTGVYYCATGYRTDTRIPGGSWGQGTQVTVSSEPKTPKPQ
;
C
4 'polypeptide(L)'
;QVQLVESGGGLVQVGGSLRLSCVVSGSDISGIAMGWYRQAPGKRREMVADIFSGGSTDYAGSVKGRFTISRDNAKKTSYL
QMNNVKPEDTGVYYCRLYGSGDYWGQGTQVTVSSAHHSEDP
;
F
5 'polypeptide(L)'
;MNSSIKKIYNDIQEKVINYSDTIDLADGNYVVRRGDGWILSRQNQILGGSVISNGSTGIVGDLRVNDNAIPYYYPTPSFN
EEYIKNNIQTVFTNFTEANQIPIGFEFSKTAPSNKNLYMYLQYTYIRYEIIKVLQHEIIERAVLYVPSLGYVKSIEFNPG
EKINKDFYFLTNDKCILNEQFLYKKILETTKNIPTNNIFNSKVSSTQRVLPYSNGLYVINKGDGYIRTNDKDLIGTLLIE
AGSSGSIIQPRLRNTTRPLFTTSNDTKFSQQYTEERLKDAFNVQLFNTSTSLFKFVEEAPSDKNICIKAYNTYEKYELID
YQNGSIVNKAEYYLPSLGYCEVTNAPSPESEVVKMQVAEDGFIQNGPEEEIVVGVIDPSENIQEINTAISDNYTYNIPGI
VNNNPFYILFTVNTTGIYKINAQNNLPSLKIYEAIGSGNRNFQSGNLCDDDIKAINYITGFDSPNAKSYLVVLLNKDKNY
YIRVPQTSSNIENQIQFKREEGDLRNLMNSSVNIIDNLNSTGAHYYTRQSPDVHDYISYEFTIPGNFNNKDTSNIRLYTS
YNQGIGTLFRVTETIDGYNLINIQQNLHLLNNTNSIRLLNGAIYILKVEVTELNNYNIRLHIDITN
;
I,J,D,G,H
6 'polypeptide(L)'
;MNSSIKKIYNDIQEKVINYSDTIDLADGNYVVRRGDGWILSRQNQILGGSVISNGSTGIVGDLRVNDNAIPYYYPTPSFN
EEYIKNNIQTVFTNFTEANQIPIGFEFSKTAPSNKNLYMYLQYTYIRYEIIKVLQHEIIERAVLYVPSLGYVKSIEFNPG
EKINKDFYFLTNDKCILNEQFLYKKILETTKNIPTNNIFNSKVSSTQRVLPYSNGLYVINKGDGYIRTNDKDLIGTLLIE
AGSSGSIIQPRLRNTTRPLFTTSNDTKFSQQYTEERLKDAFNVQLFNTSTSLFKFVEEAPSDKNICIKAYNTYEKYELID
YQNGSIVNKAEYYLPSLGYCEVTNAPSPESEVVKMQVAEDGFIQNGPEEEIVVGVIDPSENIQEINTAISDNYTYNIPGI
VNNNPFYILFTVNTTGIYKINAQNNLPSLKIYEAIGSGNRNFQSGNLCDDDIKAINYITGFDSPNAKSYLVVLLNKDKNY
YIRVPQTSSNIENQIQFKREEGDLRNLMNSSVNIIDNLNSTGAHYYTRQSPDVHDYISYEFTIPGNFNNKDTSNIRLYTS
YNQGIGTLFRVTETDAGYNLINIQQNLHLLNNTNSIRLLNGAIYILKVEVTELNNYNIRLHIDITN
;
E
7 'polypeptide(L)'
;DIVLTQSPATLSVTPGDDVSLSCRASQSISNNLHWYQQKSHESPRLLIKYASQSISGIPSKFGRGSGTDFTLIINRVETE
DFGVYFCQQSDSWPYTFGGTKLEII
;
K
8 'polypeptide(L)'
;QVQLQQSGAELARPGTSVKLSCKASGYTFTTYWIQWVKQRPGQGLEWIGTIYPGDGDTRYTQKFKGKATLTADKSSSTAY
MQLISLASEDSAVYYCVAGYDTSGTMGYWGQGTSVTV
;
M
9 'polypeptide(L)'
;AKTTAPSVYPLAPSVTLGCLVKGYFPEPVTLTWNSGSLSSGVHTFPAVLQSDLYTLSSSVTVTSSTWPSQSITCNVAHPA
SSTKVDKKIEPRGP
;
N
10 'polypeptide(L)'
;AAPTVSIFPPSSEQLTSGGASVVCFLNNFYPKDINVKWKIDGSERQNGVLNSWTDQDSKDSTYSMSSTLTLTKDEYERHN
SYTCEATHKTSTSPIVKSFNRNE
;
L
#
loop_
_chem_comp.id
_chem_comp.type
_chem_comp.name
_chem_comp.formula
MG non-polymer 'MAGNESIUM ION' 'Mg 2'
SO4 non-polymer 'SULFATE ION' 'O4 S -2'
ZN non-polymer 'ZINC ION' 'Zn 2'
#
# COMPACT_ATOMS: atom_id res chain seq x y z
N MET A 1 -42.99 -53.84 18.90
CA MET A 1 -42.16 -54.74 18.12
C MET A 1 -40.94 -55.31 18.90
N PRO A 2 -41.15 -55.78 20.14
CA PRO A 2 -40.03 -56.36 20.88
C PRO A 2 -39.91 -57.86 20.66
N PHE A 3 -38.68 -58.36 20.80
CA PHE A 3 -38.44 -59.78 20.61
C PHE A 3 -39.13 -60.61 21.71
N VAL A 4 -39.18 -60.08 22.92
CA VAL A 4 -39.89 -60.71 24.04
C VAL A 4 -41.14 -59.89 24.28
N ASN A 5 -42.30 -60.45 23.91
CA ASN A 5 -43.57 -59.73 23.91
C ASN A 5 -44.32 -59.86 25.23
N LYS A 6 -43.62 -60.11 26.34
CA LYS A 6 -44.28 -60.24 27.63
C LYS A 6 -43.29 -59.92 28.73
N GLN A 7 -43.78 -59.30 29.79
CA GLN A 7 -42.98 -58.96 30.97
C GLN A 7 -42.95 -60.17 31.90
N PHE A 8 -41.78 -60.80 32.02
CA PHE A 8 -41.63 -62.05 32.75
C PHE A 8 -40.95 -61.80 34.09
N ASN A 9 -41.58 -62.30 35.16
CA ASN A 9 -41.00 -62.31 36.50
C ASN A 9 -40.93 -63.75 36.98
N TYR A 10 -39.91 -64.06 37.79
CA TYR A 10 -39.70 -65.44 38.21
C TYR A 10 -40.79 -65.93 39.16
N LYS A 11 -41.50 -65.04 39.84
CA LYS A 11 -42.60 -65.44 40.72
C LYS A 11 -43.94 -65.46 40.02
N ASP A 12 -43.99 -65.23 38.72
CA ASP A 12 -45.25 -65.32 38.00
C ASP A 12 -45.77 -66.76 38.05
N PRO A 13 -47.06 -66.96 38.29
CA PRO A 13 -47.59 -68.33 38.38
C PRO A 13 -47.50 -69.05 37.04
N VAL A 14 -47.33 -70.37 37.11
CA VAL A 14 -47.24 -71.17 35.91
C VAL A 14 -48.59 -71.19 35.19
N ASN A 15 -48.54 -71.23 33.86
CA ASN A 15 -49.74 -71.33 33.05
C ASN A 15 -49.65 -72.42 31.99
N GLY A 16 -48.47 -72.99 31.75
CA GLY A 16 -48.31 -74.07 30.80
C GLY A 16 -48.18 -73.66 29.36
N VAL A 17 -48.20 -72.35 29.06
CA VAL A 17 -48.00 -71.85 27.70
C VAL A 17 -46.62 -71.21 27.56
N ASP A 18 -46.32 -70.20 28.38
CA ASP A 18 -45.03 -69.54 28.36
C ASP A 18 -44.32 -69.57 29.71
N ILE A 19 -45.00 -69.92 30.79
CA ILE A 19 -44.40 -70.04 32.11
C ILE A 19 -44.82 -71.39 32.68
N ALA A 20 -43.87 -72.31 32.82
CA ALA A 20 -44.24 -73.62 33.34
C ALA A 20 -43.01 -74.40 33.74
N TYR A 21 -43.23 -75.41 34.57
CA TYR A 21 -42.18 -76.40 34.84
C TYR A 21 -42.06 -77.32 33.63
N ILE A 22 -40.81 -77.68 33.30
CA ILE A 22 -40.54 -78.50 32.13
C ILE A 22 -39.50 -79.56 32.48
N LYS A 23 -39.43 -80.57 31.61
CA LYS A 23 -38.39 -81.58 31.61
C LYS A 23 -37.86 -81.73 30.19
N ILE A 24 -36.56 -81.55 30.02
CA ILE A 24 -35.91 -81.67 28.72
C ILE A 24 -35.26 -83.04 28.62
N PRO A 25 -34.60 -83.40 27.51
CA PRO A 25 -33.86 -84.66 27.47
C PRO A 25 -32.82 -84.73 28.58
N ASN A 26 -32.65 -85.93 29.12
CA ASN A 26 -31.72 -86.17 30.21
C ASN A 26 -31.21 -87.59 30.11
N ALA A 27 -30.06 -87.83 30.74
CA ALA A 27 -29.50 -89.18 30.75
C ALA A 27 -30.42 -90.16 31.47
N GLY A 28 -30.99 -89.75 32.60
CA GLY A 28 -31.94 -90.57 33.32
C GLY A 28 -33.18 -89.81 33.73
N GLN A 29 -33.54 -89.91 35.01
CA GLN A 29 -34.67 -89.17 35.54
C GLN A 29 -34.20 -87.80 36.01
N MET A 30 -34.96 -86.76 35.66
CA MET A 30 -34.60 -85.39 35.98
C MET A 30 -35.76 -84.71 36.71
N GLN A 31 -35.42 -83.90 37.70
CA GLN A 31 -36.43 -83.09 38.38
C GLN A 31 -36.87 -81.96 37.46
N PRO A 32 -38.18 -81.74 37.29
CA PRO A 32 -38.63 -80.64 36.44
C PRO A 32 -38.19 -79.29 37.00
N VAL A 33 -37.93 -78.36 36.09
CA VAL A 33 -37.46 -77.02 36.47
C VAL A 33 -38.32 -75.97 35.81
N LYS A 34 -38.52 -74.86 36.51
CA LYS A 34 -39.37 -73.79 36.01
C LYS A 34 -38.67 -73.05 34.88
N ALA A 35 -39.38 -72.86 33.77
CA ALA A 35 -38.82 -72.26 32.57
C ALA A 35 -39.84 -71.30 31.96
N PHE A 36 -39.32 -70.37 31.16
CA PHE A 36 -40.09 -69.28 30.59
C PHE A 36 -39.86 -69.24 29.08
N LYS A 37 -40.95 -69.20 28.31
CA LYS A 37 -40.87 -69.11 26.85
C LYS A 37 -40.88 -67.64 26.47
N ILE A 38 -39.70 -67.11 26.12
CA ILE A 38 -39.62 -65.67 25.85
C ILE A 38 -39.97 -65.33 24.41
N HIS A 39 -39.84 -66.29 23.51
CA HIS A 39 -40.20 -66.11 22.11
C HIS A 39 -40.49 -67.49 21.54
N ASN A 40 -41.00 -67.51 20.31
CA ASN A 40 -41.25 -68.78 19.64
C ASN A 40 -39.96 -69.59 19.56
N LYS A 41 -40.04 -70.85 20.02
CA LYS A 41 -38.93 -71.80 20.08
C LYS A 41 -37.78 -71.36 20.99
N ILE A 42 -37.99 -70.35 21.84
CA ILE A 42 -36.93 -69.81 22.69
C ILE A 42 -37.37 -69.89 24.14
N TRP A 43 -36.71 -70.75 24.92
CA TRP A 43 -36.99 -70.93 26.33
C TRP A 43 -35.77 -70.54 27.16
N VAL A 44 -36.03 -70.12 28.39
CA VAL A 44 -34.99 -69.73 29.35
C VAL A 44 -35.25 -70.48 30.64
N ILE A 45 -34.21 -71.09 31.20
CA ILE A 45 -34.28 -71.84 32.44
C ILE A 45 -33.30 -71.23 33.43
N PRO A 46 -33.78 -70.34 34.33
CA PRO A 46 -32.87 -69.71 35.28
C PRO A 46 -32.37 -70.66 36.36
N GLU A 47 -31.65 -71.71 35.95
CA GLU A 47 -31.12 -72.70 36.88
C GLU A 47 -29.68 -73.00 36.50
N ARG A 48 -28.87 -73.29 37.51
CA ARG A 48 -27.51 -73.75 37.27
C ARG A 48 -27.53 -75.11 36.59
N ASP A 49 -26.58 -75.35 35.70
CA ASP A 49 -26.56 -76.57 34.89
C ASP A 49 -26.03 -77.73 35.73
N THR A 50 -26.95 -78.55 36.24
CA THR A 50 -26.58 -79.81 36.89
C THR A 50 -27.32 -81.00 36.25
N PHE A 51 -28.05 -80.76 35.16
CA PHE A 51 -28.93 -81.75 34.56
C PHE A 51 -28.59 -82.07 33.11
N THR A 52 -28.09 -81.10 32.35
CA THR A 52 -27.76 -81.33 30.95
C THR A 52 -26.71 -82.41 30.83
N ASN A 53 -25.71 -82.37 31.70
CA ASN A 53 -24.66 -83.36 31.68
C ASN A 53 -24.62 -84.05 33.04
N PRO A 54 -24.87 -85.37 33.10
CA PRO A 54 -24.84 -86.08 34.39
C PRO A 54 -23.48 -86.07 35.07
N GLU A 55 -22.41 -85.96 34.28
CA GLU A 55 -21.06 -85.85 34.83
C GLU A 55 -20.84 -84.51 35.52
N GLU A 56 -21.69 -83.52 35.27
CA GLU A 56 -21.57 -82.21 35.89
C GLU A 56 -22.77 -81.85 36.74
N GLY A 57 -23.26 -82.80 37.54
CA GLY A 57 -24.25 -82.50 38.56
C GLY A 57 -23.68 -81.88 39.81
N ASP A 58 -22.38 -81.61 39.82
CA ASP A 58 -21.67 -81.01 40.94
C ASP A 58 -21.22 -79.62 40.54
N LEU A 59 -21.56 -78.63 41.36
CA LEU A 59 -21.14 -77.24 41.13
C LEU A 59 -19.82 -76.91 41.80
N ASN A 60 -19.22 -77.86 42.51
CA ASN A 60 -17.89 -77.65 43.08
C ASN A 60 -16.83 -77.71 42.00
N PRO A 61 -15.64 -77.16 42.26
CA PRO A 61 -14.62 -77.11 41.23
C PRO A 61 -14.23 -78.52 40.79
N PRO A 62 -13.81 -78.69 39.54
CA PRO A 62 -13.40 -80.00 39.05
C PRO A 62 -12.11 -80.46 39.72
N PRO A 63 -11.73 -81.73 39.56
CA PRO A 63 -10.49 -82.19 40.21
C PRO A 63 -9.26 -81.41 39.77
N GLU A 64 -9.18 -81.01 38.51
CA GLU A 64 -8.08 -80.20 38.01
C GLU A 64 -8.62 -78.92 37.39
N ALA A 65 -7.91 -77.82 37.62
CA ALA A 65 -8.34 -76.54 37.09
C ALA A 65 -8.36 -76.57 35.56
N LYS A 66 -9.41 -75.99 34.98
CA LYS A 66 -9.54 -75.94 33.54
C LYS A 66 -8.41 -75.13 32.93
N GLN A 67 -7.89 -75.60 31.78
CA GLN A 67 -6.80 -74.93 31.08
C GLN A 67 -7.35 -73.75 30.27
N VAL A 68 -7.94 -72.81 30.98
CA VAL A 68 -8.46 -71.57 30.39
C VAL A 68 -7.81 -70.40 31.11
N PRO A 69 -7.65 -69.25 30.47
CA PRO A 69 -6.97 -68.13 31.16
C PRO A 69 -7.75 -67.57 32.33
N VAL A 70 -9.07 -67.49 32.23
CA VAL A 70 -9.91 -66.88 33.25
C VAL A 70 -11.04 -67.85 33.58
N SER A 71 -11.20 -68.17 34.86
CA SER A 71 -12.25 -69.06 35.33
C SER A 71 -12.73 -68.59 36.69
N TYR A 72 -14.03 -68.72 36.94
CA TYR A 72 -14.63 -68.31 38.21
C TYR A 72 -15.62 -69.38 38.67
N TYR A 73 -15.58 -69.68 39.97
CA TYR A 73 -16.42 -70.70 40.56
C TYR A 73 -17.14 -70.14 41.77
N ASP A 74 -18.46 -70.35 41.81
CA ASP A 74 -19.26 -69.98 42.98
C ASP A 74 -20.46 -70.93 43.03
N SER A 75 -20.42 -71.89 43.96
CA SER A 75 -21.51 -72.85 44.08
C SER A 75 -22.80 -72.21 44.56
N THR A 76 -22.73 -71.01 45.14
CA THR A 76 -23.92 -70.33 45.66
C THR A 76 -24.59 -69.43 44.63
N TYR A 77 -23.98 -69.25 43.45
CA TYR A 77 -24.54 -68.35 42.46
C TYR A 77 -25.80 -68.94 41.84
N LEU A 78 -26.78 -68.08 41.60
CA LEU A 78 -28.02 -68.43 40.91
C LEU A 78 -28.79 -69.53 41.67
N SER A 79 -28.92 -69.33 42.98
CA SER A 79 -29.71 -70.20 43.85
C SER A 79 -30.96 -69.53 44.38
N THR A 80 -30.89 -68.25 44.69
CA THR A 80 -32.04 -67.52 45.21
C THR A 80 -32.98 -67.12 44.08
N ASP A 81 -34.26 -66.98 44.41
CA ASP A 81 -35.24 -66.54 43.42
C ASP A 81 -34.94 -65.13 42.93
N ASN A 82 -34.35 -64.29 43.79
CA ASN A 82 -33.93 -62.96 43.35
C ASN A 82 -32.86 -63.04 42.26
N GLU A 83 -31.88 -63.94 42.46
CA GLU A 83 -30.86 -64.15 41.44
C GLU A 83 -31.48 -64.64 40.15
N LYS A 84 -32.47 -65.53 40.25
CA LYS A 84 -33.11 -66.06 39.05
C LYS A 84 -33.92 -65.00 38.32
N ASP A 85 -34.62 -64.13 39.06
CA ASP A 85 -35.32 -63.03 38.42
C ASP A 85 -34.34 -62.09 37.73
N ASN A 86 -33.23 -61.76 38.41
CA ASN A 86 -32.21 -60.91 37.80
C ASN A 86 -31.65 -61.55 36.53
N TYR A 87 -31.40 -62.86 36.59
CA TYR A 87 -30.89 -63.60 35.43
C TYR A 87 -31.87 -63.55 34.27
N LEU A 88 -33.16 -63.80 34.56
CA LEU A 88 -34.16 -63.80 33.50
C LEU A 88 -34.28 -62.43 32.85
N LYS A 89 -34.32 -61.38 33.67
CA LYS A 89 -34.44 -60.03 33.11
C LYS A 89 -33.20 -59.64 32.34
N GLY A 90 -32.01 -60.05 32.79
CA GLY A 90 -30.79 -59.76 32.06
C GLY A 90 -30.74 -60.46 30.71
N VAL A 91 -31.14 -61.72 30.67
CA VAL A 91 -31.18 -62.45 29.40
C VAL A 91 -32.20 -61.80 28.45
N THR A 92 -33.36 -61.42 29.00
CA THR A 92 -34.35 -60.72 28.20
C THR A 92 -33.79 -59.42 27.61
N LYS A 93 -33.09 -58.66 28.45
CA LYS A 93 -32.52 -57.39 28.02
C LYS A 93 -31.46 -57.59 26.93
N LEU A 94 -30.60 -58.60 27.10
CA LEU A 94 -29.60 -58.88 26.08
C LEU A 94 -30.23 -59.31 24.77
N PHE A 95 -31.28 -60.13 24.84
CA PHE A 95 -31.99 -60.51 23.61
C PHE A 95 -32.61 -59.29 22.94
N GLU A 96 -33.16 -58.37 23.72
CA GLU A 96 -33.72 -57.16 23.14
C GLU A 96 -32.63 -56.30 22.49
N ARG A 97 -31.47 -56.18 23.14
CA ARG A 97 -30.39 -55.39 22.58
C ARG A 97 -29.87 -56.01 21.28
N ILE A 98 -29.81 -57.34 21.22
CA ILE A 98 -29.40 -58.00 19.99
C ILE A 98 -30.43 -57.80 18.89
N TYR A 99 -31.72 -58.00 19.23
CA TYR A 99 -32.78 -57.86 18.24
C TYR A 99 -32.95 -56.43 17.74
N SER A 100 -32.53 -55.44 18.52
CA SER A 100 -32.65 -54.04 18.11
C SER A 100 -31.77 -53.75 16.90
N THR A 101 -30.57 -54.32 16.88
CA THR A 101 -29.68 -54.14 15.74
C THR A 101 -30.19 -54.92 14.54
N ASP A 102 -29.80 -54.45 13.35
CA ASP A 102 -30.21 -55.12 12.11
C ASP A 102 -29.66 -56.54 12.04
N LEU A 103 -28.35 -56.68 12.30
CA LEU A 103 -27.72 -58.00 12.21
C LEU A 103 -28.32 -58.97 13.22
N GLY A 104 -28.52 -58.50 14.45
CA GLY A 104 -29.09 -59.36 15.48
C GLY A 104 -30.53 -59.75 15.17
N ARG A 105 -31.29 -58.83 14.56
CA ARG A 105 -32.65 -59.16 14.15
C ARG A 105 -32.64 -60.31 13.16
N MET A 106 -31.75 -60.22 12.15
CA MET A 106 -31.60 -61.31 11.21
C MET A 106 -31.18 -62.60 11.89
N LEU A 107 -30.24 -62.52 12.86
CA LEU A 107 -29.73 -63.72 13.52
C LEU A 107 -30.83 -64.42 14.30
N LEU A 108 -31.59 -63.67 15.09
CA LEU A 108 -32.68 -64.28 15.85
C LEU A 108 -33.75 -64.85 14.93
N THR A 109 -34.07 -64.14 13.83
CA THR A 109 -35.06 -64.65 12.90
C THR A 109 -34.59 -65.98 12.29
N SER A 110 -33.32 -66.05 11.89
CA SER A 110 -32.80 -67.30 11.33
C SER A 110 -32.79 -68.42 12.35
N ILE A 111 -32.49 -68.10 13.61
CA ILE A 111 -32.52 -69.11 14.66
C ILE A 111 -33.93 -69.66 14.85
N VAL A 112 -34.93 -68.78 14.83
CA VAL A 112 -36.30 -69.22 15.09
C VAL A 112 -36.79 -70.17 14.00
N ARG A 113 -36.55 -69.83 12.73
CA ARG A 113 -37.07 -70.65 11.65
C ARG A 113 -36.18 -71.83 11.30
N GLY A 114 -35.06 -72.01 12.01
CA GLY A 114 -34.21 -73.16 11.78
C GLY A 114 -34.58 -74.35 12.63
N ILE A 115 -35.81 -74.84 12.45
CA ILE A 115 -36.31 -75.96 13.26
C ILE A 115 -35.48 -77.21 13.00
N PRO A 116 -35.10 -77.97 14.03
CA PRO A 116 -34.33 -79.20 13.79
C PRO A 116 -35.10 -80.16 12.90
N PHE A 117 -34.37 -80.83 12.02
CA PHE A 117 -34.99 -81.66 11.00
C PHE A 117 -35.69 -82.87 11.61
N TRP A 118 -36.83 -83.25 11.00
CA TRP A 118 -37.60 -84.42 11.43
C TRP A 118 -37.00 -85.67 10.79
N GLY A 119 -35.77 -85.98 11.20
CA GLY A 119 -35.04 -87.08 10.60
C GLY A 119 -35.02 -88.35 11.43
N GLY A 120 -35.97 -88.49 12.36
CA GLY A 120 -35.97 -89.62 13.26
C GLY A 120 -36.55 -90.91 12.71
N SER A 121 -37.14 -90.88 11.52
CA SER A 121 -37.79 -92.06 10.96
C SER A 121 -36.78 -92.98 10.30
N THR A 122 -36.82 -94.26 10.68
CA THR A 122 -36.00 -95.27 10.01
C THR A 122 -36.51 -95.58 8.60
N ILE A 123 -37.78 -95.30 8.32
CA ILE A 123 -38.34 -95.52 6.99
C ILE A 123 -38.20 -94.24 6.18
N ASP A 124 -37.64 -94.36 4.99
CA ASP A 124 -37.35 -93.18 4.16
C ASP A 124 -38.60 -92.46 3.71
N THR A 125 -39.76 -93.12 3.71
CA THR A 125 -41.00 -92.51 3.23
C THR A 125 -41.76 -91.78 4.34
N GLU A 126 -41.24 -91.74 5.55
CA GLU A 126 -41.91 -91.11 6.68
C GLU A 126 -41.07 -89.98 7.24
N LEU A 127 -41.74 -89.08 7.96
CA LEU A 127 -41.11 -87.97 8.67
C LEU A 127 -41.44 -88.12 10.16
N LYS A 128 -40.42 -88.38 10.97
CA LYS A 128 -40.60 -88.56 12.40
C LYS A 128 -39.70 -87.58 13.15
N VAL A 129 -40.27 -86.92 14.15
CA VAL A 129 -39.50 -85.94 14.92
C VAL A 129 -38.52 -86.66 15.84
N ILE A 130 -37.45 -85.98 16.19
CA ILE A 130 -36.46 -86.51 17.12
C ILE A 130 -36.78 -86.02 18.52
N ASP A 131 -36.82 -86.96 19.47
CA ASP A 131 -37.27 -86.66 20.82
C ASP A 131 -36.37 -85.62 21.50
N THR A 132 -35.06 -85.74 21.30
CA THR A 132 -34.11 -84.86 21.97
C THR A 132 -34.23 -83.41 21.54
N ASN A 133 -34.94 -83.12 20.46
CA ASN A 133 -35.20 -81.76 20.01
C ASN A 133 -36.44 -81.15 20.66
N CYS A 134 -37.06 -81.85 21.60
CA CYS A 134 -38.30 -81.42 22.21
C CYS A 134 -38.17 -81.40 23.72
N ILE A 135 -39.19 -80.85 24.38
CA ILE A 135 -39.29 -80.79 25.83
C ILE A 135 -40.70 -81.22 26.23
N ASN A 136 -40.88 -81.44 27.53
CA ASN A 136 -42.19 -81.71 28.11
C ASN A 136 -42.55 -80.54 29.03
N VAL A 137 -43.68 -79.92 28.76
CA VAL A 137 -44.17 -78.77 29.52
C VAL A 137 -45.33 -79.24 30.37
N ILE A 138 -45.22 -79.11 31.69
CA ILE A 138 -46.27 -79.56 32.59
C ILE A 138 -47.38 -78.53 32.61
N GLN A 139 -48.60 -78.98 32.36
CA GLN A 139 -49.77 -78.12 32.36
C GLN A 139 -50.36 -77.99 33.75
N PRO A 140 -51.18 -76.96 34.00
CA PRO A 140 -51.78 -76.82 35.34
C PRO A 140 -52.62 -78.01 35.76
N ASP A 141 -53.31 -78.65 34.83
CA ASP A 141 -54.16 -79.79 35.16
C ASP A 141 -53.38 -81.06 35.47
N GLY A 142 -52.06 -81.04 35.35
CA GLY A 142 -51.21 -82.17 35.66
C GLY A 142 -50.73 -82.96 34.46
N SER A 143 -51.42 -82.84 33.33
CA SER A 143 -50.94 -83.44 32.10
C SER A 143 -49.72 -82.68 31.60
N TYR A 144 -48.91 -83.36 30.79
CA TYR A 144 -47.76 -82.73 30.16
C TYR A 144 -47.94 -82.73 28.64
N ARG A 145 -47.42 -81.69 28.01
CA ARG A 145 -47.47 -81.52 26.57
C ARG A 145 -46.05 -81.56 26.02
N SER A 146 -45.81 -82.45 25.06
CA SER A 146 -44.52 -82.47 24.37
C SER A 146 -44.51 -81.38 23.31
N GLU A 147 -43.47 -80.55 23.34
CA GLU A 147 -43.36 -79.42 22.42
C GLU A 147 -41.95 -79.36 21.83
N GLU A 148 -41.88 -79.20 20.52
CA GLU A 148 -40.60 -79.02 19.85
C GLU A 148 -40.16 -77.56 19.94
N LEU A 149 -38.85 -77.37 20.01
CA LEU A 149 -38.29 -76.04 20.17
C LEU A 149 -36.89 -76.01 19.57
N ASN A 150 -36.31 -74.81 19.53
CA ASN A 150 -35.03 -74.60 18.87
C ASN A 150 -33.91 -74.22 19.83
N LEU A 151 -34.19 -73.38 20.84
CA LEU A 151 -33.16 -72.82 21.69
C LEU A 151 -33.61 -72.78 23.13
N VAL A 152 -32.69 -73.11 24.04
CA VAL A 152 -32.90 -72.98 25.47
C VAL A 152 -31.68 -72.31 26.08
N ILE A 153 -31.90 -71.26 26.87
CA ILE A 153 -30.83 -70.56 27.57
C ILE A 153 -30.89 -70.97 29.04
N ILE A 154 -29.81 -71.57 29.55
CA ILE A 154 -29.73 -72.00 30.93
C ILE A 154 -28.46 -71.44 31.55
N GLY A 155 -28.42 -71.49 32.88
CA GLY A 155 -27.28 -70.99 33.63
C GLY A 155 -26.04 -71.83 33.43
N PRO A 156 -24.91 -71.34 33.91
CA PRO A 156 -23.64 -72.05 33.70
C PRO A 156 -23.51 -73.27 34.59
N SER A 157 -22.54 -74.11 34.24
CA SER A 157 -22.11 -75.24 35.05
C SER A 157 -21.19 -74.76 36.17
N ALA A 158 -20.46 -75.70 36.77
CA ALA A 158 -19.47 -75.38 37.79
C ALA A 158 -18.69 -74.10 37.48
N ASP A 159 -18.11 -74.02 36.28
CA ASP A 159 -17.42 -72.81 35.85
C ASP A 159 -18.46 -71.79 35.38
N ILE A 160 -18.55 -70.66 36.09
CA ILE A 160 -19.63 -69.71 35.84
C ILE A 160 -19.46 -69.03 34.48
N ILE A 161 -18.22 -68.73 34.09
CA ILE A 161 -17.97 -67.94 32.89
C ILE A 161 -17.60 -68.81 31.69
N GLN A 162 -17.79 -70.13 31.80
CA GLN A 162 -17.55 -71.02 30.67
C GLN A 162 -18.86 -71.15 29.90
N PHE A 163 -19.00 -70.39 28.83
CA PHE A 163 -20.20 -70.36 28.02
C PHE A 163 -20.00 -71.25 26.79
N GLU A 164 -20.98 -72.10 26.49
CA GLU A 164 -20.85 -72.98 25.34
C GLU A 164 -22.23 -73.44 24.88
N CYS A 165 -22.27 -73.94 23.65
CA CYS A 165 -23.47 -74.55 23.08
C CYS A 165 -23.40 -76.06 23.23
N LYS A 166 -24.42 -76.64 23.84
CA LYS A 166 -24.59 -78.08 23.96
C LYS A 166 -25.81 -78.52 23.16
N SER A 167 -25.79 -79.78 22.74
CA SER A 167 -26.92 -80.36 22.03
C SER A 167 -26.93 -81.86 22.24
N PHE A 168 -28.12 -82.42 22.37
CA PHE A 168 -28.27 -83.85 22.55
C PHE A 168 -28.16 -84.56 21.21
N GLY A 169 -27.26 -85.54 21.13
CA GLY A 169 -26.95 -86.21 19.89
C GLY A 169 -27.90 -87.34 19.59
N HIS A 170 -27.54 -88.10 18.56
CA HIS A 170 -28.35 -89.21 18.07
C HIS A 170 -27.50 -90.47 18.01
N GLU A 171 -28.19 -91.61 17.89
CA GLU A 171 -27.53 -92.91 17.87
C GLU A 171 -26.57 -93.03 16.70
N VAL A 172 -26.99 -92.61 15.51
CA VAL A 172 -26.15 -92.70 14.32
C VAL A 172 -25.93 -91.35 13.64
N LEU A 173 -26.81 -90.37 13.85
CA LEU A 173 -26.71 -89.10 13.16
C LEU A 173 -25.90 -88.10 13.96
N ASN A 174 -25.08 -87.32 13.27
CA ASN A 174 -24.39 -86.18 13.85
C ASN A 174 -25.20 -84.95 13.47
N LEU A 175 -26.19 -84.62 14.30
CA LEU A 175 -27.21 -83.64 13.92
C LEU A 175 -26.62 -82.26 13.65
N THR A 176 -25.52 -81.91 14.32
CA THR A 176 -24.92 -80.60 14.12
C THR A 176 -24.00 -80.54 12.89
N ARG A 177 -23.81 -81.66 12.19
CA ARG A 177 -22.90 -81.70 11.05
C ARG A 177 -23.47 -82.38 9.81
N ASN A 178 -24.73 -82.82 9.83
CA ASN A 178 -25.34 -83.46 8.68
C ASN A 178 -26.47 -82.63 8.09
N GLY A 179 -26.61 -81.37 8.49
CA GLY A 179 -27.66 -80.51 7.99
C GLY A 179 -28.97 -80.61 8.74
N TYR A 180 -29.14 -81.63 9.58
CA TYR A 180 -30.41 -81.80 10.30
C TYR A 180 -30.57 -80.71 11.35
N GLY A 181 -29.66 -80.63 12.29
CA GLY A 181 -29.79 -79.68 13.38
C GLY A 181 -30.48 -80.29 14.58
N SER A 182 -30.18 -79.72 15.76
CA SER A 182 -30.75 -80.21 17.00
C SER A 182 -31.05 -79.00 17.89
N THR A 183 -31.85 -79.24 18.93
CA THR A 183 -32.14 -78.19 19.90
C THR A 183 -30.86 -77.83 20.66
N GLN A 184 -30.61 -76.53 20.79
CA GLN A 184 -29.37 -76.03 21.37
C GLN A 184 -29.62 -75.46 22.76
N TYR A 185 -28.78 -75.87 23.71
CA TYR A 185 -28.80 -75.38 25.07
C TYR A 185 -27.53 -74.58 25.31
N ILE A 186 -27.67 -73.28 25.55
CA ILE A 186 -26.53 -72.41 25.70
C ILE A 186 -26.31 -72.15 27.19
N ARG A 187 -25.10 -72.43 27.67
CA ARG A 187 -24.74 -72.05 29.02
C ARG A 187 -24.30 -70.60 29.02
N PHE A 188 -24.98 -69.76 29.80
CA PHE A 188 -24.76 -68.32 29.78
C PHE A 188 -25.12 -67.73 31.15
N SER A 189 -24.39 -66.68 31.54
CA SER A 189 -24.73 -65.85 32.71
C SER A 189 -24.60 -64.37 32.36
N PRO A 190 -25.66 -63.58 32.51
CA PRO A 190 -25.57 -62.14 32.25
C PRO A 190 -25.11 -61.30 33.44
N ASP A 191 -24.75 -61.92 34.55
CA ASP A 191 -24.31 -61.21 35.74
C ASP A 191 -22.79 -61.15 35.86
N PHE A 192 -22.06 -61.67 34.87
CA PHE A 192 -20.60 -61.67 34.90
C PHE A 192 -20.08 -61.31 33.51
N THR A 193 -18.85 -60.79 33.47
CA THR A 193 -18.23 -60.48 32.19
C THR A 193 -16.71 -60.55 32.33
N PHE A 194 -16.03 -60.54 31.19
CA PHE A 194 -14.59 -60.63 31.14
C PHE A 194 -13.95 -59.25 31.16
N GLY A 195 -12.64 -59.23 31.43
CA GLY A 195 -11.86 -58.01 31.41
C GLY A 195 -10.57 -58.19 30.65
N PHE A 196 -10.36 -57.36 29.63
CA PHE A 196 -9.26 -57.49 28.69
C PHE A 196 -8.53 -56.17 28.52
N GLU A 197 -7.33 -56.24 27.96
CA GLU A 197 -6.50 -55.07 27.69
C GLU A 197 -6.53 -54.74 26.21
N GLU A 198 -6.61 -53.45 25.89
CA GLU A 198 -6.67 -53.00 24.51
C GLU A 198 -5.80 -51.76 24.32
N SER A 199 -5.09 -51.71 23.20
CA SER A 199 -4.28 -50.56 22.86
C SER A 199 -4.37 -50.14 21.39
N LEU A 200 -5.15 -50.85 20.57
CA LEU A 200 -5.21 -50.51 19.14
C LEU A 200 -6.02 -49.25 18.88
N GLU A 201 -6.97 -48.93 19.75
CA GLU A 201 -7.90 -47.84 19.49
C GLU A 201 -7.36 -46.46 19.88
N VAL A 202 -6.14 -46.38 20.40
CA VAL A 202 -5.57 -45.07 20.73
C VAL A 202 -5.36 -44.23 19.49
N ASP A 203 -5.27 -44.84 18.30
CA ASP A 203 -5.10 -44.06 17.07
C ASP A 203 -6.31 -43.17 16.81
N THR A 204 -7.51 -43.68 17.06
CA THR A 204 -8.74 -42.91 16.89
C THR A 204 -9.26 -42.32 18.19
N ASN A 205 -8.95 -42.92 19.33
CA ASN A 205 -9.42 -42.45 20.64
C ASN A 205 -8.20 -42.26 21.53
N PRO A 206 -7.46 -41.16 21.36
CA PRO A 206 -6.27 -40.94 22.19
C PRO A 206 -6.58 -40.74 23.65
N LEU A 207 -7.84 -40.46 24.01
CA LEU A 207 -8.25 -40.33 25.41
C LEU A 207 -8.77 -41.64 26.00
N LEU A 208 -8.28 -42.78 25.50
CA LEU A 208 -8.71 -44.07 26.01
C LEU A 208 -8.37 -44.23 27.48
N GLY A 209 -9.26 -44.89 28.23
CA GLY A 209 -9.03 -45.10 29.64
C GLY A 209 -7.91 -46.09 29.90
N ALA A 210 -7.44 -46.07 31.13
CA ALA A 210 -6.36 -46.95 31.55
C ALA A 210 -6.92 -48.24 32.17
N GLY A 211 -6.03 -49.20 32.39
CA GLY A 211 -6.43 -50.44 33.00
C GLY A 211 -7.24 -51.34 32.06
N LYS A 212 -7.93 -52.29 32.67
CA LYS A 212 -8.70 -53.27 31.92
C LYS A 212 -9.99 -52.67 31.36
N PHE A 213 -10.44 -53.24 30.25
CA PHE A 213 -11.75 -52.95 29.68
C PHE A 213 -12.61 -54.20 29.76
N ALA A 214 -13.91 -53.99 29.92
CA ALA A 214 -14.84 -55.09 30.18
C ALA A 214 -15.65 -55.39 28.93
N THR A 215 -15.72 -56.68 28.57
CA THR A 215 -16.46 -57.11 27.40
C THR A 215 -17.96 -56.92 27.61
N ASP A 216 -18.63 -56.41 26.59
CA ASP A 216 -20.08 -56.25 26.65
C ASP A 216 -20.74 -57.63 26.59
N PRO A 217 -21.58 -58.00 27.56
CA PRO A 217 -22.14 -59.36 27.56
C PRO A 217 -22.99 -59.67 26.35
N ALA A 218 -23.55 -58.65 25.70
CA ALA A 218 -24.33 -58.88 24.48
C ALA A 218 -23.47 -59.50 23.40
N VAL A 219 -22.20 -59.12 23.32
CA VAL A 219 -21.29 -59.70 22.34
C VAL A 219 -21.08 -61.19 22.61
N THR A 220 -20.89 -61.56 23.88
CA THR A 220 -20.70 -62.97 24.21
C THR A 220 -21.97 -63.77 23.91
N LEU A 221 -23.15 -63.23 24.24
CA LEU A 221 -24.39 -63.91 23.89
C LEU A 221 -24.50 -64.09 22.39
N ALA A 222 -24.17 -63.05 21.62
CA ALA A 222 -24.25 -63.14 20.17
C ALA A 222 -23.30 -64.19 19.63
N HIS A 223 -22.11 -64.28 20.22
CA HIS A 223 -21.17 -65.35 19.86
C HIS A 223 -21.80 -66.72 20.07
N GLN A 224 -22.41 -66.94 21.24
CA GLN A 224 -23.01 -68.24 21.47
C GLN A 224 -24.24 -68.48 20.61
N LEU A 225 -25.00 -67.43 20.30
CA LEU A 225 -26.14 -67.56 19.39
C LEU A 225 -25.68 -67.92 17.99
N ILE A 226 -24.51 -67.42 17.57
CA ILE A 226 -23.99 -67.79 16.26
C ILE A 226 -23.55 -69.25 16.25
N HIS A 227 -22.95 -69.71 17.35
CA HIS A 227 -22.70 -71.14 17.48
C HIS A 227 -23.99 -71.94 17.38
N ALA A 228 -25.05 -71.47 18.06
CA ALA A 228 -26.34 -72.16 18.01
C ALA A 228 -26.94 -72.12 16.61
N GLY A 229 -26.75 -71.02 15.88
CA GLY A 229 -27.26 -70.94 14.53
C GLY A 229 -26.54 -71.88 13.59
N HIS A 230 -25.22 -72.02 13.76
CA HIS A 230 -24.48 -73.01 12.99
C HIS A 230 -24.96 -74.42 13.31
N ARG A 231 -25.25 -74.69 14.58
CA ARG A 231 -25.65 -76.04 14.97
C ARG A 231 -27.08 -76.36 14.55
N LEU A 232 -27.98 -75.38 14.57
CA LEU A 232 -29.39 -75.62 14.25
C LEU A 232 -29.57 -75.95 12.77
N TYR A 233 -28.73 -75.41 11.90
CA TYR A 233 -28.77 -75.73 10.48
C TYR A 233 -27.84 -76.89 10.11
N GLY A 234 -27.20 -77.50 11.10
CA GLY A 234 -26.35 -78.65 10.86
C GLY A 234 -25.13 -78.37 10.02
N ILE A 235 -24.55 -77.17 10.17
CA ILE A 235 -23.35 -76.80 9.43
C ILE A 235 -22.20 -76.44 10.39
N ALA A 236 -22.29 -76.88 11.64
CA ALA A 236 -21.21 -76.64 12.58
C ALA A 236 -19.98 -77.46 12.18
N ILE A 237 -18.82 -76.82 12.23
CA ILE A 237 -17.58 -77.48 11.85
C ILE A 237 -17.24 -78.57 12.86
N ASN A 238 -16.66 -79.66 12.37
CA ASN A 238 -16.34 -80.80 13.21
C ASN A 238 -15.43 -80.37 14.36
N PRO A 239 -15.77 -80.66 15.61
CA PRO A 239 -14.95 -80.21 16.74
C PRO A 239 -13.58 -80.83 16.85
N ASN A 240 -13.20 -81.76 15.98
CA ASN A 240 -11.83 -82.26 15.96
C ASN A 240 -10.95 -81.52 14.97
N ARG A 241 -11.50 -80.59 14.20
CA ARG A 241 -10.72 -79.69 13.35
C ARG A 241 -10.17 -78.59 14.24
N VAL A 242 -8.91 -78.73 14.64
CA VAL A 242 -8.29 -77.83 15.62
C VAL A 242 -7.05 -77.21 14.98
N PHE A 243 -6.89 -75.91 15.20
CA PHE A 243 -5.70 -75.19 14.71
C PHE A 243 -4.51 -75.60 15.57
N LYS A 244 -3.72 -76.55 15.06
CA LYS A 244 -2.58 -77.06 15.80
C LYS A 244 -1.52 -75.98 15.98
N VAL A 245 -0.82 -76.04 17.12
CA VAL A 245 0.23 -75.08 17.45
C VAL A 245 1.49 -75.85 17.84
N ASN A 246 2.64 -75.22 17.59
CA ASN A 246 3.91 -75.78 18.01
C ASN A 246 4.16 -75.41 19.47
N THR A 247 4.49 -76.41 20.29
CA THR A 247 4.62 -76.22 21.74
C THR A 247 5.99 -76.67 22.25
N ASN A 248 7.00 -76.73 21.39
CA ASN A 248 8.30 -77.24 21.79
C ASN A 248 9.33 -76.16 22.12
N ALA A 249 9.22 -74.98 21.49
CA ALA A 249 10.18 -73.92 21.74
C ALA A 249 9.90 -73.23 23.08
N TYR A 250 10.92 -72.54 23.59
CA TYR A 250 10.78 -71.87 24.87
C TYR A 250 9.79 -70.71 24.79
N TYR A 251 9.80 -69.97 23.67
CA TYR A 251 8.88 -68.85 23.51
C TYR A 251 7.47 -69.29 23.17
N GLU A 252 7.32 -70.47 22.57
CA GLU A 252 6.00 -70.96 22.17
C GLU A 252 5.18 -71.35 23.40
N MET A 253 3.86 -71.25 23.25
CA MET A 253 2.95 -71.63 24.32
C MET A 253 3.00 -73.13 24.56
N SER A 254 2.69 -73.53 25.80
CA SER A 254 2.64 -74.95 26.14
C SER A 254 1.51 -75.67 25.41
N GLY A 255 0.48 -74.95 24.95
CA GLY A 255 -0.61 -75.56 24.23
C GLY A 255 -1.79 -74.62 24.05
N LEU A 256 -2.50 -74.76 22.93
CA LEU A 256 -3.68 -73.95 22.66
C LEU A 256 -4.71 -74.81 21.96
N GLU A 257 -5.96 -74.72 22.40
CA GLU A 257 -7.07 -75.46 21.82
C GLU A 257 -8.07 -74.45 21.25
N VAL A 258 -8.03 -74.27 19.94
CA VAL A 258 -9.03 -73.47 19.23
C VAL A 258 -9.51 -74.27 18.03
N SER A 259 -10.82 -74.19 17.77
CA SER A 259 -11.45 -74.99 16.74
C SER A 259 -11.72 -74.14 15.50
N PHE A 260 -11.80 -74.82 14.35
CA PHE A 260 -12.18 -74.14 13.12
C PHE A 260 -13.57 -73.54 13.23
N GLU A 261 -14.46 -74.18 13.98
CA GLU A 261 -15.79 -73.61 14.23
C GLU A 261 -15.68 -72.29 14.99
N GLU A 262 -14.81 -72.26 16.01
CA GLU A 262 -14.63 -71.02 16.77
C GLU A 262 -14.02 -69.92 15.90
N LEU A 263 -13.04 -70.27 15.06
CA LEU A 263 -12.45 -69.28 14.16
C LEU A 263 -13.48 -68.74 13.18
N ARG A 264 -14.33 -69.62 12.63
CA ARG A 264 -15.41 -69.17 11.76
C ARG A 264 -16.37 -68.25 12.51
N THR A 265 -16.72 -68.60 13.75
CA THR A 265 -17.65 -67.80 14.53
C THR A 265 -17.08 -66.41 14.81
N PHE A 266 -15.79 -66.32 15.11
CA PHE A 266 -15.19 -65.04 15.42
C PHE A 266 -15.28 -64.07 14.24
N GLY A 267 -14.84 -64.52 13.07
CA GLY A 267 -14.81 -63.66 11.91
C GLY A 267 -13.62 -62.72 11.93
N GLY A 268 -13.67 -61.74 11.03
CA GLY A 268 -12.59 -60.78 10.93
C GLY A 268 -11.31 -61.46 10.47
N HIS A 269 -10.20 -61.16 11.15
CA HIS A 269 -8.91 -61.74 10.80
C HIS A 269 -8.77 -63.17 11.32
N ASP A 270 -9.51 -63.55 12.37
CA ASP A 270 -9.43 -64.91 12.88
C ASP A 270 -9.96 -65.92 11.87
N ALA A 271 -11.07 -65.60 11.20
CA ALA A 271 -11.62 -66.50 10.19
C ALA A 271 -10.69 -66.66 9.00
N LYS A 272 -9.85 -65.66 8.75
CA LYS A 272 -8.89 -65.73 7.64
C LYS A 272 -7.71 -66.64 7.93
N PHE A 273 -7.61 -67.20 9.14
CA PHE A 273 -6.57 -68.18 9.43
C PHE A 273 -6.78 -69.47 8.64
N ILE A 274 -7.97 -69.68 8.08
CA ILE A 274 -8.28 -70.87 7.30
C ILE A 274 -8.05 -70.56 5.82
N ASP A 275 -7.29 -71.41 5.15
CA ASP A 275 -7.03 -71.21 3.73
C ASP A 275 -8.30 -71.42 2.91
N SER A 276 -8.23 -71.08 1.63
CA SER A 276 -9.40 -71.16 0.77
C SER A 276 -9.76 -72.59 0.42
N LEU A 277 -8.76 -73.48 0.38
CA LEU A 277 -9.00 -74.88 0.03
C LEU A 277 -9.98 -75.53 1.02
N GLN A 278 -9.69 -75.42 2.32
CA GLN A 278 -10.55 -76.04 3.32
C GLN A 278 -11.89 -75.34 3.41
N GLU A 279 -11.96 -74.05 3.10
CA GLU A 279 -13.23 -73.34 3.07
C GLU A 279 -14.14 -73.87 1.96
N ASN A 280 -13.59 -74.04 0.75
CA ASN A 280 -14.37 -74.65 -0.33
C ASN A 280 -14.77 -76.07 0.03
N GLU A 281 -13.86 -76.81 0.68
CA GLU A 281 -14.16 -78.15 1.15
C GLU A 281 -15.40 -78.15 2.04
N PHE A 282 -15.41 -77.29 3.07
CA PHE A 282 -16.54 -77.22 3.97
C PHE A 282 -17.82 -76.82 3.23
N ARG A 283 -17.72 -75.84 2.32
CA ARG A 283 -18.92 -75.37 1.63
C ARG A 283 -19.55 -76.49 0.80
N LEU A 284 -18.73 -77.23 0.06
CA LEU A 284 -19.28 -78.29 -0.79
C LEU A 284 -19.81 -79.45 0.05
N TYR A 285 -19.13 -79.75 1.17
CA TYR A 285 -19.62 -80.79 2.08
C TYR A 285 -21.03 -80.47 2.57
N TYR A 286 -21.23 -79.26 3.09
CA TYR A 286 -22.56 -78.90 3.60
C TYR A 286 -23.56 -78.72 2.46
N TYR A 287 -23.08 -78.37 1.27
CA TYR A 287 -23.94 -78.31 0.09
C TYR A 287 -24.56 -79.67 -0.21
N ASN A 288 -23.72 -80.71 -0.23
CA ASN A 288 -24.25 -82.04 -0.49
C ASN A 288 -25.10 -82.55 0.68
N LYS A 289 -24.81 -82.11 1.91
CA LYS A 289 -25.72 -82.45 3.01
C LYS A 289 -27.11 -81.85 2.80
N PHE A 290 -27.16 -80.59 2.35
CA PHE A 290 -28.45 -79.98 2.05
C PHE A 290 -29.16 -80.70 0.91
N LYS A 291 -28.40 -81.17 -0.08
CA LYS A 291 -29.00 -81.97 -1.15
C LYS A 291 -29.55 -83.29 -0.62
N ASP A 292 -28.86 -83.89 0.35
CA ASP A 292 -29.41 -85.06 1.04
C ASP A 292 -30.77 -84.75 1.64
N ILE A 293 -30.88 -83.61 2.33
CA ILE A 293 -32.15 -83.22 2.92
C ILE A 293 -33.22 -83.05 1.85
N ALA A 294 -32.84 -82.45 0.72
CA ALA A 294 -33.79 -82.26 -0.38
C ALA A 294 -34.33 -83.59 -0.88
N SER A 295 -33.44 -84.56 -1.10
CA SER A 295 -33.88 -85.86 -1.60
C SER A 295 -34.73 -86.59 -0.56
N THR A 296 -34.39 -86.44 0.72
CA THR A 296 -35.20 -87.04 1.78
C THR A 296 -36.62 -86.47 1.77
N LEU A 297 -36.73 -85.14 1.59
CA LEU A 297 -38.06 -84.53 1.48
C LEU A 297 -38.79 -85.05 0.25
N ASN A 298 -38.07 -85.27 -0.85
CA ASN A 298 -38.70 -85.74 -2.08
C ASN A 298 -39.28 -87.15 -1.91
N LYS A 299 -38.47 -88.09 -1.41
CA LYS A 299 -38.93 -89.46 -1.27
C LYS A 299 -39.94 -89.65 -0.15
N ALA A 300 -40.18 -88.61 0.65
CA ALA A 300 -41.15 -88.68 1.73
C ALA A 300 -42.57 -88.89 1.19
N LYS A 301 -43.35 -89.66 1.93
CA LYS A 301 -44.75 -89.92 1.56
C LYS A 301 -45.76 -89.68 2.67
N SER A 302 -45.33 -89.60 3.93
CA SER A 302 -46.27 -89.42 5.04
C SER A 302 -45.52 -88.81 6.23
N ILE A 303 -46.30 -88.37 7.21
CA ILE A 303 -45.77 -87.79 8.44
C ILE A 303 -46.31 -88.58 9.61
N VAL A 304 -45.55 -88.60 10.71
CA VAL A 304 -45.87 -89.41 11.88
C VAL A 304 -45.74 -88.55 13.13
N GLY A 305 -46.73 -88.67 14.02
CA GLY A 305 -46.63 -88.07 15.34
C GLY A 305 -47.14 -86.67 15.49
N THR A 306 -47.97 -86.19 14.55
CA THR A 306 -48.52 -84.85 14.67
C THR A 306 -49.80 -84.76 13.85
N THR A 307 -50.59 -83.72 14.14
CA THR A 307 -51.80 -83.44 13.38
C THR A 307 -51.54 -82.55 12.17
N ALA A 308 -50.35 -81.96 12.08
CA ALA A 308 -50.02 -81.09 10.95
C ALA A 308 -49.82 -81.90 9.68
N SER A 309 -50.20 -81.31 8.56
CA SER A 309 -50.13 -82.00 7.27
C SER A 309 -48.67 -82.18 6.83
N LEU A 310 -48.46 -83.18 5.98
CA LEU A 310 -47.14 -83.41 5.41
C LEU A 310 -46.67 -82.21 4.60
N GLN A 311 -47.57 -81.64 3.79
CA GLN A 311 -47.20 -80.51 2.94
C GLN A 311 -46.74 -79.33 3.78
N TYR A 312 -47.36 -79.11 4.94
CA TYR A 312 -46.94 -78.01 5.81
C TYR A 312 -45.51 -78.21 6.31
N MET A 313 -45.15 -79.42 6.73
CA MET A 313 -43.79 -79.65 7.17
C MET A 313 -42.80 -79.51 6.02
N LYS A 314 -43.18 -79.98 4.84
CA LYS A 314 -42.34 -79.79 3.66
C LYS A 314 -42.10 -78.31 3.39
N ASN A 315 -43.16 -77.50 3.52
CA ASN A 315 -43.02 -76.05 3.33
C ASN A 315 -42.15 -75.42 4.40
N VAL A 316 -42.30 -75.86 5.65
CA VAL A 316 -41.48 -75.33 6.74
C VAL A 316 -40.00 -75.58 6.47
N PHE A 317 -39.66 -76.82 6.09
CA PHE A 317 -38.26 -77.09 5.81
C PHE A 317 -37.80 -76.44 4.50
N LYS A 318 -38.73 -76.24 3.55
CA LYS A 318 -38.41 -75.48 2.35
C LYS A 318 -37.94 -74.08 2.69
N GLU A 319 -38.66 -73.41 3.61
CA GLU A 319 -38.26 -72.07 4.00
C GLU A 319 -37.02 -72.08 4.90
N LYS A 320 -36.83 -73.15 5.69
CA LYS A 320 -35.63 -73.21 6.52
C LYS A 320 -34.37 -73.34 5.67
N TYR A 321 -34.38 -74.23 4.69
CA TYR A 321 -33.19 -74.50 3.88
C TYR A 321 -33.21 -73.77 2.53
N LEU A 322 -34.21 -72.92 2.29
CA LEU A 322 -34.32 -72.17 1.04
C LEU A 322 -34.28 -73.09 -0.18
N LEU A 323 -35.00 -74.21 -0.09
CA LEU A 323 -35.06 -75.14 -1.20
C LEU A 323 -35.92 -74.57 -2.33
N SER A 324 -35.58 -74.96 -3.56
CA SER A 324 -36.32 -74.54 -4.74
C SER A 324 -37.34 -75.61 -5.11
N GLU A 325 -38.60 -75.22 -5.21
CA GLU A 325 -39.69 -76.13 -5.53
C GLU A 325 -40.09 -75.91 -6.98
N ASP A 326 -40.06 -76.97 -7.78
CA ASP A 326 -40.33 -76.88 -9.20
C ASP A 326 -41.84 -76.92 -9.46
N THR A 327 -42.21 -77.07 -10.73
CA THR A 327 -43.62 -77.11 -11.09
C THR A 327 -44.31 -78.38 -10.60
N SER A 328 -43.56 -79.43 -10.29
CA SER A 328 -44.13 -80.69 -9.82
C SER A 328 -44.02 -80.86 -8.31
N GLY A 329 -43.45 -79.89 -7.60
CA GLY A 329 -43.32 -79.96 -6.16
C GLY A 329 -42.05 -80.61 -5.66
N LYS A 330 -41.24 -81.22 -6.54
CA LYS A 330 -39.99 -81.81 -6.09
C LYS A 330 -39.01 -80.72 -5.64
N PHE A 331 -38.29 -81.01 -4.57
CA PHE A 331 -37.39 -80.05 -3.97
C PHE A 331 -35.96 -80.25 -4.48
N SER A 332 -35.22 -79.16 -4.54
CA SER A 332 -33.81 -79.18 -4.93
C SER A 332 -33.11 -78.01 -4.26
N VAL A 333 -31.79 -78.10 -4.20
CA VAL A 333 -30.97 -77.04 -3.62
C VAL A 333 -30.35 -76.25 -4.76
N ASP A 334 -30.67 -74.96 -4.82
CA ASP A 334 -30.05 -74.07 -5.79
C ASP A 334 -28.68 -73.65 -5.27
N LYS A 335 -27.68 -73.67 -6.16
CA LYS A 335 -26.34 -73.29 -5.74
C LYS A 335 -26.30 -71.84 -5.28
N LEU A 336 -27.00 -70.95 -5.98
CA LEU A 336 -27.01 -69.54 -5.62
C LEU A 336 -27.62 -69.32 -4.23
N LYS A 337 -28.81 -69.91 -4.01
CA LYS A 337 -29.48 -69.72 -2.72
C LYS A 337 -28.68 -70.35 -1.58
N PHE A 338 -28.09 -71.53 -1.82
CA PHE A 338 -27.25 -72.12 -0.79
C PHE A 338 -26.03 -71.26 -0.51
N ASP A 339 -25.48 -70.63 -1.54
CA ASP A 339 -24.39 -69.70 -1.31
C ASP A 339 -24.80 -68.57 -0.40
N LYS A 340 -25.94 -67.96 -0.70
CA LYS A 340 -26.41 -66.86 0.13
C LYS A 340 -26.58 -67.31 1.57
N LEU A 341 -27.23 -68.47 1.77
CA LEU A 341 -27.52 -68.92 3.12
C LEU A 341 -26.24 -69.28 3.89
N TYR A 342 -25.34 -70.03 3.26
CA TYR A 342 -24.10 -70.44 3.93
C TYR A 342 -23.22 -69.23 4.23
N LYS A 343 -23.12 -68.29 3.28
CA LYS A 343 -22.35 -67.09 3.51
C LYS A 343 -22.94 -66.26 4.64
N MET A 344 -24.27 -66.17 4.70
CA MET A 344 -24.92 -65.41 5.77
C MET A 344 -24.73 -66.06 7.12
N LEU A 345 -24.82 -67.39 7.18
CA LEU A 345 -24.71 -68.10 8.45
C LEU A 345 -23.26 -68.18 8.94
N THR A 346 -22.29 -68.16 8.03
CA THR A 346 -20.89 -68.34 8.40
C THR A 346 -20.05 -67.07 8.36
N GLU A 347 -20.20 -66.24 7.32
CA GLU A 347 -19.32 -65.10 7.13
C GLU A 347 -19.90 -63.78 7.61
N ILE A 348 -21.23 -63.68 7.71
CA ILE A 348 -21.87 -62.47 8.20
C ILE A 348 -22.23 -62.59 9.67
N TYR A 349 -22.69 -63.75 10.07
CA TYR A 349 -22.88 -64.06 11.48
C TYR A 349 -21.50 -64.30 12.08
N THR A 350 -20.83 -63.21 12.42
CA THR A 350 -19.53 -63.23 13.07
C THR A 350 -19.53 -62.27 14.24
N GLU A 351 -18.61 -62.50 15.17
CA GLU A 351 -18.45 -61.60 16.30
C GLU A 351 -17.95 -60.23 15.87
N ASP A 352 -17.13 -60.18 14.81
CA ASP A 352 -16.61 -58.91 14.33
C ASP A 352 -17.72 -58.00 13.81
N ASN A 353 -18.66 -58.57 13.04
CA ASN A 353 -19.76 -57.76 12.53
C ASN A 353 -20.68 -57.30 13.65
N PHE A 354 -20.90 -58.13 14.66
CA PHE A 354 -21.69 -57.70 15.80
C PHE A 354 -20.97 -56.62 16.60
N VAL A 355 -19.64 -56.66 16.64
CA VAL A 355 -18.88 -55.58 17.24
C VAL A 355 -19.10 -54.29 16.47
N LYS A 356 -19.08 -54.38 15.14
CA LYS A 356 -19.34 -53.20 14.32
C LYS A 356 -20.75 -52.65 14.57
N PHE A 357 -21.72 -53.54 14.74
CA PHE A 357 -23.11 -53.10 14.92
C PHE A 357 -23.36 -52.54 16.33
N PHE A 358 -22.75 -53.14 17.35
CA PHE A 358 -23.00 -52.74 18.73
C PHE A 358 -22.27 -51.46 19.14
N LYS A 359 -21.22 -51.09 18.40
CA LYS A 359 -20.39 -49.92 18.69
C LYS A 359 -19.82 -49.99 20.10
N VAL A 360 -19.13 -51.09 20.38
CA VAL A 360 -18.46 -51.28 21.66
C VAL A 360 -17.03 -51.73 21.42
N LEU A 361 -16.17 -51.49 22.40
CA LEU A 361 -14.80 -51.95 22.35
C LEU A 361 -14.76 -53.45 22.62
N ASN A 362 -14.00 -54.17 21.81
CA ASN A 362 -13.89 -55.62 21.95
C ASN A 362 -12.60 -56.08 21.29
N ALA A 363 -12.10 -57.22 21.76
CA ALA A 363 -10.83 -57.75 21.24
C ALA A 363 -10.94 -58.02 19.74
N LYS A 364 -9.94 -57.55 18.99
CA LYS A 364 -9.91 -57.76 17.55
C LYS A 364 -9.67 -59.23 17.19
N THR A 365 -9.18 -60.04 18.12
CA THR A 365 -8.80 -61.41 17.83
C THR A 365 -8.89 -62.23 19.11
N PHE A 366 -8.93 -63.55 18.95
CA PHE A 366 -8.99 -64.44 20.10
C PHE A 366 -7.67 -64.49 20.86
N LEU A 367 -6.57 -64.10 20.22
CA LEU A 367 -5.27 -64.10 20.87
C LEU A 367 -5.12 -62.96 21.88
N ASN A 368 -6.04 -62.00 21.90
CA ASN A 368 -6.08 -61.00 22.95
C ASN A 368 -6.88 -61.60 24.11
N PHE A 369 -6.21 -62.48 24.84
CA PHE A 369 -6.88 -63.29 25.86
C PHE A 369 -7.39 -62.43 27.01
N ASP A 370 -8.48 -62.89 27.62
CA ASP A 370 -9.06 -62.20 28.76
C ASP A 370 -8.12 -62.25 29.96
N LYS A 371 -8.21 -61.23 30.81
CA LYS A 371 -7.29 -61.09 31.93
C LYS A 371 -7.97 -61.02 33.30
N ALA A 372 -9.27 -60.73 33.37
CA ALA A 372 -9.94 -60.65 34.66
C ALA A 372 -11.41 -61.01 34.51
N VAL A 373 -12.10 -61.12 35.63
CA VAL A 373 -13.53 -61.40 35.68
C VAL A 373 -14.19 -60.34 36.56
N PHE A 374 -15.31 -59.80 36.08
CA PHE A 374 -16.00 -58.72 36.77
C PHE A 374 -17.47 -59.09 36.97
N LYS A 375 -17.96 -58.86 38.19
CA LYS A 375 -19.39 -58.93 38.49
C LYS A 375 -20.07 -57.64 38.03
N ILE A 376 -21.24 -57.80 37.42
CA ILE A 376 -21.98 -56.70 36.80
C ILE A 376 -23.45 -56.80 37.19
N ASN A 377 -24.22 -55.81 36.72
CA ASN A 377 -25.67 -55.81 36.92
C ASN A 377 -26.26 -54.98 35.77
N ILE A 378 -26.80 -55.66 34.75
CA ILE A 378 -27.22 -54.99 33.53
C ILE A 378 -28.72 -54.67 33.53
N VAL A 379 -29.48 -55.17 34.50
CA VAL A 379 -30.93 -54.99 34.53
C VAL A 379 -31.33 -53.52 34.73
N PRO A 380 -30.78 -52.78 35.70
CA PRO A 380 -31.18 -51.38 35.85
C PRO A 380 -30.84 -50.57 34.61
N LYS A 381 -31.74 -49.66 34.24
CA LYS A 381 -31.51 -48.82 33.08
C LYS A 381 -30.44 -47.76 33.32
N VAL A 382 -30.20 -47.40 34.58
CA VAL A 382 -29.11 -46.47 34.90
C VAL A 382 -27.74 -47.12 34.77
N ASN A 383 -27.68 -48.43 34.59
CA ASN A 383 -26.43 -49.15 34.45
C ASN A 383 -26.18 -49.70 33.05
N TYR A 384 -27.23 -49.94 32.28
CA TYR A 384 -27.10 -50.61 30.99
C TYR A 384 -28.40 -50.41 30.23
N THR A 385 -28.30 -50.04 28.96
CA THR A 385 -29.46 -49.74 28.13
C THR A 385 -29.46 -50.64 26.90
N ILE A 386 -30.67 -50.86 26.37
CA ILE A 386 -30.84 -51.69 25.17
C ILE A 386 -30.09 -51.09 23.99
N TYR A 387 -30.06 -49.77 23.88
CA TYR A 387 -29.48 -49.12 22.71
C TYR A 387 -28.00 -48.77 22.87
N ASP A 388 -27.52 -48.58 24.10
CA ASP A 388 -26.16 -48.10 24.32
C ASP A 388 -25.28 -49.06 25.09
N GLY A 389 -25.85 -49.94 25.92
CA GLY A 389 -25.01 -50.78 26.76
C GLY A 389 -24.41 -49.98 27.90
N PHE A 390 -23.17 -50.33 28.27
CA PHE A 390 -22.49 -49.59 29.32
C PHE A 390 -22.14 -48.16 28.89
N ASN A 391 -22.00 -47.92 27.60
CA ASN A 391 -21.62 -46.59 27.09
C ASN A 391 -22.88 -45.74 26.94
N LEU A 392 -23.41 -45.32 28.09
CA LEU A 392 -24.63 -44.52 28.12
C LEU A 392 -24.43 -43.21 27.38
N ARG A 393 -25.37 -42.88 26.50
CA ARG A 393 -25.26 -41.70 25.67
C ARG A 393 -25.41 -40.42 26.50
N ASN A 394 -24.84 -39.33 25.98
CA ASN A 394 -24.91 -38.02 26.61
C ASN A 394 -24.33 -38.03 28.02
N THR A 395 -23.35 -38.90 28.26
CA THR A 395 -22.66 -38.97 29.54
C THR A 395 -21.17 -39.09 29.27
N ASN A 396 -20.37 -39.11 30.34
CA ASN A 396 -18.95 -39.37 30.20
C ASN A 396 -18.70 -40.77 29.64
N LEU A 397 -19.62 -41.69 29.87
CA LEU A 397 -19.46 -43.07 29.43
C LEU A 397 -19.65 -43.25 27.94
N ALA A 398 -20.23 -42.26 27.24
CA ALA A 398 -20.49 -42.41 25.82
C ALA A 398 -19.21 -42.28 24.99
N ALA A 399 -18.27 -41.48 25.45
CA ALA A 399 -17.06 -41.18 24.68
C ALA A 399 -15.91 -42.08 25.12
N ASN A 400 -15.08 -42.48 24.15
CA ASN A 400 -13.87 -43.25 24.38
C ASN A 400 -14.14 -44.59 25.06
N PHE A 401 -15.36 -45.11 24.91
CA PHE A 401 -15.77 -46.39 25.50
C PHE A 401 -15.55 -46.40 27.01
N ASN A 402 -15.75 -45.25 27.67
CA ASN A 402 -15.51 -45.16 29.10
C ASN A 402 -16.52 -45.95 29.92
N GLY A 403 -17.68 -46.27 29.33
CA GLY A 403 -18.63 -47.13 30.01
C GLY A 403 -18.09 -48.54 30.24
N GLN A 404 -17.23 -49.00 29.32
CA GLN A 404 -16.63 -50.33 29.44
C GLN A 404 -15.32 -50.33 30.22
N ASN A 405 -14.79 -49.17 30.58
CA ASN A 405 -13.56 -49.10 31.35
C ASN A 405 -13.86 -49.42 32.81
N THR A 406 -13.18 -50.43 33.35
CA THR A 406 -13.46 -50.88 34.71
C THR A 406 -13.07 -49.85 35.77
N GLU A 407 -12.23 -48.88 35.41
CA GLU A 407 -11.78 -47.87 36.36
C GLU A 407 -12.63 -46.60 36.33
N ILE A 408 -13.12 -46.21 35.16
CA ILE A 408 -13.98 -45.03 35.07
C ILE A 408 -15.40 -45.38 35.47
N ASN A 409 -15.94 -46.45 34.89
CA ASN A 409 -17.27 -46.96 35.25
C ASN A 409 -17.13 -48.06 36.32
N ASN A 410 -16.49 -47.68 37.43
CA ASN A 410 -16.12 -48.66 38.43
C ASN A 410 -17.32 -49.16 39.24
N MET A 411 -18.36 -48.33 39.38
CA MET A 411 -19.55 -48.75 40.11
C MET A 411 -20.33 -49.84 39.38
N ASN A 412 -20.00 -50.12 38.12
CA ASN A 412 -20.69 -51.14 37.34
C ASN A 412 -19.90 -52.43 37.22
N PHE A 413 -18.64 -52.46 37.65
CA PHE A 413 -17.79 -53.64 37.49
C PHE A 413 -17.04 -53.87 38.78
N THR A 414 -17.26 -55.02 39.41
CA THR A 414 -16.56 -55.39 40.63
C THR A 414 -15.61 -56.55 40.33
N LYS A 415 -14.31 -56.33 40.52
CA LYS A 415 -13.33 -57.37 40.21
C LYS A 415 -13.48 -58.56 41.13
N LEU A 416 -13.36 -59.76 40.56
CA LEU A 416 -13.42 -60.99 41.34
C LEU A 416 -12.13 -61.78 41.14
N LYS A 417 -11.84 -62.64 42.10
CA LYS A 417 -10.64 -63.48 42.04
C LYS A 417 -10.72 -64.43 40.85
N ASN A 418 -9.63 -64.49 40.08
CA ASN A 418 -9.53 -65.43 38.97
C ASN A 418 -9.11 -66.78 39.53
N PHE A 419 -10.00 -67.77 39.45
CA PHE A 419 -9.68 -69.09 39.97
C PHE A 419 -8.58 -69.77 39.18
N THR A 420 -8.35 -69.37 37.93
CA THR A 420 -7.10 -69.72 37.27
C THR A 420 -6.01 -68.87 37.90
N GLY A 421 -5.35 -69.43 38.90
CA GLY A 421 -4.42 -68.67 39.70
C GLY A 421 -3.23 -68.19 38.90
N LEU A 422 -2.46 -67.30 39.54
CA LEU A 422 -1.28 -66.74 38.89
C LEU A 422 -0.27 -67.83 38.59
N PHE A 423 0.13 -67.91 37.32
CA PHE A 423 1.14 -68.85 36.86
C PHE A 423 0.70 -70.30 37.07
N GLU A 424 -0.60 -70.56 36.93
CA GLU A 424 -1.12 -71.91 37.02
C GLU A 424 -0.59 -72.78 35.89
N PHE A 425 -0.63 -72.27 34.66
CA PHE A 425 -0.09 -72.94 33.50
C PHE A 425 0.98 -72.04 32.90
N TYR A 426 2.21 -72.52 32.86
CA TYR A 426 3.35 -71.65 32.62
C TYR A 426 4.50 -72.45 32.02
N LYS A 427 5.54 -71.71 31.65
CA LYS A 427 6.83 -72.29 31.31
C LYS A 427 7.91 -71.63 32.15
N LEU A 428 8.92 -72.41 32.53
CA LEU A 428 10.01 -71.93 33.38
C LEU A 428 11.21 -71.60 32.50
N LEU A 429 11.51 -70.31 32.36
CA LEU A 429 12.61 -69.85 31.53
C LEU A 429 13.78 -69.46 32.42
N CYS A 430 14.94 -70.08 32.20
CA CYS A 430 16.12 -69.85 33.00
C CYS A 430 17.25 -69.32 32.12
N VAL A 431 18.00 -68.36 32.65
CA VAL A 431 19.19 -67.83 31.98
C VAL A 431 20.42 -68.46 32.62
N ARG A 432 21.30 -69.01 31.78
CA ARG A 432 22.44 -69.80 32.26
C ARG A 432 23.47 -68.88 32.92
N GLY A 433 23.51 -68.91 34.26
CA GLY A 433 24.60 -68.37 35.04
C GLY A 433 25.18 -67.05 34.60
N ILE A 434 24.38 -66.00 34.59
CA ILE A 434 24.86 -64.68 34.22
C ILE A 434 24.87 -63.76 35.44
N ASN A 451 24.18 -68.89 39.99
CA ASN A 451 23.50 -70.02 39.38
C ASN A 451 22.43 -69.51 38.40
N ASP A 452 21.43 -70.35 38.13
CA ASP A 452 20.38 -69.99 37.19
C ASP A 452 19.40 -69.01 37.80
N LEU A 453 19.04 -68.00 37.03
CA LEU A 453 17.92 -67.11 37.36
C LEU A 453 16.76 -67.50 36.45
N CYS A 454 15.64 -67.88 37.07
CA CYS A 454 14.50 -68.46 36.38
C CYS A 454 13.24 -67.66 36.68
N ILE A 455 12.40 -67.51 35.66
CA ILE A 455 11.11 -66.85 35.80
C ILE A 455 10.02 -67.77 35.26
N LYS A 456 8.86 -67.73 35.90
CA LYS A 456 7.67 -68.38 35.39
C LYS A 456 6.96 -67.42 34.43
N VAL A 457 6.71 -67.87 33.21
CA VAL A 457 5.99 -67.09 32.22
C VAL A 457 4.64 -67.76 31.99
N ASN A 458 3.57 -66.99 32.17
CA ASN A 458 2.22 -67.49 31.99
C ASN A 458 2.06 -68.04 30.58
N ASN A 459 1.22 -69.08 30.47
CA ASN A 459 1.06 -69.75 29.17
C ASN A 459 0.55 -68.78 28.11
N TRP A 460 -0.42 -67.94 28.46
CA TRP A 460 -1.02 -67.04 27.49
C TRP A 460 -0.20 -65.78 27.25
N ASP A 461 0.93 -65.64 27.93
CA ASP A 461 1.91 -64.60 27.60
C ASP A 461 2.97 -65.08 26.63
N LEU A 462 2.88 -66.33 26.16
CA LEU A 462 3.85 -66.87 25.22
C LEU A 462 3.35 -66.66 23.79
N PHE A 463 4.10 -67.22 22.83
CA PHE A 463 3.89 -66.93 21.42
C PHE A 463 3.04 -68.01 20.76
N PHE A 464 2.04 -67.59 19.99
CA PHE A 464 1.22 -68.49 19.20
C PHE A 464 1.96 -68.85 17.91
N SER A 465 2.28 -70.13 17.75
CA SER A 465 3.05 -70.61 16.60
C SER A 465 2.22 -71.66 15.87
N PRO A 466 1.46 -71.25 14.84
CA PRO A 466 0.64 -72.22 14.11
C PRO A 466 1.49 -73.25 13.39
N SER A 467 0.98 -74.48 13.32
CA SER A 467 1.67 -75.55 12.62
C SER A 467 1.53 -75.39 11.11
N GLU A 468 2.44 -76.02 10.37
CA GLU A 468 2.45 -75.89 8.92
C GLU A 468 1.32 -76.67 8.27
N ASP A 469 0.89 -77.77 8.88
CA ASP A 469 -0.15 -78.60 8.28
C ASP A 469 -1.51 -77.92 8.29
N ASN A 470 -1.70 -76.87 9.10
CA ASN A 470 -2.95 -76.13 9.08
C ASN A 470 -3.16 -75.45 7.73
N PHE A 471 -2.08 -75.04 7.07
CA PHE A 471 -2.16 -74.32 5.80
C PHE A 471 -1.92 -75.29 4.64
N THR A 472 -2.87 -76.20 4.48
CA THR A 472 -2.82 -77.13 3.35
C THR A 472 -3.21 -76.43 2.06
N ASN A 473 -2.66 -76.91 0.95
CA ASN A 473 -2.94 -76.31 -0.35
C ASN A 473 -2.68 -77.33 -1.44
N ASP A 474 -3.29 -77.09 -2.60
CA ASP A 474 -3.04 -77.89 -3.80
C ASP A 474 -2.49 -77.01 -4.93
N LEU A 475 -1.71 -75.99 -4.57
CA LEU A 475 -1.13 -75.09 -5.56
C LEU A 475 -0.22 -75.84 -6.52
N ASN A 476 0.45 -76.89 -6.05
CA ASN A 476 1.33 -77.69 -6.90
C ASN A 476 0.57 -78.71 -7.74
N LYS A 477 -0.73 -78.88 -7.53
CA LYS A 477 -1.53 -79.81 -8.32
C LYS A 477 -2.02 -79.10 -9.57
N GLY A 478 -1.69 -79.67 -10.73
CA GLY A 478 -2.09 -79.06 -11.98
C GLY A 478 -3.58 -79.24 -12.26
N GLU A 479 -4.07 -78.44 -13.19
CA GLU A 479 -5.46 -78.46 -13.61
C GLU A 479 -5.54 -78.83 -15.09
N GLU A 480 -6.73 -79.20 -15.52
CA GLU A 480 -7.01 -79.50 -16.92
C GLU A 480 -7.99 -78.46 -17.44
N ILE A 481 -7.51 -77.58 -18.29
CA ILE A 481 -8.33 -76.49 -18.82
C ILE A 481 -9.25 -77.03 -19.90
N THR A 482 -10.55 -76.91 -19.69
CA THR A 482 -11.56 -77.31 -20.64
C THR A 482 -12.31 -76.08 -21.13
N SER A 483 -12.96 -76.21 -22.29
CA SER A 483 -13.84 -75.14 -22.74
C SER A 483 -15.02 -74.96 -21.79
N ASP A 484 -15.35 -75.98 -20.99
CA ASP A 484 -16.38 -75.91 -19.96
C ASP A 484 -15.83 -75.53 -18.60
N THR A 485 -14.50 -75.36 -18.47
CA THR A 485 -13.91 -75.05 -17.17
C THR A 485 -14.52 -73.77 -16.60
N ASN A 486 -15.12 -73.90 -15.43
CA ASN A 486 -15.86 -72.80 -14.84
C ASN A 486 -14.91 -71.70 -14.37
N ILE A 487 -15.24 -70.46 -14.70
CA ILE A 487 -14.54 -69.30 -14.16
C ILE A 487 -15.28 -68.84 -12.91
N GLU A 488 -14.55 -68.68 -11.81
CA GLU A 488 -15.19 -68.32 -10.56
C GLU A 488 -15.41 -66.81 -10.48
N ALA A 489 -16.37 -66.43 -9.64
CA ALA A 489 -16.67 -65.01 -9.42
C ALA A 489 -15.67 -64.44 -8.41
N ALA A 490 -15.95 -63.24 -7.92
CA ALA A 490 -15.10 -62.62 -6.91
C ALA A 490 -15.40 -63.20 -5.54
N GLU A 491 -14.68 -62.71 -4.53
CA GLU A 491 -14.93 -63.04 -3.12
C GLU A 491 -15.05 -61.70 -2.39
N GLU A 492 -16.26 -61.15 -2.40
CA GLU A 492 -16.47 -59.83 -1.82
C GLU A 492 -16.28 -59.88 -0.31
N ASN A 493 -15.43 -59.00 0.20
CA ASN A 493 -15.25 -58.87 1.64
C ASN A 493 -16.58 -58.46 2.28
N ILE A 494 -16.86 -58.99 3.46
CA ILE A 494 -18.14 -58.73 4.09
C ILE A 494 -18.14 -57.29 4.59
N SER A 495 -18.73 -56.40 3.81
CA SER A 495 -18.86 -55.00 4.16
C SER A 495 -20.28 -54.72 4.65
N LEU A 496 -20.45 -53.54 5.25
CA LEU A 496 -21.74 -53.20 5.86
C LEU A 496 -22.84 -53.07 4.81
N ASP A 497 -22.50 -52.60 3.60
CA ASP A 497 -23.53 -52.46 2.58
C ASP A 497 -24.00 -53.81 2.04
N LEU A 498 -23.13 -54.82 2.02
CA LEU A 498 -23.57 -56.17 1.66
C LEU A 498 -24.50 -56.73 2.75
N ILE A 499 -24.17 -56.47 4.01
CA ILE A 499 -25.07 -56.85 5.11
C ILE A 499 -26.42 -56.17 4.93
N GLN A 500 -26.41 -54.90 4.51
CA GLN A 500 -27.67 -54.21 4.24
C GLN A 500 -28.40 -54.81 3.05
N GLN A 501 -27.66 -55.28 2.05
CA GLN A 501 -28.29 -55.93 0.90
C GLN A 501 -29.04 -57.18 1.34
N TYR A 502 -28.43 -57.97 2.21
CA TYR A 502 -29.14 -59.14 2.71
C TYR A 502 -30.27 -58.76 3.67
N TYR A 503 -30.08 -57.68 4.43
CA TYR A 503 -31.11 -57.21 5.36
C TYR A 503 -32.37 -56.77 4.63
N LEU A 504 -32.21 -56.07 3.51
CA LEU A 504 -33.36 -55.56 2.78
C LEU A 504 -34.10 -56.65 2.02
N THR A 505 -33.44 -57.76 1.70
CA THR A 505 -34.08 -58.89 1.05
C THR A 505 -34.39 -60.02 2.02
N PHE A 506 -34.22 -59.80 3.32
CA PHE A 506 -34.55 -60.81 4.32
C PHE A 506 -36.05 -60.84 4.57
N ASN A 507 -36.58 -62.04 4.81
CA ASN A 507 -38.00 -62.25 5.03
C ASN A 507 -38.26 -62.44 6.52
N PHE A 508 -38.82 -61.42 7.16
CA PHE A 508 -39.19 -61.47 8.58
C PHE A 508 -40.65 -61.85 8.78
N ASP A 509 -41.37 -62.19 7.72
CA ASP A 509 -42.82 -62.38 7.82
C ASP A 509 -43.18 -63.74 8.41
N ASN A 510 -42.72 -64.82 7.78
CA ASN A 510 -43.10 -66.16 8.21
C ASN A 510 -42.31 -66.57 9.43
N GLU A 511 -43.03 -67.10 10.42
CA GLU A 511 -42.42 -67.78 11.56
C GLU A 511 -43.09 -69.13 11.68
N PRO A 512 -42.32 -70.23 11.81
CA PRO A 512 -42.95 -71.55 11.87
C PRO A 512 -43.88 -71.67 13.06
N GLU A 513 -45.01 -72.35 12.84
CA GLU A 513 -46.00 -72.52 13.88
C GLU A 513 -45.50 -73.46 14.97
N ASN A 514 -45.98 -73.25 16.19
CA ASN A 514 -45.77 -74.19 17.29
C ASN A 514 -46.86 -75.24 17.19
N ILE A 515 -46.63 -76.23 16.33
CA ILE A 515 -47.63 -77.22 16.00
C ILE A 515 -47.86 -78.17 17.17
N SER A 516 -48.95 -78.93 17.10
CA SER A 516 -49.28 -79.93 18.11
C SER A 516 -48.67 -81.27 17.70
N ILE A 517 -47.78 -81.80 18.53
CA ILE A 517 -47.12 -83.06 18.26
C ILE A 517 -47.64 -84.11 19.24
N GLU A 518 -47.49 -85.36 18.84
CA GLU A 518 -47.90 -86.47 19.71
C GLU A 518 -47.05 -86.49 20.97
N ASN A 519 -47.68 -86.78 22.10
CA ASN A 519 -47.00 -86.70 23.39
C ASN A 519 -45.90 -87.75 23.48
N LEU A 520 -44.72 -87.33 23.91
CA LEU A 520 -43.61 -88.25 24.09
C LEU A 520 -43.71 -88.90 25.47
N SER A 521 -42.66 -89.61 25.88
CA SER A 521 -42.62 -90.21 27.20
C SER A 521 -42.46 -89.13 28.26
N SER A 522 -42.72 -89.51 29.51
CA SER A 522 -42.60 -88.57 30.62
C SER A 522 -41.15 -88.08 30.77
N ASP A 523 -40.20 -89.00 30.65
CA ASP A 523 -38.77 -88.68 30.76
C ASP A 523 -38.14 -88.84 29.39
N ILE A 524 -37.70 -87.73 28.81
CA ILE A 524 -37.00 -87.78 27.52
C ILE A 524 -35.59 -88.29 27.75
N ILE A 525 -35.20 -89.33 27.01
CA ILE A 525 -33.91 -89.97 27.15
C ILE A 525 -32.99 -89.45 26.06
N GLY A 526 -31.79 -88.99 26.46
CA GLY A 526 -30.83 -88.50 25.50
C GLY A 526 -29.57 -87.97 26.16
N GLN A 527 -28.44 -88.09 25.48
CA GLN A 527 -27.17 -87.57 25.95
C GLN A 527 -26.61 -86.58 24.94
N LEU A 528 -25.64 -85.79 25.40
CA LEU A 528 -25.04 -84.76 24.57
C LEU A 528 -24.20 -85.38 23.46
N GLU A 529 -23.88 -84.56 22.47
CA GLU A 529 -22.97 -85.00 21.41
C GLU A 529 -21.58 -85.22 21.99
N LEU A 530 -20.95 -86.32 21.58
CA LEU A 530 -19.65 -86.67 22.14
C LEU A 530 -18.59 -85.67 21.71
N MET A 531 -17.82 -85.18 22.68
CA MET A 531 -16.71 -84.28 22.42
C MET A 531 -15.41 -85.08 22.29
N PRO A 532 -14.50 -84.65 21.43
CA PRO A 532 -13.21 -85.36 21.31
C PRO A 532 -12.41 -85.25 22.59
N ASN A 533 -11.63 -86.30 22.87
CA ASN A 533 -10.82 -86.35 24.08
C ASN A 533 -9.60 -85.46 23.89
N ILE A 534 -9.54 -84.36 24.65
CA ILE A 534 -8.46 -83.38 24.55
C ILE A 534 -7.47 -83.64 25.67
N GLU A 535 -6.19 -83.63 25.33
CA GLU A 535 -5.13 -83.86 26.30
C GLU A 535 -4.69 -82.56 26.95
N ARG A 536 -4.49 -82.60 28.26
CA ARG A 536 -3.94 -81.46 28.98
C ARG A 536 -2.51 -81.23 28.53
N PHE A 537 -2.24 -80.05 27.97
CA PHE A 537 -0.91 -79.77 27.46
C PHE A 537 0.09 -79.67 28.61
N PRO A 538 1.37 -79.97 28.35
CA PRO A 538 2.36 -80.00 29.43
C PRO A 538 2.47 -78.66 30.14
N ASN A 539 2.78 -78.72 31.44
CA ASN A 539 2.86 -77.54 32.29
C ASN A 539 4.19 -77.53 33.03
N GLY A 540 4.72 -76.32 33.22
CA GLY A 540 5.96 -76.17 33.97
C GLY A 540 7.20 -76.65 33.24
N LYS A 541 7.17 -76.71 31.92
CA LYS A 541 8.32 -77.20 31.17
C LYS A 541 9.48 -76.20 31.30
N LYS A 542 10.62 -76.70 31.74
CA LYS A 542 11.78 -75.86 32.02
C LYS A 542 12.69 -75.78 30.81
N TYR A 543 13.19 -74.58 30.55
CA TYR A 543 14.09 -74.33 29.43
C TYR A 543 15.38 -73.68 29.95
N GLU A 544 16.52 -74.19 29.48
CA GLU A 544 17.83 -73.69 29.85
C GLU A 544 18.37 -72.87 28.68
N LEU A 545 18.51 -71.57 28.87
CA LEU A 545 18.81 -70.65 27.79
C LEU A 545 20.08 -69.86 28.08
N ASP A 546 20.83 -69.56 27.01
CA ASP A 546 22.08 -68.83 27.13
C ASP A 546 21.91 -67.32 27.12
N LYS A 547 20.76 -66.81 26.68
CA LYS A 547 20.54 -65.38 26.57
C LYS A 547 19.26 -64.97 27.28
N TYR A 548 19.29 -63.76 27.83
CA TYR A 548 18.09 -63.14 28.37
C TYR A 548 17.03 -63.02 27.27
N THR A 549 15.81 -63.43 27.59
CA THR A 549 14.71 -63.36 26.63
C THR A 549 13.91 -62.08 26.84
N MET A 550 13.01 -61.82 25.90
CA MET A 550 12.09 -60.70 26.04
C MET A 550 11.24 -60.85 27.29
N PHE A 551 10.91 -62.09 27.67
CA PHE A 551 10.15 -62.32 28.90
C PHE A 551 10.95 -61.91 30.13
N HIS A 552 12.27 -62.13 30.11
CA HIS A 552 13.10 -61.69 31.23
C HIS A 552 13.15 -60.17 31.31
N TYR A 553 13.26 -59.49 30.17
CA TYR A 553 13.28 -58.04 30.16
C TYR A 553 11.96 -57.46 30.66
N LEU A 554 10.85 -58.08 30.27
CA LEU A 554 9.54 -57.61 30.73
C LEU A 554 9.33 -57.93 32.20
N ARG A 555 9.85 -59.05 32.67
CA ARG A 555 9.71 -59.41 34.08
C ARG A 555 10.56 -58.52 34.98
N ALA A 556 11.72 -58.07 34.49
CA ALA A 556 12.59 -57.22 35.28
C ALA A 556 11.99 -55.85 35.55
N GLN A 557 10.98 -55.45 34.79
CA GLN A 557 10.34 -54.15 34.97
C GLN A 557 9.15 -54.21 35.93
N GLU A 558 8.93 -55.35 36.58
CA GLU A 558 7.84 -55.52 37.53
C GLU A 558 8.37 -55.40 38.96
N PHE A 559 7.44 -55.19 39.89
CA PHE A 559 7.78 -55.07 41.29
C PHE A 559 6.54 -55.34 42.13
N GLU A 560 6.75 -55.49 43.43
CA GLU A 560 5.67 -55.74 44.39
C GLU A 560 5.41 -54.49 45.22
N HIS A 561 4.14 -54.20 45.44
CA HIS A 561 3.75 -53.05 46.24
C HIS A 561 4.23 -53.23 47.69
N GLY A 562 4.65 -52.13 48.31
CA GLY A 562 5.12 -52.19 49.67
C GLY A 562 5.65 -50.85 50.14
N LYS A 563 6.31 -50.89 51.30
CA LYS A 563 6.90 -49.68 51.87
C LYS A 563 8.26 -49.37 51.27
N SER A 564 9.04 -50.39 50.92
CA SER A 564 10.42 -50.21 50.52
C SER A 564 10.51 -49.41 49.21
N ARG A 565 11.47 -48.49 49.15
CA ARG A 565 11.69 -47.68 47.96
C ARG A 565 12.27 -48.55 46.86
N ILE A 566 11.51 -48.74 45.79
CA ILE A 566 12.05 -49.39 44.59
C ILE A 566 12.94 -48.40 43.85
N ALA A 567 14.01 -48.91 43.26
CA ALA A 567 14.96 -48.10 42.53
C ALA A 567 15.07 -48.60 41.10
N LEU A 568 15.09 -47.66 40.16
CA LEU A 568 15.28 -48.02 38.76
C LEU A 568 16.74 -48.38 38.48
N THR A 569 16.93 -49.18 37.45
CA THR A 569 18.26 -49.70 37.13
C THR A 569 18.28 -50.14 35.67
N ASN A 570 19.38 -49.80 34.98
CA ASN A 570 19.54 -50.19 33.58
C ASN A 570 20.16 -51.56 33.40
N SER A 571 20.58 -52.21 34.48
CA SER A 571 21.12 -53.56 34.42
C SER A 571 19.96 -54.54 34.63
N VAL A 572 19.63 -55.30 33.58
CA VAL A 572 18.56 -56.29 33.69
C VAL A 572 18.90 -57.31 34.76
N ASN A 573 20.18 -57.68 34.84
CA ASN A 573 20.68 -58.55 35.89
C ASN A 573 20.19 -58.06 37.25
N GLU A 574 20.65 -56.87 37.66
CA GLU A 574 20.39 -56.41 39.01
C GLU A 574 18.89 -56.33 39.30
N ALA A 575 18.10 -55.93 38.29
CA ALA A 575 16.66 -55.86 38.47
C ALA A 575 16.06 -57.24 38.71
N LEU A 576 16.55 -58.26 38.01
CA LEU A 576 15.95 -59.59 38.13
C LEU A 576 16.26 -60.25 39.48
N LEU A 577 17.38 -59.88 40.12
CA LEU A 577 17.80 -60.52 41.36
C LEU A 577 17.44 -59.72 42.61
N ASN A 578 16.60 -58.68 42.48
CA ASN A 578 16.21 -57.89 43.63
C ASN A 578 14.76 -57.43 43.50
N PRO A 579 13.92 -57.68 44.51
CA PRO A 579 12.54 -57.18 44.46
C PRO A 579 12.45 -55.66 44.46
N SER A 580 13.43 -54.98 45.05
CA SER A 580 13.42 -53.52 45.17
C SER A 580 14.09 -52.82 43.99
N ARG A 581 14.47 -53.57 42.95
CA ARG A 581 15.08 -53.00 41.76
C ARG A 581 14.19 -53.28 40.56
N VAL A 582 13.96 -52.23 39.75
CA VAL A 582 13.11 -52.31 38.57
C VAL A 582 13.93 -51.89 37.36
N TYR A 583 13.93 -52.74 36.33
CA TYR A 583 14.67 -52.41 35.11
C TYR A 583 13.93 -51.34 34.32
N THR A 584 14.70 -50.44 33.71
CA THR A 584 14.16 -49.39 32.86
C THR A 584 15.02 -49.27 31.62
N PHE A 585 14.36 -49.12 30.46
CA PHE A 585 15.06 -48.88 29.20
C PHE A 585 15.28 -47.40 28.93
N PHE A 586 14.92 -46.53 29.88
CA PHE A 586 15.15 -45.10 29.73
C PHE A 586 16.65 -44.80 29.85
N SER A 587 16.98 -43.52 29.69
CA SER A 587 18.37 -43.10 29.81
C SER A 587 18.84 -43.19 31.25
N SER A 588 20.16 -43.30 31.42
CA SER A 588 20.74 -43.34 32.76
C SER A 588 20.47 -42.07 33.54
N ASP A 589 20.38 -40.93 32.84
CA ASP A 589 20.06 -39.68 33.50
C ASP A 589 18.68 -39.74 34.15
N TYR A 590 17.71 -40.36 33.45
CA TYR A 590 16.40 -40.55 34.06
C TYR A 590 16.50 -41.36 35.33
N VAL A 591 17.30 -42.43 35.32
CA VAL A 591 17.45 -43.29 36.49
C VAL A 591 18.02 -42.49 37.65
N LYS A 592 19.08 -41.71 37.39
CA LYS A 592 19.67 -40.90 38.45
C LYS A 592 18.66 -39.90 39.00
N LYS A 593 17.88 -39.25 38.12
CA LYS A 593 16.93 -38.25 38.59
C LYS A 593 15.82 -38.88 39.43
N VAL A 594 15.27 -40.01 38.99
CA VAL A 594 14.15 -40.60 39.72
C VAL A 594 14.63 -41.17 41.06
N ASN A 595 15.82 -41.76 41.10
CA ASN A 595 16.25 -42.42 42.33
C ASN A 595 16.80 -41.45 43.37
N LYS A 596 16.99 -40.18 43.03
CA LYS A 596 17.54 -39.22 43.98
C LYS A 596 16.51 -38.84 45.05
N ALA A 597 17.02 -38.56 46.26
CA ALA A 597 16.18 -38.05 47.34
C ALA A 597 15.92 -36.57 47.09
N THR A 598 14.63 -36.20 47.05
CA THR A 598 14.21 -34.85 46.72
C THR A 598 13.57 -34.18 47.93
N GLU A 599 13.90 -32.92 48.16
CA GLU A 599 13.36 -32.19 49.29
C GLU A 599 11.92 -31.73 49.00
N ALA A 600 11.24 -31.31 50.07
CA ALA A 600 9.83 -30.95 49.96
C ALA A 600 9.62 -29.72 49.08
N ALA A 601 10.45 -28.69 49.25
CA ALA A 601 10.28 -27.47 48.47
C ALA A 601 10.53 -27.71 46.99
N MET A 602 11.32 -28.72 46.64
CA MET A 602 11.65 -29.03 45.26
C MET A 602 10.84 -30.20 44.72
N PHE A 603 9.74 -30.57 45.40
CA PHE A 603 9.02 -31.79 45.03
C PHE A 603 8.20 -31.59 43.75
N LEU A 604 7.45 -30.48 43.68
CA LEU A 604 6.56 -30.28 42.53
C LEU A 604 7.34 -30.13 41.23
N GLY A 605 8.42 -29.35 41.27
CA GLY A 605 9.26 -29.23 40.08
C GLY A 605 9.92 -30.54 39.71
N TRP A 606 10.30 -31.33 40.72
CA TRP A 606 10.82 -32.66 40.45
C TRP A 606 9.81 -33.51 39.70
N VAL A 607 8.56 -33.54 40.18
CA VAL A 607 7.54 -34.34 39.52
C VAL A 607 7.30 -33.84 38.10
N GLU A 608 7.29 -32.52 37.91
CA GLU A 608 7.08 -31.98 36.57
C GLU A 608 8.21 -32.38 35.63
N GLN A 609 9.45 -32.32 36.09
CA GLN A 609 10.58 -32.74 35.26
C GLN A 609 10.50 -34.23 34.93
N LEU A 610 10.10 -35.04 35.91
CA LEU A 610 9.97 -36.47 35.67
C LEU A 610 8.90 -36.76 34.63
N VAL A 611 7.76 -36.06 34.70
CA VAL A 611 6.71 -36.23 33.69
C VAL A 611 7.22 -35.82 32.32
N TYR A 612 7.92 -34.69 32.25
CA TYR A 612 8.43 -34.21 30.96
C TYR A 612 9.39 -35.23 30.37
N ASP A 613 10.31 -35.77 31.17
CA ASP A 613 11.26 -36.74 30.66
C ASP A 613 10.57 -38.04 30.25
N PHE A 614 9.56 -38.47 31.02
CA PHE A 614 8.82 -39.67 30.66
C PHE A 614 8.14 -39.52 29.31
N THR A 615 7.43 -38.40 29.11
CA THR A 615 6.78 -38.16 27.84
C THR A 615 7.80 -37.99 26.71
N ASP A 616 8.94 -37.39 27.00
CA ASP A 616 9.97 -37.18 25.98
C ASP A 616 10.54 -38.51 25.50
N GLU A 617 10.85 -39.42 26.43
CA GLU A 617 11.45 -40.69 26.03
C GLU A 617 10.42 -41.62 25.41
N THR A 618 9.18 -41.63 25.93
CA THR A 618 8.17 -42.54 25.39
C THR A 618 7.69 -42.12 24.01
N SER A 619 7.68 -40.82 23.73
CA SER A 619 7.24 -40.30 22.43
C SER A 619 8.39 -40.19 21.43
N GLU A 620 9.58 -40.66 21.80
CA GLU A 620 10.74 -40.58 20.91
C GLU A 620 10.50 -41.39 19.63
N VAL A 621 10.52 -40.71 18.49
CA VAL A 621 10.32 -41.34 17.19
C VAL A 621 11.44 -40.88 16.26
N SER A 622 12.07 -41.82 15.58
CA SER A 622 13.14 -41.55 14.63
C SER A 622 12.64 -41.87 13.23
N THR A 623 12.46 -40.83 12.42
CA THR A 623 12.03 -41.02 11.03
C THR A 623 13.19 -41.48 10.17
N THR A 624 12.92 -42.44 9.29
CA THR A 624 13.90 -42.93 8.34
C THR A 624 13.36 -42.75 6.92
N ASP A 625 14.24 -42.29 6.03
CA ASP A 625 13.90 -42.10 4.62
C ASP A 625 14.72 -43.01 3.72
N LYS A 626 15.25 -44.10 4.28
CA LYS A 626 16.17 -44.98 3.57
C LYS A 626 15.55 -46.30 3.16
N ILE A 627 14.55 -46.79 3.88
CA ILE A 627 13.82 -48.00 3.51
C ILE A 627 12.42 -47.62 3.06
N ALA A 628 11.86 -48.45 2.18
CA ALA A 628 10.65 -48.08 1.45
C ALA A 628 9.40 -48.15 2.32
N ASP A 629 9.08 -49.35 2.82
CA ASP A 629 7.78 -49.58 3.46
C ASP A 629 7.75 -49.19 4.93
N ILE A 630 8.86 -48.75 5.50
CA ILE A 630 8.92 -48.30 6.90
C ILE A 630 9.37 -46.85 6.92
N THR A 631 8.59 -45.99 7.59
CA THR A 631 8.88 -44.57 7.65
C THR A 631 9.33 -44.09 9.01
N ILE A 632 8.86 -44.72 10.10
CA ILE A 632 9.23 -44.31 11.45
C ILE A 632 9.83 -45.51 12.17
N ILE A 633 10.63 -45.22 13.20
CA ILE A 633 11.25 -46.24 14.04
C ILE A 633 11.24 -45.74 15.48
N ILE A 634 10.72 -46.55 16.40
CA ILE A 634 10.81 -46.28 17.82
C ILE A 634 12.05 -46.99 18.35
N PRO A 635 13.05 -46.26 18.84
CA PRO A 635 14.32 -46.91 19.24
C PRO A 635 14.25 -47.68 20.54
N TYR A 636 13.50 -47.18 21.53
CA TYR A 636 13.52 -47.80 22.85
C TYR A 636 12.88 -49.18 22.86
N ILE A 637 12.25 -49.60 21.76
CA ILE A 637 11.78 -50.98 21.65
C ILE A 637 12.96 -51.94 21.77
N GLY A 638 14.14 -51.52 21.35
CA GLY A 638 15.34 -52.32 21.48
C GLY A 638 15.61 -52.77 22.91
N PRO A 639 15.93 -51.83 23.79
CA PRO A 639 16.20 -52.19 25.19
C PRO A 639 14.95 -52.55 26.00
N ALA A 640 13.75 -52.30 25.48
CA ALA A 640 12.55 -52.63 26.24
C ALA A 640 12.29 -54.13 26.25
N LEU A 641 12.53 -54.80 25.12
CA LEU A 641 12.23 -56.23 25.00
C LEU A 641 13.40 -57.04 24.47
N ASN A 642 14.60 -56.44 24.37
CA ASN A 642 15.76 -57.10 23.77
C ASN A 642 15.42 -57.60 22.37
N ILE A 643 14.76 -56.75 21.59
CA ILE A 643 14.46 -57.10 20.21
C ILE A 643 15.78 -57.20 19.44
N GLY A 644 16.01 -58.35 18.81
CA GLY A 644 17.32 -58.61 18.25
C GLY A 644 18.32 -58.82 19.37
N ASN A 645 19.40 -58.05 19.33
CA ASN A 645 20.47 -58.14 20.32
C ASN A 645 21.23 -56.81 20.30
N MET A 646 22.47 -56.82 20.82
CA MET A 646 23.41 -55.70 20.79
C MET A 646 23.11 -54.70 21.91
N LEU A 647 23.89 -53.63 22.01
CA LEU A 647 23.92 -52.82 23.23
C LEU A 647 22.98 -51.61 23.18
N TYR A 648 23.23 -50.67 22.26
CA TYR A 648 22.54 -49.39 22.26
C TYR A 648 21.21 -49.50 21.53
N LYS A 649 20.44 -48.41 21.54
CA LYS A 649 19.27 -48.30 20.68
C LYS A 649 19.66 -47.97 19.24
N ASP A 650 20.84 -47.38 19.04
CA ASP A 650 21.36 -47.17 17.69
C ASP A 650 21.56 -48.48 16.97
N ASP A 651 21.93 -49.54 17.69
CA ASP A 651 21.99 -50.87 17.07
C ASP A 651 20.62 -51.27 16.55
N PHE A 652 19.57 -51.04 17.33
CA PHE A 652 18.23 -51.41 16.89
C PHE A 652 17.83 -50.64 15.65
N VAL A 653 18.07 -49.32 15.64
CA VAL A 653 17.70 -48.52 14.47
C VAL A 653 18.48 -48.97 13.24
N GLY A 654 19.80 -49.11 13.38
CA GLY A 654 20.62 -49.48 12.24
C GLY A 654 20.29 -50.87 11.71
N ALA A 655 20.11 -51.83 12.62
CA ALA A 655 19.78 -53.19 12.20
C ALA A 655 18.38 -53.27 11.61
N LEU A 656 17.47 -52.41 12.05
CA LEU A 656 16.15 -52.38 11.43
C LEU A 656 16.22 -51.82 10.01
N ILE A 657 17.05 -50.79 9.80
CA ILE A 657 17.24 -50.27 8.44
C ILE A 657 17.94 -51.30 7.56
N PHE A 658 18.91 -52.02 8.12
CA PHE A 658 19.77 -52.90 7.34
C PHE A 658 19.09 -54.23 7.02
N SER A 659 18.63 -54.95 8.05
CA SER A 659 18.07 -56.28 7.87
C SER A 659 16.61 -56.23 7.46
N GLY A 660 15.81 -55.38 8.10
CA GLY A 660 14.38 -55.31 7.87
C GLY A 660 13.60 -55.71 9.10
N ALA A 661 12.30 -55.91 8.91
CA ALA A 661 11.40 -56.22 10.02
C ALA A 661 11.66 -57.60 10.64
N VAL A 662 12.48 -58.42 10.00
CA VAL A 662 12.70 -59.80 10.45
C VAL A 662 13.24 -59.84 11.87
N ILE A 663 13.94 -58.80 12.30
CA ILE A 663 14.49 -58.79 13.65
C ILE A 663 13.41 -58.74 14.73
N LEU A 664 12.21 -58.29 14.39
CA LEU A 664 11.13 -58.21 15.37
C LEU A 664 10.50 -59.56 15.70
N LEU A 665 10.74 -60.58 14.87
CA LEU A 665 10.11 -61.87 15.04
C LEU A 665 10.87 -62.73 16.04
N GLU A 666 10.13 -63.54 16.79
CA GLU A 666 10.73 -64.52 17.69
C GLU A 666 11.06 -65.83 16.99
N PHE A 667 10.32 -66.18 15.94
CA PHE A 667 10.65 -67.31 15.10
C PHE A 667 10.47 -66.90 13.65
N ILE A 668 11.43 -67.26 12.80
CA ILE A 668 11.34 -66.97 11.38
C ILE A 668 10.31 -67.92 10.78
N PRO A 669 9.22 -67.41 10.22
CA PRO A 669 8.16 -68.29 9.71
C PRO A 669 8.52 -68.85 8.34
N GLU A 670 8.21 -70.14 8.16
CA GLU A 670 8.38 -70.78 6.87
C GLU A 670 7.28 -70.31 5.92
N ILE A 671 7.69 -69.69 4.81
CA ILE A 671 6.73 -69.33 3.77
C ILE A 671 7.06 -70.17 2.54
N ALA A 672 6.45 -71.35 2.46
CA ALA A 672 6.83 -72.39 1.50
C ALA A 672 5.81 -72.41 0.37
N ILE A 673 6.17 -71.82 -0.77
CA ILE A 673 5.31 -71.75 -1.94
C ILE A 673 5.92 -72.62 -3.03
N PRO A 674 5.33 -73.76 -3.37
CA PRO A 674 5.98 -74.72 -4.26
C PRO A 674 5.80 -74.31 -5.73
N VAL A 675 6.28 -75.18 -6.61
CA VAL A 675 6.09 -74.99 -8.04
C VAL A 675 4.61 -75.12 -8.36
N LEU A 676 4.06 -74.14 -9.09
CA LEU A 676 2.64 -74.10 -9.34
C LEU A 676 2.25 -75.13 -10.39
N GLY A 677 1.08 -75.75 -10.20
CA GLY A 677 0.62 -76.80 -11.10
C GLY A 677 0.33 -76.26 -12.49
N THR A 678 0.95 -76.84 -13.50
CA THR A 678 0.75 -76.39 -14.87
C THR A 678 -0.61 -76.84 -15.39
N PHE A 679 -1.11 -76.11 -16.39
CA PHE A 679 -2.40 -76.40 -17.01
C PHE A 679 -2.22 -77.33 -18.19
N ALA A 680 -3.04 -78.37 -18.26
CA ALA A 680 -3.07 -79.27 -19.41
C ALA A 680 -4.29 -78.92 -20.25
N LEU A 681 -4.06 -78.64 -21.53
CA LEU A 681 -5.12 -78.18 -22.42
C LEU A 681 -5.62 -79.33 -23.29
N VAL A 682 -6.93 -79.48 -23.36
CA VAL A 682 -7.57 -80.49 -24.19
C VAL A 682 -7.75 -79.94 -25.59
N SER A 683 -7.65 -80.81 -26.59
CA SER A 683 -7.65 -80.42 -27.99
C SER A 683 -9.01 -80.72 -28.61
N TYR A 684 -9.58 -79.72 -29.30
CA TYR A 684 -10.84 -79.86 -30.01
C TYR A 684 -10.57 -79.69 -31.49
N ILE A 685 -10.82 -80.73 -32.26
CA ILE A 685 -10.39 -80.80 -33.66
C ILE A 685 -11.46 -80.17 -34.55
N ALA A 686 -11.02 -79.36 -35.51
CA ALA A 686 -11.87 -78.73 -36.51
C ALA A 686 -12.92 -77.82 -35.89
N ASN A 687 -12.68 -77.36 -34.66
CA ASN A 687 -13.65 -76.53 -33.96
C ASN A 687 -12.97 -75.25 -33.46
N LYS A 688 -13.22 -74.15 -34.17
CA LYS A 688 -12.59 -72.87 -33.85
C LYS A 688 -13.08 -72.33 -32.51
N VAL A 689 -14.39 -72.33 -32.31
CA VAL A 689 -14.97 -71.60 -31.19
C VAL A 689 -14.52 -72.22 -29.86
N LEU A 690 -14.68 -73.55 -29.71
CA LEU A 690 -14.33 -74.18 -28.45
C LEU A 690 -12.82 -74.09 -28.18
N THR A 691 -12.00 -74.06 -29.22
CA THR A 691 -10.55 -73.89 -29.03
C THR A 691 -10.22 -72.50 -28.49
N VAL A 692 -10.80 -71.46 -29.09
CA VAL A 692 -10.52 -70.12 -28.57
C VAL A 692 -11.07 -69.98 -27.16
N GLN A 693 -12.20 -70.64 -26.86
CA GLN A 693 -12.74 -70.59 -25.51
C GLN A 693 -11.82 -71.29 -24.52
N THR A 694 -11.20 -72.40 -24.94
CA THR A 694 -10.21 -73.07 -24.09
C THR A 694 -9.05 -72.14 -23.79
N ILE A 695 -8.56 -71.40 -24.80
CA ILE A 695 -7.46 -70.47 -24.57
C ILE A 695 -7.87 -69.39 -23.56
N ASP A 696 -9.06 -68.82 -23.76
CA ASP A 696 -9.51 -67.76 -22.87
C ASP A 696 -9.69 -68.27 -21.44
N ASN A 697 -10.24 -69.48 -21.30
CA ASN A 697 -10.41 -70.07 -19.98
C ASN A 697 -9.07 -70.32 -19.31
N ALA A 698 -8.06 -70.74 -20.08
CA ALA A 698 -6.74 -70.94 -19.51
C ALA A 698 -6.19 -69.62 -18.95
N LEU A 699 -6.32 -68.53 -19.72
CA LEU A 699 -5.84 -67.25 -19.23
C LEU A 699 -6.59 -66.79 -17.98
N SER A 700 -7.91 -66.96 -17.97
CA SER A 700 -8.71 -66.55 -16.82
C SER A 700 -8.35 -67.37 -15.58
N LYS A 701 -8.16 -68.67 -15.75
CA LYS A 701 -7.73 -69.50 -14.62
C LYS A 701 -6.34 -69.14 -14.15
N ARG A 702 -5.48 -68.65 -15.05
CA ARG A 702 -4.19 -68.10 -14.62
C ARG A 702 -4.37 -66.89 -13.71
N ASN A 703 -5.28 -65.98 -14.08
CA ASN A 703 -5.58 -64.84 -13.21
C ASN A 703 -6.06 -65.33 -11.84
N GLU A 704 -6.96 -66.31 -11.85
CA GLU A 704 -7.44 -66.88 -10.60
C GLU A 704 -6.29 -67.48 -9.79
N LYS A 705 -5.31 -68.09 -10.47
CA LYS A 705 -4.15 -68.64 -9.78
C LYS A 705 -3.36 -67.54 -9.08
N TRP A 706 -3.16 -66.42 -9.77
CA TRP A 706 -2.48 -65.28 -9.13
C TRP A 706 -3.21 -64.87 -7.85
N ASP A 707 -4.54 -64.74 -7.94
CA ASP A 707 -5.31 -64.36 -6.76
C ASP A 707 -5.21 -65.41 -5.65
N GLU A 708 -5.21 -66.70 -6.03
CA GLU A 708 -5.16 -67.76 -5.04
C GLU A 708 -3.86 -67.74 -4.25
N VAL A 709 -2.72 -67.63 -4.94
CA VAL A 709 -1.45 -67.62 -4.21
C VAL A 709 -1.34 -66.37 -3.35
N TYR A 710 -1.82 -65.23 -3.86
CA TYR A 710 -1.81 -64.04 -3.03
C TYR A 710 -2.61 -64.27 -1.75
N LYS A 711 -3.81 -64.86 -1.87
CA LYS A 711 -4.64 -65.10 -0.71
C LYS A 711 -3.97 -66.07 0.27
N TYR A 712 -3.33 -67.11 -0.26
CA TYR A 712 -2.60 -68.05 0.60
C TYR A 712 -1.51 -67.35 1.39
N ILE A 713 -0.76 -66.48 0.73
CA ILE A 713 0.31 -65.75 1.42
C ILE A 713 -0.28 -64.82 2.48
N VAL A 714 -1.41 -64.19 2.19
CA VAL A 714 -2.03 -63.31 3.19
C VAL A 714 -2.48 -64.12 4.41
N THR A 715 -3.03 -65.31 4.18
CA THR A 715 -3.44 -66.16 5.30
C THR A 715 -2.24 -66.56 6.16
N ASN A 716 -1.17 -67.01 5.50
CA ASN A 716 0.04 -67.38 6.24
C ASN A 716 0.60 -66.19 7.01
N TRP A 717 0.54 -65.00 6.42
CA TRP A 717 0.99 -63.79 7.09
C TRP A 717 0.15 -63.49 8.33
N LEU A 718 -1.18 -63.57 8.18
CA LEU A 718 -2.06 -63.26 9.29
C LEU A 718 -1.89 -64.25 10.44
N ALA A 719 -1.55 -65.50 10.13
CA ALA A 719 -1.44 -66.49 11.19
C ALA A 719 -0.05 -66.56 11.81
N LYS A 720 1.01 -66.38 11.02
CA LYS A 720 2.37 -66.63 11.47
C LYS A 720 3.12 -65.36 11.85
N VAL A 721 2.94 -64.27 11.11
CA VAL A 721 3.73 -63.05 11.30
C VAL A 721 2.98 -62.02 12.13
N ASN A 722 1.76 -61.67 11.71
CA ASN A 722 1.05 -60.57 12.34
C ASN A 722 0.73 -60.85 13.80
N THR A 723 0.58 -62.13 14.16
CA THR A 723 0.33 -62.49 15.55
C THR A 723 1.53 -62.14 16.44
N GLN A 724 2.74 -62.41 15.94
CA GLN A 724 3.94 -62.05 16.70
C GLN A 724 4.03 -60.54 16.90
N ILE A 725 3.70 -59.76 15.86
CA ILE A 725 3.72 -58.31 15.98
C ILE A 725 2.67 -57.84 16.99
N ASP A 726 1.49 -58.47 16.98
CA ASP A 726 0.47 -58.11 17.95
C ASP A 726 0.92 -58.39 19.37
N LEU A 727 1.58 -59.54 19.59
CA LEU A 727 2.10 -59.84 20.91
C LEU A 727 3.20 -58.86 21.32
N ILE A 728 4.05 -58.48 20.38
CA ILE A 728 5.08 -57.46 20.68
C ILE A 728 4.42 -56.15 21.07
N ARG A 729 3.34 -55.78 20.38
CA ARG A 729 2.62 -54.55 20.70
C ARG A 729 2.00 -54.59 22.08
N LYS A 730 1.36 -55.72 22.43
CA LYS A 730 0.80 -55.88 23.77
C LYS A 730 1.89 -55.80 24.82
N LYS A 731 3.04 -56.44 24.57
CA LYS A 731 4.12 -56.40 25.54
C LYS A 731 4.74 -55.01 25.65
N MET A 732 4.73 -54.24 24.56
CA MET A 732 5.18 -52.85 24.65
C MET A 732 4.24 -52.03 25.54
N LYS A 733 2.92 -52.24 25.37
CA LYS A 733 1.97 -51.58 26.27
C LYS A 733 2.22 -51.97 27.71
N GLU A 734 2.49 -53.26 27.96
CA GLU A 734 2.75 -53.73 29.31
C GLU A 734 4.02 -53.11 29.87
N ALA A 735 5.08 -53.01 29.06
CA ALA A 735 6.33 -52.41 29.52
C ALA A 735 6.15 -50.94 29.85
N LEU A 736 5.41 -50.20 29.02
CA LEU A 736 5.13 -48.80 29.34
C LEU A 736 4.33 -48.68 30.63
N GLU A 737 3.34 -49.55 30.83
CA GLU A 737 2.57 -49.53 32.07
C GLU A 737 3.47 -49.83 33.27
N ASN A 738 4.39 -50.79 33.13
CA ASN A 738 5.31 -51.10 34.21
C ASN A 738 6.19 -49.91 34.56
N GLN A 739 6.74 -49.24 33.54
CA GLN A 739 7.59 -48.08 33.79
C GLN A 739 6.81 -46.97 34.49
N ALA A 740 5.58 -46.70 34.01
CA ALA A 740 4.77 -45.67 34.64
C ALA A 740 4.46 -46.01 36.08
N GLU A 741 4.09 -47.26 36.36
CA GLU A 741 3.76 -47.67 37.72
C GLU A 741 4.97 -47.59 38.63
N ALA A 742 6.15 -47.98 38.13
CA ALA A 742 7.36 -47.88 38.94
C ALA A 742 7.67 -46.44 39.29
N THR A 743 7.59 -45.54 38.29
CA THR A 743 7.86 -44.13 38.56
C THR A 743 6.85 -43.56 39.56
N LYS A 744 5.57 -43.92 39.40
CA LYS A 744 4.56 -43.46 40.33
C LYS A 744 4.82 -43.98 41.75
N ALA A 745 5.26 -45.24 41.86
CA ALA A 745 5.57 -45.79 43.17
C ALA A 745 6.71 -45.04 43.84
N ILE A 746 7.76 -44.73 43.07
CA ILE A 746 8.89 -44.00 43.66
C ILE A 746 8.47 -42.60 44.07
N ILE A 747 7.69 -41.92 43.22
CA ILE A 747 7.24 -40.56 43.55
C ILE A 747 6.35 -40.57 44.79
N ASN A 748 5.47 -41.55 44.91
CA ASN A 748 4.57 -41.58 46.06
C ASN A 748 5.30 -42.00 47.33
N TYR A 749 6.29 -42.90 47.24
CA TYR A 749 7.18 -43.11 48.38
C TYR A 749 7.77 -41.78 48.82
N GLN A 750 8.36 -41.05 47.87
CA GLN A 750 9.02 -39.81 48.21
C GLN A 750 8.05 -38.86 48.91
N TYR A 751 6.84 -38.73 48.37
CA TYR A 751 5.84 -37.86 48.99
C TYR A 751 5.50 -38.32 50.40
N ASN A 752 5.30 -39.63 50.59
CA ASN A 752 4.92 -40.15 51.90
C ASN A 752 6.07 -40.11 52.90
N GLN A 753 7.32 -40.00 52.41
CA GLN A 753 8.46 -39.85 53.30
C GLN A 753 8.40 -38.54 54.09
N TYR A 754 7.67 -37.55 53.59
CA TYR A 754 7.67 -36.23 54.20
C TYR A 754 6.90 -36.23 55.51
N THR A 755 7.21 -35.25 56.36
CA THR A 755 6.31 -34.92 57.45
C THR A 755 5.00 -34.41 56.88
N GLU A 756 3.90 -34.76 57.54
CA GLU A 756 2.57 -34.42 57.01
C GLU A 756 2.38 -32.91 56.90
N GLU A 757 3.18 -32.10 57.60
CA GLU A 757 3.13 -30.66 57.42
C GLU A 757 3.51 -30.27 55.99
N GLU A 758 4.67 -30.76 55.52
CA GLU A 758 5.07 -30.54 54.15
C GLU A 758 4.06 -31.15 53.19
N LYS A 759 3.36 -32.22 53.62
CA LYS A 759 2.35 -32.83 52.77
C LYS A 759 1.08 -31.99 52.70
N ASN A 760 0.82 -31.17 53.73
CA ASN A 760 -0.25 -30.18 53.61
C ASN A 760 0.15 -29.07 52.68
N ASN A 761 1.39 -28.56 52.82
CA ASN A 761 1.83 -27.44 52.00
C ASN A 761 1.94 -27.78 50.52
N ILE A 762 2.10 -29.06 50.19
CA ILE A 762 2.16 -29.51 48.79
C ILE A 762 0.85 -30.21 48.46
N ASN A 763 0.10 -29.67 47.52
CA ASN A 763 -1.12 -30.30 47.03
C ASN A 763 -0.75 -31.26 45.91
N PHE A 764 -0.58 -32.54 46.25
CA PHE A 764 -0.21 -33.56 45.28
C PHE A 764 -1.32 -34.60 45.22
N ASN A 765 -1.85 -34.82 44.02
CA ASN A 765 -2.84 -35.85 43.73
C ASN A 765 -2.16 -36.91 42.85
N ILE A 766 -1.93 -38.09 43.41
CA ILE A 766 -1.25 -39.12 42.63
C ILE A 766 -2.15 -39.64 41.52
N ASP A 767 -3.47 -39.66 41.72
CA ASP A 767 -4.35 -40.08 40.63
C ASP A 767 -4.21 -39.16 39.42
N ASP A 768 -3.98 -37.87 39.65
CA ASP A 768 -3.71 -36.94 38.56
C ASP A 768 -2.44 -37.33 37.80
N LEU A 769 -1.39 -37.68 38.54
CA LEU A 769 -0.13 -38.11 37.92
C LEU A 769 -0.33 -39.41 37.14
N SER A 770 -1.11 -40.33 37.70
CA SER A 770 -1.42 -41.58 37.00
C SER A 770 -2.14 -41.29 35.69
N SER A 771 -3.11 -40.37 35.72
CA SER A 771 -3.74 -39.92 34.48
C SER A 771 -2.70 -39.43 33.47
N LYS A 772 -1.84 -38.51 33.91
CA LYS A 772 -0.88 -37.88 33.01
C LYS A 772 0.03 -38.92 32.36
N LEU A 773 0.54 -39.85 33.15
CA LEU A 773 1.34 -40.92 32.56
C LEU A 773 0.50 -41.80 31.64
N ASN A 774 -0.79 -41.94 31.92
CA ASN A 774 -1.66 -42.74 31.05
C ASN A 774 -1.74 -42.15 29.64
N GLU A 775 -2.00 -40.84 29.53
CA GLU A 775 -2.10 -40.30 28.16
C GLU A 775 -0.74 -40.19 27.50
N SER A 776 0.34 -40.00 28.29
CA SER A 776 1.67 -40.10 27.69
C SER A 776 1.88 -41.47 27.06
N ILE A 777 1.48 -42.52 27.77
CA ILE A 777 1.54 -43.88 27.22
C ILE A 777 0.63 -44.02 26.01
N ASN A 778 -0.51 -43.34 26.01
CA ASN A 778 -1.41 -43.40 24.85
C ASN A 778 -0.73 -42.84 23.59
N LYS A 779 -0.04 -41.71 23.73
CA LYS A 779 0.69 -41.16 22.58
C LYS A 779 1.82 -42.10 22.15
N ALA A 780 2.59 -42.60 23.11
CA ALA A 780 3.64 -43.56 22.79
C ALA A 780 3.07 -44.77 22.07
N MET A 781 1.87 -45.20 22.46
CA MET A 781 1.25 -46.35 21.83
C MET A 781 0.72 -46.03 20.44
N ILE A 782 0.28 -44.80 20.20
CA ILE A 782 -0.04 -44.39 18.83
C ILE A 782 1.18 -44.60 17.94
N ASN A 783 2.34 -44.10 18.39
CA ASN A 783 3.56 -44.26 17.61
C ASN A 783 3.92 -45.72 17.43
N ILE A 784 3.82 -46.51 18.51
CA ILE A 784 4.20 -47.92 18.45
C ILE A 784 3.27 -48.70 17.54
N ASN A 785 1.96 -48.43 17.59
CA ASN A 785 1.01 -49.10 16.70
C ASN A 785 1.35 -48.81 15.25
N LYS A 786 1.56 -47.54 14.91
CA LYS A 786 1.90 -47.21 13.53
C LYS A 786 3.17 -47.94 13.10
N PHE A 787 4.20 -47.90 13.94
CA PHE A 787 5.49 -48.49 13.58
C PHE A 787 5.40 -50.00 13.39
N LEU A 788 4.76 -50.70 14.34
CA LEU A 788 4.69 -52.15 14.26
C LEU A 788 3.77 -52.61 13.14
N ASN A 789 2.68 -51.88 12.89
CA ASN A 789 1.86 -52.19 11.72
C ASN A 789 2.69 -52.08 10.45
N GLN A 790 3.46 -50.98 10.32
CA GLN A 790 4.30 -50.81 9.14
C GLN A 790 5.30 -51.95 9.02
N CYS A 791 5.86 -52.40 10.14
CA CYS A 791 6.82 -53.50 10.11
C CYS A 791 6.17 -54.78 9.60
N SER A 792 4.97 -55.11 10.09
CA SER A 792 4.30 -56.32 9.65
C SER A 792 3.97 -56.25 8.16
N VAL A 793 3.45 -55.11 7.71
CA VAL A 793 3.13 -54.98 6.29
C VAL A 793 4.38 -55.05 5.44
N SER A 794 5.49 -54.46 5.92
CA SER A 794 6.74 -54.51 5.20
C SER A 794 7.26 -55.93 5.07
N TYR A 795 7.17 -56.72 6.15
CA TYR A 795 7.60 -58.10 6.07
C TYR A 795 6.75 -58.88 5.07
N LEU A 796 5.44 -58.66 5.09
CA LEU A 796 4.59 -59.33 4.11
C LEU A 796 4.96 -58.94 2.68
N MET A 797 5.17 -57.64 2.44
CA MET A 797 5.43 -57.15 1.09
C MET A 797 6.78 -57.60 0.56
N ASN A 798 7.80 -57.60 1.41
CA ASN A 798 9.18 -57.76 0.94
C ASN A 798 9.76 -59.15 1.17
N SER A 799 9.35 -59.84 2.23
CA SER A 799 9.99 -61.11 2.59
C SER A 799 9.15 -62.33 2.29
N MET A 800 7.86 -62.18 2.00
CA MET A 800 7.00 -63.33 1.73
C MET A 800 6.33 -63.28 0.37
N ILE A 801 5.77 -62.12 -0.01
CA ILE A 801 5.16 -62.01 -1.35
C ILE A 801 6.13 -62.35 -2.46
N PRO A 802 7.39 -61.88 -2.46
CA PRO A 802 8.27 -62.18 -3.61
C PRO A 802 8.49 -63.65 -3.92
N TYR A 803 8.54 -64.53 -2.91
CA TYR A 803 8.63 -65.95 -3.19
C TYR A 803 7.48 -66.39 -4.09
N GLY A 804 6.26 -66.00 -3.71
CA GLY A 804 5.12 -66.14 -4.57
C GLY A 804 5.41 -65.59 -5.94
N VAL A 805 5.63 -64.27 -6.06
CA VAL A 805 5.73 -63.65 -7.38
C VAL A 805 6.70 -64.41 -8.28
N LYS A 806 7.77 -64.95 -7.69
CA LYS A 806 8.70 -65.78 -8.45
C LYS A 806 8.02 -67.06 -8.96
N ARG A 807 7.38 -67.79 -8.05
CA ARG A 807 6.67 -69.01 -8.46
C ARG A 807 5.60 -68.71 -9.51
N LEU A 808 4.92 -67.59 -9.34
CA LEU A 808 3.85 -67.18 -10.26
C LEU A 808 4.42 -66.86 -11.64
N GLU A 809 5.55 -66.17 -11.70
CA GLU A 809 6.16 -65.88 -13.00
C GLU A 809 6.63 -67.16 -13.68
N ASP A 810 7.16 -68.12 -12.90
CA ASP A 810 7.51 -69.41 -13.47
C ASP A 810 6.28 -70.11 -14.04
N PHE A 811 5.15 -70.05 -13.32
CA PHE A 811 3.91 -70.59 -13.83
C PHE A 811 3.48 -69.90 -15.11
N ASP A 812 3.66 -68.58 -15.18
CA ASP A 812 3.32 -67.85 -16.40
C ASP A 812 4.18 -68.31 -17.57
N ALA A 813 5.47 -68.53 -17.34
CA ALA A 813 6.34 -69.02 -18.41
C ALA A 813 5.90 -70.38 -18.90
N SER A 814 5.61 -71.29 -17.97
CA SER A 814 5.15 -72.63 -18.35
C SER A 814 3.84 -72.56 -19.12
N LEU A 815 2.91 -71.72 -18.66
CA LEU A 815 1.62 -71.58 -19.33
C LEU A 815 1.81 -70.98 -20.72
N LYS A 816 2.72 -70.02 -20.88
CA LYS A 816 2.96 -69.43 -22.18
C LYS A 816 3.49 -70.47 -23.16
N ASP A 817 4.45 -71.29 -22.73
CA ASP A 817 4.97 -72.33 -23.60
C ASP A 817 3.90 -73.34 -23.96
N ALA A 818 3.14 -73.81 -22.96
CA ALA A 818 2.10 -74.80 -23.22
C ALA A 818 1.04 -74.24 -24.16
N LEU A 819 0.63 -72.99 -23.95
CA LEU A 819 -0.36 -72.39 -24.84
C LEU A 819 0.18 -72.26 -26.25
N LEU A 820 1.34 -71.62 -26.42
CA LEU A 820 1.89 -71.44 -27.76
C LEU A 820 1.98 -72.77 -28.50
N LYS A 821 2.36 -73.83 -27.80
CA LYS A 821 2.31 -75.15 -28.43
C LYS A 821 0.89 -75.55 -28.80
N TYR A 822 -0.09 -75.24 -27.92
CA TYR A 822 -1.48 -75.60 -28.20
C TYR A 822 -2.01 -74.86 -29.43
N ILE A 823 -1.64 -73.59 -29.58
CA ILE A 823 -2.09 -72.77 -30.70
C ILE A 823 -1.44 -73.24 -32.00
N TYR A 824 -0.13 -73.55 -31.95
CA TYR A 824 0.53 -74.05 -33.16
C TYR A 824 0.09 -75.47 -33.51
N ASP A 825 -0.45 -76.23 -32.55
CA ASP A 825 -0.98 -77.55 -32.87
C ASP A 825 -2.33 -77.48 -33.56
N ASN A 826 -3.15 -76.50 -33.19
CA ASN A 826 -4.43 -76.25 -33.85
C ASN A 826 -4.31 -75.13 -34.86
N ARG A 827 -3.15 -75.06 -35.54
CA ARG A 827 -2.92 -73.99 -36.49
C ARG A 827 -3.91 -74.04 -37.65
N GLY A 828 -4.30 -75.25 -38.07
CA GLY A 828 -5.33 -75.37 -39.08
C GLY A 828 -6.69 -74.89 -38.58
N THR A 829 -7.05 -75.27 -37.35
CA THR A 829 -8.35 -74.89 -36.81
C THR A 829 -8.45 -73.39 -36.61
N LEU A 830 -7.40 -72.77 -36.07
CA LEU A 830 -7.37 -71.32 -35.83
C LEU A 830 -6.74 -70.60 -37.02
N ILE A 831 -7.30 -70.84 -38.21
CA ILE A 831 -6.66 -70.38 -39.43
C ILE A 831 -6.84 -68.86 -39.56
N GLY A 832 -5.72 -68.14 -39.54
CA GLY A 832 -5.75 -66.69 -39.63
C GLY A 832 -5.60 -66.01 -38.29
N GLN A 833 -6.24 -66.58 -37.27
CA GLN A 833 -6.21 -66.04 -35.91
C GLN A 833 -5.00 -66.53 -35.12
N VAL A 834 -4.02 -67.15 -35.78
CA VAL A 834 -2.81 -67.57 -35.08
C VAL A 834 -2.07 -66.35 -34.54
N ASP A 835 -1.98 -65.29 -35.34
CA ASP A 835 -1.27 -64.09 -34.91
C ASP A 835 -1.98 -63.42 -33.73
N ARG A 836 -3.30 -63.28 -33.82
CA ARG A 836 -4.04 -62.60 -32.76
C ARG A 836 -3.97 -63.37 -31.45
N LEU A 837 -4.15 -64.69 -31.50
CA LEU A 837 -4.06 -65.50 -30.29
C LEU A 837 -2.65 -65.51 -29.73
N LYS A 838 -1.64 -65.58 -30.62
CA LYS A 838 -0.26 -65.48 -30.18
C LYS A 838 -0.01 -64.18 -29.42
N ASP A 839 -0.49 -63.06 -29.98
CA ASP A 839 -0.32 -61.77 -29.32
C ASP A 839 -1.05 -61.74 -27.99
N LYS A 840 -2.28 -62.28 -27.94
CA LYS A 840 -3.02 -62.29 -26.69
C LYS A 840 -2.26 -63.07 -25.61
N VAL A 841 -1.76 -64.24 -25.96
CA VAL A 841 -1.04 -65.07 -24.98
C VAL A 841 0.22 -64.35 -24.52
N ASN A 842 1.03 -63.88 -25.47
CA ASN A 842 2.29 -63.24 -25.13
C ASN A 842 2.09 -62.01 -24.27
N ASN A 843 1.10 -61.18 -24.62
CA ASN A 843 0.89 -59.92 -23.91
C ASN A 843 0.28 -60.16 -22.54
N THR A 844 -0.69 -61.08 -22.42
CA THR A 844 -1.28 -61.35 -21.13
C THR A 844 -0.27 -61.99 -20.17
N LEU A 845 0.53 -62.92 -20.67
CA LEU A 845 1.43 -63.66 -19.79
C LEU A 845 2.75 -62.93 -19.52
N SER A 846 3.08 -61.88 -20.27
CA SER A 846 4.30 -61.14 -20.02
C SER A 846 4.15 -60.11 -18.91
N THR A 847 2.94 -59.89 -18.40
CA THR A 847 2.69 -58.94 -17.34
C THR A 847 2.57 -59.66 -16.00
N ASP A 848 2.56 -58.87 -14.93
CA ASP A 848 2.39 -59.37 -13.57
C ASP A 848 1.12 -58.80 -12.98
N ILE A 849 0.42 -59.62 -12.19
CA ILE A 849 -0.74 -59.17 -11.43
C ILE A 849 -0.21 -58.60 -10.11
N PRO A 850 -0.32 -57.29 -9.89
CA PRO A 850 0.25 -56.72 -8.67
C PRO A 850 -0.53 -57.11 -7.43
N PHE A 851 0.20 -57.33 -6.34
CA PHE A 851 -0.41 -57.66 -5.06
C PHE A 851 -0.90 -56.38 -4.39
N GLN A 852 -2.21 -56.28 -4.19
CA GLN A 852 -2.83 -55.14 -3.53
C GLN A 852 -3.31 -55.57 -2.16
N LEU A 853 -2.81 -54.90 -1.11
CA LEU A 853 -3.15 -55.31 0.24
C LEU A 853 -4.60 -54.96 0.59
N SER A 854 -5.14 -53.88 0.02
CA SER A 854 -6.52 -53.51 0.29
C SER A 854 -7.51 -54.56 -0.21
N LYS A 855 -7.08 -55.45 -1.10
CA LYS A 855 -7.97 -56.45 -1.66
C LYS A 855 -8.25 -57.59 -0.69
N TYR A 856 -7.26 -57.96 0.14
CA TYR A 856 -7.40 -59.12 1.01
C TYR A 856 -7.52 -58.77 2.49
N VAL A 857 -7.20 -57.55 2.88
CA VAL A 857 -7.26 -57.13 4.29
C VAL A 857 -8.13 -55.88 4.37
N ASP A 858 -9.08 -55.89 5.31
CA ASP A 858 -10.02 -54.78 5.44
C ASP A 858 -9.41 -53.56 6.13
N ASN A 859 -8.26 -53.71 6.80
CA ASN A 859 -7.70 -52.61 7.58
C ASN A 859 -7.01 -51.56 6.73
N GLN A 860 -6.43 -51.95 5.60
CA GLN A 860 -5.40 -51.15 4.93
C GLN A 860 -5.92 -50.37 3.73
N ARG A 861 -7.12 -49.80 3.83
CA ARG A 861 -7.59 -48.85 2.83
C ARG A 861 -7.14 -47.44 3.21
N LEU A 862 -6.70 -46.68 2.22
CA LEU A 862 -6.14 -45.35 2.47
C LEU A 862 -7.20 -44.39 3.02
N LEU A 863 -8.42 -44.49 2.49
CA LEU A 863 -9.52 -43.68 2.99
C LEU A 863 -9.72 -43.88 4.48
N SER A 864 -9.54 -45.12 4.96
CA SER A 864 -9.64 -45.37 6.39
C SER A 864 -8.52 -44.69 7.18
N THR A 865 -7.34 -44.52 6.58
CA THR A 865 -6.28 -43.77 7.26
C THR A 865 -6.66 -42.29 7.39
N PHE A 866 -7.18 -41.70 6.30
CA PHE A 866 -7.67 -40.33 6.39
C PHE A 866 -8.76 -40.21 7.45
N THR A 867 -9.68 -41.17 7.47
CA THR A 867 -10.75 -41.18 8.46
C THR A 867 -10.19 -41.29 9.88
N GLU A 868 -9.15 -42.10 10.06
CA GLU A 868 -8.53 -42.22 11.37
C GLU A 868 -7.97 -40.88 11.83
N TYR A 869 -7.30 -40.15 10.93
CA TYR A 869 -6.77 -38.84 11.31
C TYR A 869 -7.90 -37.88 11.72
N ILE A 870 -8.94 -37.80 10.90
CA ILE A 870 -10.03 -36.87 11.19
C ILE A 870 -10.73 -37.26 12.49
N LYS A 871 -10.96 -38.56 12.70
CA LYS A 871 -11.56 -39.02 13.95
C LYS A 871 -10.69 -38.66 15.14
N ASN A 872 -9.37 -38.88 15.02
CA ASN A 872 -8.47 -38.55 16.12
C ASN A 872 -8.60 -37.08 16.51
N ILE A 873 -8.72 -36.20 15.52
CA ILE A 873 -8.95 -34.80 15.84
C ILE A 873 -10.32 -34.62 16.51
N ILE A 874 -11.35 -35.27 15.98
CA ILE A 874 -12.71 -35.08 16.49
C ILE A 874 -12.84 -35.59 17.93
N ASN A 875 -12.30 -36.78 18.21
CA ASN A 875 -12.55 -37.45 19.48
C ASN A 875 -11.83 -36.81 20.65
N THR A 876 -10.98 -35.82 20.41
CA THR A 876 -10.34 -35.06 21.48
C THR A 876 -11.17 -33.87 21.95
N SER A 877 -12.29 -33.58 21.29
CA SER A 877 -13.09 -32.40 21.63
C SER A 877 -14.03 -32.76 22.78
N ILE A 878 -13.79 -32.16 23.95
CA ILE A 878 -14.73 -32.29 25.06
C ILE A 878 -15.86 -31.29 24.99
N LEU A 879 -15.79 -30.31 24.10
CA LEU A 879 -16.91 -29.40 23.87
C LEU A 879 -16.88 -28.94 22.43
N ASN A 880 -18.01 -29.10 21.73
CA ASN A 880 -18.13 -28.72 20.33
C ASN A 880 -19.49 -28.03 20.15
N LEU A 881 -19.47 -26.70 20.10
CA LEU A 881 -20.69 -25.90 20.06
C LEU A 881 -21.07 -25.61 18.61
N ARG A 882 -22.18 -26.18 18.16
CA ARG A 882 -22.64 -25.97 16.79
C ARG A 882 -24.14 -25.73 16.77
N TYR A 883 -24.59 -25.03 15.72
CA TYR A 883 -26.02 -24.73 15.54
C TYR A 883 -26.63 -25.79 14.63
N GLU A 884 -27.48 -26.63 15.20
CA GLU A 884 -28.17 -27.67 14.46
C GLU A 884 -29.68 -27.46 14.55
N SER A 885 -30.38 -27.75 13.45
CA SER A 885 -31.82 -27.57 13.34
C SER A 885 -32.21 -26.14 13.72
N ASN A 886 -32.73 -25.96 14.93
CA ASN A 886 -33.12 -24.63 15.40
C ASN A 886 -32.52 -24.29 16.76
N HIS A 887 -31.46 -24.98 17.17
CA HIS A 887 -30.87 -24.75 18.48
C HIS A 887 -29.35 -24.87 18.40
N LEU A 888 -28.68 -24.14 19.29
CA LEU A 888 -27.24 -24.25 19.46
C LEU A 888 -26.96 -25.31 20.53
N ILE A 889 -26.29 -26.39 20.13
CA ILE A 889 -26.11 -27.55 20.99
C ILE A 889 -24.63 -27.92 21.03
N ASP A 890 -24.32 -28.91 21.86
CA ASP A 890 -22.97 -29.47 22.00
C ASP A 890 -22.92 -30.78 21.24
N LEU A 891 -22.15 -30.79 20.14
CA LEU A 891 -22.05 -31.99 19.32
C LEU A 891 -21.10 -33.03 19.88
N SER A 892 -20.38 -32.73 20.96
CA SER A 892 -19.53 -33.73 21.57
C SER A 892 -20.36 -34.84 22.20
N ARG A 893 -19.73 -35.99 22.41
CA ARG A 893 -20.43 -37.12 23.01
C ARG A 893 -20.86 -36.84 24.44
N TYR A 894 -20.25 -35.85 25.09
CA TYR A 894 -20.66 -35.51 26.45
C TYR A 894 -22.00 -34.79 26.45
N ALA A 895 -22.26 -33.95 25.45
CA ALA A 895 -23.53 -33.25 25.29
C ALA A 895 -23.86 -32.40 26.53
N SER A 896 -23.03 -31.40 26.75
CA SER A 896 -23.24 -30.46 27.84
C SER A 896 -24.53 -29.66 27.62
N LYS A 897 -24.95 -28.92 28.64
CA LYS A 897 -26.18 -28.15 28.57
C LYS A 897 -25.87 -26.74 28.05
N ILE A 898 -26.76 -26.22 27.21
CA ILE A 898 -26.59 -24.89 26.62
C ILE A 898 -27.80 -24.04 27.00
N ASN A 899 -27.53 -22.91 27.66
CA ASN A 899 -28.54 -21.91 27.98
C ASN A 899 -28.30 -20.69 27.10
N ILE A 900 -29.26 -20.38 26.24
CA ILE A 900 -29.16 -19.28 25.30
C ILE A 900 -29.95 -18.10 25.86
N GLY A 901 -29.33 -16.93 25.91
CA GLY A 901 -29.99 -15.74 26.41
C GLY A 901 -31.04 -15.22 25.46
N SER A 902 -31.86 -14.31 25.99
CA SER A 902 -32.97 -13.77 25.20
C SER A 902 -32.50 -12.84 24.11
N LYS A 903 -31.34 -12.19 24.29
CA LYS A 903 -30.84 -11.23 23.32
C LYS A 903 -29.62 -11.73 22.57
N VAL A 904 -29.46 -13.05 22.46
CA VAL A 904 -28.41 -13.64 21.63
C VAL A 904 -28.89 -13.63 20.18
N ASN A 905 -28.11 -12.99 19.31
CA ASN A 905 -28.50 -12.82 17.92
C ASN A 905 -27.74 -13.80 17.04
N PHE A 906 -28.48 -14.59 16.28
CA PHE A 906 -27.89 -15.52 15.30
C PHE A 906 -28.06 -14.95 13.90
N ASP A 907 -27.03 -15.10 13.09
CA ASP A 907 -27.06 -14.59 11.73
C ASP A 907 -28.08 -15.38 10.92
N PRO A 908 -29.08 -14.72 10.31
CA PRO A 908 -30.07 -15.48 9.53
C PRO A 908 -29.48 -16.25 8.37
N ILE A 909 -28.38 -15.77 7.79
CA ILE A 909 -27.77 -16.45 6.64
C ILE A 909 -26.95 -17.64 7.10
N ASP A 910 -26.08 -17.44 8.09
CA ASP A 910 -25.29 -18.51 8.70
C ASP A 910 -25.56 -18.49 10.20
N LYS A 911 -26.50 -19.34 10.65
CA LYS A 911 -26.91 -19.35 12.04
C LYS A 911 -25.80 -19.77 12.99
N ASN A 912 -24.71 -20.34 12.49
CA ASN A 912 -23.56 -20.62 13.34
C ASN A 912 -22.90 -19.35 13.84
N GLN A 913 -23.01 -18.26 13.09
CA GLN A 913 -22.41 -16.99 13.48
C GLN A 913 -23.27 -16.34 14.56
N ILE A 914 -22.70 -16.19 15.75
CA ILE A 914 -23.41 -15.72 16.93
C ILE A 914 -22.93 -14.30 17.25
N GLN A 915 -23.87 -13.40 17.50
CA GLN A 915 -23.55 -12.03 17.87
C GLN A 915 -23.87 -11.81 19.34
N LEU A 916 -22.89 -11.32 20.09
CA LEU A 916 -23.06 -11.02 21.51
C LEU A 916 -22.87 -9.52 21.72
N PHE A 917 -23.88 -8.87 22.30
CA PHE A 917 -23.84 -7.46 22.60
C PHE A 917 -23.43 -7.22 24.05
N ASN A 918 -23.26 -5.95 24.40
CA ASN A 918 -22.93 -5.58 25.76
C ASN A 918 -24.20 -5.44 26.61
N LEU A 919 -25.01 -6.49 26.60
CA LEU A 919 -26.25 -6.55 27.37
C LEU A 919 -26.24 -7.81 28.23
N GLU A 920 -26.88 -7.73 29.39
CA GLU A 920 -26.87 -8.86 30.32
C GLU A 920 -27.64 -10.05 29.76
N SER A 921 -28.62 -9.81 28.90
CA SER A 921 -29.41 -10.90 28.33
C SER A 921 -28.79 -11.49 27.05
N SER A 922 -27.71 -10.88 26.55
CA SER A 922 -27.00 -11.41 25.40
C SER A 922 -25.83 -12.25 25.92
N LYS A 923 -26.13 -13.50 26.25
CA LYS A 923 -25.17 -14.37 26.90
C LYS A 923 -25.47 -15.82 26.55
N ILE A 924 -24.42 -16.64 26.55
CA ILE A 924 -24.54 -18.08 26.30
C ILE A 924 -23.80 -18.82 27.41
N GLU A 925 -24.49 -19.71 28.10
CA GLU A 925 -23.91 -20.46 29.20
C GLU A 925 -23.81 -21.94 28.81
N VAL A 926 -22.66 -22.55 29.09
CA VAL A 926 -22.47 -23.98 28.88
C VAL A 926 -22.28 -24.61 30.24
N ILE A 927 -23.24 -25.42 30.65
CA ILE A 927 -23.11 -26.25 31.85
C ILE A 927 -22.37 -27.51 31.44
N LEU A 928 -21.13 -27.65 31.90
CA LEU A 928 -20.30 -28.79 31.57
C LEU A 928 -20.63 -29.98 32.47
N LYS A 929 -20.39 -31.17 31.94
CA LYS A 929 -20.51 -32.38 32.75
C LYS A 929 -19.45 -32.38 33.84
N ASN A 930 -19.78 -33.01 34.97
CA ASN A 930 -18.86 -33.03 36.10
C ASN A 930 -17.56 -33.77 35.80
N ALA A 931 -17.55 -34.60 34.77
CA ALA A 931 -16.37 -35.39 34.42
C ALA A 931 -15.48 -34.70 33.40
N ILE A 932 -15.86 -33.52 32.91
CA ILE A 932 -15.06 -32.79 31.94
C ILE A 932 -14.67 -31.40 32.42
N VAL A 933 -15.00 -31.03 33.66
CA VAL A 933 -14.52 -29.77 34.22
C VAL A 933 -13.06 -29.94 34.60
N TYR A 934 -12.27 -28.89 34.38
CA TYR A 934 -10.82 -28.99 34.54
C TYR A 934 -10.44 -28.81 36.01
N ASN A 935 -9.78 -29.81 36.58
CA ASN A 935 -9.18 -29.69 37.90
C ASN A 935 -7.97 -30.63 37.93
N SER A 936 -6.80 -30.07 37.67
CA SER A 936 -5.57 -30.85 37.52
C SER A 936 -4.38 -29.90 37.58
N MET A 937 -3.17 -30.47 37.56
CA MET A 937 -1.95 -29.70 37.43
C MET A 937 -1.11 -30.13 36.23
N TYR A 938 -1.51 -31.18 35.52
CA TYR A 938 -0.68 -31.80 34.48
C TYR A 938 -1.39 -31.98 33.15
N GLU A 939 -2.72 -31.89 33.10
CA GLU A 939 -3.48 -32.23 31.91
C GLU A 939 -3.46 -31.06 30.94
N ASN A 940 -2.83 -31.25 29.77
CA ASN A 940 -2.81 -30.24 28.74
C ASN A 940 -4.19 -30.13 28.08
N PHE A 941 -4.50 -28.95 27.55
CA PHE A 941 -5.80 -28.77 26.90
C PHE A 941 -5.73 -27.59 25.95
N SER A 942 -6.67 -27.56 25.01
CA SER A 942 -6.64 -26.54 23.96
C SER A 942 -8.05 -26.01 23.70
N THR A 943 -8.11 -24.86 23.03
CA THR A 943 -9.37 -24.27 22.63
C THR A 943 -9.20 -23.60 21.26
N SER A 944 -10.30 -23.49 20.53
CA SER A 944 -10.27 -22.86 19.22
C SER A 944 -11.63 -22.27 18.91
N PHE A 945 -11.63 -21.14 18.20
CA PHE A 945 -12.89 -20.49 17.82
C PHE A 945 -12.62 -19.40 16.80
N TRP A 946 -13.66 -19.06 16.04
CA TRP A 946 -13.59 -17.94 15.10
C TRP A 946 -14.27 -16.73 15.72
N ILE A 947 -13.55 -15.61 15.79
CA ILE A 947 -14.06 -14.40 16.41
C ILE A 947 -13.92 -13.25 15.44
N ARG A 948 -14.92 -12.37 15.41
CA ARG A 948 -14.90 -11.15 14.62
C ARG A 948 -15.07 -9.99 15.59
N ILE A 949 -14.00 -9.23 15.78
CA ILE A 949 -13.96 -8.10 16.70
C ILE A 949 -14.09 -6.82 15.88
N PRO A 950 -15.12 -6.00 16.10
CA PRO A 950 -15.23 -4.74 15.35
C PRO A 950 -14.12 -3.79 15.72
N LYS A 951 -13.91 -2.81 14.84
CA LYS A 951 -12.95 -1.75 15.12
C LYS A 951 -13.38 -0.97 16.35
N TYR A 952 -12.39 -0.50 17.11
CA TYR A 952 -12.66 0.35 18.25
C TYR A 952 -12.71 1.80 17.80
N PHE A 953 -13.76 2.51 18.22
CA PHE A 953 -14.00 3.89 17.80
C PHE A 953 -13.80 4.90 18.92
N ASN A 954 -14.16 4.56 20.16
CA ASN A 954 -14.09 5.47 21.28
C ASN A 954 -12.77 5.29 22.04
N SER A 955 -12.33 6.37 22.68
CA SER A 955 -11.17 6.32 23.57
C SER A 955 -11.48 5.64 24.89
N ILE A 956 -12.75 5.41 25.21
CA ILE A 956 -13.10 4.68 26.42
C ILE A 956 -12.68 3.22 26.32
N SER A 957 -12.50 2.71 25.10
CA SER A 957 -12.00 1.35 24.92
C SER A 957 -10.51 1.26 25.21
N LEU A 958 -9.79 2.38 25.23
CA LEU A 958 -8.38 2.36 25.55
C LEU A 958 -8.18 1.92 27.00
N ASN A 959 -7.33 0.92 27.20
CA ASN A 959 -7.05 0.37 28.52
C ASN A 959 -8.33 -0.04 29.25
N ASN A 960 -9.17 -0.81 28.55
CA ASN A 960 -10.40 -1.36 29.11
C ASN A 960 -10.47 -2.83 28.74
N GLU A 961 -9.94 -3.68 29.63
CA GLU A 961 -10.00 -5.12 29.42
C GLU A 961 -11.36 -5.65 29.86
N TYR A 962 -12.01 -6.40 28.98
CA TYR A 962 -13.31 -6.99 29.27
C TYR A 962 -13.31 -8.45 28.83
N THR A 963 -13.77 -9.32 29.72
CA THR A 963 -13.82 -10.74 29.42
C THR A 963 -15.01 -11.06 28.52
N ILE A 964 -14.79 -11.96 27.56
CA ILE A 964 -15.86 -12.46 26.72
C ILE A 964 -16.17 -13.92 27.03
N ILE A 965 -15.16 -14.76 27.22
CA ILE A 965 -15.35 -16.16 27.56
C ILE A 965 -14.81 -16.36 28.97
N ASN A 966 -15.64 -16.90 29.86
CA ASN A 966 -15.29 -16.98 31.28
C ASN A 966 -15.42 -18.42 31.76
N CYS A 967 -14.34 -18.95 32.32
CA CYS A 967 -14.31 -20.24 32.99
C CYS A 967 -13.48 -20.10 34.26
N MET A 968 -13.84 -19.11 35.08
CA MET A 968 -13.16 -18.82 36.33
C MET A 968 -14.06 -19.21 37.50
N GLU A 969 -13.45 -19.78 38.54
CA GLU A 969 -14.15 -20.16 39.76
C GLU A 969 -13.23 -19.89 40.94
N ASN A 970 -13.59 -18.91 41.76
CA ASN A 970 -12.78 -18.50 42.91
C ASN A 970 -11.35 -18.18 42.49
N ASN A 971 -11.22 -17.39 41.43
CA ASN A 971 -9.92 -16.96 40.91
C ASN A 971 -9.06 -18.15 40.51
N SER A 972 -9.67 -19.11 39.82
CA SER A 972 -8.95 -20.28 39.31
C SER A 972 -9.67 -20.80 38.08
N GLY A 973 -8.91 -21.05 37.02
CA GLY A 973 -9.46 -21.46 35.75
C GLY A 973 -8.86 -20.70 34.58
N TRP A 974 -9.68 -20.43 33.56
CA TRP A 974 -9.19 -19.75 32.37
C TRP A 974 -10.25 -18.80 31.82
N LYS A 975 -9.79 -17.70 31.23
CA LYS A 975 -10.69 -16.74 30.62
C LYS A 975 -10.08 -16.18 29.34
N VAL A 976 -10.96 -15.88 28.39
CA VAL A 976 -10.62 -15.16 27.17
C VAL A 976 -11.21 -13.77 27.28
N SER A 977 -10.36 -12.76 27.28
CA SER A 977 -10.75 -11.37 27.41
C SER A 977 -10.25 -10.56 26.22
N LEU A 978 -10.81 -9.37 26.07
CA LEU A 978 -10.48 -8.50 24.96
C LEU A 978 -10.08 -7.12 25.46
N ASN A 979 -9.25 -6.43 24.69
CA ASN A 979 -8.85 -5.07 24.98
C ASN A 979 -8.56 -4.37 23.65
N TYR A 980 -8.10 -3.12 23.73
CA TYR A 980 -7.85 -2.34 22.52
C TYR A 980 -6.77 -3.03 21.70
N GLY A 981 -7.18 -3.66 20.61
CA GLY A 981 -6.25 -4.44 19.79
C GLY A 981 -5.57 -5.55 20.54
N GLU A 982 -6.28 -6.21 21.46
CA GLU A 982 -5.69 -7.27 22.27
C GLU A 982 -6.67 -8.42 22.45
N ILE A 983 -6.22 -9.62 22.12
CA ILE A 983 -6.91 -10.86 22.49
C ILE A 983 -6.08 -11.53 23.58
N ILE A 984 -6.66 -11.68 24.78
CA ILE A 984 -5.91 -12.06 25.97
C ILE A 984 -6.44 -13.40 26.47
N TRP A 985 -5.52 -14.34 26.71
CA TRP A 985 -5.83 -15.61 27.35
C TRP A 985 -5.21 -15.58 28.74
N THR A 986 -6.01 -15.90 29.76
CA THR A 986 -5.58 -15.81 31.15
C THR A 986 -5.80 -17.15 31.84
N LEU A 987 -4.73 -17.72 32.37
CA LEU A 987 -4.76 -18.93 33.19
C LEU A 987 -4.45 -18.55 34.63
N GLN A 988 -5.11 -19.19 35.58
CA GLN A 988 -4.83 -18.88 36.98
C GLN A 988 -5.08 -20.12 37.84
N ASP A 989 -4.11 -20.48 38.68
CA ASP A 989 -4.24 -21.66 39.51
C ASP A 989 -5.03 -21.33 40.77
N THR A 990 -5.11 -22.30 41.70
CA THR A 990 -5.81 -22.07 42.96
C THR A 990 -5.00 -21.19 43.91
N GLN A 991 -3.71 -21.03 43.66
CA GLN A 991 -2.84 -20.19 44.47
C GLN A 991 -2.79 -18.76 43.99
N GLU A 992 -3.68 -18.36 43.07
CA GLU A 992 -3.72 -17.04 42.48
C GLU A 992 -2.43 -16.68 41.75
N ILE A 993 -1.68 -17.68 41.33
CA ILE A 993 -0.57 -17.47 40.40
C ILE A 993 -1.16 -17.54 39.00
N LYS A 994 -1.02 -16.47 38.23
CA LYS A 994 -1.68 -16.37 36.93
C LYS A 994 -0.69 -16.01 35.84
N GLN A 995 -0.98 -16.47 34.64
CA GLN A 995 -0.19 -16.20 33.45
C GLN A 995 -1.10 -15.77 32.32
N ARG A 996 -0.67 -14.76 31.57
CA ARG A 996 -1.46 -14.22 30.48
C ARG A 996 -0.65 -14.25 29.18
N VAL A 997 -1.29 -14.67 28.10
CA VAL A 997 -0.71 -14.58 26.77
C VAL A 997 -1.61 -13.68 25.94
N VAL A 998 -1.01 -12.98 24.98
CA VAL A 998 -1.71 -11.95 24.23
C VAL A 998 -1.38 -12.05 22.75
N PHE A 999 -2.36 -11.70 21.93
CA PHE A 999 -2.15 -11.40 20.53
C PHE A 999 -2.54 -9.94 20.32
N LYS A 1000 -1.60 -9.14 19.82
CA LYS A 1000 -1.83 -7.72 19.61
C LYS A 1000 -1.87 -7.40 18.12
N TYR A 1001 -2.94 -6.72 17.71
CA TYR A 1001 -3.07 -6.20 16.36
C TYR A 1001 -3.30 -4.71 16.42
N SER A 1002 -2.59 -3.96 15.56
CA SER A 1002 -2.64 -2.52 15.60
C SER A 1002 -3.77 -1.97 14.73
N GLN A 1003 -4.36 -0.88 15.17
CA GLN A 1003 -5.34 -0.15 14.38
C GLN A 1003 -4.72 0.99 13.57
N MET A 1004 -3.41 1.19 13.69
CA MET A 1004 -2.69 2.19 12.89
C MET A 1004 -2.00 1.44 11.75
N ILE A 1005 -2.78 1.13 10.72
CA ILE A 1005 -2.28 0.34 9.59
C ILE A 1005 -3.20 0.62 8.40
N ASN A 1006 -2.62 0.59 7.20
CA ASN A 1006 -3.39 0.85 5.99
C ASN A 1006 -4.55 -0.13 5.85
N ILE A 1007 -4.24 -1.41 5.69
CA ILE A 1007 -5.23 -2.47 5.58
C ILE A 1007 -4.88 -3.57 6.56
N SER A 1008 -5.83 -3.94 7.41
CA SER A 1008 -5.60 -4.89 8.49
C SER A 1008 -6.30 -6.21 8.19
N ASP A 1009 -5.61 -7.31 8.52
CA ASP A 1009 -6.17 -8.65 8.37
C ASP A 1009 -7.01 -9.08 9.57
N TYR A 1010 -7.15 -8.22 10.58
CA TYR A 1010 -7.78 -8.63 11.83
C TYR A 1010 -8.94 -7.71 12.22
N ILE A 1011 -8.87 -6.44 11.83
CA ILE A 1011 -9.88 -5.48 12.25
C ILE A 1011 -11.19 -5.80 11.53
N ASN A 1012 -12.22 -6.16 12.30
CA ASN A 1012 -13.56 -6.46 11.81
C ASN A 1012 -13.58 -7.65 10.84
N ARG A 1013 -12.55 -8.48 10.87
CA ARG A 1013 -12.47 -9.66 10.01
C ARG A 1013 -12.48 -10.91 10.89
N TRP A 1014 -12.98 -12.01 10.32
CA TRP A 1014 -13.03 -13.28 11.04
C TRP A 1014 -11.62 -13.81 11.28
N ILE A 1015 -11.32 -14.13 12.53
CA ILE A 1015 -9.99 -14.56 12.96
C ILE A 1015 -10.13 -15.91 13.63
N PHE A 1016 -9.32 -16.87 13.23
CA PHE A 1016 -9.31 -18.20 13.82
C PHE A 1016 -8.28 -18.24 14.94
N VAL A 1017 -8.76 -18.24 16.18
CA VAL A 1017 -7.92 -18.20 17.37
C VAL A 1017 -7.79 -19.61 17.91
N THR A 1018 -6.57 -19.98 18.30
CA THR A 1018 -6.30 -21.28 18.90
C THR A 1018 -5.34 -21.12 20.05
N ILE A 1019 -5.71 -21.61 21.23
CA ILE A 1019 -4.85 -21.55 22.41
C ILE A 1019 -4.56 -22.95 22.89
N THR A 1020 -3.29 -23.32 22.95
CA THR A 1020 -2.87 -24.61 23.46
C THR A 1020 -2.16 -24.41 24.80
N ASN A 1021 -2.39 -25.32 25.74
CA ASN A 1021 -1.83 -25.22 27.08
C ASN A 1021 -1.17 -26.53 27.42
N ASN A 1022 0.17 -26.54 27.39
CA ASN A 1022 0.98 -27.65 27.87
C ASN A 1022 1.36 -27.31 29.31
N ARG A 1023 0.88 -28.12 30.25
CA ARG A 1023 1.10 -27.85 31.67
C ARG A 1023 2.56 -27.97 32.07
N LEU A 1024 3.40 -28.54 31.22
CA LEU A 1024 4.81 -28.70 31.53
C LEU A 1024 5.71 -27.68 30.83
N ASN A 1025 5.30 -27.17 29.67
CA ASN A 1025 6.18 -26.28 28.91
C ASN A 1025 5.64 -24.87 28.77
N ASN A 1026 4.51 -24.67 28.08
CA ASN A 1026 4.15 -23.33 27.63
C ASN A 1026 2.66 -23.29 27.30
N SER A 1027 2.11 -22.08 27.35
CA SER A 1027 0.81 -21.77 26.77
C SER A 1027 1.05 -20.94 25.52
N LYS A 1028 0.56 -21.43 24.38
CA LYS A 1028 0.79 -20.83 23.08
C LYS A 1028 -0.52 -20.33 22.49
N ILE A 1029 -0.47 -19.16 21.86
CA ILE A 1029 -1.61 -18.58 21.16
C ILE A 1029 -1.26 -18.46 19.68
N TYR A 1030 -2.14 -19.01 18.84
CA TYR A 1030 -2.04 -19.03 17.39
C TYR A 1030 -3.19 -18.23 16.80
N ILE A 1031 -2.90 -17.48 15.73
CA ILE A 1031 -3.90 -16.72 15.00
C ILE A 1031 -3.88 -17.21 13.55
N ASN A 1032 -5.04 -17.64 13.05
CA ASN A 1032 -5.20 -18.11 11.67
C ASN A 1032 -4.22 -19.23 11.35
N GLY A 1033 -3.95 -20.09 12.33
CA GLY A 1033 -3.12 -21.25 12.14
C GLY A 1033 -1.63 -21.02 12.26
N ARG A 1034 -1.19 -19.81 12.63
CA ARG A 1034 0.21 -19.48 12.76
C ARG A 1034 0.51 -19.14 14.21
N LEU A 1035 1.60 -19.69 14.75
CA LEU A 1035 2.00 -19.39 16.12
C LEU A 1035 2.28 -17.90 16.27
N ILE A 1036 1.70 -17.30 17.31
CA ILE A 1036 1.81 -15.87 17.55
C ILE A 1036 2.61 -15.58 18.81
N ASP A 1037 2.27 -16.23 19.93
CA ASP A 1037 3.01 -15.95 21.15
C ASP A 1037 2.96 -17.16 22.07
N GLN A 1038 3.83 -17.15 23.08
CA GLN A 1038 3.86 -18.21 24.07
C GLN A 1038 4.41 -17.67 25.38
N LYS A 1039 3.93 -18.24 26.49
CA LYS A 1039 4.39 -17.89 27.83
C LYS A 1039 4.56 -19.15 28.67
N PRO A 1040 5.60 -19.23 29.49
CA PRO A 1040 5.82 -20.44 30.31
C PRO A 1040 4.81 -20.51 31.45
N ILE A 1041 4.03 -21.59 31.48
CA ILE A 1041 3.07 -21.85 32.53
C ILE A 1041 3.50 -23.00 33.43
N SER A 1042 4.74 -23.46 33.31
CA SER A 1042 5.23 -24.56 34.12
C SER A 1042 5.28 -24.23 35.60
N ASN A 1043 5.28 -22.95 35.95
CA ASN A 1043 5.32 -22.53 37.35
C ASN A 1043 3.92 -22.44 37.98
N LEU A 1044 2.87 -22.81 37.23
CA LEU A 1044 1.51 -22.82 37.76
C LEU A 1044 1.23 -24.12 38.52
N GLY A 1045 0.48 -23.99 39.61
CA GLY A 1045 0.12 -25.15 40.41
C GLY A 1045 -1.15 -25.84 39.95
N ASN A 1046 -2.08 -26.07 40.88
CA ASN A 1046 -3.33 -26.74 40.57
C ASN A 1046 -4.37 -25.71 40.11
N ILE A 1047 -5.02 -25.99 38.99
CA ILE A 1047 -6.02 -25.11 38.40
C ILE A 1047 -7.37 -25.80 38.50
N HIS A 1048 -8.36 -25.10 39.05
CA HIS A 1048 -9.72 -25.61 39.19
C HIS A 1048 -10.64 -24.71 38.36
N ALA A 1049 -10.97 -25.16 37.16
CA ALA A 1049 -11.80 -24.37 36.26
C ALA A 1049 -13.25 -24.33 36.77
N SER A 1050 -14.10 -23.67 35.99
CA SER A 1050 -15.49 -23.49 36.36
C SER A 1050 -16.35 -24.65 35.86
N ASN A 1051 -17.43 -24.92 36.58
CA ASN A 1051 -18.41 -25.92 36.15
C ASN A 1051 -19.17 -25.47 34.91
N ASN A 1052 -19.08 -24.19 34.55
CA ASN A 1052 -19.75 -23.65 33.39
C ASN A 1052 -18.82 -22.70 32.65
N ILE A 1053 -19.06 -22.57 31.35
CA ILE A 1053 -18.34 -21.63 30.50
C ILE A 1053 -19.30 -20.53 30.10
N MET A 1054 -18.90 -19.29 30.32
CA MET A 1054 -19.77 -18.13 30.13
C MET A 1054 -19.28 -17.31 28.94
N PHE A 1055 -20.15 -17.12 27.96
CA PHE A 1055 -19.89 -16.26 26.81
C PHE A 1055 -20.76 -15.02 26.99
N LYS A 1056 -20.12 -13.90 27.36
CA LYS A 1056 -20.81 -12.64 27.56
C LYS A 1056 -19.77 -11.55 27.77
N LEU A 1057 -20.03 -10.36 27.23
CA LEU A 1057 -19.15 -9.22 27.45
C LEU A 1057 -19.26 -8.78 28.90
N ASP A 1058 -18.20 -9.01 29.68
CA ASP A 1058 -18.18 -8.73 31.11
C ASP A 1058 -17.20 -7.60 31.37
N GLY A 1059 -17.70 -6.49 31.93
CA GLY A 1059 -16.86 -5.36 32.25
C GLY A 1059 -16.54 -4.44 31.10
N CYS A 1060 -17.23 -4.56 29.97
CA CYS A 1060 -16.96 -3.72 28.82
C CYS A 1060 -17.63 -2.37 29.01
N ARG A 1061 -16.81 -1.31 29.06
CA ARG A 1061 -17.33 0.04 29.28
C ARG A 1061 -17.85 0.70 28.01
N ASP A 1062 -17.57 0.13 26.84
CA ASP A 1062 -18.17 0.63 25.60
C ASP A 1062 -19.57 0.04 25.47
N THR A 1063 -20.58 0.90 25.58
CA THR A 1063 -21.96 0.42 25.63
C THR A 1063 -22.41 -0.19 24.31
N HIS A 1064 -21.89 0.29 23.18
CA HIS A 1064 -22.28 -0.21 21.88
C HIS A 1064 -21.39 -1.33 21.37
N ARG A 1065 -20.45 -1.80 22.19
CA ARG A 1065 -19.53 -2.84 21.75
C ARG A 1065 -20.24 -4.19 21.62
N TYR A 1066 -19.83 -4.96 20.61
CA TYR A 1066 -20.33 -6.32 20.42
C TYR A 1066 -19.19 -7.16 19.85
N ILE A 1067 -19.42 -8.47 19.79
CA ILE A 1067 -18.51 -9.39 19.11
C ILE A 1067 -19.32 -10.38 18.28
N TRP A 1068 -18.65 -10.96 17.29
CA TRP A 1068 -19.16 -12.13 16.57
C TRP A 1068 -18.29 -13.33 16.91
N ILE A 1069 -18.89 -14.51 17.00
CA ILE A 1069 -18.14 -15.71 17.36
C ILE A 1069 -18.86 -16.92 16.79
N LYS A 1070 -18.07 -17.92 16.39
CA LYS A 1070 -18.62 -19.17 15.87
C LYS A 1070 -17.60 -20.28 16.06
N TYR A 1071 -18.11 -21.51 15.97
CA TYR A 1071 -17.31 -22.73 15.95
C TYR A 1071 -16.37 -22.82 17.17
N PHE A 1072 -16.95 -22.61 18.35
CA PHE A 1072 -16.17 -22.78 19.56
C PHE A 1072 -15.91 -24.27 19.83
N ASN A 1073 -14.71 -24.56 20.32
CA ASN A 1073 -14.29 -25.93 20.56
C ASN A 1073 -13.30 -25.97 21.70
N LEU A 1074 -13.48 -26.94 22.58
CA LEU A 1074 -12.60 -27.17 23.72
C LEU A 1074 -12.12 -28.61 23.66
N PHE A 1075 -10.80 -28.78 23.54
CA PHE A 1075 -10.12 -30.06 23.37
C PHE A 1075 -9.32 -30.42 24.61
N ASP A 1076 -9.16 -31.72 24.83
CA ASP A 1076 -8.52 -32.26 26.02
C ASP A 1076 -7.03 -32.55 25.81
N LYS A 1077 -6.40 -31.93 24.81
CA LYS A 1077 -4.99 -32.18 24.56
C LYS A 1077 -4.36 -30.96 23.91
N GLU A 1078 -3.03 -30.94 23.92
CA GLU A 1078 -2.28 -29.85 23.29
C GLU A 1078 -2.14 -30.13 21.79
N LEU A 1079 -2.70 -29.24 20.97
CA LEU A 1079 -2.62 -29.39 19.53
C LEU A 1079 -1.28 -28.90 19.01
N ASN A 1080 -0.69 -29.66 18.09
CA ASN A 1080 0.52 -29.23 17.42
C ASN A 1080 0.19 -28.35 16.22
N GLU A 1081 1.23 -27.80 15.60
CA GLU A 1081 1.04 -26.84 14.51
C GLU A 1081 0.28 -27.45 13.35
N LYS A 1082 0.62 -28.69 12.99
CA LYS A 1082 -0.05 -29.35 11.88
C LYS A 1082 -1.55 -29.47 12.13
N GLU A 1083 -1.93 -29.91 13.34
CA GLU A 1083 -3.34 -30.07 13.67
C GLU A 1083 -4.08 -28.75 13.63
N ILE A 1084 -3.46 -27.68 14.11
CA ILE A 1084 -4.10 -26.37 14.09
C ILE A 1084 -4.31 -25.90 12.65
N LYS A 1085 -3.32 -26.15 11.79
CA LYS A 1085 -3.49 -25.80 10.38
C LYS A 1085 -4.62 -26.60 9.74
N ASP A 1086 -4.72 -27.89 10.08
CA ASP A 1086 -5.81 -28.70 9.54
C ASP A 1086 -7.16 -28.16 10.00
N LEU A 1087 -7.27 -27.79 11.27
CA LEU A 1087 -8.51 -27.20 11.76
C LEU A 1087 -8.85 -25.92 11.03
N TYR A 1088 -7.84 -25.06 10.84
CA TYR A 1088 -8.07 -23.77 10.17
C TYR A 1088 -8.57 -23.97 8.75
N ASP A 1089 -7.97 -24.91 8.01
CA ASP A 1089 -8.40 -25.15 6.63
C ASP A 1089 -9.72 -25.92 6.58
N ASN A 1090 -9.98 -26.79 7.55
CA ASN A 1090 -11.25 -27.52 7.61
C ASN A 1090 -12.41 -26.57 7.81
N GLN A 1091 -12.33 -25.70 8.80
CA GLN A 1091 -13.44 -24.84 9.18
C GLN A 1091 -13.61 -23.64 8.26
N SER A 1092 -12.98 -23.65 7.09
CA SER A 1092 -13.03 -22.51 6.18
C SER A 1092 -14.27 -22.50 5.28
N ASN A 1093 -15.07 -23.56 5.28
CA ASN A 1093 -16.23 -23.69 4.39
C ASN A 1093 -15.83 -23.41 2.94
N SER A 1094 -14.83 -24.16 2.46
CA SER A 1094 -14.16 -23.86 1.21
C SER A 1094 -15.07 -23.91 -0.01
N GLY A 1095 -16.28 -24.43 0.13
CA GLY A 1095 -17.20 -24.46 -1.01
C GLY A 1095 -17.98 -23.19 -1.26
N ILE A 1096 -17.77 -22.15 -0.46
CA ILE A 1096 -18.58 -20.93 -0.53
C ILE A 1096 -17.65 -19.73 -0.58
N LEU A 1097 -17.95 -18.79 -1.49
CA LEU A 1097 -17.20 -17.55 -1.58
C LEU A 1097 -17.46 -16.68 -0.36
N LYS A 1098 -16.48 -15.83 -0.04
CA LYS A 1098 -16.55 -14.97 1.13
C LYS A 1098 -16.27 -13.52 0.74
N ASP A 1099 -16.84 -12.60 1.50
CA ASP A 1099 -16.55 -11.18 1.34
C ASP A 1099 -15.33 -10.81 2.17
N PHE A 1100 -14.97 -9.52 2.16
CA PHE A 1100 -13.74 -9.08 2.80
C PHE A 1100 -13.74 -9.37 4.30
N TRP A 1101 -14.88 -9.18 4.96
CA TRP A 1101 -14.96 -9.39 6.40
C TRP A 1101 -14.98 -10.86 6.79
N GLY A 1102 -15.19 -11.77 5.83
CA GLY A 1102 -15.22 -13.19 6.10
C GLY A 1102 -16.60 -13.82 6.06
N ASP A 1103 -17.66 -13.02 5.95
CA ASP A 1103 -19.00 -13.57 5.88
C ASP A 1103 -19.25 -14.17 4.50
N TYR A 1104 -20.47 -14.65 4.29
CA TYR A 1104 -20.82 -15.31 3.05
C TYR A 1104 -21.05 -14.29 1.95
N LEU A 1105 -20.44 -14.51 0.79
CA LEU A 1105 -20.67 -13.64 -0.35
C LEU A 1105 -22.09 -13.83 -0.86
N GLN A 1106 -22.80 -12.72 -1.06
CA GLN A 1106 -24.23 -12.76 -1.31
C GLN A 1106 -24.56 -12.10 -2.64
N TYR A 1107 -25.66 -12.55 -3.25
CA TYR A 1107 -26.23 -11.89 -4.41
C TYR A 1107 -26.94 -10.61 -3.98
N ASP A 1108 -27.10 -9.70 -4.94
CA ASP A 1108 -27.86 -8.46 -4.76
C ASP A 1108 -27.34 -7.63 -3.59
N LYS A 1109 -26.03 -7.63 -3.38
CA LYS A 1109 -25.42 -6.87 -2.30
C LYS A 1109 -24.31 -5.99 -2.87
N PRO A 1110 -24.30 -4.69 -2.57
CA PRO A 1110 -23.26 -3.82 -3.11
C PRO A 1110 -21.94 -4.01 -2.38
N TYR A 1111 -20.86 -4.16 -3.14
CA TYR A 1111 -19.52 -4.39 -2.61
C TYR A 1111 -18.55 -3.41 -3.26
N TYR A 1112 -17.87 -2.60 -2.45
CA TYR A 1112 -16.70 -1.90 -2.95
C TYR A 1112 -15.61 -2.91 -3.26
N MET A 1113 -14.71 -2.57 -4.17
CA MET A 1113 -13.76 -3.55 -4.69
C MET A 1113 -12.34 -3.30 -4.19
N LEU A 1114 -11.63 -4.40 -3.94
CA LEU A 1114 -10.19 -4.39 -3.66
C LEU A 1114 -9.51 -5.37 -4.60
N ASN A 1115 -8.38 -4.97 -5.15
CA ASN A 1115 -7.52 -5.84 -5.95
C ASN A 1115 -6.31 -6.24 -5.12
N LEU A 1116 -6.10 -7.55 -4.97
CA LEU A 1116 -5.08 -8.05 -4.05
C LEU A 1116 -3.65 -7.76 -4.50
N TYR A 1117 -3.44 -7.50 -5.79
CA TYR A 1117 -2.10 -7.12 -6.25
C TYR A 1117 -1.76 -5.69 -5.83
N ASP A 1118 -2.72 -4.78 -5.92
CA ASP A 1118 -2.54 -3.39 -5.51
C ASP A 1118 -3.68 -3.01 -4.58
N PRO A 1119 -3.55 -3.32 -3.28
CA PRO A 1119 -4.64 -3.00 -2.34
C PRO A 1119 -4.92 -1.52 -2.21
N ASN A 1120 -3.98 -0.65 -2.56
CA ASN A 1120 -4.15 0.79 -2.44
C ASN A 1120 -4.89 1.40 -3.61
N LYS A 1121 -5.42 0.59 -4.52
CA LYS A 1121 -6.21 1.05 -5.65
C LYS A 1121 -7.67 0.63 -5.46
N TYR A 1122 -8.58 1.44 -6.00
CA TYR A 1122 -9.99 1.11 -5.99
C TYR A 1122 -10.54 1.21 -7.41
N VAL A 1123 -11.60 0.45 -7.68
CA VAL A 1123 -12.17 0.43 -9.01
C VAL A 1123 -12.96 1.72 -9.24
N ASP A 1124 -12.70 2.39 -10.36
CA ASP A 1124 -13.45 3.56 -10.77
C ASP A 1124 -13.78 3.42 -12.26
N VAL A 1125 -14.81 4.14 -12.68
CA VAL A 1125 -15.30 4.07 -14.05
C VAL A 1125 -15.01 5.41 -14.72
N ASN A 1126 -14.23 5.37 -15.81
CA ASN A 1126 -13.89 6.58 -16.53
C ASN A 1126 -15.10 7.15 -17.25
N ASN A 1127 -15.83 6.31 -17.96
CA ASN A 1127 -17.00 6.77 -18.70
C ASN A 1127 -17.94 5.58 -18.92
N VAL A 1128 -19.23 5.86 -18.86
CA VAL A 1128 -20.24 4.83 -19.06
C VAL A 1128 -20.46 4.61 -20.55
N GLY A 1129 -20.52 3.35 -20.96
CA GLY A 1129 -20.80 2.99 -22.32
C GLY A 1129 -19.76 2.05 -22.88
N ILE A 1130 -19.99 1.63 -24.13
CA ILE A 1130 -19.06 0.74 -24.80
C ILE A 1130 -17.73 1.44 -25.05
N ARG A 1131 -17.75 2.75 -25.26
CA ARG A 1131 -16.54 3.52 -25.50
C ARG A 1131 -15.77 3.85 -24.22
N GLY A 1132 -16.36 3.59 -23.06
CA GLY A 1132 -15.70 3.84 -21.80
C GLY A 1132 -14.97 2.61 -21.28
N TYR A 1133 -14.39 2.76 -20.09
CA TYR A 1133 -13.65 1.68 -19.46
C TYR A 1133 -13.64 1.91 -17.95
N MET A 1134 -13.23 0.87 -17.22
CA MET A 1134 -13.06 0.93 -15.78
C MET A 1134 -11.60 0.62 -15.45
N TYR A 1135 -11.05 1.35 -14.48
CA TYR A 1135 -9.64 1.24 -14.16
C TYR A 1135 -9.43 1.36 -12.66
N LEU A 1136 -8.24 0.95 -12.21
CA LEU A 1136 -7.85 1.06 -10.82
C LEU A 1136 -7.25 2.45 -10.58
N LYS A 1137 -7.84 3.19 -9.65
CA LYS A 1137 -7.43 4.54 -9.32
C LYS A 1137 -6.96 4.60 -7.87
N GLY A 1138 -5.89 5.34 -7.63
CA GLY A 1138 -5.37 5.54 -6.30
C GLY A 1138 -5.01 6.99 -6.04
N PRO A 1139 -4.72 7.31 -4.77
CA PRO A 1139 -4.78 6.45 -3.57
C PRO A 1139 -6.18 6.39 -2.99
N ARG A 1140 -6.43 5.46 -2.06
CA ARG A 1140 -7.76 5.33 -1.46
C ARG A 1140 -8.05 6.47 -0.50
N GLY A 1141 -7.04 6.99 0.18
CA GLY A 1141 -7.24 7.94 1.25
C GLY A 1141 -7.22 7.25 2.60
N SER A 1142 -7.32 8.06 3.64
CA SER A 1142 -7.23 7.57 5.01
C SER A 1142 -8.38 8.13 5.84
N VAL A 1143 -9.03 7.25 6.61
CA VAL A 1143 -10.04 7.63 7.60
C VAL A 1143 -9.41 7.44 8.96
N MET A 1144 -9.65 8.39 9.87
CA MET A 1144 -8.96 8.32 11.14
C MET A 1144 -9.76 8.96 12.26
N THR A 1145 -9.49 8.48 13.47
CA THR A 1145 -9.83 9.15 14.72
C THR A 1145 -8.58 9.12 15.56
N THR A 1146 -8.12 10.30 15.98
CA THR A 1146 -6.79 10.43 16.55
C THR A 1146 -6.63 9.55 17.78
N ASN A 1147 -5.45 8.91 17.87
CA ASN A 1147 -5.05 7.98 18.91
C ASN A 1147 -5.90 6.71 18.97
N ILE A 1148 -6.83 6.53 18.05
CA ILE A 1148 -7.67 5.34 18.04
C ILE A 1148 -7.41 4.54 16.78
N TYR A 1149 -7.68 5.11 15.62
CA TYR A 1149 -7.44 4.36 14.40
C TYR A 1149 -7.05 5.28 13.26
N LEU A 1150 -6.26 4.74 12.32
CA LEU A 1150 -5.89 5.44 11.10
C LEU A 1150 -5.75 4.36 10.03
N ASN A 1151 -6.77 4.22 9.18
CA ASN A 1151 -6.84 3.13 8.22
C ASN A 1151 -7.10 3.67 6.82
N SER A 1152 -6.84 2.83 5.82
CA SER A 1152 -7.15 3.20 4.46
C SER A 1152 -8.66 3.19 4.24
N SER A 1153 -9.13 4.11 3.40
CA SER A 1153 -10.55 4.19 3.08
C SER A 1153 -10.97 2.97 2.27
N LEU A 1154 -11.90 2.20 2.80
CA LEU A 1154 -12.36 0.99 2.14
C LEU A 1154 -13.62 1.18 1.30
N TYR A 1155 -14.42 2.21 1.58
CA TYR A 1155 -15.67 2.45 0.88
C TYR A 1155 -15.50 3.44 -0.26
N ARG A 1156 -14.35 3.45 -0.93
CA ARG A 1156 -14.08 4.38 -2.00
C ARG A 1156 -14.09 3.66 -3.33
N GLY A 1157 -14.65 4.31 -4.35
CA GLY A 1157 -14.71 3.75 -5.68
C GLY A 1157 -16.08 3.19 -6.03
N THR A 1158 -16.15 2.60 -7.22
CA THR A 1158 -17.39 2.02 -7.70
C THR A 1158 -17.72 0.74 -6.92
N LYS A 1159 -18.99 0.34 -7.03
CA LYS A 1159 -19.49 -0.84 -6.34
C LYS A 1159 -19.91 -1.90 -7.35
N PHE A 1160 -19.82 -3.15 -6.93
CA PHE A 1160 -20.26 -4.29 -7.72
C PHE A 1160 -21.43 -4.98 -7.02
N ILE A 1161 -22.35 -5.50 -7.83
CA ILE A 1161 -23.49 -6.26 -7.32
C ILE A 1161 -23.57 -7.56 -8.12
N ILE A 1162 -23.55 -8.68 -7.41
CA ILE A 1162 -23.62 -9.99 -8.04
C ILE A 1162 -25.08 -10.35 -8.27
N LYS A 1163 -25.42 -10.71 -9.51
CA LYS A 1163 -26.79 -11.01 -9.90
C LYS A 1163 -26.89 -12.47 -10.32
N LYS A 1164 -27.96 -13.13 -9.91
CA LYS A 1164 -28.14 -14.54 -10.21
C LYS A 1164 -28.49 -14.73 -11.69
N TYR A 1165 -27.79 -15.65 -12.35
CA TYR A 1165 -28.09 -15.99 -13.74
C TYR A 1165 -28.57 -17.43 -13.88
N ALA A 1166 -27.77 -18.40 -13.43
CA ALA A 1166 -28.09 -19.82 -13.60
C ALA A 1166 -28.25 -20.51 -12.25
N SER A 1167 -28.81 -19.79 -11.28
CA SER A 1167 -28.98 -20.34 -9.94
C SER A 1167 -30.15 -21.32 -9.91
N GLY A 1168 -29.88 -22.53 -9.43
CA GLY A 1168 -30.88 -23.56 -9.28
C GLY A 1168 -31.62 -23.52 -7.96
N ASN A 1169 -31.47 -22.45 -7.20
CA ASN A 1169 -32.13 -22.31 -5.90
C ASN A 1169 -32.17 -20.83 -5.54
N LYS A 1170 -32.91 -20.54 -4.47
CA LYS A 1170 -33.10 -19.16 -4.00
C LYS A 1170 -32.60 -19.07 -2.57
N ASP A 1171 -31.30 -18.78 -2.43
CA ASP A 1171 -30.70 -18.55 -1.11
C ASP A 1171 -29.82 -17.32 -1.05
N ASN A 1172 -29.53 -16.66 -2.19
CA ASN A 1172 -28.72 -15.45 -2.24
C ASN A 1172 -27.32 -15.67 -1.67
N ILE A 1173 -26.78 -16.86 -1.83
CA ILE A 1173 -25.42 -17.19 -1.42
C ILE A 1173 -24.64 -17.61 -2.67
N VAL A 1174 -23.52 -16.94 -2.91
CA VAL A 1174 -22.70 -17.18 -4.08
C VAL A 1174 -21.75 -18.33 -3.76
N ARG A 1175 -22.02 -19.51 -4.33
CA ARG A 1175 -21.15 -20.65 -4.16
C ARG A 1175 -20.13 -20.73 -5.30
N ASN A 1176 -19.21 -21.68 -5.19
CA ASN A 1176 -18.16 -21.83 -6.17
C ASN A 1176 -18.72 -22.28 -7.52
N ASN A 1177 -18.08 -21.81 -8.59
CA ASN A 1177 -18.45 -22.15 -9.97
C ASN A 1177 -19.88 -21.74 -10.30
N ASP A 1178 -20.38 -20.69 -9.66
CA ASP A 1178 -21.71 -20.18 -9.98
C ASP A 1178 -21.61 -19.20 -11.16
N ARG A 1179 -22.45 -19.42 -12.17
CA ARG A 1179 -22.51 -18.54 -13.33
C ARG A 1179 -23.43 -17.37 -12.99
N VAL A 1180 -22.86 -16.16 -12.95
CA VAL A 1180 -23.57 -14.98 -12.46
C VAL A 1180 -23.35 -13.83 -13.42
N TYR A 1181 -24.22 -12.81 -13.30
CA TYR A 1181 -24.02 -11.50 -13.89
C TYR A 1181 -23.41 -10.57 -12.84
N ILE A 1182 -22.84 -9.47 -13.32
CA ILE A 1182 -22.25 -8.48 -12.43
C ILE A 1182 -22.64 -7.08 -12.86
N ASN A 1183 -23.19 -6.31 -11.92
CA ASN A 1183 -23.61 -4.94 -12.13
C ASN A 1183 -22.63 -3.99 -11.45
N VAL A 1184 -22.51 -2.80 -12.01
CA VAL A 1184 -21.60 -1.76 -11.54
C VAL A 1184 -22.43 -0.54 -11.15
N VAL A 1185 -22.24 -0.07 -9.93
CA VAL A 1185 -22.99 1.08 -9.40
C VAL A 1185 -22.18 2.34 -9.66
N VAL A 1186 -22.69 3.19 -10.55
CA VAL A 1186 -22.10 4.48 -10.87
C VAL A 1186 -23.14 5.56 -10.64
N LYS A 1187 -22.80 6.55 -9.80
CA LYS A 1187 -23.74 7.59 -9.40
C LYS A 1187 -25.04 7.00 -8.87
N ASN A 1188 -24.90 5.93 -8.07
CA ASN A 1188 -26.02 5.25 -7.44
C ASN A 1188 -27.04 4.76 -8.47
N LYS A 1189 -26.56 4.02 -9.46
CA LYS A 1189 -27.43 3.32 -10.39
C LYS A 1189 -26.63 2.21 -11.07
N GLU A 1190 -27.33 1.14 -11.42
CA GLU A 1190 -26.68 -0.09 -11.87
C GLU A 1190 -26.50 -0.12 -13.38
N TYR A 1191 -25.33 -0.57 -13.80
CA TYR A 1191 -24.97 -0.91 -15.16
C TYR A 1191 -24.48 -2.35 -15.17
N ARG A 1192 -24.14 -2.86 -16.35
CA ARG A 1192 -23.67 -4.24 -16.50
C ARG A 1192 -22.20 -4.23 -16.89
N LEU A 1193 -21.39 -5.04 -16.19
CA LEU A 1193 -20.01 -5.25 -16.60
C LEU A 1193 -20.00 -6.14 -17.83
N ALA A 1194 -19.37 -5.68 -18.91
CA ALA A 1194 -19.32 -6.47 -20.13
C ALA A 1194 -18.16 -5.97 -20.99
N THR A 1195 -17.88 -6.73 -22.04
CA THR A 1195 -16.81 -6.38 -22.97
C THR A 1195 -17.08 -7.03 -24.31
N ASN A 1196 -16.39 -6.54 -25.33
CA ASN A 1196 -16.45 -7.10 -26.67
C ASN A 1196 -15.27 -8.06 -26.83
N ALA A 1197 -15.55 -9.35 -26.86
CA ALA A 1197 -14.51 -10.36 -26.91
C ALA A 1197 -13.81 -10.43 -28.26
N SER A 1198 -14.32 -9.75 -29.27
CA SER A 1198 -13.75 -9.80 -30.61
C SER A 1198 -12.74 -8.70 -30.88
N GLN A 1199 -12.42 -7.86 -29.88
CA GLN A 1199 -11.42 -6.83 -30.08
C GLN A 1199 -10.02 -7.42 -30.07
N ALA A 1200 -9.09 -6.74 -30.75
CA ALA A 1200 -7.74 -7.25 -30.90
C ALA A 1200 -7.00 -7.25 -29.58
N GLY A 1201 -6.14 -8.25 -29.41
CA GLY A 1201 -5.36 -8.40 -28.19
C GLY A 1201 -6.00 -9.34 -27.20
N VAL A 1202 -5.18 -10.14 -26.51
CA VAL A 1202 -5.70 -11.07 -25.51
C VAL A 1202 -6.37 -10.31 -24.37
N GLU A 1203 -5.89 -9.11 -24.06
CA GLU A 1203 -6.48 -8.27 -23.02
C GLU A 1203 -7.75 -7.62 -23.56
N LYS A 1204 -8.91 -7.97 -23.01
CA LYS A 1204 -10.18 -7.39 -23.39
C LYS A 1204 -10.58 -6.35 -22.35
N ILE A 1205 -10.60 -5.08 -22.74
CA ILE A 1205 -10.89 -4.02 -21.80
C ILE A 1205 -12.35 -4.08 -21.38
N LEU A 1206 -12.60 -4.13 -20.08
CA LEU A 1206 -13.96 -4.21 -19.56
C LEU A 1206 -14.60 -2.83 -19.53
N SER A 1207 -15.93 -2.82 -19.61
CA SER A 1207 -16.68 -1.57 -19.63
C SER A 1207 -18.00 -1.76 -18.89
N ALA A 1208 -18.55 -0.63 -18.43
CA ALA A 1208 -19.85 -0.60 -17.77
C ALA A 1208 -20.88 -0.08 -18.77
N LEU A 1209 -21.87 -0.91 -19.08
CA LEU A 1209 -22.81 -0.65 -20.16
C LEU A 1209 -24.22 -0.52 -19.59
N GLU A 1210 -25.09 0.16 -20.33
CA GLU A 1210 -26.49 0.20 -19.95
C GLU A 1210 -27.08 -1.20 -20.00
N ILE A 1211 -27.90 -1.52 -19.00
CA ILE A 1211 -28.48 -2.87 -18.93
C ILE A 1211 -29.25 -3.24 -20.18
N PRO A 1212 -30.12 -2.39 -20.74
CA PRO A 1212 -30.80 -2.77 -21.99
C PRO A 1212 -29.91 -2.75 -23.23
N ASP A 1213 -28.63 -2.39 -23.09
CA ASP A 1213 -27.74 -2.25 -24.24
C ASP A 1213 -26.67 -3.32 -24.32
N VAL A 1214 -26.75 -4.36 -23.50
CA VAL A 1214 -25.70 -5.38 -23.50
C VAL A 1214 -25.72 -6.18 -24.80
N GLY A 1215 -26.90 -6.57 -25.25
CA GLY A 1215 -26.99 -7.33 -26.49
C GLY A 1215 -26.37 -8.71 -26.33
N ASN A 1216 -25.53 -9.09 -27.30
CA ASN A 1216 -24.88 -10.39 -27.31
C ASN A 1216 -23.42 -10.32 -26.88
N LEU A 1217 -23.08 -9.37 -26.01
CA LEU A 1217 -21.70 -9.19 -25.57
C LEU A 1217 -21.37 -10.16 -24.44
N SER A 1218 -20.07 -10.34 -24.20
CA SER A 1218 -19.60 -11.29 -23.20
C SER A 1218 -19.90 -10.77 -21.80
N GLN A 1219 -20.73 -11.49 -21.06
CA GLN A 1219 -21.12 -11.07 -19.72
C GLN A 1219 -21.18 -12.18 -18.68
N VAL A 1220 -21.13 -13.46 -19.05
CA VAL A 1220 -21.38 -14.52 -18.08
C VAL A 1220 -20.12 -14.74 -17.25
N VAL A 1221 -20.25 -14.62 -15.93
CA VAL A 1221 -19.09 -14.67 -15.04
C VAL A 1221 -19.16 -15.94 -14.20
N VAL A 1222 -18.06 -16.67 -14.15
CA VAL A 1222 -17.92 -17.86 -13.32
C VAL A 1222 -17.09 -17.48 -12.10
N MET A 1223 -17.65 -17.67 -10.92
CA MET A 1223 -17.00 -17.27 -9.68
C MET A 1223 -16.19 -18.41 -9.09
N LYS A 1224 -15.12 -18.06 -8.38
CA LYS A 1224 -14.22 -19.03 -7.79
C LYS A 1224 -13.77 -18.57 -6.41
N SER A 1225 -13.77 -19.51 -5.46
CA SER A 1225 -13.41 -19.26 -4.06
C SER A 1225 -12.11 -19.99 -3.73
N LYS A 1226 -11.05 -19.23 -3.46
CA LYS A 1226 -9.74 -19.77 -3.16
C LYS A 1226 -9.29 -19.31 -1.78
N ASN A 1227 -8.74 -20.25 -1.02
CA ASN A 1227 -8.25 -20.02 0.33
C ASN A 1227 -6.80 -19.58 0.32
N ILE A 1231 -9.23 -17.93 5.73
CA ILE A 1231 -10.58 -18.04 5.19
C ILE A 1231 -10.55 -18.28 3.68
N THR A 1232 -11.68 -18.06 3.03
CA THR A 1232 -11.81 -18.17 1.58
C THR A 1232 -11.97 -16.79 0.94
N ASN A 1233 -11.18 -15.83 1.45
CA ASN A 1233 -11.30 -14.44 0.99
C ASN A 1233 -10.97 -14.28 -0.48
N LYS A 1234 -10.07 -15.11 -1.02
CA LYS A 1234 -9.59 -14.86 -2.37
C LYS A 1234 -10.67 -15.25 -3.38
N CYS A 1235 -11.06 -14.29 -4.23
CA CYS A 1235 -12.14 -14.50 -5.18
C CYS A 1235 -11.62 -14.28 -6.59
N LYS A 1236 -12.02 -15.18 -7.50
CA LYS A 1236 -11.64 -15.09 -8.90
C LYS A 1236 -12.88 -15.06 -9.77
N MET A 1237 -12.79 -14.37 -10.91
CA MET A 1237 -13.91 -14.16 -11.81
C MET A 1237 -13.47 -14.46 -13.24
N ASN A 1238 -13.85 -15.63 -13.74
CA ASN A 1238 -13.53 -16.01 -15.12
C ASN A 1238 -14.69 -15.59 -16.03
N LEU A 1239 -14.39 -14.75 -17.00
CA LEU A 1239 -15.42 -14.28 -17.92
C LEU A 1239 -15.63 -15.28 -19.05
N GLN A 1240 -16.88 -15.36 -19.51
CA GLN A 1240 -17.28 -16.27 -20.57
C GLN A 1240 -18.35 -15.59 -21.40
N ASP A 1241 -18.26 -15.80 -22.71
CA ASP A 1241 -19.25 -15.31 -23.65
C ASP A 1241 -20.51 -16.18 -23.55
N ASN A 1242 -21.44 -15.97 -24.47
CA ASN A 1242 -22.68 -16.72 -24.48
C ASN A 1242 -22.54 -18.08 -25.15
N ASN A 1243 -21.35 -18.43 -25.64
CA ASN A 1243 -21.10 -19.73 -26.24
C ASN A 1243 -20.30 -20.66 -25.33
N GLY A 1244 -20.14 -20.30 -24.06
CA GLY A 1244 -19.42 -21.14 -23.12
C GLY A 1244 -17.91 -21.08 -23.24
N ASN A 1245 -17.38 -20.28 -24.16
CA ASN A 1245 -15.94 -20.15 -24.31
C ASN A 1245 -15.38 -19.21 -23.25
N ASP A 1246 -14.09 -19.37 -22.99
CA ASP A 1246 -13.39 -18.57 -21.99
C ASP A 1246 -12.90 -17.27 -22.60
N ILE A 1247 -13.21 -16.15 -21.95
CA ILE A 1247 -12.61 -14.87 -22.28
C ILE A 1247 -11.40 -14.59 -21.39
N GLY A 1248 -11.34 -15.20 -20.22
CA GLY A 1248 -10.23 -15.01 -19.30
C GLY A 1248 -10.70 -14.46 -17.95
N PHE A 1249 -9.79 -14.54 -17.00
CA PHE A 1249 -10.08 -14.02 -15.67
C PHE A 1249 -10.06 -12.49 -15.69
N ILE A 1250 -10.80 -11.90 -14.76
CA ILE A 1250 -10.95 -10.45 -14.69
C ILE A 1250 -9.89 -9.90 -13.75
N GLY A 1251 -8.92 -9.18 -14.31
CA GLY A 1251 -7.93 -8.46 -13.54
C GLY A 1251 -7.71 -7.09 -14.16
N PHE A 1252 -6.45 -6.70 -14.37
CA PHE A 1252 -6.15 -5.40 -14.94
C PHE A 1252 -4.96 -5.51 -15.87
N HIS A 1253 -4.82 -4.52 -16.76
CA HIS A 1253 -3.64 -4.42 -17.60
C HIS A 1253 -3.31 -2.96 -17.84
N GLN A 1254 -2.02 -2.69 -18.05
CA GLN A 1254 -1.53 -1.33 -18.21
C GLN A 1254 -1.72 -0.87 -19.65
N PHE A 1255 -2.50 0.20 -19.84
CA PHE A 1255 -2.59 0.92 -21.10
C PHE A 1255 -2.18 2.36 -20.81
N ASN A 1256 -0.98 2.73 -21.24
CA ASN A 1256 -0.43 4.07 -21.04
C ASN A 1256 -0.41 4.34 -19.54
N ASN A 1257 -1.02 5.43 -19.05
CA ASN A 1257 -1.01 5.71 -17.63
C ASN A 1257 -1.97 4.80 -16.86
N ILE A 1258 -3.07 4.38 -17.49
CA ILE A 1258 -4.22 3.83 -16.77
C ILE A 1258 -4.16 2.32 -16.78
N ALA A 1259 -4.36 1.71 -15.61
CA ALA A 1259 -4.47 0.26 -15.48
C ALA A 1259 -5.94 -0.11 -15.58
N LYS A 1260 -6.36 -0.52 -16.76
CA LYS A 1260 -7.78 -0.77 -17.04
C LYS A 1260 -8.18 -2.18 -16.61
N LEU A 1261 -9.43 -2.31 -16.16
CA LEU A 1261 -9.98 -3.62 -15.84
C LEU A 1261 -10.16 -4.43 -17.11
N VAL A 1262 -9.65 -5.65 -17.11
CA VAL A 1262 -9.47 -6.42 -18.33
C VAL A 1262 -9.79 -7.88 -18.07
N ALA A 1263 -10.55 -8.50 -18.98
CA ALA A 1263 -10.64 -9.95 -19.04
C ALA A 1263 -9.47 -10.46 -19.87
N SER A 1264 -8.61 -11.28 -19.26
CA SER A 1264 -7.41 -11.78 -19.92
C SER A 1264 -7.38 -13.30 -19.81
N ASN A 1265 -7.17 -13.96 -20.95
CA ASN A 1265 -6.97 -15.41 -20.97
C ASN A 1265 -5.56 -15.81 -20.56
N TRP A 1266 -4.65 -14.85 -20.40
CA TRP A 1266 -3.33 -15.16 -19.90
C TRP A 1266 -3.38 -15.69 -18.48
N TYR A 1267 -4.37 -15.25 -17.69
CA TYR A 1267 -4.54 -15.79 -16.35
C TYR A 1267 -4.91 -17.27 -16.39
N ASN A 1268 -5.72 -17.67 -17.37
CA ASN A 1268 -6.07 -19.08 -17.52
C ASN A 1268 -4.85 -19.95 -17.77
N ARG A 1269 -3.77 -19.39 -18.30
CA ARG A 1269 -2.57 -20.13 -18.59
C ARG A 1269 -1.65 -20.26 -17.38
N GLN A 1270 -2.03 -19.69 -16.24
CA GLN A 1270 -1.21 -19.68 -15.04
C GLN A 1270 -1.76 -20.67 -14.02
N ILE A 1271 -0.83 -21.38 -13.36
CA ILE A 1271 -1.22 -22.33 -12.33
C ILE A 1271 -1.82 -21.59 -11.14
N GLU A 1272 -2.80 -22.23 -10.50
CA GLU A 1272 -3.43 -21.64 -9.32
C GLU A 1272 -2.39 -21.36 -8.24
N ARG A 1273 -2.67 -20.30 -7.45
CA ARG A 1273 -1.90 -19.89 -6.29
C ARG A 1273 -0.55 -19.29 -6.66
N SER A 1274 -0.21 -19.32 -7.94
CA SER A 1274 1.02 -18.66 -8.40
C SER A 1274 0.90 -17.15 -8.19
N SER A 1275 2.05 -16.50 -8.01
CA SER A 1275 2.06 -15.05 -7.80
C SER A 1275 1.39 -14.32 -8.94
N ARG A 1276 1.52 -14.83 -10.17
CA ARG A 1276 0.93 -14.20 -11.34
C ARG A 1276 -0.59 -14.20 -11.29
N THR A 1277 -1.20 -14.98 -10.40
CA THR A 1277 -2.65 -14.99 -10.24
C THR A 1277 -3.14 -13.98 -9.19
N LEU A 1278 -2.23 -13.23 -8.56
CA LEU A 1278 -2.65 -12.24 -7.57
C LEU A 1278 -3.21 -10.97 -8.21
N GLY A 1279 -3.05 -10.80 -9.52
CA GLY A 1279 -3.62 -9.64 -10.19
C GLY A 1279 -5.12 -9.80 -10.42
N CYS A 1280 -5.60 -11.03 -10.60
CA CYS A 1280 -7.02 -11.31 -10.82
C CYS A 1280 -7.73 -11.75 -9.54
N SER A 1281 -7.11 -11.56 -8.39
CA SER A 1281 -7.71 -11.90 -7.10
C SER A 1281 -8.34 -10.66 -6.51
N TRP A 1282 -9.59 -10.79 -6.05
CA TRP A 1282 -10.40 -9.65 -5.65
C TRP A 1282 -11.00 -9.86 -4.26
N GLU A 1283 -11.35 -8.74 -3.63
CA GLU A 1283 -11.91 -8.72 -2.28
C GLU A 1283 -13.14 -7.80 -2.26
N PHE A 1284 -14.30 -8.38 -2.00
CA PHE A 1284 -15.55 -7.65 -1.95
C PHE A 1284 -15.76 -7.07 -0.55
N ILE A 1285 -15.99 -5.77 -0.47
CA ILE A 1285 -16.12 -5.07 0.80
C ILE A 1285 -17.51 -4.47 0.93
N PRO A 1286 -18.40 -5.03 1.74
CA PRO A 1286 -19.69 -4.38 2.01
C PRO A 1286 -19.58 -3.45 3.22
N VAL A 1287 -20.52 -2.52 3.29
CA VAL A 1287 -20.58 -1.65 4.46
C VAL A 1287 -20.91 -2.47 5.69
N ASP A 1288 -20.11 -2.30 6.74
CA ASP A 1288 -20.31 -3.05 7.97
C ASP A 1288 -20.36 -2.07 9.14
N ASP A 1289 -21.14 -2.43 10.16
CA ASP A 1289 -21.19 -1.61 11.37
C ASP A 1289 -19.94 -1.76 12.22
N GLY A 1290 -19.11 -2.78 11.97
CA GLY A 1290 -17.83 -2.88 12.63
C GLY A 1290 -16.78 -1.96 12.08
N TRP A 1291 -16.91 -1.53 10.82
CA TRP A 1291 -16.00 -0.56 10.22
C TRP A 1291 -16.61 0.84 10.23
N GLY A 1292 -17.77 1.00 9.60
CA GLY A 1292 -18.61 2.17 9.83
C GLY A 1292 -18.01 3.52 9.51
N GLU A 1293 -17.32 3.63 8.38
CA GLU A 1293 -16.94 4.96 7.91
C GLU A 1293 -18.03 5.49 6.97
N ARG A 1294 -17.89 6.75 6.56
CA ARG A 1294 -18.97 7.41 5.84
C ARG A 1294 -19.00 6.96 4.39
N PRO A 1295 -20.11 6.36 3.92
CA PRO A 1295 -20.25 5.95 2.52
C PRO A 1295 -20.60 7.11 1.58
N MET B 1 7.95 8.41 -22.10
CA MET B 1 8.45 8.38 -23.48
C MET B 1 9.32 7.15 -23.71
N ASN B 2 9.93 7.07 -24.89
CA ASN B 2 10.74 5.93 -25.27
C ASN B 2 12.18 6.37 -25.50
N ILE B 3 13.11 5.50 -25.13
CA ILE B 3 14.54 5.80 -25.26
C ILE B 3 14.92 5.87 -26.74
N ASN B 4 15.79 6.82 -27.07
CA ASN B 4 16.28 6.96 -28.43
C ASN B 4 17.08 5.72 -28.83
N ASP B 5 16.83 5.21 -30.03
CA ASP B 5 17.37 3.95 -30.50
C ASP B 5 18.44 4.09 -31.58
N ASN B 6 18.39 5.16 -32.37
CA ASN B 6 19.23 5.30 -33.56
C ASN B 6 20.58 5.94 -33.21
N LEU B 7 21.28 5.32 -32.27
CA LEU B 7 22.57 5.85 -31.80
C LEU B 7 23.66 4.80 -31.98
N SER B 8 24.81 5.26 -32.49
CA SER B 8 25.98 4.42 -32.69
C SER B 8 27.21 5.21 -32.23
N ILE B 9 28.27 4.48 -31.87
CA ILE B 9 29.50 5.12 -31.46
C ILE B 9 30.08 5.96 -32.59
N ASN B 10 29.78 5.60 -33.83
CA ASN B 10 30.24 6.33 -35.00
C ASN B 10 29.21 7.33 -35.51
N SER B 11 28.11 7.51 -34.79
CA SER B 11 27.08 8.45 -35.22
C SER B 11 27.66 9.87 -35.22
N PRO B 12 27.39 10.66 -36.25
CA PRO B 12 28.03 11.97 -36.37
C PRO B 12 27.57 12.93 -35.27
N VAL B 13 28.48 13.84 -34.90
CA VAL B 13 28.16 14.86 -33.91
C VAL B 13 27.20 15.85 -34.54
N ASP B 14 26.00 15.94 -34.01
CA ASP B 14 24.95 16.81 -34.54
C ASP B 14 24.58 17.95 -33.61
N ASN B 15 25.19 18.04 -32.44
CA ASN B 15 24.91 19.04 -31.42
C ASN B 15 23.47 18.98 -30.91
N LYS B 16 22.73 17.91 -31.21
CA LYS B 16 21.41 17.71 -30.65
C LYS B 16 21.36 16.46 -29.78
N ASN B 17 21.72 15.30 -30.32
CA ASN B 17 21.74 14.06 -29.55
C ASN B 17 23.15 13.53 -29.32
N VAL B 18 24.10 13.86 -30.18
CA VAL B 18 25.49 13.41 -30.06
C VAL B 18 26.33 14.65 -29.82
N VAL B 19 26.94 14.75 -28.64
CA VAL B 19 27.73 15.91 -28.29
C VAL B 19 29.10 15.47 -27.80
N VAL B 20 30.04 16.41 -27.82
CA VAL B 20 31.39 16.21 -27.32
C VAL B 20 31.65 17.35 -26.34
N VAL B 21 31.67 17.02 -25.04
CA VAL B 21 31.59 18.02 -23.99
C VAL B 21 32.74 17.88 -23.02
N ARG B 22 33.03 18.97 -22.31
CA ARG B 22 34.10 19.00 -21.33
C ARG B 22 33.65 18.34 -20.02
N ALA B 23 34.61 17.69 -19.36
CA ALA B 23 34.37 17.03 -18.08
C ALA B 23 34.64 18.04 -16.97
N ARG B 24 33.57 18.57 -16.38
CA ARG B 24 33.63 19.55 -15.29
C ARG B 24 34.41 20.76 -15.78
N LYS B 25 35.56 21.09 -15.20
CA LYS B 25 36.37 22.22 -15.65
C LYS B 25 37.74 21.80 -16.15
N THR B 26 38.04 20.52 -16.18
CA THR B 26 39.36 20.05 -16.58
C THR B 26 39.53 20.16 -18.10
N ASP B 27 40.75 19.92 -18.56
CA ASP B 27 41.07 19.90 -19.98
C ASP B 27 40.68 18.58 -20.65
N THR B 28 39.89 17.75 -19.98
CA THR B 28 39.47 16.47 -20.52
C THR B 28 38.09 16.59 -21.15
N VAL B 29 37.87 15.84 -22.23
CA VAL B 29 36.67 15.97 -23.05
C VAL B 29 36.20 14.57 -23.43
N PHE B 30 34.88 14.37 -23.42
CA PHE B 30 34.30 13.06 -23.71
C PHE B 30 33.07 13.20 -24.58
N LYS B 31 32.73 12.09 -25.25
CA LYS B 31 31.59 12.03 -26.16
C LYS B 31 30.37 11.46 -25.42
N ALA B 32 29.21 12.10 -25.61
CA ALA B 32 27.99 11.72 -24.93
C ALA B 32 26.84 11.65 -25.91
N PHE B 33 25.88 10.76 -25.61
CA PHE B 33 24.72 10.49 -26.46
C PHE B 33 23.46 10.68 -25.63
N LYS B 34 22.52 11.47 -26.13
CA LYS B 34 21.26 11.70 -25.42
C LYS B 34 20.30 10.56 -25.72
N VAL B 35 19.90 9.81 -24.70
CA VAL B 35 18.98 8.70 -24.89
C VAL B 35 17.54 9.11 -24.56
N ALA B 36 17.37 9.97 -23.58
CA ALA B 36 16.09 10.52 -23.18
C ALA B 36 16.33 11.98 -22.81
N PRO B 37 15.27 12.81 -22.81
CA PRO B 37 15.44 14.22 -22.40
C PRO B 37 16.19 14.36 -21.09
N ASN B 38 17.31 15.11 -21.15
CA ASN B 38 18.17 15.38 -20.01
C ASN B 38 18.85 14.12 -19.47
N ILE B 39 18.95 13.07 -20.29
CA ILE B 39 19.60 11.82 -19.88
C ILE B 39 20.60 11.42 -20.95
N TRP B 40 21.85 11.26 -20.56
CA TRP B 40 22.95 11.02 -21.48
C TRP B 40 23.71 9.77 -21.07
N VAL B 41 24.36 9.16 -22.05
CA VAL B 41 25.24 8.01 -21.86
C VAL B 41 26.59 8.37 -22.47
N ALA B 42 27.65 8.20 -21.70
CA ALA B 42 29.01 8.40 -22.19
C ALA B 42 29.73 7.06 -22.20
N PRO B 43 29.82 6.38 -23.33
CA PRO B 43 30.32 5.00 -23.37
C PRO B 43 31.85 4.87 -23.24
N GLU B 44 32.41 5.56 -22.26
CA GLU B 44 33.83 5.48 -21.95
C GLU B 44 34.02 5.28 -20.47
N ARG B 45 35.25 4.94 -20.07
CA ARG B 45 35.57 4.87 -18.66
C ARG B 45 35.40 6.25 -18.03
N TYR B 46 35.17 6.28 -16.72
CA TYR B 46 34.99 7.54 -16.02
C TYR B 46 36.30 8.31 -16.00
N TYR B 47 36.23 9.60 -16.34
CA TYR B 47 37.43 10.42 -16.47
C TYR B 47 38.06 10.71 -15.12
N GLY B 48 37.26 10.84 -14.06
CA GLY B 48 37.73 11.37 -12.80
C GLY B 48 38.70 10.49 -12.04
N GLU B 49 38.82 9.22 -12.41
CA GLU B 49 39.67 8.29 -11.69
C GLU B 49 40.76 7.76 -12.62
N SER B 50 41.97 7.65 -12.08
CA SER B 50 43.08 7.08 -12.84
C SER B 50 42.84 5.60 -13.07
N LEU B 51 43.00 5.16 -14.30
CA LEU B 51 42.71 3.76 -14.65
C LEU B 51 43.83 2.81 -14.23
N SER B 52 44.98 3.33 -13.81
CA SER B 52 46.08 2.52 -13.28
C SER B 52 46.49 3.11 -11.95
N ILE B 53 46.31 2.34 -10.87
CA ILE B 53 46.57 2.83 -9.52
C ILE B 53 47.61 1.95 -8.84
N ASP B 54 47.97 2.32 -7.61
CA ASP B 54 48.94 1.55 -6.83
C ASP B 54 48.36 0.21 -6.44
N GLU B 55 49.25 -0.76 -6.22
CA GLU B 55 48.82 -2.06 -5.72
C GLU B 55 48.30 -1.97 -4.30
N GLU B 56 48.76 -0.98 -3.53
CA GLU B 56 48.27 -0.82 -2.17
C GLU B 56 46.87 -0.21 -2.15
N TYR B 57 46.51 0.55 -3.18
CA TYR B 57 45.23 1.23 -3.23
C TYR B 57 44.14 0.42 -3.93
N LYS B 58 44.45 -0.78 -4.40
CA LYS B 58 43.45 -1.63 -5.02
C LYS B 58 42.62 -2.32 -3.95
N VAL B 59 41.30 -2.21 -4.06
CA VAL B 59 40.40 -2.73 -3.04
C VAL B 59 40.23 -4.24 -3.20
N ASP B 60 39.83 -4.89 -2.12
CA ASP B 60 39.59 -6.32 -2.14
C ASP B 60 38.40 -6.67 -3.02
N GLY B 61 38.54 -7.71 -3.82
CA GLY B 61 37.48 -8.16 -4.69
C GLY B 61 37.32 -7.38 -5.97
N GLY B 62 38.15 -6.36 -6.21
CA GLY B 62 38.03 -5.58 -7.41
C GLY B 62 38.85 -6.13 -8.56
N ILE B 63 38.51 -5.67 -9.76
CA ILE B 63 39.23 -6.02 -10.98
C ILE B 63 39.65 -4.71 -11.65
N TYR B 64 40.92 -4.63 -12.03
CA TYR B 64 41.49 -3.41 -12.58
C TYR B 64 42.04 -3.68 -13.98
N ASP B 65 41.61 -2.87 -14.94
CA ASP B 65 42.05 -3.00 -16.33
C ASP B 65 42.05 -1.60 -16.93
N SER B 66 43.24 -1.09 -17.25
CA SER B 66 43.35 0.22 -17.86
C SER B 66 42.95 0.23 -19.33
N ASN B 67 42.94 -0.92 -19.98
CA ASN B 67 42.65 -1.02 -21.41
C ASN B 67 41.20 -1.41 -21.69
N PHE B 68 40.36 -1.45 -20.67
CA PHE B 68 38.94 -1.75 -20.88
C PHE B 68 38.20 -0.52 -21.36
N LEU B 69 37.27 -0.72 -22.29
CA LEU B 69 36.48 0.36 -22.88
C LEU B 69 37.35 1.40 -23.56
N SER B 70 38.47 0.97 -24.13
CA SER B 70 39.35 1.86 -24.89
C SER B 70 39.07 1.83 -26.38
N GLN B 71 38.84 0.65 -26.94
CA GLN B 71 38.49 0.52 -28.35
C GLN B 71 37.08 1.08 -28.60
N ASP B 72 36.80 1.38 -29.87
CA ASP B 72 35.47 1.85 -30.22
C ASP B 72 34.45 0.72 -30.29
N SER B 73 34.91 -0.50 -30.56
CA SER B 73 33.99 -1.65 -30.53
C SER B 73 33.45 -1.88 -29.13
N GLU B 74 34.33 -1.81 -28.12
CA GLU B 74 33.86 -1.92 -26.74
C GLU B 74 32.92 -0.76 -26.40
N LYS B 75 33.22 0.44 -26.90
CA LYS B 75 32.36 1.58 -26.62
C LYS B 75 30.96 1.38 -27.21
N ASP B 76 30.89 0.87 -28.45
CA ASP B 76 29.58 0.64 -29.05
C ASP B 76 28.83 -0.47 -28.33
N LYS B 77 29.53 -1.53 -27.92
CA LYS B 77 28.86 -2.57 -27.14
C LYS B 77 28.32 -2.01 -25.84
N PHE B 78 29.10 -1.16 -25.16
CA PHE B 78 28.64 -0.53 -23.92
C PHE B 78 27.42 0.35 -24.17
N LEU B 79 27.46 1.15 -25.24
CA LEU B 79 26.34 2.03 -25.54
C LEU B 79 25.07 1.24 -25.81
N GLN B 80 25.18 0.19 -26.62
CA GLN B 80 24.01 -0.63 -26.91
C GLN B 80 23.52 -1.38 -25.68
N ALA B 81 24.43 -1.83 -24.82
CA ALA B 81 24.01 -2.49 -23.58
C ALA B 81 23.26 -1.53 -22.67
N ILE B 82 23.75 -0.30 -22.54
CA ILE B 82 23.04 0.68 -21.71
C ILE B 82 21.69 1.03 -22.32
N ILE B 83 21.62 1.14 -23.64
CA ILE B 83 20.35 1.42 -24.31
C ILE B 83 19.37 0.29 -24.06
N THR B 84 19.83 -0.96 -24.16
CA THR B 84 18.96 -2.11 -23.91
C THR B 84 18.47 -2.12 -22.47
N LEU B 85 19.36 -1.85 -21.51
CA LEU B 85 18.95 -1.83 -20.11
C LEU B 85 17.93 -0.73 -19.85
N LEU B 86 18.15 0.46 -20.42
CA LEU B 86 17.21 1.55 -20.23
C LEU B 86 15.87 1.24 -20.88
N LYS B 87 15.89 0.59 -22.04
CA LYS B 87 14.64 0.17 -22.67
C LYS B 87 13.89 -0.82 -21.79
N ARG B 88 14.61 -1.78 -21.22
CA ARG B 88 13.96 -2.75 -20.33
C ARG B 88 13.38 -2.05 -19.11
N ILE B 89 14.10 -1.09 -18.55
CA ILE B 89 13.58 -0.34 -17.41
C ILE B 89 12.33 0.45 -17.80
N ASN B 90 12.34 1.05 -18.98
CA ASN B 90 11.22 1.86 -19.45
C ASN B 90 10.07 1.02 -20.00
N SER B 91 10.25 -0.29 -20.14
CA SER B 91 9.19 -1.17 -20.65
C SER B 91 8.16 -1.53 -19.58
N THR B 92 8.42 -1.21 -18.32
CA THR B 92 7.47 -1.42 -17.24
C THR B 92 6.99 -0.07 -16.73
N ASN B 93 5.73 -0.04 -16.27
CA ASN B 93 5.12 1.22 -15.85
C ASN B 93 5.91 1.85 -14.71
N ALA B 94 6.36 1.04 -13.74
CA ALA B 94 7.12 1.59 -12.62
C ALA B 94 8.45 2.18 -13.08
N GLY B 95 9.20 1.43 -13.89
CA GLY B 95 10.46 1.93 -14.38
C GLY B 95 10.29 3.12 -15.31
N GLU B 96 9.22 3.12 -16.12
CA GLU B 96 8.94 4.27 -16.97
C GLU B 96 8.66 5.51 -16.13
N LYS B 97 7.89 5.34 -15.05
CA LYS B 97 7.65 6.46 -14.14
C LYS B 97 8.94 6.95 -13.51
N LEU B 98 9.81 6.02 -13.11
CA LEU B 98 11.10 6.40 -12.52
C LEU B 98 11.94 7.22 -13.50
N LEU B 99 12.02 6.75 -14.75
CA LEU B 99 12.79 7.47 -15.76
C LEU B 99 12.19 8.84 -16.06
N SER B 100 10.86 8.93 -16.12
CA SER B 100 10.22 10.22 -16.34
C SER B 100 10.50 11.17 -15.19
N LEU B 101 10.46 10.66 -13.95
CA LEU B 101 10.78 11.50 -12.80
C LEU B 101 12.21 12.00 -12.85
N ILE B 102 13.15 11.13 -13.21
CA ILE B 102 14.53 11.56 -13.37
C ILE B 102 14.65 12.63 -14.45
N SER B 103 13.94 12.43 -15.57
CA SER B 103 13.98 13.39 -16.66
C SER B 103 13.43 14.75 -16.24
N THR B 104 12.42 14.76 -15.36
CA THR B 104 11.80 16.01 -14.94
C THR B 104 12.37 16.58 -13.65
N ALA B 105 13.24 15.85 -12.95
CA ALA B 105 13.79 16.31 -11.68
C ALA B 105 15.08 17.11 -11.92
N ILE B 106 14.95 18.19 -12.68
CA ILE B 106 16.09 19.04 -12.97
C ILE B 106 16.54 19.72 -11.67
N PRO B 107 17.83 19.91 -11.46
CA PRO B 107 18.27 20.68 -10.29
C PRO B 107 17.75 22.10 -10.34
N PHE B 108 17.49 22.66 -9.17
CA PHE B 108 16.93 24.00 -9.09
C PHE B 108 17.92 25.01 -9.67
N PRO B 109 17.51 25.81 -10.66
CA PRO B 109 18.43 26.78 -11.25
C PRO B 109 18.59 28.01 -10.36
N TYR B 110 19.79 28.58 -10.40
CA TYR B 110 20.04 29.82 -9.69
C TYR B 110 19.33 30.98 -10.38
N GLY B 111 18.96 31.99 -9.59
CA GLY B 111 18.18 33.10 -10.09
C GLY B 111 18.94 34.05 -10.98
N TYR B 112 18.48 35.29 -11.08
CA TYR B 112 19.14 36.27 -11.92
C TYR B 112 20.53 36.59 -11.38
N ILE B 113 21.36 37.15 -12.25
CA ILE B 113 22.76 37.39 -11.92
C ILE B 113 22.88 38.29 -10.69
N GLY B 114 22.05 39.33 -10.63
CA GLY B 114 22.07 40.21 -9.48
C GLY B 114 21.48 39.63 -8.22
N GLY B 115 20.92 38.42 -8.28
CA GLY B 115 20.31 37.81 -7.13
C GLY B 115 18.82 38.05 -7.05
N GLY B 116 18.04 36.98 -7.18
CA GLY B 116 16.59 37.07 -7.11
C GLY B 116 15.94 36.11 -8.08
N TYR B 117 14.69 35.74 -7.76
CA TYR B 117 13.89 34.85 -8.59
C TYR B 117 12.62 35.49 -9.11
N TYR B 118 12.40 36.78 -8.86
CA TYR B 118 11.06 37.35 -8.97
C TYR B 118 10.70 37.80 -10.39
N ALA B 119 11.44 38.75 -10.95
CA ALA B 119 10.97 39.38 -12.18
C ALA B 119 12.12 39.92 -13.01
N PRO B 120 11.94 40.00 -14.33
CA PRO B 120 12.92 40.65 -15.20
C PRO B 120 12.88 42.17 -15.13
N ASN B 121 13.61 42.84 -16.02
CA ASN B 121 13.75 44.29 -15.97
C ASN B 121 13.00 45.04 -17.06
N MET B 122 12.52 44.36 -18.11
CA MET B 122 11.78 44.95 -19.24
C MET B 122 12.65 45.89 -20.09
N ILE B 123 12.23 46.10 -21.33
CA ILE B 123 12.92 46.99 -22.26
C ILE B 123 11.97 47.32 -23.40
N THR B 124 12.21 48.44 -24.08
CA THR B 124 11.37 48.97 -25.14
C THR B 124 12.06 48.83 -26.50
N PHE B 125 11.29 48.49 -27.52
CA PHE B 125 11.83 48.30 -28.87
C PHE B 125 10.81 48.72 -29.90
N GLY B 126 11.27 49.34 -30.99
CA GLY B 126 10.40 49.69 -32.10
C GLY B 126 9.90 51.13 -32.02
N SER B 127 9.34 51.58 -33.14
CA SER B 127 8.82 52.94 -33.26
C SER B 127 7.99 53.05 -34.54
N ALA B 128 6.98 53.91 -34.49
CA ALA B 128 6.23 54.31 -35.67
C ALA B 128 6.66 55.71 -36.06
N PRO B 129 7.01 55.96 -37.33
CA PRO B 129 7.77 57.18 -37.66
C PRO B 129 7.10 58.50 -37.28
N LYS B 130 5.94 58.81 -37.87
CA LYS B 130 5.29 60.10 -37.63
C LYS B 130 3.78 59.98 -37.86
N LYS B 133 3.40 65.44 -37.39
CA LYS B 133 2.03 64.99 -37.14
C LYS B 133 1.87 64.36 -35.76
N LYS B 134 2.55 63.23 -35.54
CA LYS B 134 2.32 62.48 -34.32
C LYS B 134 3.56 62.19 -33.51
N LEU B 135 4.70 61.92 -34.16
CA LEU B 135 5.95 61.55 -33.47
C LEU B 135 5.69 60.38 -32.52
N ASN B 136 5.41 59.22 -33.13
CA ASN B 136 5.11 58.02 -32.35
C ASN B 136 6.43 57.43 -31.84
N SER B 137 6.98 58.06 -30.81
CA SER B 137 8.23 57.60 -30.23
C SER B 137 8.03 56.64 -29.07
N LEU B 138 7.03 56.90 -28.22
CA LEU B 138 6.69 55.98 -27.14
C LEU B 138 5.77 54.85 -27.58
N ILE B 139 5.21 54.94 -28.78
CA ILE B 139 4.44 53.84 -29.35
C ILE B 139 5.44 52.77 -29.80
N SER B 140 5.46 51.65 -29.09
CA SER B 140 6.51 50.64 -29.28
C SER B 140 6.10 49.37 -28.55
N SER B 141 7.00 48.39 -28.59
CA SER B 141 6.81 47.10 -27.95
C SER B 141 7.62 47.03 -26.66
N THR B 142 7.11 46.27 -25.70
CA THR B 142 7.74 46.08 -24.41
C THR B 142 7.98 44.58 -24.19
N ILE B 143 9.21 44.21 -23.88
CA ILE B 143 9.54 42.80 -23.64
C ILE B 143 10.31 42.66 -22.34
N PRO B 144 10.16 41.56 -21.60
CA PRO B 144 11.04 41.34 -20.45
C PRO B 144 12.48 41.20 -20.93
N PHE B 145 13.41 41.81 -20.18
CA PHE B 145 14.76 41.94 -20.72
C PHE B 145 15.50 40.61 -20.73
N PRO B 146 15.78 39.93 -19.59
CA PRO B 146 16.47 38.64 -19.68
C PRO B 146 15.64 37.54 -20.33
N TYR B 147 14.46 37.27 -19.75
CA TYR B 147 13.50 36.25 -20.18
C TYR B 147 13.98 34.83 -19.90
N ALA B 148 15.21 34.68 -19.45
CA ALA B 148 15.70 33.35 -19.14
C ALA B 148 16.73 33.39 -18.02
N GLY B 149 16.81 34.51 -17.32
CA GLY B 149 17.89 34.80 -16.40
C GLY B 149 18.21 33.71 -15.42
N TYR B 150 17.29 32.78 -15.18
CA TYR B 150 17.58 31.67 -14.30
C TYR B 150 18.76 30.89 -14.83
N ARG B 151 19.76 30.67 -13.98
CA ARG B 151 21.02 30.05 -14.38
C ARG B 151 20.99 28.58 -13.99
N GLU B 152 20.73 27.71 -14.98
CA GLU B 152 20.64 26.28 -14.71
C GLU B 152 22.02 25.70 -14.43
N THR B 153 22.07 24.81 -13.44
CA THR B 153 23.30 24.12 -13.06
C THR B 153 23.44 22.76 -13.72
N ASN B 154 22.44 22.32 -14.47
CA ASN B 154 22.43 20.98 -15.08
C ASN B 154 22.69 21.13 -16.57
N TYR B 155 23.96 21.18 -16.95
CA TYR B 155 24.32 21.27 -18.34
C TYR B 155 25.72 20.84 -18.60
N LEU B 156 25.93 20.23 -19.75
CA LEU B 156 27.24 19.87 -20.26
C LEU B 156 27.68 20.96 -21.22
N SER B 157 28.93 21.40 -21.08
CA SER B 157 29.49 22.48 -21.88
C SER B 157 30.33 21.87 -23.00
N SER B 158 30.17 22.39 -24.21
CA SER B 158 30.94 21.91 -25.34
C SER B 158 32.43 22.26 -25.17
N GLU B 159 33.25 21.67 -26.04
CA GLU B 159 34.70 21.87 -25.93
C GLU B 159 35.06 23.33 -26.13
N ASP B 160 34.42 24.00 -27.10
CA ASP B 160 34.67 25.42 -27.33
C ASP B 160 34.10 26.29 -26.22
N ASN B 161 33.30 25.72 -25.31
CA ASN B 161 32.66 26.43 -24.22
C ASN B 161 31.66 27.47 -24.72
N LYS B 162 31.09 27.23 -25.91
CA LYS B 162 30.09 28.12 -26.49
C LYS B 162 28.72 27.48 -26.63
N SER B 163 28.60 26.16 -26.48
CA SER B 163 27.35 25.44 -26.58
C SER B 163 27.08 24.69 -25.28
N PHE B 164 25.81 24.66 -24.88
CA PHE B 164 25.41 24.08 -23.61
C PHE B 164 24.21 23.17 -23.83
N TYR B 165 24.24 21.99 -23.20
CA TYR B 165 23.19 21.00 -23.38
C TYR B 165 22.68 20.55 -22.02
N ALA B 166 21.37 20.61 -21.82
CA ALA B 166 20.78 20.23 -20.54
C ALA B 166 21.06 18.76 -20.23
N SER B 167 21.35 18.47 -18.96
CA SER B 167 21.76 17.13 -18.56
C SER B 167 21.46 16.91 -17.08
N ASN B 168 20.67 15.89 -16.78
CA ASN B 168 20.43 15.47 -15.40
C ASN B 168 21.22 14.23 -15.01
N ILE B 169 21.32 13.24 -15.89
CA ILE B 169 21.99 11.99 -15.63
C ILE B 169 22.95 11.70 -16.78
N VAL B 170 24.19 11.38 -16.46
CA VAL B 170 25.15 10.88 -17.44
C VAL B 170 25.62 9.51 -16.97
N ILE B 171 25.52 8.52 -17.84
CA ILE B 171 25.85 7.13 -17.51
C ILE B 171 27.21 6.85 -18.12
N PHE B 172 28.24 6.84 -17.29
CA PHE B 172 29.59 6.52 -17.71
C PHE B 172 29.86 5.03 -17.58
N GLY B 173 31.06 4.62 -17.97
CA GLY B 173 31.54 3.28 -17.70
C GLY B 173 32.15 3.22 -16.33
N PRO B 174 32.87 2.13 -16.04
CA PRO B 174 33.50 2.00 -14.72
C PRO B 174 34.70 2.93 -14.59
N GLY B 175 35.09 3.16 -13.33
CA GLY B 175 36.29 3.91 -13.04
C GLY B 175 37.51 3.01 -13.02
N ALA B 176 38.32 3.11 -11.95
CA ALA B 176 39.47 2.23 -11.83
C ALA B 176 39.04 0.78 -11.65
N ASN B 177 38.00 0.54 -10.85
CA ASN B 177 37.48 -0.80 -10.59
C ASN B 177 36.30 -1.06 -11.53
N ILE B 178 36.42 -2.09 -12.37
CA ILE B 178 35.43 -2.34 -13.41
C ILE B 178 34.25 -3.18 -12.92
N VAL B 179 34.25 -3.61 -11.67
CA VAL B 179 33.13 -4.33 -11.10
C VAL B 179 32.47 -3.51 -10.00
N GLU B 180 32.70 -2.20 -9.97
CA GLU B 180 32.17 -1.29 -8.96
C GLU B 180 31.31 -0.25 -9.64
N ASN B 181 29.99 -0.41 -9.56
CA ASN B 181 29.09 0.66 -9.97
C ASN B 181 29.09 1.75 -8.91
N ASN B 182 28.87 2.99 -9.34
CA ASN B 182 28.91 4.10 -8.41
C ASN B 182 28.01 5.22 -8.91
N THR B 183 27.61 6.09 -7.98
CA THR B 183 26.77 7.24 -8.26
C THR B 183 27.38 8.46 -7.58
N VAL B 184 27.78 9.45 -8.37
CA VAL B 184 28.49 10.62 -7.86
C VAL B 184 27.74 11.88 -8.26
N PHE B 185 28.03 12.96 -7.55
CA PHE B 185 27.35 14.24 -7.72
C PHE B 185 28.25 15.24 -8.44
N TYR B 186 27.62 16.17 -9.16
CA TYR B 186 28.37 17.21 -9.84
C TYR B 186 28.94 18.22 -8.84
N LYS B 187 28.10 18.72 -7.94
CA LYS B 187 28.50 19.72 -6.95
C LYS B 187 27.93 19.32 -5.60
N LYS B 188 28.81 19.12 -4.62
CA LYS B 188 28.39 18.66 -3.30
C LYS B 188 27.51 19.70 -2.61
N GLU B 189 27.88 20.98 -2.71
CA GLU B 189 27.08 22.04 -2.10
C GLU B 189 25.65 22.02 -2.64
N ASP B 190 25.51 22.01 -3.97
CA ASP B 190 24.19 21.90 -4.57
C ASP B 190 23.53 20.55 -4.29
N ALA B 191 24.32 19.51 -4.03
CA ALA B 191 23.75 18.21 -3.69
C ALA B 191 23.17 18.18 -2.28
N GLU B 192 23.60 19.08 -1.39
CA GLU B 192 23.13 19.05 -0.01
C GLU B 192 22.22 20.20 0.39
N ASN B 193 22.11 21.26 -0.42
CA ASN B 193 21.37 22.44 -0.02
C ASN B 193 19.94 22.50 -0.56
N GLY B 194 19.46 21.41 -1.15
CA GLY B 194 18.12 21.38 -1.71
C GLY B 194 18.00 21.88 -3.14
N MET B 195 19.02 22.56 -3.65
CA MET B 195 18.99 22.99 -5.04
C MET B 195 19.07 21.79 -5.99
N GLY B 196 19.86 20.78 -5.63
CA GLY B 196 20.10 19.66 -6.51
C GLY B 196 21.28 19.89 -7.43
N THR B 197 21.80 18.79 -7.97
CA THR B 197 22.95 18.86 -8.85
C THR B 197 22.92 17.70 -9.83
N MET B 198 23.64 17.87 -10.94
CA MET B 198 23.73 16.81 -11.93
C MET B 198 24.41 15.58 -11.34
N THR B 199 23.96 14.40 -11.78
CA THR B 199 24.44 13.14 -11.23
C THR B 199 25.11 12.32 -12.32
N GLU B 200 26.27 11.75 -12.01
CA GLU B 200 27.02 10.89 -12.92
C GLU B 200 27.01 9.46 -12.38
N ILE B 201 26.97 8.49 -13.29
CA ILE B 201 26.85 7.08 -12.93
C ILE B 201 27.97 6.30 -13.60
N TRP B 202 28.66 5.49 -12.81
CA TRP B 202 29.60 4.50 -13.32
C TRP B 202 28.91 3.15 -13.29
N PHE B 203 28.78 2.51 -14.44
CA PHE B 203 28.04 1.25 -14.54
C PHE B 203 28.81 0.22 -15.34
N GLN B 204 28.69 -1.04 -14.92
CA GLN B 204 29.28 -2.18 -15.62
C GLN B 204 28.17 -3.11 -16.09
N PRO B 205 27.83 -3.10 -17.38
CA PRO B 205 26.75 -3.96 -17.88
C PRO B 205 27.20 -5.32 -18.40
N PHE B 206 28.50 -5.59 -18.46
CA PHE B 206 29.02 -6.81 -19.07
C PHE B 206 29.33 -7.90 -18.07
N LEU B 207 29.26 -7.63 -16.77
CA LEU B 207 29.64 -8.61 -15.76
C LEU B 207 28.56 -8.68 -14.69
N THR B 208 28.23 -9.90 -14.28
CA THR B 208 27.36 -10.13 -13.14
C THR B 208 27.99 -11.18 -12.25
N TYR B 209 27.35 -11.48 -11.12
CA TYR B 209 27.83 -12.52 -10.22
C TYR B 209 26.66 -13.38 -9.77
N LYS B 210 26.96 -14.65 -9.52
CA LYS B 210 25.94 -15.62 -9.10
C LYS B 210 25.82 -15.59 -7.58
N TYR B 211 24.62 -15.33 -7.09
CA TYR B 211 24.35 -15.36 -5.66
C TYR B 211 23.25 -16.37 -5.40
N ASP B 212 23.57 -17.45 -4.69
CA ASP B 212 22.56 -18.43 -4.29
C ASP B 212 21.70 -18.86 -5.46
N GLU B 213 22.35 -19.42 -6.49
CA GLU B 213 21.75 -20.07 -7.68
C GLU B 213 21.20 -19.13 -8.75
N PHE B 214 21.34 -17.82 -8.64
CA PHE B 214 20.85 -16.94 -9.69
C PHE B 214 21.81 -15.77 -9.89
N TYR B 215 21.80 -15.24 -11.12
CA TYR B 215 22.66 -14.13 -11.51
C TYR B 215 21.97 -12.80 -11.24
N ILE B 216 22.77 -11.81 -10.86
CA ILE B 216 22.24 -10.48 -10.60
C ILE B 216 21.84 -9.82 -11.91
N ASP B 217 20.64 -9.25 -11.95
CA ASP B 217 20.17 -8.57 -13.14
C ASP B 217 20.81 -7.19 -13.23
N PRO B 218 21.55 -6.87 -14.30
CA PRO B 218 22.16 -5.53 -14.40
C PRO B 218 21.13 -4.40 -14.43
N ALA B 219 19.91 -4.67 -14.91
CA ALA B 219 18.90 -3.64 -14.94
C ALA B 219 18.58 -3.13 -13.54
N ILE B 220 18.50 -4.03 -12.56
CA ILE B 220 18.17 -3.58 -11.21
C ILE B 220 19.36 -2.90 -10.54
N GLU B 221 20.59 -3.25 -10.92
CA GLU B 221 21.75 -2.48 -10.46
C GLU B 221 21.70 -1.05 -10.99
N LEU B 222 21.40 -0.90 -12.28
CA LEU B 222 21.19 0.43 -12.85
C LEU B 222 20.07 1.15 -12.10
N ILE B 223 19.01 0.43 -11.76
CA ILE B 223 17.89 1.05 -11.05
C ILE B 223 18.31 1.53 -9.66
N LYS B 224 19.19 0.77 -9.00
CA LYS B 224 19.72 1.23 -7.72
C LYS B 224 20.45 2.57 -7.89
N CYS B 225 21.30 2.65 -8.93
CA CYS B 225 22.01 3.90 -9.19
C CYS B 225 21.03 5.04 -9.51
N LEU B 226 20.00 4.75 -10.29
CA LEU B 226 19.01 5.76 -10.65
C LEU B 226 18.24 6.26 -9.43
N ILE B 227 17.88 5.34 -8.53
CA ILE B 227 17.20 5.75 -7.30
C ILE B 227 18.11 6.61 -6.44
N LYS B 228 19.39 6.20 -6.31
CA LYS B 228 20.32 7.02 -5.55
C LYS B 228 20.49 8.40 -6.17
N SER B 229 20.36 8.51 -7.49
CA SER B 229 20.46 9.81 -8.14
C SER B 229 19.34 10.76 -7.75
N LEU B 230 18.23 10.25 -7.19
CA LEU B 230 17.15 11.15 -6.79
C LEU B 230 17.56 12.02 -5.61
N TYR B 231 18.39 11.49 -4.71
CA TYR B 231 18.86 12.29 -3.59
C TYR B 231 19.72 13.45 -4.06
N PHE B 232 20.46 13.26 -5.16
CA PHE B 232 21.31 14.33 -5.68
C PHE B 232 20.50 15.30 -6.54
N LEU B 233 19.54 14.80 -7.30
CA LEU B 233 18.72 15.67 -8.14
C LEU B 233 17.87 16.61 -7.30
N TYR B 234 17.38 16.13 -6.15
CA TYR B 234 16.55 16.92 -5.25
C TYR B 234 17.35 17.66 -4.19
N GLY B 235 18.68 17.54 -4.21
CA GLY B 235 19.51 18.23 -3.24
C GLY B 235 19.26 17.81 -1.81
N ILE B 236 18.93 16.54 -1.59
CA ILE B 236 18.56 16.07 -0.27
C ILE B 236 19.59 15.05 0.20
N LYS B 237 20.81 15.17 -0.30
CA LYS B 237 21.89 14.32 0.18
C LYS B 237 22.16 14.66 1.64
N PRO B 238 22.10 13.69 2.55
CA PRO B 238 22.32 14.00 3.96
C PRO B 238 23.78 14.31 4.24
N SER B 239 24.04 14.74 5.46
CA SER B 239 25.42 14.87 5.92
C SER B 239 26.12 13.53 5.83
N ASP B 240 27.40 13.56 5.43
CA ASP B 240 28.16 12.33 5.26
C ASP B 240 28.25 11.53 6.56
N ASP B 241 28.05 12.18 7.71
CA ASP B 241 28.13 11.53 9.00
C ASP B 241 26.87 10.75 9.36
N LEU B 242 25.77 10.95 8.64
CA LEU B 242 24.54 10.22 8.93
C LEU B 242 24.69 8.78 8.45
N VAL B 243 25.05 7.89 9.36
CA VAL B 243 25.26 6.49 9.06
C VAL B 243 24.55 5.66 10.11
N ILE B 244 24.23 4.42 9.75
CA ILE B 244 23.55 3.50 10.65
C ILE B 244 24.39 2.24 10.81
N PRO B 245 24.35 1.58 11.96
CA PRO B 245 25.04 0.30 12.10
C PRO B 245 24.43 -0.74 11.18
N TYR B 246 25.27 -1.49 10.49
CA TYR B 246 24.84 -2.43 9.47
C TYR B 246 25.18 -3.87 9.79
N ARG B 247 26.33 -4.10 10.41
CA ARG B 247 26.75 -5.46 10.74
C ARG B 247 27.80 -5.40 11.83
N LEU B 248 27.57 -6.14 12.92
CA LEU B 248 28.60 -6.27 13.94
C LEU B 248 29.70 -7.20 13.44
N ARG B 249 30.94 -6.70 13.47
CA ARG B 249 32.09 -7.48 12.98
C ARG B 249 32.48 -8.48 14.06
N SER B 250 31.74 -9.58 14.10
CA SER B 250 31.99 -10.63 15.07
C SER B 250 33.22 -11.47 14.75
N GLU B 251 33.81 -11.31 13.56
CA GLU B 251 35.02 -12.04 13.23
C GLU B 251 36.24 -11.46 13.94
N LEU B 252 36.24 -10.17 14.23
CA LEU B 252 37.37 -9.53 14.88
C LEU B 252 37.36 -9.79 16.38
N GLU B 253 38.56 -9.74 16.97
CA GLU B 253 38.69 -9.98 18.40
C GLU B 253 37.94 -8.94 19.23
N ASN B 254 38.02 -7.68 18.82
CA ASN B 254 37.42 -6.57 19.55
C ASN B 254 36.06 -6.20 18.96
N ILE B 255 35.31 -5.41 19.72
CA ILE B 255 33.98 -4.99 19.30
C ILE B 255 34.13 -3.95 18.20
N GLU B 256 33.54 -4.22 17.04
CA GLU B 256 33.61 -3.30 15.91
C GLU B 256 32.34 -3.44 15.08
N TYR B 257 31.79 -2.30 14.68
CA TYR B 257 30.55 -2.25 13.89
C TYR B 257 30.86 -1.73 12.50
N SER B 258 30.48 -2.50 11.48
CA SER B 258 30.37 -1.94 10.14
C SER B 258 29.16 -1.04 10.07
N GLN B 259 29.26 0.01 9.26
CA GLN B 259 28.18 0.98 9.15
C GLN B 259 27.89 1.27 7.69
N LEU B 260 26.74 1.89 7.43
CA LEU B 260 26.32 2.19 6.08
C LEU B 260 25.64 3.55 6.04
N ASN B 261 25.87 4.29 4.95
CA ASN B 261 25.19 5.55 4.74
C ASN B 261 23.69 5.32 4.62
N ILE B 262 22.90 6.29 5.12
CA ILE B 262 21.46 6.13 5.15
C ILE B 262 20.89 6.00 3.75
N VAL B 263 21.51 6.65 2.76
CA VAL B 263 21.00 6.57 1.39
C VAL B 263 21.19 5.16 0.84
N ASP B 264 22.37 4.56 1.06
CA ASP B 264 22.60 3.21 0.57
C ASP B 264 21.62 2.22 1.20
N LEU B 265 21.34 2.40 2.50
CA LEU B 265 20.36 1.54 3.16
C LEU B 265 18.96 1.73 2.59
N LEU B 266 18.53 2.99 2.44
CA LEU B 266 17.18 3.28 1.97
C LEU B 266 16.99 3.02 0.49
N VAL B 267 18.06 2.80 -0.27
CA VAL B 267 17.95 2.52 -1.70
C VAL B 267 18.15 1.04 -2.01
N SER B 268 19.13 0.41 -1.37
CA SER B 268 19.46 -0.97 -1.71
C SER B 268 18.32 -1.93 -1.40
N GLY B 269 17.48 -1.59 -0.43
CA GLY B 269 16.36 -2.47 -0.11
C GLY B 269 16.80 -3.74 0.61
N GLY B 270 15.95 -4.75 0.50
CA GLY B 270 16.21 -6.01 1.17
C GLY B 270 15.43 -6.15 2.47
N ILE B 271 16.04 -6.76 3.48
CA ILE B 271 15.39 -6.98 4.77
C ILE B 271 15.94 -5.97 5.78
N ASP B 272 17.20 -5.56 5.59
CA ASP B 272 17.86 -4.66 6.54
C ASP B 272 17.12 -3.35 6.75
N PRO B 273 16.74 -2.60 5.71
CA PRO B 273 16.14 -1.28 5.96
C PRO B 273 14.83 -1.32 6.73
N LYS B 274 14.15 -2.47 6.78
CA LYS B 274 12.93 -2.58 7.56
C LYS B 274 13.17 -2.41 9.06
N PHE B 275 14.40 -2.63 9.53
CA PHE B 275 14.69 -2.41 10.95
C PHE B 275 14.94 -0.96 11.29
N ILE B 276 15.13 -0.10 10.30
CA ILE B 276 15.31 1.33 10.53
C ILE B 276 14.05 2.12 10.20
N ASN B 277 13.40 1.80 9.08
CA ASN B 277 12.13 2.44 8.74
C ASN B 277 11.02 1.67 9.44
N THR B 278 10.48 2.25 10.51
CA THR B 278 9.42 1.65 11.30
C THR B 278 8.20 2.55 11.30
N ASP B 279 7.02 1.97 11.54
CA ASP B 279 5.81 2.77 11.56
C ASP B 279 5.85 3.82 12.65
N PRO B 280 6.20 3.49 13.89
CA PRO B 280 6.66 4.53 14.80
C PRO B 280 8.17 4.65 14.65
N TYR B 281 8.64 5.82 14.24
CA TYR B 281 10.07 6.00 14.02
C TYR B 281 10.83 5.89 15.32
N TRP B 282 11.83 5.01 15.35
CA TRP B 282 12.72 4.91 16.49
C TRP B 282 14.09 5.51 16.22
N PHE B 283 14.41 5.77 14.97
CA PHE B 283 15.65 6.42 14.58
C PHE B 283 15.31 7.71 13.85
N THR B 284 15.78 8.83 14.40
CA THR B 284 15.58 10.14 13.80
C THR B 284 16.89 10.91 13.81
N ASP B 285 16.94 11.97 13.00
CA ASP B 285 18.12 12.81 12.88
C ASP B 285 17.66 14.18 12.40
N ASN B 286 18.54 15.17 12.58
CA ASN B 286 18.27 16.50 12.05
C ASN B 286 18.09 16.50 10.53
N TYR B 287 18.67 15.50 9.85
CA TYR B 287 18.62 15.49 8.39
C TYR B 287 17.19 15.42 7.87
N PHE B 288 16.35 14.56 8.45
CA PHE B 288 15.02 14.38 7.89
C PHE B 288 14.21 15.67 7.94
N SER B 289 14.14 16.28 9.13
CA SER B 289 13.40 17.53 9.27
C SER B 289 14.04 18.64 8.44
N ASN B 290 15.37 18.72 8.43
CA ASN B 290 16.04 19.80 7.70
C ASN B 290 15.84 19.68 6.20
N ALA B 291 15.91 18.46 5.66
CA ALA B 291 15.70 18.24 4.24
C ALA B 291 14.25 18.49 3.85
N LYS B 292 13.31 18.08 4.70
CA LYS B 292 11.91 18.44 4.46
C LYS B 292 11.75 19.96 4.41
N LYS B 293 12.43 20.66 5.33
CA LYS B 293 12.34 22.12 5.37
C LYS B 293 12.90 22.75 4.11
N VAL B 294 14.08 22.31 3.66
CA VAL B 294 14.69 22.93 2.48
C VAL B 294 13.91 22.59 1.22
N PHE B 295 13.35 21.37 1.14
CA PHE B 295 12.48 21.02 0.03
C PHE B 295 11.25 21.91 0.00
N GLU B 296 10.65 22.16 1.17
CA GLU B 296 9.53 23.08 1.25
C GLU B 296 9.94 24.49 0.84
N ASP B 297 11.16 24.90 1.19
CA ASP B 297 11.65 26.22 0.82
C ASP B 297 11.74 26.37 -0.69
N HIS B 298 12.33 25.39 -1.37
CA HIS B 298 12.43 25.46 -2.82
C HIS B 298 11.04 25.37 -3.47
N ARG B 299 10.14 24.57 -2.90
CA ARG B 299 8.78 24.52 -3.41
C ARG B 299 8.09 25.88 -3.29
N ASN B 300 8.27 26.56 -2.15
CA ASN B 300 7.72 27.89 -1.99
C ASN B 300 8.32 28.88 -2.99
N ILE B 301 9.63 28.76 -3.23
CA ILE B 301 10.29 29.60 -4.22
C ILE B 301 9.63 29.44 -5.59
N TYR B 302 9.33 28.19 -5.97
CA TYR B 302 8.59 27.98 -7.21
C TYR B 302 7.19 28.58 -7.12
N GLU B 303 6.43 28.21 -6.08
CA GLU B 303 5.00 28.50 -6.06
C GLU B 303 4.73 30.00 -6.04
N THR B 304 5.58 30.76 -5.35
CA THR B 304 5.35 32.20 -5.20
C THR B 304 6.02 33.02 -6.29
N GLU B 305 7.23 32.64 -6.70
CA GLU B 305 8.02 33.45 -7.63
C GLU B 305 8.07 32.87 -9.04
N ILE B 306 8.50 31.61 -9.18
CA ILE B 306 8.73 31.05 -10.50
C ILE B 306 7.42 30.86 -11.26
N GLU B 307 6.35 30.49 -10.55
CA GLU B 307 5.07 30.27 -11.21
C GLU B 307 4.55 31.54 -11.86
N GLY B 308 4.32 32.57 -11.04
CA GLY B 308 3.83 33.83 -11.57
C GLY B 308 4.90 34.65 -12.27
N ASN B 309 5.59 34.03 -13.22
CA ASN B 309 6.68 34.68 -13.94
C ASN B 309 6.65 34.14 -15.37
N ASN B 310 5.94 34.84 -16.24
CA ASN B 310 5.78 34.42 -17.63
C ASN B 310 6.93 34.88 -18.51
N ALA B 311 8.06 35.22 -17.91
CA ALA B 311 9.32 35.38 -18.63
C ALA B 311 10.20 34.16 -18.42
N ILE B 312 9.58 32.98 -18.37
CA ILE B 312 10.27 31.69 -18.30
C ILE B 312 9.66 30.78 -19.36
N GLY B 313 10.50 30.01 -20.02
CA GLY B 313 9.99 28.96 -20.89
C GLY B 313 9.37 27.84 -20.08
N ASN B 314 8.39 27.17 -20.70
CA ASN B 314 7.76 26.03 -20.04
C ASN B 314 8.74 24.91 -19.75
N ASP B 315 9.84 24.83 -20.52
CA ASP B 315 10.81 23.76 -20.38
C ASP B 315 11.45 23.73 -18.99
N ILE B 316 11.37 24.83 -18.24
CA ILE B 316 11.92 24.89 -16.89
C ILE B 316 10.82 24.81 -15.83
N LYS B 317 9.80 25.68 -15.94
CA LYS B 317 8.81 25.73 -14.88
C LYS B 317 7.85 24.56 -14.90
N LEU B 318 7.50 24.02 -16.07
CA LEU B 318 6.68 22.81 -16.08
C LEU B 318 7.42 21.63 -15.47
N ARG B 319 8.72 21.51 -15.75
CA ARG B 319 9.52 20.46 -15.14
C ARG B 319 9.63 20.65 -13.63
N LEU B 320 9.75 21.90 -13.17
CA LEU B 320 9.72 22.14 -11.73
C LEU B 320 8.37 21.78 -11.14
N LYS B 321 7.28 22.08 -11.85
CA LYS B 321 5.94 21.73 -11.42
C LYS B 321 5.82 20.22 -11.21
N GLN B 322 6.27 19.43 -12.18
CA GLN B 322 6.23 17.99 -12.03
C GLN B 322 7.22 17.50 -10.98
N LYS B 323 8.32 18.22 -10.78
CA LYS B 323 9.29 17.83 -9.76
C LYS B 323 8.71 17.96 -8.36
N PHE B 324 7.93 19.02 -8.11
CA PHE B 324 7.37 19.24 -6.79
C PHE B 324 6.02 18.57 -6.60
N ARG B 325 5.53 17.83 -7.60
CA ARG B 325 4.39 16.95 -7.40
C ARG B 325 4.72 15.80 -6.45
N ILE B 326 6.00 15.49 -6.28
CA ILE B 326 6.47 14.42 -5.42
C ILE B 326 6.76 14.98 -4.03
N ASN B 327 6.58 14.16 -3.01
CA ASN B 327 6.94 14.50 -1.65
C ASN B 327 8.27 13.84 -1.29
N ILE B 328 8.93 14.41 -0.27
CA ILE B 328 10.22 13.88 0.17
C ILE B 328 10.08 12.45 0.68
N ASN B 329 9.03 12.19 1.45
CA ASN B 329 8.81 10.85 1.98
C ASN B 329 8.65 9.83 0.86
N ASP B 330 8.16 10.26 -0.31
CA ASP B 330 8.11 9.35 -1.46
C ASP B 330 9.51 8.91 -1.86
N ILE B 331 10.46 9.85 -1.91
CA ILE B 331 11.84 9.49 -2.25
C ILE B 331 12.44 8.60 -1.18
N TRP B 332 12.17 8.91 0.09
CA TRP B 332 12.73 8.10 1.17
C TRP B 332 12.18 6.67 1.14
N GLU B 333 10.88 6.51 0.90
CA GLU B 333 10.26 5.20 0.88
C GLU B 333 10.60 4.40 -0.38
N LEU B 334 11.16 5.05 -1.40
CA LEU B 334 11.49 4.36 -2.64
C LEU B 334 12.79 3.57 -2.48
N ASN B 335 12.74 2.29 -2.84
CA ASN B 335 13.89 1.40 -2.70
C ASN B 335 13.84 0.36 -3.81
N LEU B 336 14.64 -0.70 -3.65
CA LEU B 336 14.77 -1.72 -4.68
C LEU B 336 13.74 -2.84 -4.57
N ASN B 337 13.16 -3.06 -3.38
CA ASN B 337 12.17 -4.11 -3.23
C ASN B 337 10.96 -3.87 -4.12
N TYR B 338 10.53 -2.60 -4.22
CA TYR B 338 9.40 -2.26 -5.07
C TYR B 338 9.65 -2.66 -6.51
N PHE B 339 10.84 -2.37 -7.03
CA PHE B 339 11.17 -2.77 -8.39
C PHE B 339 11.41 -4.26 -8.50
N SER B 340 11.88 -4.91 -7.43
CA SER B 340 12.01 -6.36 -7.45
C SER B 340 10.65 -7.01 -7.63
N LYS B 341 9.62 -6.50 -6.97
CA LYS B 341 8.27 -7.01 -7.16
C LYS B 341 7.74 -6.65 -8.54
N GLU B 342 7.90 -5.39 -8.96
CA GLU B 342 7.31 -4.94 -10.21
C GLU B 342 7.91 -5.67 -11.41
N PHE B 343 9.23 -5.87 -11.42
CA PHE B 343 9.91 -6.52 -12.53
C PHE B 343 10.04 -8.03 -12.35
N SER B 344 9.68 -8.56 -11.19
CA SER B 344 9.91 -9.97 -10.86
C SER B 344 11.38 -10.34 -11.03
N ILE B 345 12.24 -9.56 -10.38
CA ILE B 345 13.69 -9.73 -10.45
C ILE B 345 14.19 -10.20 -9.10
N MET B 346 14.97 -11.27 -9.10
CA MET B 346 15.53 -11.82 -7.87
C MET B 346 16.81 -11.08 -7.49
N MET B 347 16.95 -10.79 -6.21
CA MET B 347 18.07 -10.02 -5.70
C MET B 347 18.43 -10.53 -4.30
N PRO B 348 19.66 -10.32 -3.86
CA PRO B 348 19.99 -10.65 -2.46
C PRO B 348 19.16 -9.82 -1.50
N ASP B 349 18.72 -10.45 -0.41
CA ASP B 349 17.81 -9.82 0.52
C ASP B 349 18.41 -9.54 1.89
N ARG B 350 19.45 -10.25 2.29
CA ARG B 350 20.07 -10.08 3.60
C ARG B 350 21.46 -9.49 3.43
N PHE B 351 21.67 -8.30 4.01
CA PHE B 351 22.97 -7.63 4.04
C PHE B 351 23.54 -7.46 2.63
N ASN B 352 22.70 -6.97 1.71
CA ASN B 352 23.08 -6.91 0.30
C ASN B 352 24.26 -5.99 0.03
N ASN B 353 24.61 -5.09 0.96
CA ASN B 353 25.77 -4.22 0.79
C ASN B 353 27.03 -4.80 1.43
N ALA B 354 26.95 -5.94 2.10
CA ALA B 354 28.09 -6.57 2.75
C ALA B 354 28.38 -7.94 2.16
N LEU B 355 27.99 -8.16 0.91
CA LEU B 355 28.17 -9.47 0.27
C LEU B 355 29.64 -9.85 0.12
N LYS B 356 30.54 -8.87 0.09
CA LYS B 356 31.96 -9.15 -0.09
C LYS B 356 32.55 -9.93 1.09
N HIS B 357 31.84 -9.96 2.21
CA HIS B 357 32.31 -10.68 3.38
C HIS B 357 31.79 -12.10 3.45
N PHE B 358 30.51 -12.29 3.12
CA PHE B 358 29.87 -13.59 3.32
C PHE B 358 30.24 -14.61 2.26
N TYR B 359 30.45 -14.21 1.01
CA TYR B 359 30.83 -15.19 0.01
C TYR B 359 31.67 -14.54 -1.07
N ARG B 360 32.42 -15.37 -1.80
CA ARG B 360 33.39 -14.89 -2.78
C ARG B 360 32.74 -14.84 -4.17
N LYS B 361 32.51 -13.63 -4.66
CA LYS B 361 31.86 -13.47 -5.95
C LYS B 361 32.72 -14.00 -7.09
N GLN B 362 32.07 -14.63 -8.05
CA GLN B 362 32.70 -15.00 -9.31
C GLN B 362 31.89 -14.39 -10.45
N TYR B 363 32.57 -13.81 -11.42
CA TYR B 363 31.93 -12.93 -12.40
C TYR B 363 31.69 -13.67 -13.71
N TYR B 364 30.48 -13.51 -14.25
CA TYR B 364 30.06 -14.09 -15.51
C TYR B 364 29.82 -12.98 -16.52
N LYS B 365 30.19 -13.25 -17.77
CA LYS B 365 30.10 -12.27 -18.84
C LYS B 365 28.68 -12.23 -19.41
N ILE B 366 28.14 -11.02 -19.52
CA ILE B 366 26.82 -10.79 -20.10
C ILE B 366 27.01 -10.22 -21.50
N ASP B 367 26.33 -10.80 -22.48
CA ASP B 367 26.36 -10.31 -23.84
C ASP B 367 24.96 -9.88 -24.27
N TYR B 368 24.90 -8.86 -25.13
CA TYR B 368 23.64 -8.32 -25.60
C TYR B 368 23.56 -8.41 -27.11
N PRO B 369 22.40 -8.81 -27.66
CA PRO B 369 21.18 -9.23 -26.96
C PRO B 369 21.05 -10.74 -26.78
N GLU B 370 22.12 -11.50 -26.99
CA GLU B 370 22.02 -12.96 -26.92
C GLU B 370 21.76 -13.44 -25.49
N ASN B 371 22.55 -12.94 -24.54
CA ASN B 371 22.38 -13.34 -23.15
C ASN B 371 21.41 -12.45 -22.37
N TYR B 372 20.94 -11.36 -22.97
CA TYR B 372 20.09 -10.42 -22.25
C TYR B 372 19.32 -9.59 -23.26
N SER B 373 18.00 -9.65 -23.20
CA SER B 373 17.14 -8.89 -24.09
C SER B 373 16.26 -7.95 -23.27
N ILE B 374 15.30 -7.32 -23.94
CA ILE B 374 14.36 -6.44 -23.26
C ILE B 374 13.53 -7.20 -22.22
N ASN B 375 13.39 -8.51 -22.38
CA ASN B 375 12.70 -9.35 -21.41
C ASN B 375 13.63 -9.86 -20.31
N GLY B 376 14.73 -9.17 -20.06
CA GLY B 376 15.69 -9.64 -19.08
C GLY B 376 16.57 -10.74 -19.64
N PHE B 377 17.18 -11.50 -18.72
CA PHE B 377 18.00 -12.62 -19.12
C PHE B 377 17.18 -13.62 -19.94
N VAL B 378 17.78 -14.12 -21.02
CA VAL B 378 17.17 -15.21 -21.76
C VAL B 378 17.21 -16.47 -20.90
N ASN B 379 16.08 -17.17 -20.82
CA ASN B 379 15.90 -18.32 -19.92
C ASN B 379 16.03 -17.90 -18.46
N GLY B 380 15.71 -16.65 -18.16
CA GLY B 380 15.58 -16.19 -16.78
C GLY B 380 16.92 -16.07 -16.06
N GLN B 381 16.82 -15.62 -14.81
CA GLN B 381 17.98 -15.47 -13.95
C GLN B 381 18.49 -16.80 -13.39
N ILE B 382 17.73 -17.88 -13.57
CA ILE B 382 18.14 -19.20 -13.06
C ILE B 382 18.85 -20.00 -14.14
N ASN B 383 18.25 -20.13 -15.32
CA ASN B 383 18.75 -21.01 -16.36
C ASN B 383 19.47 -20.26 -17.48
N ALA B 384 19.97 -19.07 -17.19
CA ALA B 384 20.72 -18.32 -18.19
C ALA B 384 22.02 -19.01 -18.51
N GLN B 385 22.35 -19.09 -19.81
CA GLN B 385 23.58 -19.73 -20.27
C GLN B 385 24.67 -18.66 -20.31
N LEU B 386 25.33 -18.45 -19.17
CA LEU B 386 26.38 -17.45 -19.06
C LEU B 386 27.73 -18.14 -18.88
N SER B 387 28.77 -17.51 -19.44
CA SER B 387 30.13 -18.01 -19.36
C SER B 387 30.90 -17.28 -18.28
N LEU B 388 31.73 -18.01 -17.55
CA LEU B 388 32.61 -17.39 -16.56
C LEU B 388 33.54 -16.41 -17.25
N SER B 389 33.61 -15.19 -16.71
CA SER B 389 34.44 -14.16 -17.31
C SER B 389 35.92 -14.51 -17.17
N ASP B 390 36.71 -14.09 -18.17
CA ASP B 390 38.13 -14.35 -18.17
C ASP B 390 38.85 -13.62 -17.04
N ARG B 391 38.20 -12.63 -16.42
CA ARG B 391 38.83 -11.76 -15.44
C ARG B 391 38.75 -12.30 -14.02
N ASN B 392 38.18 -13.49 -13.82
CA ASN B 392 38.10 -14.04 -12.47
C ASN B 392 39.47 -14.28 -11.85
N GLN B 393 40.50 -14.41 -12.67
CA GLN B 393 41.87 -14.56 -12.17
C GLN B 393 42.51 -13.23 -11.78
N ASP B 394 41.91 -12.10 -12.16
CA ASP B 394 42.48 -10.80 -11.89
C ASP B 394 41.87 -10.13 -10.66
N ILE B 395 41.10 -10.88 -9.87
CA ILE B 395 40.45 -10.31 -8.69
C ILE B 395 41.48 -10.09 -7.59
N ILE B 396 41.44 -8.91 -6.97
CA ILE B 396 42.37 -8.60 -5.89
C ILE B 396 41.91 -9.32 -4.62
N ASN B 397 42.83 -10.04 -3.99
CA ASN B 397 42.53 -10.84 -2.80
C ASN B 397 43.25 -10.24 -1.61
N LYS B 398 42.55 -9.38 -0.88
CA LYS B 398 43.06 -8.76 0.34
C LYS B 398 42.12 -9.10 1.49
N PRO B 399 42.39 -10.16 2.23
CA PRO B 399 41.48 -10.56 3.32
C PRO B 399 41.47 -9.53 4.44
N GLU B 400 40.31 -9.43 5.10
CA GLU B 400 40.22 -8.61 6.30
C GLU B 400 41.12 -9.16 7.40
N GLU B 401 41.12 -10.49 7.56
CA GLU B 401 42.03 -11.12 8.51
C GLU B 401 42.35 -12.53 8.03
N ILE B 402 43.38 -13.11 8.64
CA ILE B 402 43.87 -14.43 8.28
C ILE B 402 44.01 -15.26 9.55
N ILE B 403 43.35 -16.42 9.54
CA ILE B 403 43.38 -17.36 10.66
C ILE B 403 44.52 -18.33 10.44
N ASN B 404 45.50 -18.31 11.35
CA ASN B 404 46.62 -19.24 11.31
C ASN B 404 46.35 -20.33 12.34
N LEU B 405 46.08 -21.55 11.86
CA LEU B 405 45.78 -22.67 12.73
C LEU B 405 47.08 -23.36 13.10
N LEU B 406 47.46 -23.27 14.37
CA LEU B 406 48.67 -23.88 14.89
C LEU B 406 48.34 -25.15 15.66
N ASN B 407 49.39 -25.87 16.02
CA ASN B 407 49.28 -27.08 16.83
C ASN B 407 50.05 -26.86 18.15
N GLY B 408 50.22 -27.96 18.90
CA GLY B 408 50.93 -27.85 20.16
C GLY B 408 52.34 -27.32 20.02
N ASN B 409 53.06 -27.76 18.98
CA ASN B 409 54.43 -27.32 18.75
C ASN B 409 54.52 -25.95 18.10
N ASN B 410 53.39 -25.29 17.85
CA ASN B 410 53.33 -23.93 17.32
C ASN B 410 53.97 -23.86 15.93
N VAL B 411 53.41 -24.64 15.00
CA VAL B 411 53.78 -24.61 13.60
C VAL B 411 52.49 -24.49 12.78
N SER B 412 52.55 -23.67 11.72
CA SER B 412 51.36 -23.36 10.93
C SER B 412 50.89 -24.60 10.18
N LEU B 413 49.73 -25.13 10.60
CA LEU B 413 49.11 -26.23 9.87
C LEU B 413 48.35 -25.73 8.64
N MET B 414 47.74 -24.57 8.74
CA MET B 414 46.91 -24.05 7.66
C MET B 414 46.64 -22.57 7.92
N ARG B 415 46.38 -21.83 6.83
CA ARG B 415 46.13 -20.41 6.88
C ARG B 415 44.90 -20.09 6.04
N SER B 416 43.85 -19.59 6.68
CA SER B 416 42.57 -19.33 6.03
C SER B 416 42.29 -17.84 5.95
N ASN B 417 41.55 -17.45 4.93
CA ASN B 417 41.25 -16.04 4.65
C ASN B 417 39.84 -15.70 5.09
N ILE B 418 39.67 -14.48 5.62
CA ILE B 418 38.36 -13.92 5.90
C ILE B 418 38.33 -12.50 5.35
N TYR B 419 37.38 -12.24 4.45
CA TYR B 419 37.30 -10.99 3.71
C TYR B 419 36.23 -10.11 4.34
N GLY B 420 36.52 -8.81 4.42
CA GLY B 420 35.58 -7.88 5.00
C GLY B 420 34.56 -7.37 3.99
N ASP B 421 33.60 -6.60 4.51
CA ASP B 421 32.53 -6.06 3.68
C ASP B 421 32.98 -4.87 2.83
N GLY B 422 34.08 -4.21 3.19
CA GLY B 422 34.52 -3.02 2.51
C GLY B 422 33.95 -1.72 3.04
N LEU B 423 32.90 -1.80 3.87
CA LEU B 423 32.33 -0.60 4.47
C LEU B 423 33.25 -0.07 5.57
N LYS B 424 33.08 1.22 5.88
CA LYS B 424 33.85 1.82 6.95
C LYS B 424 33.37 1.29 8.30
N SER B 425 34.29 1.27 9.27
CA SER B 425 34.02 0.73 10.59
C SER B 425 34.06 1.84 11.64
N SER B 426 33.32 1.64 12.73
CA SER B 426 33.30 2.56 13.84
C SER B 426 33.27 1.76 15.14
N VAL B 427 34.21 2.05 16.03
CA VAL B 427 34.33 1.33 17.29
C VAL B 427 33.52 2.04 18.36
N ASP B 428 32.70 3.00 17.95
CA ASP B 428 32.01 3.88 18.89
C ASP B 428 30.79 3.25 19.54
N ASP B 429 30.24 2.18 18.97
CA ASP B 429 29.09 1.45 19.53
C ASP B 429 27.89 2.38 19.68
N PHE B 430 27.34 2.75 18.51
CA PHE B 430 26.16 3.61 18.39
C PHE B 430 25.06 3.26 19.38
N TYR B 431 24.81 1.97 19.60
CA TYR B 431 23.66 1.54 20.38
C TYR B 431 23.73 2.04 21.83
N SER B 432 24.92 1.99 22.44
CA SER B 432 25.04 2.30 23.85
C SER B 432 24.79 3.77 24.16
N ASN B 433 24.91 4.66 23.18
CA ASN B 433 24.77 6.09 23.41
C ASN B 433 23.49 6.69 22.83
N TYR B 434 22.61 5.86 22.26
CA TYR B 434 21.45 6.37 21.54
C TYR B 434 20.26 6.54 22.48
N LYS B 435 19.67 7.73 22.46
CA LYS B 435 18.50 8.05 23.26
C LYS B 435 17.27 7.95 22.38
N ILE B 436 16.36 7.05 22.74
CA ILE B 436 15.14 6.84 21.94
C ILE B 436 14.23 8.05 22.10
N PRO B 437 13.79 8.67 21.01
CA PRO B 437 13.01 9.91 21.12
C PRO B 437 11.64 9.66 21.72
N TYR B 438 11.26 10.50 22.68
CA TYR B 438 9.91 10.43 23.25
C TYR B 438 8.91 11.17 22.36
N ASN B 439 9.27 12.38 21.93
CA ASN B 439 8.41 13.23 21.12
C ASN B 439 8.84 13.23 19.65
N ARG B 440 8.02 13.88 18.83
CA ARG B 440 8.25 14.28 17.45
C ARG B 440 8.27 13.11 16.46
N ALA B 441 8.25 11.87 16.94
CA ALA B 441 8.18 10.70 16.09
C ALA B 441 7.03 9.79 16.52
N TYR B 442 6.15 10.31 17.38
CA TYR B 442 5.14 9.50 18.06
C TYR B 442 4.09 8.97 17.10
N GLU B 443 3.67 9.79 16.15
CA GLU B 443 2.54 9.45 15.29
C GLU B 443 2.98 8.55 14.15
N SER B 449 3.52 5.06 5.19
CA SER B 449 4.65 4.33 4.65
C SER B 449 4.19 3.28 3.65
N ASN B 450 3.26 3.67 2.78
CA ASN B 450 2.69 2.74 1.82
C ASN B 450 3.70 2.37 0.75
N ASP B 451 3.51 1.18 0.16
CA ASP B 451 4.35 0.70 -0.94
C ASP B 451 3.93 1.35 -2.25
N SER B 452 3.97 2.68 -2.26
CA SER B 452 3.60 3.44 -3.45
C SER B 452 4.18 4.85 -3.32
N SER B 453 5.14 5.19 -4.17
CA SER B 453 5.81 6.48 -4.11
C SER B 453 5.74 7.28 -5.40
N LEU B 454 5.63 6.62 -6.56
CA LEU B 454 5.69 7.29 -7.86
C LEU B 454 4.30 7.56 -8.45
N ASP B 455 3.26 7.55 -7.61
CA ASP B 455 1.91 7.79 -8.12
C ASP B 455 1.76 9.18 -8.70
N ASN B 456 2.48 10.15 -8.14
CA ASN B 456 2.37 11.54 -8.60
C ASN B 456 3.19 11.82 -9.86
N VAL B 457 3.96 10.85 -10.34
CA VAL B 457 4.65 10.99 -11.62
C VAL B 457 3.63 10.70 -12.73
N ASN B 458 3.30 11.73 -13.51
CA ASN B 458 2.35 11.60 -14.61
C ASN B 458 3.15 11.61 -15.90
N ILE B 459 3.22 10.47 -16.57
CA ILE B 459 4.09 10.33 -17.75
C ILE B 459 3.57 11.19 -18.89
N GLY B 460 2.26 11.32 -19.03
CA GLY B 460 1.72 12.09 -20.15
C GLY B 460 2.13 13.55 -20.11
N VAL B 461 1.90 14.21 -18.98
CA VAL B 461 2.21 15.63 -18.88
C VAL B 461 3.72 15.86 -19.00
N ILE B 462 4.52 14.97 -18.41
CA ILE B 462 5.98 15.08 -18.52
C ILE B 462 6.41 14.95 -19.97
N ASP B 463 5.82 13.99 -20.70
CA ASP B 463 6.13 13.82 -22.11
C ASP B 463 5.67 15.00 -22.95
N ASN B 464 4.77 15.83 -22.43
CA ASN B 464 4.33 17.01 -23.17
C ASN B 464 5.17 18.25 -22.88
N ILE B 465 6.11 18.19 -21.94
CA ILE B 465 6.97 19.33 -21.63
C ILE B 465 8.11 19.39 -22.65
N PRO B 466 8.27 20.51 -23.35
CA PRO B 466 9.35 20.61 -24.34
C PRO B 466 10.72 20.62 -23.70
N GLU B 467 11.71 20.19 -24.47
CA GLU B 467 13.08 20.10 -23.98
C GLU B 467 13.68 21.49 -23.76
N ILE B 468 14.67 21.54 -22.89
CA ILE B 468 15.38 22.79 -22.58
C ILE B 468 16.37 23.06 -23.70
N ILE B 469 16.14 24.14 -24.44
CA ILE B 469 16.96 24.44 -25.61
C ILE B 469 17.96 25.56 -25.29
N ASP B 470 17.46 26.73 -24.93
CA ASP B 470 18.30 27.89 -24.69
C ASP B 470 18.76 27.85 -23.24
N VAL B 471 19.93 27.29 -23.02
CA VAL B 471 20.48 27.11 -21.68
C VAL B 471 21.24 28.36 -21.28
N ASN B 472 20.87 28.95 -20.14
CA ASN B 472 21.62 30.04 -19.55
C ASN B 472 22.52 29.47 -18.46
N PRO B 473 23.76 29.12 -18.78
CA PRO B 473 24.57 28.33 -17.86
C PRO B 473 24.96 29.09 -16.60
N TYR B 474 25.05 28.35 -15.50
CA TYR B 474 25.63 28.86 -14.26
C TYR B 474 27.10 28.48 -14.25
N LYS B 475 27.97 29.47 -14.07
CA LYS B 475 29.39 29.30 -14.39
C LYS B 475 30.02 28.20 -13.54
N GLU B 476 29.93 28.32 -12.22
CA GLU B 476 30.58 27.37 -11.32
C GLU B 476 29.52 26.41 -10.77
N ASN B 477 29.23 25.39 -11.56
CA ASN B 477 28.19 24.42 -11.25
C ASN B 477 28.75 23.08 -10.76
N CYS B 478 30.07 22.93 -10.68
CA CYS B 478 30.65 21.65 -10.32
C CYS B 478 31.85 21.87 -9.41
N ASP B 479 32.30 20.78 -8.79
CA ASP B 479 33.49 20.77 -7.95
C ASP B 479 34.59 19.96 -8.63
N LYS B 480 35.79 20.09 -8.10
CA LYS B 480 36.90 19.24 -8.52
C LYS B 480 36.64 17.83 -7.99
N PHE B 481 36.61 16.84 -8.89
CA PHE B 481 36.31 15.48 -8.48
C PHE B 481 37.50 14.90 -7.73
N SER B 482 37.28 14.56 -6.45
CA SER B 482 38.34 14.03 -5.62
C SER B 482 38.15 12.52 -5.48
N PRO B 483 39.00 11.70 -6.08
CA PRO B 483 38.87 10.25 -5.92
C PRO B 483 39.15 9.82 -4.48
N VAL B 484 38.53 8.71 -4.09
CA VAL B 484 38.68 8.14 -2.75
C VAL B 484 39.55 6.91 -2.84
N GLN B 485 40.61 6.87 -2.03
CA GLN B 485 41.53 5.76 -1.98
C GLN B 485 41.34 4.99 -0.69
N LYS B 486 41.67 3.69 -0.72
CA LYS B 486 41.47 2.82 0.43
C LYS B 486 42.63 1.84 0.52
N ILE B 487 43.30 1.83 1.67
CA ILE B 487 44.31 0.84 1.99
C ILE B 487 43.65 -0.27 2.80
N THR B 488 43.68 -1.48 2.27
CA THR B 488 43.07 -2.63 2.93
C THR B 488 44.06 -3.25 3.90
N SER B 489 43.74 -3.21 5.19
CA SER B 489 44.61 -3.78 6.21
C SER B 489 44.25 -5.25 6.43
N THR B 490 45.28 -6.04 6.72
CA THR B 490 45.12 -7.47 6.99
C THR B 490 45.63 -7.79 8.38
N ARG B 491 44.80 -8.43 9.19
CA ARG B 491 45.21 -8.92 10.49
C ARG B 491 45.66 -10.37 10.35
N GLU B 492 46.57 -10.78 11.23
CA GLU B 492 47.10 -12.15 11.24
C GLU B 492 46.92 -12.70 12.64
N ILE B 493 45.88 -13.51 12.85
CA ILE B 493 45.53 -13.98 14.19
C ILE B 493 45.74 -15.49 14.26
N ASN B 494 46.33 -15.94 15.34
CA ASN B 494 46.67 -17.35 15.54
C ASN B 494 45.66 -18.02 16.45
N THR B 495 45.47 -19.33 16.23
CA THR B 495 44.55 -20.08 17.07
C THR B 495 44.95 -21.55 17.06
N ASN B 496 44.68 -22.24 18.18
CA ASN B 496 44.87 -23.67 18.27
C ASN B 496 43.60 -24.46 18.03
N ILE B 497 42.44 -23.88 18.34
CA ILE B 497 41.15 -24.49 18.05
C ILE B 497 40.71 -24.05 16.66
N PRO B 498 40.46 -24.98 15.74
CA PRO B 498 40.12 -24.57 14.36
C PRO B 498 38.84 -23.75 14.31
N TRP B 499 38.85 -22.75 13.44
CA TRP B 499 37.69 -21.89 13.18
C TRP B 499 36.80 -22.54 12.13
N PRO B 500 35.56 -22.06 11.99
CA PRO B 500 34.71 -22.58 10.91
C PRO B 500 35.34 -22.42 9.53
N ILE B 501 36.04 -21.30 9.30
CA ILE B 501 36.70 -21.11 8.02
C ILE B 501 37.81 -22.12 7.82
N ASN B 502 38.42 -22.59 8.92
CA ASN B 502 39.44 -23.64 8.80
C ASN B 502 38.83 -24.92 8.27
N TYR B 503 37.73 -25.36 8.87
CA TYR B 503 37.05 -26.57 8.40
C TYR B 503 36.54 -26.40 6.98
N LEU B 504 36.08 -25.19 6.63
CA LEU B 504 35.62 -24.95 5.27
C LEU B 504 36.75 -25.08 4.27
N GLN B 505 37.90 -24.47 4.56
CA GLN B 505 39.04 -24.56 3.65
C GLN B 505 39.58 -25.98 3.56
N ALA B 506 39.46 -26.76 4.63
CA ALA B 506 39.94 -28.14 4.61
C ALA B 506 39.16 -29.01 3.63
N GLN B 507 38.01 -28.55 3.13
CA GLN B 507 37.19 -29.32 2.21
C GLN B 507 37.53 -29.05 0.74
N ASN B 508 38.59 -28.29 0.48
CA ASN B 508 39.03 -27.99 -0.88
C ASN B 508 40.41 -28.58 -1.11
N THR B 509 40.59 -29.24 -2.27
CA THR B 509 41.88 -29.78 -2.66
C THR B 509 42.09 -29.55 -4.15
N ASN B 510 43.31 -29.17 -4.52
CA ASN B 510 43.70 -29.02 -5.92
C ASN B 510 44.28 -30.31 -6.49
N ASN B 511 44.23 -31.40 -5.74
CA ASN B 511 44.84 -32.65 -6.16
C ASN B 511 43.91 -33.41 -7.10
N GLU B 512 44.46 -33.86 -8.23
CA GLU B 512 43.66 -34.66 -9.16
C GLU B 512 43.18 -35.94 -8.51
N LYS B 513 44.05 -36.62 -7.76
CA LYS B 513 43.71 -37.83 -7.04
C LYS B 513 43.68 -37.52 -5.56
N PHE B 514 42.49 -37.63 -4.95
CA PHE B 514 42.30 -37.32 -3.54
C PHE B 514 41.49 -38.42 -2.88
N SER B 515 41.37 -38.33 -1.55
CA SER B 515 40.64 -39.30 -0.76
C SER B 515 39.82 -38.58 0.31
N LEU B 516 38.57 -39.01 0.48
CA LEU B 516 37.69 -38.44 1.48
C LEU B 516 38.06 -38.96 2.87
N SER B 517 38.11 -38.06 3.85
CA SER B 517 38.39 -38.44 5.22
C SER B 517 37.50 -37.63 6.16
N SER B 518 37.13 -38.24 7.28
CA SER B 518 36.32 -37.59 8.30
C SER B 518 37.15 -37.16 9.51
N ASP B 519 38.47 -37.07 9.35
CA ASP B 519 39.38 -36.70 10.43
C ASP B 519 40.07 -35.40 10.03
N PHE B 520 39.64 -34.29 10.63
CA PHE B 520 40.16 -32.97 10.25
C PHE B 520 41.65 -32.85 10.56
N VAL B 521 42.09 -33.34 11.72
CA VAL B 521 43.48 -33.23 12.09
C VAL B 521 44.35 -34.02 11.12
N GLU B 522 43.92 -35.22 10.75
CA GLU B 522 44.68 -36.01 9.78
C GLU B 522 44.71 -35.33 8.42
N VAL B 523 43.60 -34.68 8.03
CA VAL B 523 43.54 -34.02 6.73
C VAL B 523 44.49 -32.84 6.67
N VAL B 524 44.50 -31.99 7.71
CA VAL B 524 45.33 -30.79 7.66
C VAL B 524 46.80 -31.14 7.94
N SER B 525 47.07 -32.23 8.64
CA SER B 525 48.43 -32.69 8.92
C SER B 525 48.88 -33.78 7.97
N SER B 526 48.21 -33.92 6.83
CA SER B 526 48.50 -35.02 5.91
C SER B 526 49.93 -34.92 5.37
N LYS B 527 50.57 -36.07 5.21
CA LYS B 527 51.90 -36.15 4.62
C LYS B 527 51.87 -36.55 3.15
N ASP B 528 50.79 -36.22 2.44
CA ASP B 528 50.63 -36.63 1.05
C ASP B 528 50.72 -35.46 0.07
N LYS B 529 49.90 -34.40 0.19
CA LYS B 529 48.80 -34.23 1.12
C LYS B 529 47.49 -34.30 0.35
N SER B 530 46.97 -35.52 0.18
CA SER B 530 45.88 -35.80 -0.76
C SER B 530 44.57 -36.12 -0.06
N LEU B 531 44.44 -35.76 1.22
CA LEU B 531 43.26 -36.07 2.00
C LEU B 531 42.38 -34.83 2.08
N VAL B 532 41.08 -35.00 1.83
CA VAL B 532 40.13 -33.89 1.87
C VAL B 532 39.08 -34.20 2.94
N TYR B 533 38.80 -33.19 3.77
CA TYR B 533 37.84 -33.37 4.86
C TYR B 533 36.43 -33.46 4.31
N SER B 534 35.69 -34.46 4.75
CA SER B 534 34.33 -34.69 4.28
C SER B 534 33.50 -35.29 5.40
N PHE B 535 32.23 -34.88 5.47
CA PHE B 535 31.28 -35.42 6.43
C PHE B 535 30.27 -36.35 5.77
N LEU B 536 30.49 -36.74 4.52
CA LEU B 536 29.61 -37.66 3.80
C LEU B 536 29.86 -39.06 4.31
N SER B 537 29.18 -39.42 5.41
CA SER B 537 29.44 -40.69 6.07
C SER B 537 29.01 -41.86 5.18
N ASN B 538 27.81 -41.80 4.61
CA ASN B 538 27.31 -42.90 3.80
C ASN B 538 28.16 -43.09 2.53
N VAL B 539 28.58 -41.98 1.91
CA VAL B 539 29.40 -42.07 0.71
C VAL B 539 30.71 -42.78 1.00
N MET B 540 31.38 -42.37 2.09
CA MET B 540 32.63 -43.01 2.46
C MET B 540 32.43 -44.47 2.84
N PHE B 541 31.31 -44.78 3.50
CA PHE B 541 31.04 -46.16 3.86
C PHE B 541 30.87 -47.03 2.61
N TYR B 542 30.10 -46.54 1.63
CA TYR B 542 29.92 -47.32 0.41
C TYR B 542 31.22 -47.45 -0.36
N LEU B 543 32.02 -46.39 -0.41
CA LEU B 543 33.31 -46.47 -1.08
C LEU B 543 34.24 -47.46 -0.39
N ASP B 544 34.13 -47.59 0.93
CA ASP B 544 34.91 -48.60 1.64
C ASP B 544 34.40 -50.00 1.33
N SER B 545 33.08 -50.18 1.24
CA SER B 545 32.52 -51.51 1.06
C SER B 545 32.94 -52.14 -0.26
N ILE B 546 33.24 -51.34 -1.27
CA ILE B 546 33.61 -51.84 -2.58
C ILE B 546 35.10 -51.71 -2.83
N LYS B 547 35.90 -51.47 -1.79
CA LYS B 547 37.32 -51.23 -1.97
C LYS B 547 38.08 -52.48 -2.40
N ASP B 548 37.49 -53.67 -2.22
CA ASP B 548 38.12 -54.92 -2.61
C ASP B 548 37.40 -55.61 -3.76
N ASN B 549 36.36 -55.00 -4.32
CA ASN B 549 35.58 -55.64 -5.36
C ASN B 549 36.33 -55.63 -6.69
N SER B 550 35.79 -56.39 -7.64
CA SER B 550 36.31 -56.35 -9.00
C SER B 550 36.11 -54.96 -9.59
N PRO B 551 37.09 -54.42 -10.31
CA PRO B 551 36.93 -53.09 -10.90
C PRO B 551 35.81 -53.09 -11.94
N ILE B 552 35.18 -51.92 -12.10
CA ILE B 552 34.01 -51.81 -12.97
C ILE B 552 34.42 -52.03 -14.41
N ASP B 553 33.75 -52.96 -15.07
CA ASP B 553 34.03 -53.29 -16.47
C ASP B 553 32.81 -53.19 -17.37
N THR B 554 31.64 -53.62 -16.90
CA THR B 554 30.41 -53.52 -17.67
C THR B 554 29.66 -52.24 -17.30
N ASP B 555 28.86 -51.75 -18.26
CA ASP B 555 28.07 -50.55 -18.02
C ASP B 555 27.07 -50.76 -16.90
N LYS B 556 26.55 -51.98 -16.74
CA LYS B 556 25.68 -52.24 -15.62
C LYS B 556 26.37 -51.92 -14.29
N LYS B 557 27.61 -52.43 -14.11
CA LYS B 557 28.33 -52.21 -12.86
C LYS B 557 28.49 -50.72 -12.58
N TYR B 558 28.77 -49.93 -13.62
CA TYR B 558 28.85 -48.48 -13.41
C TYR B 558 27.50 -47.90 -13.02
N TYR B 559 26.41 -48.41 -13.58
CA TYR B 559 25.10 -47.92 -13.18
C TYR B 559 24.82 -48.21 -11.71
N LEU B 560 25.19 -49.41 -11.26
CA LEU B 560 25.04 -49.77 -9.84
C LEU B 560 25.88 -48.83 -8.96
N TRP B 561 27.14 -48.62 -9.33
CA TRP B 561 28.03 -47.75 -8.56
C TRP B 561 27.51 -46.32 -8.51
N LEU B 562 27.11 -45.78 -9.66
CA LEU B 562 26.63 -44.41 -9.74
C LEU B 562 25.34 -44.22 -8.95
N ARG B 563 24.41 -45.19 -9.06
CA ARG B 563 23.17 -45.08 -8.31
C ARG B 563 23.43 -45.11 -6.81
N GLU B 564 24.32 -45.99 -6.35
CA GLU B 564 24.62 -46.03 -4.92
C GLU B 564 25.32 -44.75 -4.47
N ILE B 565 26.22 -44.21 -5.30
CA ILE B 565 26.86 -42.94 -4.96
C ILE B 565 25.82 -41.84 -4.81
N PHE B 566 24.89 -41.76 -5.76
CA PHE B 566 23.85 -40.74 -5.71
C PHE B 566 22.99 -40.90 -4.46
N ARG B 567 22.57 -42.13 -4.15
CA ARG B 567 21.70 -42.35 -3.00
C ARG B 567 22.41 -41.99 -1.70
N ASN B 568 23.69 -42.39 -1.57
CA ASN B 568 24.41 -42.09 -0.33
C ASN B 568 24.66 -40.60 -0.18
N TYR B 569 25.04 -39.91 -1.27
CA TYR B 569 25.22 -38.45 -1.18
C TYR B 569 23.90 -37.76 -0.86
N SER B 570 22.80 -38.28 -1.42
CA SER B 570 21.48 -37.74 -1.14
C SER B 570 21.13 -37.89 0.33
N PHE B 571 21.42 -39.06 0.91
CA PHE B 571 21.14 -39.29 2.33
C PHE B 571 22.03 -38.43 3.21
N ASP B 572 23.27 -38.19 2.81
CA ASP B 572 24.20 -37.42 3.62
C ASP B 572 23.87 -35.93 3.58
N ILE B 573 23.81 -35.33 2.39
CA ILE B 573 23.73 -33.89 2.27
C ILE B 573 22.37 -33.37 2.74
N THR B 574 21.31 -34.17 2.59
CA THR B 574 19.95 -33.76 2.99
C THR B 574 19.56 -34.30 4.35
N ALA B 575 20.53 -34.59 5.22
CA ALA B 575 20.23 -35.18 6.52
C ALA B 575 19.63 -34.13 7.45
N THR B 576 18.38 -34.34 7.86
CA THR B 576 17.69 -33.45 8.78
C THR B 576 17.11 -34.28 9.92
N GLN B 577 16.92 -33.61 11.06
CA GLN B 577 16.29 -34.22 12.23
C GLN B 577 15.48 -33.17 12.96
N GLU B 578 14.21 -33.47 13.23
CA GLU B 578 13.35 -32.51 13.92
C GLU B 578 13.54 -32.63 15.42
N ILE B 579 13.80 -31.50 16.08
CA ILE B 579 14.03 -31.49 17.53
C ILE B 579 13.15 -30.43 18.18
N ASN B 580 13.00 -30.56 19.49
CA ASN B 580 12.23 -29.64 20.31
C ASN B 580 13.16 -28.61 20.96
N THR B 581 12.78 -27.34 20.86
CA THR B 581 13.51 -26.22 21.41
C THR B 581 12.52 -25.32 22.14
N ASN B 582 13.05 -24.34 22.88
CA ASN B 582 12.20 -23.40 23.59
C ASN B 582 11.31 -22.59 22.64
N CYS B 583 11.67 -22.55 21.36
CA CYS B 583 10.89 -21.85 20.34
C CYS B 583 9.90 -22.76 19.61
N GLY B 584 9.94 -24.07 19.83
CA GLY B 584 9.07 -24.97 19.08
C GLY B 584 9.85 -26.09 18.41
N ILE B 585 9.40 -26.56 17.25
CA ILE B 585 10.07 -27.65 16.55
C ILE B 585 10.97 -27.05 15.49
N ASN B 586 12.23 -27.50 15.43
CA ASN B 586 13.17 -27.03 14.42
C ASN B 586 13.77 -28.21 13.67
N LYS B 587 13.91 -28.05 12.35
CA LYS B 587 14.50 -29.06 11.49
C LYS B 587 16.00 -28.81 11.43
N VAL B 588 16.75 -29.52 12.28
CA VAL B 588 18.19 -29.33 12.42
C VAL B 588 18.93 -30.07 11.33
N VAL B 589 19.94 -29.43 10.75
CA VAL B 589 20.84 -30.09 9.81
C VAL B 589 21.81 -30.96 10.61
N THR B 590 21.89 -32.24 10.23
CA THR B 590 22.65 -33.20 11.03
C THR B 590 24.15 -32.92 10.97
N TRP B 591 24.69 -32.69 9.78
CA TRP B 591 26.13 -32.64 9.60
C TRP B 591 26.75 -31.29 9.94
N PHE B 592 25.93 -30.28 10.30
CA PHE B 592 26.43 -28.94 10.55
C PHE B 592 27.59 -28.94 11.53
N GLY B 593 27.44 -29.67 12.63
CA GLY B 593 28.51 -29.71 13.64
C GLY B 593 29.82 -30.21 13.08
N LYS B 594 29.77 -31.23 12.22
CA LYS B 594 31.00 -31.73 11.62
C LYS B 594 31.46 -30.89 10.43
N ALA B 595 30.63 -29.96 9.95
CA ALA B 595 30.99 -29.18 8.78
C ALA B 595 31.85 -27.97 9.16
N LEU B 596 31.44 -27.24 10.20
CA LEU B 596 32.10 -26.00 10.59
C LEU B 596 32.65 -26.05 12.01
N ASN B 597 32.76 -27.24 12.59
CA ASN B 597 33.40 -27.44 13.90
C ASN B 597 32.70 -26.62 14.99
N ILE B 598 31.38 -26.52 14.91
CA ILE B 598 30.57 -25.83 15.91
C ILE B 598 29.85 -26.86 16.74
N LEU B 599 30.07 -26.83 18.06
CA LEU B 599 29.56 -27.84 18.99
C LEU B 599 30.00 -29.25 18.58
N ASN B 600 31.16 -29.34 17.93
CA ASN B 600 31.68 -30.60 17.43
C ASN B 600 32.48 -31.36 18.49
N THR B 601 32.65 -30.79 19.68
CA THR B 601 33.40 -31.45 20.74
C THR B 601 32.72 -32.74 21.22
N SER B 602 31.42 -32.86 21.00
CA SER B 602 30.68 -34.06 21.40
C SER B 602 30.73 -35.11 20.30
N ASP B 603 30.16 -36.28 20.59
CA ASP B 603 30.00 -37.32 19.59
C ASP B 603 28.76 -37.12 18.72
N SER B 604 27.86 -36.23 19.11
CA SER B 604 26.66 -35.93 18.33
C SER B 604 26.38 -34.45 18.44
N PHE B 605 26.39 -33.75 17.30
CA PHE B 605 26.12 -32.31 17.30
C PHE B 605 24.65 -32.02 17.59
N VAL B 606 23.75 -32.89 17.17
CA VAL B 606 22.32 -32.62 17.28
C VAL B 606 21.90 -32.57 18.75
N GLU B 607 22.32 -33.56 19.53
CA GLU B 607 21.96 -33.58 20.95
C GLU B 607 22.60 -32.42 21.70
N GLU B 608 23.83 -32.05 21.31
CA GLU B 608 24.48 -30.91 21.94
C GLU B 608 23.74 -29.61 21.64
N PHE B 609 23.27 -29.44 20.40
CA PHE B 609 22.46 -28.27 20.07
C PHE B 609 21.17 -28.28 20.88
N GLN B 610 20.52 -29.43 20.99
CA GLN B 610 19.29 -29.53 21.77
C GLN B 610 19.54 -29.15 23.23
N ASN B 611 20.69 -29.56 23.78
CA ASN B 611 20.98 -29.30 25.18
C ASN B 611 21.35 -27.84 25.42
N LEU B 612 22.18 -27.26 24.57
CA LEU B 612 22.78 -25.95 24.83
C LEU B 612 22.00 -24.79 24.22
N GLY B 613 20.92 -25.05 23.49
CA GLY B 613 20.13 -23.99 22.89
C GLY B 613 20.77 -23.44 21.62
N ALA B 614 20.04 -22.54 20.98
CA ALA B 614 20.51 -21.95 19.73
C ALA B 614 21.69 -21.01 19.97
N ILE B 615 21.68 -20.29 21.09
CA ILE B 615 22.70 -19.28 21.38
C ILE B 615 24.11 -19.86 21.35
N SER B 616 24.24 -21.17 21.58
CA SER B 616 25.56 -21.81 21.59
C SER B 616 26.20 -21.90 20.22
N LEU B 617 25.47 -21.57 19.14
CA LEU B 617 26.04 -21.69 17.80
C LEU B 617 26.99 -20.55 17.45
N ILE B 618 26.94 -19.43 18.18
CA ILE B 618 27.71 -18.25 17.83
C ILE B 618 28.79 -18.01 18.88
N ASN B 619 29.72 -17.10 18.55
CA ASN B 619 30.84 -16.80 19.43
C ASN B 619 30.64 -15.54 20.27
N LYS B 620 29.93 -14.55 19.76
CA LYS B 620 29.70 -13.29 20.48
C LYS B 620 28.30 -13.37 21.08
N LYS B 621 28.20 -13.98 22.27
CA LYS B 621 26.89 -14.22 22.87
C LYS B 621 26.27 -12.93 23.40
N GLU B 622 27.05 -12.12 24.10
CA GLU B 622 26.54 -10.92 24.76
C GLU B 622 27.04 -9.68 24.03
N ASN B 623 26.13 -9.01 23.32
CA ASN B 623 26.47 -7.78 22.63
C ASN B 623 25.46 -6.67 22.89
N LEU B 624 24.36 -6.95 23.60
CA LEU B 624 23.28 -5.99 23.73
C LEU B 624 23.66 -4.82 24.62
N SER B 625 23.32 -3.61 24.16
CA SER B 625 23.51 -2.40 24.94
C SER B 625 22.14 -1.82 25.28
N MET B 626 21.93 -1.55 26.57
CA MET B 626 20.64 -1.00 27.02
C MET B 626 20.49 0.44 26.54
N PRO B 627 19.44 0.77 25.79
CA PRO B 627 19.26 2.16 25.37
C PRO B 627 18.93 3.06 26.55
N ILE B 628 19.40 4.31 26.45
CA ILE B 628 19.12 5.29 27.49
C ILE B 628 17.73 5.86 27.29
N ILE B 629 17.00 6.04 28.39
CA ILE B 629 15.65 6.54 28.36
C ILE B 629 15.67 8.05 28.56
N GLU B 630 14.55 8.69 28.25
CA GLU B 630 14.27 10.03 28.73
C GLU B 630 13.48 9.89 30.03
N SER B 631 13.99 10.46 31.12
CA SER B 631 13.33 10.34 32.40
C SER B 631 11.90 10.87 32.32
N TYR B 632 10.96 10.09 32.83
CA TYR B 632 9.54 10.38 32.64
C TYR B 632 9.11 11.53 33.54
N GLU B 633 8.47 12.52 32.94
CA GLU B 633 7.94 13.67 33.66
C GLU B 633 6.55 14.00 33.13
N ILE B 634 5.70 14.49 34.02
CA ILE B 634 4.36 14.92 33.64
C ILE B 634 4.28 16.44 33.78
N PRO B 635 3.70 17.15 32.81
CA PRO B 635 3.63 18.61 32.90
C PRO B 635 2.85 19.07 34.13
N ASN B 636 3.27 20.20 34.69
CA ASN B 636 2.76 20.69 35.96
C ASN B 636 1.51 21.55 35.82
N ASP B 637 1.07 21.84 34.60
CA ASP B 637 -0.09 22.72 34.42
C ASP B 637 -1.41 21.97 34.58
N MET B 638 -1.39 20.66 34.77
CA MET B 638 -2.59 19.84 34.85
C MET B 638 -3.05 19.56 36.27
N LEU B 639 -2.34 20.09 37.27
CA LEU B 639 -2.72 19.82 38.67
C LEU B 639 -4.13 20.31 38.95
N GLY B 640 -4.44 21.53 38.53
CA GLY B 640 -5.74 22.14 38.74
C GLY B 640 -6.76 21.94 37.65
N LEU B 641 -6.48 21.09 36.67
CA LEU B 641 -7.43 20.85 35.60
C LEU B 641 -8.67 20.14 36.14
N PRO B 642 -9.83 20.35 35.51
CA PRO B 642 -11.03 19.63 35.92
C PRO B 642 -10.98 18.16 35.52
N LEU B 643 -12.09 17.44 35.73
CA LEU B 643 -12.10 16.01 35.45
C LEU B 643 -12.07 15.72 33.96
N ASN B 644 -13.04 16.25 33.22
CA ASN B 644 -13.17 15.90 31.80
C ASN B 644 -11.96 16.38 30.99
N ASP B 645 -11.45 17.57 31.29
CA ASP B 645 -10.35 18.14 30.52
C ASP B 645 -8.99 17.59 30.94
N LEU B 646 -8.95 16.71 31.95
CA LEU B 646 -7.74 15.99 32.34
C LEU B 646 -7.65 14.64 31.63
N ASN B 647 -8.80 13.98 31.48
CA ASN B 647 -8.84 12.59 31.03
C ASN B 647 -8.32 12.46 29.59
N GLU B 648 -8.82 13.31 28.69
CA GLU B 648 -8.49 13.11 27.28
C GLU B 648 -7.09 13.56 26.92
N LYS B 649 -6.41 14.32 27.78
CA LYS B 649 -4.99 14.58 27.55
C LYS B 649 -4.11 13.54 28.24
N LEU B 650 -4.57 12.97 29.36
CA LEU B 650 -3.95 11.74 29.83
C LEU B 650 -4.02 10.66 28.76
N PHE B 651 -5.08 10.68 27.95
CA PHE B 651 -5.17 9.75 26.82
C PHE B 651 -4.02 9.95 25.84
N ASN B 652 -3.72 11.20 25.50
CA ASN B 652 -2.61 11.49 24.59
C ASN B 652 -1.28 11.04 25.18
N ILE B 653 -1.09 11.29 26.47
CA ILE B 653 0.14 10.84 27.12
C ILE B 653 0.24 9.31 27.14
N TYR B 654 -0.90 8.64 27.34
CA TYR B 654 -0.93 7.17 27.33
C TYR B 654 -0.52 6.63 25.97
N SER B 655 -1.08 7.19 24.90
CA SER B 655 -0.70 6.78 23.55
C SER B 655 0.78 7.08 23.28
N LYS B 656 1.26 8.21 23.81
CA LYS B 656 2.68 8.52 23.69
C LYS B 656 3.54 7.45 24.32
N ASN B 657 3.17 7.01 25.52
CA ASN B 657 3.95 5.98 26.20
C ASN B 657 3.91 4.67 25.43
N THR B 658 2.75 4.31 24.87
CA THR B 658 2.69 3.09 24.06
C THR B 658 3.58 3.18 22.84
N ALA B 659 3.58 4.33 22.16
CA ALA B 659 4.47 4.52 21.02
C ALA B 659 5.94 4.43 21.43
N TYR B 660 6.27 4.99 22.60
CA TYR B 660 7.63 4.90 23.11
C TYR B 660 8.03 3.45 23.37
N PHE B 661 7.09 2.65 23.90
CA PHE B 661 7.34 1.23 24.10
C PHE B 661 7.63 0.53 22.78
N LYS B 662 6.85 0.85 21.75
CA LYS B 662 7.09 0.26 20.43
C LYS B 662 8.46 0.66 19.90
N LYS B 663 8.86 1.92 20.12
CA LYS B 663 10.17 2.38 19.68
C LYS B 663 11.30 1.60 20.37
N ILE B 664 11.17 1.37 21.69
CA ILE B 664 12.18 0.60 22.40
C ILE B 664 12.25 -0.82 21.84
N TYR B 665 11.09 -1.41 21.56
CA TYR B 665 11.08 -2.76 20.99
C TYR B 665 11.78 -2.79 19.64
N TYR B 666 11.58 -1.75 18.82
CA TYR B 666 12.26 -1.69 17.53
C TYR B 666 13.77 -1.51 17.70
N ASN B 667 14.19 -0.76 18.72
CA ASN B 667 15.62 -0.66 19.01
C ASN B 667 16.20 -2.03 19.30
N PHE B 668 15.49 -2.81 20.14
CA PHE B 668 15.95 -4.17 20.44
C PHE B 668 15.96 -5.04 19.19
N LEU B 669 14.96 -4.88 18.32
CA LEU B 669 14.91 -5.67 17.08
C LEU B 669 16.10 -5.36 16.18
N ASP B 670 16.43 -4.07 16.03
CA ASP B 670 17.57 -3.69 15.22
C ASP B 670 18.86 -4.22 15.82
N GLN B 671 18.98 -4.19 17.14
CA GLN B 671 20.13 -4.79 17.80
C GLN B 671 20.23 -6.28 17.48
N TRP B 672 19.09 -6.98 17.52
CA TRP B 672 19.10 -8.41 17.18
C TRP B 672 19.57 -8.64 15.76
N TRP B 673 19.04 -7.85 14.82
CA TRP B 673 19.40 -8.08 13.41
C TRP B 673 20.87 -7.76 13.14
N THR B 674 21.38 -6.68 13.73
CA THR B 674 22.76 -6.26 13.45
C THR B 674 23.78 -7.13 14.16
N GLN B 675 23.56 -7.39 15.45
CA GLN B 675 24.58 -8.05 16.25
C GLN B 675 24.46 -9.58 16.21
N TYR B 676 23.24 -10.09 16.20
CA TYR B 676 23.01 -11.54 16.37
C TYR B 676 22.75 -12.25 15.05
N TYR B 677 21.76 -11.79 14.28
CA TYR B 677 21.45 -12.49 13.03
C TYR B 677 22.57 -12.38 12.01
N SER B 678 23.46 -11.39 12.15
CA SER B 678 24.60 -11.29 11.24
C SER B 678 25.48 -12.53 11.33
N GLN B 679 25.76 -12.99 12.55
CA GLN B 679 26.56 -14.20 12.72
C GLN B 679 25.84 -15.42 12.17
N TYR B 680 24.51 -15.47 12.32
CA TYR B 680 23.77 -16.61 11.81
C TYR B 680 23.71 -16.63 10.29
N PHE B 681 23.64 -15.45 9.65
CA PHE B 681 23.73 -15.41 8.19
C PHE B 681 25.15 -15.76 7.72
N ASP B 682 26.16 -15.38 8.49
CA ASP B 682 27.51 -15.86 8.24
C ASP B 682 27.55 -17.39 8.25
N LEU B 683 26.92 -17.99 9.25
CA LEU B 683 26.85 -19.45 9.33
C LEU B 683 26.08 -20.03 8.15
N ILE B 684 25.00 -19.37 7.72
CA ILE B 684 24.24 -19.83 6.56
C ILE B 684 25.14 -19.89 5.33
N CYS B 685 25.85 -18.80 5.07
CA CYS B 685 26.70 -18.74 3.89
C CYS B 685 27.84 -19.76 3.96
N MET B 686 28.44 -19.91 5.14
CA MET B 686 29.52 -20.88 5.28
C MET B 686 29.02 -22.32 5.08
N ALA B 687 27.84 -22.62 5.62
CA ALA B 687 27.27 -23.96 5.43
C ALA B 687 26.94 -24.21 3.96
N LYS B 688 26.40 -23.21 3.27
CA LYS B 688 26.13 -23.36 1.84
C LYS B 688 27.42 -23.59 1.07
N ARG B 689 28.50 -22.88 1.43
CA ARG B 689 29.78 -23.11 0.77
C ARG B 689 30.30 -24.51 1.05
N SER B 690 30.08 -25.01 2.27
CA SER B 690 30.46 -26.39 2.58
C SER B 690 29.68 -27.38 1.72
N VAL B 691 28.38 -27.13 1.54
CA VAL B 691 27.57 -27.99 0.67
C VAL B 691 28.13 -27.99 -0.74
N LEU B 692 28.48 -26.80 -1.24
CA LEU B 692 29.00 -26.69 -2.60
C LEU B 692 30.35 -27.40 -2.73
N ALA B 693 31.20 -27.30 -1.70
CA ALA B 693 32.49 -27.98 -1.74
C ALA B 693 32.31 -29.50 -1.78
N GLN B 694 31.42 -30.03 -0.93
CA GLN B 694 31.18 -31.47 -0.94
C GLN B 694 30.57 -31.93 -2.26
N GLU B 695 29.68 -31.11 -2.83
CA GLU B 695 29.11 -31.43 -4.13
C GLU B 695 30.19 -31.46 -5.21
N THR B 696 31.13 -30.51 -5.16
CA THR B 696 32.25 -30.52 -6.10
C THR B 696 33.09 -31.77 -5.94
N LEU B 697 33.34 -32.20 -4.71
CA LEU B 697 34.08 -33.43 -4.48
C LEU B 697 33.36 -34.64 -5.10
N ILE B 698 32.05 -34.74 -4.86
CA ILE B 698 31.29 -35.87 -5.39
C ILE B 698 31.31 -35.86 -6.92
N LYS B 699 31.09 -34.69 -7.51
CA LYS B 699 31.08 -34.59 -8.97
C LYS B 699 32.44 -34.94 -9.55
N ARG B 700 33.52 -34.50 -8.90
CA ARG B 700 34.85 -34.83 -9.40
C ARG B 700 35.13 -36.32 -9.31
N ILE B 701 34.71 -36.97 -8.22
CA ILE B 701 34.90 -38.43 -8.13
C ILE B 701 34.15 -39.14 -9.25
N ILE B 702 32.89 -38.74 -9.47
CA ILE B 702 32.08 -39.38 -10.51
C ILE B 702 32.69 -39.15 -11.88
N GLN B 703 33.12 -37.92 -12.17
CA GLN B 703 33.70 -37.62 -13.47
C GLN B 703 35.02 -38.35 -13.67
N LYS B 704 35.81 -38.50 -12.61
CA LYS B 704 37.07 -39.23 -12.72
C LYS B 704 36.81 -40.69 -13.06
N LYS B 705 35.88 -41.33 -12.37
CA LYS B 705 35.55 -42.71 -12.68
C LYS B 705 34.99 -42.85 -14.10
N LEU B 706 34.11 -41.94 -14.49
CA LEU B 706 33.56 -41.98 -15.84
C LEU B 706 34.66 -41.86 -16.89
N SER B 707 35.51 -40.85 -16.76
CA SER B 707 36.58 -40.62 -17.74
C SER B 707 37.55 -41.80 -17.77
N TYR B 708 37.82 -42.41 -16.61
CA TYR B 708 38.67 -43.60 -16.59
C TYR B 708 38.04 -44.73 -17.38
N LEU B 709 36.73 -44.96 -17.20
CA LEU B 709 36.06 -46.03 -17.92
C LEU B 709 36.04 -45.76 -19.42
N ILE B 710 35.81 -44.50 -19.82
CA ILE B 710 35.82 -44.20 -21.25
C ILE B 710 37.22 -44.36 -21.82
N GLY B 711 38.25 -44.06 -21.03
CA GLY B 711 39.61 -44.15 -21.54
C GLY B 711 40.04 -45.58 -21.85
N ASN B 712 39.74 -46.51 -20.95
CA ASN B 712 40.25 -47.88 -21.09
C ASN B 712 39.23 -48.84 -20.51
N SER B 713 38.42 -49.45 -21.38
CA SER B 713 37.44 -50.46 -20.99
C SER B 713 36.91 -51.13 -22.24
N ASN B 714 36.18 -52.22 -22.04
CA ASN B 714 35.64 -53.02 -23.13
C ASN B 714 34.20 -52.67 -23.48
N ILE B 715 33.62 -51.65 -22.85
CA ILE B 715 32.26 -51.27 -23.18
C ILE B 715 32.22 -50.71 -24.60
N SER B 716 31.08 -50.85 -25.26
CA SER B 716 30.92 -50.41 -26.63
C SER B 716 30.75 -48.89 -26.69
N SER B 717 31.30 -48.30 -27.76
CA SER B 717 31.32 -46.84 -27.91
C SER B 717 29.94 -46.23 -27.70
N ASP B 718 28.92 -46.82 -28.33
CA ASP B 718 27.56 -46.33 -28.17
C ASP B 718 27.10 -46.47 -26.72
N ASN B 719 27.46 -47.57 -26.06
CA ASN B 719 27.19 -47.70 -24.63
C ASN B 719 27.83 -46.55 -23.86
N LEU B 720 29.13 -46.29 -24.11
CA LEU B 720 29.82 -45.20 -23.44
C LEU B 720 29.08 -43.87 -23.62
N ALA B 721 28.55 -43.63 -24.81
CA ALA B 721 27.78 -42.41 -25.03
C ALA B 721 26.55 -42.37 -24.14
N LEU B 722 25.82 -43.49 -24.06
CA LEU B 722 24.66 -43.56 -23.17
C LEU B 722 25.07 -43.28 -21.73
N MET B 723 26.23 -43.80 -21.32
CA MET B 723 26.73 -43.58 -19.97
C MET B 723 27.02 -42.10 -19.72
N ASN B 724 27.61 -41.43 -20.71
CA ASN B 724 27.89 -40.00 -20.58
C ASN B 724 26.60 -39.21 -20.38
N LEU B 725 25.58 -39.53 -21.19
CA LEU B 725 24.29 -38.83 -21.05
C LEU B 725 23.69 -39.06 -19.67
N THR B 726 23.70 -40.32 -19.21
CA THR B 726 23.13 -40.64 -17.92
C THR B 726 23.89 -39.95 -16.79
N THR B 727 25.21 -39.87 -16.91
CA THR B 727 26.01 -39.20 -15.88
C THR B 727 25.70 -37.71 -15.84
N THR B 728 25.48 -37.09 -17.00
CA THR B 728 25.09 -35.68 -17.01
C THR B 728 23.77 -35.47 -16.26
N ASN B 729 22.78 -36.33 -16.54
CA ASN B 729 21.52 -36.21 -15.83
C ASN B 729 21.69 -36.46 -14.32
N THR B 730 22.56 -37.40 -13.96
CA THR B 730 22.83 -37.68 -12.56
C THR B 730 23.46 -36.46 -11.86
N LEU B 731 24.34 -35.76 -12.56
CA LEU B 731 24.92 -34.52 -12.01
C LEU B 731 23.83 -33.48 -11.79
N ARG B 732 22.88 -33.38 -12.73
CA ARG B 732 21.75 -32.47 -12.51
C ARG B 732 20.98 -32.84 -11.23
N ASP B 733 20.72 -34.13 -11.04
CA ASP B 733 20.01 -34.57 -9.84
C ASP B 733 20.81 -34.25 -8.58
N ILE B 734 22.13 -34.41 -8.64
CA ILE B 734 22.99 -34.09 -7.50
C ILE B 734 22.90 -32.61 -7.17
N SER B 735 22.88 -31.76 -8.21
CA SER B 735 22.72 -30.33 -7.97
C SER B 735 21.37 -30.02 -7.30
N ASN B 736 20.31 -30.71 -7.73
CA ASN B 736 19.02 -30.51 -7.09
C ASN B 736 19.07 -30.89 -5.61
N GLU B 737 19.70 -32.01 -5.30
CA GLU B 737 19.80 -32.43 -3.91
C GLU B 737 20.64 -31.46 -3.09
N SER B 738 21.72 -30.95 -3.66
CA SER B 738 22.52 -29.95 -2.96
C SER B 738 21.68 -28.70 -2.68
N GLN B 739 20.85 -28.31 -3.65
CA GLN B 739 19.97 -27.16 -3.44
C GLN B 739 19.01 -27.41 -2.26
N ILE B 740 18.48 -28.63 -2.19
CA ILE B 740 17.63 -28.98 -1.05
C ILE B 740 18.40 -28.82 0.26
N ALA B 741 19.66 -29.28 0.26
CA ALA B 741 20.48 -29.16 1.47
C ALA B 741 20.69 -27.70 1.87
N MET B 742 20.98 -26.83 0.89
CA MET B 742 21.20 -25.42 1.22
C MET B 742 19.93 -24.76 1.74
N ASN B 743 18.78 -25.12 1.16
CA ASN B 743 17.52 -24.61 1.68
C ASN B 743 17.30 -25.08 3.12
N ASN B 744 17.67 -26.34 3.41
CA ASN B 744 17.53 -26.85 4.76
C ASN B 744 18.40 -26.08 5.75
N VAL B 745 19.66 -25.80 5.37
CA VAL B 745 20.53 -25.07 6.29
C VAL B 745 20.02 -23.63 6.48
N ASP B 746 19.49 -23.02 5.41
CA ASP B 746 18.94 -21.68 5.54
C ASP B 746 17.79 -21.65 6.54
N SER B 747 16.83 -22.57 6.38
CA SER B 747 15.68 -22.61 7.28
C SER B 747 16.11 -22.91 8.72
N PHE B 748 17.02 -23.87 8.89
CA PHE B 748 17.46 -24.25 10.23
C PHE B 748 18.10 -23.07 10.95
N LEU B 749 19.01 -22.36 10.28
CA LEU B 749 19.70 -21.27 10.95
C LEU B 749 18.80 -20.04 11.14
N ASN B 750 17.87 -19.79 10.22
CA ASN B 750 16.90 -18.71 10.44
C ASN B 750 16.05 -18.99 11.67
N ASN B 751 15.55 -20.22 11.80
CA ASN B 751 14.77 -20.57 12.99
C ASN B 751 15.63 -20.49 14.25
N ALA B 752 16.91 -20.87 14.15
CA ALA B 752 17.79 -20.76 15.31
C ALA B 752 17.96 -19.30 15.74
N ALA B 753 18.14 -18.39 14.78
CA ALA B 753 18.29 -16.98 15.12
C ALA B 753 17.02 -16.42 15.74
N ILE B 754 15.86 -16.81 15.22
CA ILE B 754 14.61 -16.33 15.81
C ILE B 754 14.42 -16.90 17.21
N CYS B 755 14.82 -18.15 17.42
CA CYS B 755 14.80 -18.73 18.76
C CYS B 755 15.73 -17.95 19.69
N VAL B 756 16.86 -17.47 19.17
CA VAL B 756 17.75 -16.64 19.98
C VAL B 756 17.07 -15.34 20.37
N PHE B 757 16.36 -14.72 19.43
CA PHE B 757 15.65 -13.49 19.77
C PHE B 757 14.60 -13.75 20.83
N GLU B 758 13.88 -14.87 20.74
CA GLU B 758 12.84 -15.18 21.72
C GLU B 758 13.45 -15.51 23.08
N SER B 759 14.59 -16.19 23.10
CA SER B 759 15.14 -16.75 24.32
C SER B 759 16.19 -15.88 25.00
N ASN B 760 16.84 -14.99 24.26
CA ASN B 760 17.94 -14.21 24.82
C ASN B 760 17.73 -12.71 24.76
N ILE B 761 17.09 -12.20 23.71
CA ILE B 761 16.95 -10.75 23.54
C ILE B 761 15.64 -10.25 24.13
N TYR B 762 14.55 -10.92 23.77
CA TYR B 762 13.23 -10.55 24.28
C TYR B 762 13.14 -10.57 25.80
N PRO B 763 13.72 -11.53 26.54
CA PRO B 763 13.68 -11.42 28.01
C PRO B 763 14.32 -10.16 28.55
N LYS B 764 15.47 -9.75 27.99
CA LYS B 764 16.11 -8.53 28.47
C LYS B 764 15.29 -7.30 28.09
N PHE B 765 14.69 -7.30 26.91
CA PHE B 765 13.75 -6.24 26.56
C PHE B 765 12.60 -6.18 27.56
N ILE B 766 12.08 -7.33 27.95
CA ILE B 766 10.98 -7.40 28.92
C ILE B 766 11.41 -6.81 30.27
N SER B 767 12.60 -7.18 30.73
CA SER B 767 13.09 -6.68 32.01
C SER B 767 13.24 -5.17 31.98
N PHE B 768 13.87 -4.65 30.92
CA PHE B 768 14.01 -3.20 30.76
C PHE B 768 12.65 -2.53 30.73
N MET B 769 11.68 -3.16 30.07
CA MET B 769 10.36 -2.55 29.94
C MET B 769 9.61 -2.50 31.27
N GLU B 770 9.70 -3.56 32.07
CA GLU B 770 9.02 -3.49 33.36
C GLU B 770 9.75 -2.52 34.29
N GLN B 771 11.08 -2.42 34.20
CA GLN B 771 11.79 -1.38 34.92
C GLN B 771 11.29 0.01 34.54
N CYS B 772 11.00 0.21 33.25
CA CYS B 772 10.49 1.50 32.81
C CYS B 772 9.06 1.74 33.30
N ILE B 773 8.19 0.75 33.16
CA ILE B 773 6.77 0.97 33.43
C ILE B 773 6.51 1.09 34.93
N ASN B 774 7.36 0.49 35.77
CA ASN B 774 7.22 0.70 37.20
C ASN B 774 7.45 2.17 37.56
N ASN B 775 8.50 2.77 36.99
CA ASN B 775 8.75 4.19 37.20
C ASN B 775 7.60 5.03 36.66
N ILE B 776 7.12 4.70 35.46
CA ILE B 776 6.04 5.47 34.87
C ILE B 776 4.78 5.40 35.71
N ASN B 777 4.44 4.20 36.20
CA ASN B 777 3.25 4.03 37.03
C ASN B 777 3.38 4.79 38.33
N ILE B 778 4.55 4.74 38.96
CA ILE B 778 4.76 5.47 40.21
C ILE B 778 4.57 6.97 39.98
N LYS B 779 5.20 7.50 38.92
CA LYS B 779 5.07 8.92 38.63
C LYS B 779 3.61 9.31 38.36
N THR B 780 2.90 8.49 37.57
CA THR B 780 1.52 8.80 37.23
C THR B 780 0.62 8.76 38.45
N LYS B 781 0.79 7.74 39.31
CA LYS B 781 -0.02 7.65 40.51
C LYS B 781 0.20 8.85 41.42
N GLU B 782 1.47 9.23 41.62
CA GLU B 782 1.77 10.38 42.47
C GLU B 782 1.21 11.66 41.88
N PHE B 783 1.33 11.84 40.56
CA PHE B 783 0.77 13.03 39.93
C PHE B 783 -0.74 13.11 40.10
N ILE B 784 -1.44 11.98 39.88
CA ILE B 784 -2.88 12.00 39.97
C ILE B 784 -3.32 12.26 41.42
N GLN B 785 -2.60 11.72 42.39
CA GLN B 785 -2.89 12.07 43.77
C GLN B 785 -2.58 13.52 44.07
N LYS B 786 -1.65 14.13 43.33
CA LYS B 786 -1.35 15.54 43.52
C LYS B 786 -2.44 16.46 42.98
N CYS B 787 -3.34 15.95 42.13
CA CYS B 787 -4.34 16.80 41.51
C CYS B 787 -5.26 17.44 42.55
N THR B 788 -5.56 18.72 42.34
CA THR B 788 -6.31 19.51 43.31
C THR B 788 -7.81 19.52 43.02
N ASN B 789 -8.19 19.65 41.75
CA ASN B 789 -9.57 19.91 41.38
C ASN B 789 -10.37 18.65 41.08
N ILE B 790 -9.96 17.50 41.62
CA ILE B 790 -10.77 16.28 41.55
C ILE B 790 -10.76 15.63 42.92
N ASN B 791 -11.77 14.80 43.14
CA ASN B 791 -11.94 14.11 44.42
C ASN B 791 -11.18 12.79 44.40
N GLU B 792 -11.36 11.97 45.43
CA GLU B 792 -10.63 10.71 45.53
C GLU B 792 -11.18 9.65 44.59
N ASP B 793 -12.49 9.64 44.34
CA ASP B 793 -13.04 8.70 43.38
C ASP B 793 -12.47 8.94 41.98
N GLU B 794 -12.39 10.21 41.58
CA GLU B 794 -11.81 10.53 40.28
C GLU B 794 -10.32 10.16 40.24
N LYS B 795 -9.61 10.39 41.34
CA LYS B 795 -8.21 10.00 41.41
C LYS B 795 -8.07 8.49 41.22
N LEU B 796 -8.89 7.71 41.91
CA LEU B 796 -8.81 6.25 41.82
C LEU B 796 -9.10 5.77 40.40
N GLN B 797 -10.19 6.29 39.80
CA GLN B 797 -10.54 5.84 38.46
C GLN B 797 -9.53 6.30 37.41
N LEU B 798 -8.95 7.49 37.58
CA LEU B 798 -7.94 7.96 36.64
C LEU B 798 -6.65 7.18 36.77
N ILE B 799 -6.25 6.83 38.00
CA ILE B 799 -5.07 5.97 38.18
C ILE B 799 -5.31 4.62 37.52
N ASN B 800 -6.48 4.02 37.76
CA ASN B 800 -6.79 2.75 37.12
C ASN B 800 -6.88 2.89 35.60
N GLN B 801 -7.17 4.09 35.11
CA GLN B 801 -7.31 4.30 33.66
C GLN B 801 -5.97 4.25 32.95
N ASN B 802 -4.93 4.83 33.55
CA ASN B 802 -3.66 5.06 32.88
C ASN B 802 -2.51 4.29 33.54
N VAL B 803 -2.78 3.06 33.96
CA VAL B 803 -1.74 2.17 34.45
C VAL B 803 -1.25 1.31 33.30
N PHE B 804 0.02 0.93 33.36
CA PHE B 804 0.64 0.07 32.36
C PHE B 804 1.02 -1.26 32.99
N ASN B 805 0.64 -2.35 32.34
CA ASN B 805 0.95 -3.70 32.80
C ASN B 805 1.85 -4.39 31.78
N SER B 806 2.27 -5.62 32.10
CA SER B 806 3.18 -6.35 31.25
C SER B 806 2.60 -6.61 29.86
N LEU B 807 1.28 -6.55 29.71
CA LEU B 807 0.65 -6.81 28.43
C LEU B 807 0.76 -5.63 27.47
N ASP B 808 1.04 -4.43 27.98
CA ASP B 808 1.12 -3.26 27.12
C ASP B 808 2.36 -3.24 26.23
N PHE B 809 3.35 -4.10 26.50
CA PHE B 809 4.57 -4.09 25.72
C PHE B 809 5.00 -5.49 25.28
N GLU B 810 4.08 -6.46 25.29
CA GLU B 810 4.36 -7.81 24.81
C GLU B 810 4.12 -7.85 23.30
N PHE B 811 5.10 -7.34 22.55
CA PHE B 811 4.98 -7.20 21.11
C PHE B 811 5.47 -8.41 20.33
N LEU B 812 5.95 -9.45 21.01
CA LEU B 812 6.53 -10.59 20.30
C LEU B 812 5.49 -11.26 19.41
N ASN B 813 5.78 -11.31 18.12
CA ASN B 813 4.93 -11.97 17.13
C ASN B 813 5.83 -12.87 16.30
N ILE B 814 5.82 -14.16 16.62
CA ILE B 814 6.73 -15.11 15.98
C ILE B 814 6.46 -15.21 14.49
N GLN B 815 5.19 -15.08 14.07
CA GLN B 815 4.87 -15.19 12.66
C GLN B 815 5.44 -14.03 11.86
N ASN B 816 5.44 -12.82 12.42
CA ASN B 816 6.11 -11.70 11.76
C ASN B 816 7.60 -11.97 11.63
N MET B 817 8.21 -12.52 12.69
CA MET B 817 9.61 -12.90 12.66
C MET B 817 9.89 -13.87 11.52
N LYS B 818 9.03 -14.88 11.36
CA LYS B 818 9.22 -15.84 10.27
C LYS B 818 9.01 -15.20 8.91
N SER B 819 8.00 -14.33 8.80
CA SER B 819 7.70 -13.66 7.54
C SER B 819 8.75 -12.63 7.15
N LEU B 820 9.65 -12.26 8.07
CA LEU B 820 10.75 -11.38 7.71
C LEU B 820 11.51 -11.89 6.49
N PHE B 821 11.78 -13.18 6.43
CA PHE B 821 12.54 -13.78 5.34
C PHE B 821 11.70 -14.14 4.14
N SER B 822 10.39 -13.87 4.19
CA SER B 822 9.50 -14.14 3.05
C SER B 822 9.58 -12.99 2.04
N SER B 823 10.79 -12.79 1.51
CA SER B 823 11.03 -11.72 0.57
C SER B 823 10.46 -12.09 -0.80
N GLU B 824 10.36 -11.09 -1.67
CA GLU B 824 9.94 -11.37 -3.04
C GLU B 824 10.84 -12.42 -3.69
N THR B 825 12.16 -12.20 -3.64
CA THR B 825 13.10 -13.11 -4.30
C THR B 825 12.89 -14.56 -3.87
N ALA B 826 12.58 -14.78 -2.59
CA ALA B 826 12.29 -16.14 -2.12
C ALA B 826 11.07 -16.70 -2.81
N LEU B 827 10.04 -15.88 -3.00
CA LEU B 827 8.85 -16.31 -3.71
C LEU B 827 9.18 -16.69 -5.15
N LEU B 828 9.98 -15.87 -5.83
CA LEU B 828 10.35 -16.18 -7.21
C LEU B 828 11.13 -17.49 -7.29
N ILE B 829 12.05 -17.71 -6.34
CA ILE B 829 12.82 -18.95 -6.32
C ILE B 829 11.91 -20.15 -6.07
N LYS B 830 10.97 -20.00 -5.13
CA LYS B 830 10.02 -21.09 -4.85
C LYS B 830 9.22 -21.45 -6.09
N GLU B 831 8.72 -20.44 -6.80
CA GLU B 831 7.90 -20.73 -7.98
C GLU B 831 8.73 -21.17 -9.19
N GLU B 832 10.03 -20.89 -9.20
CA GLU B 832 10.88 -21.38 -10.27
C GLU B 832 11.50 -22.75 -9.98
N THR B 833 11.44 -23.22 -8.74
CA THR B 833 12.06 -24.49 -8.37
C THR B 833 11.07 -25.50 -7.79
N TRP B 834 9.77 -25.28 -7.95
CA TRP B 834 8.81 -26.28 -7.50
C TRP B 834 8.84 -27.49 -8.45
N PRO B 835 8.46 -28.67 -7.97
CA PRO B 835 8.72 -29.90 -8.73
C PRO B 835 7.95 -30.03 -10.04
N TYR B 836 7.08 -29.09 -10.38
CA TYR B 836 6.23 -29.21 -11.56
C TYR B 836 7.09 -29.15 -12.82
N GLU B 837 7.23 -30.29 -13.51
CA GLU B 837 7.90 -30.33 -14.80
C GLU B 837 6.94 -30.24 -15.97
N LEU B 838 5.68 -30.63 -15.78
CA LEU B 838 4.67 -30.46 -16.81
C LEU B 838 3.31 -30.29 -16.15
N VAL B 839 2.62 -29.21 -16.51
CA VAL B 839 1.26 -28.94 -16.01
C VAL B 839 0.43 -28.57 -17.23
N LEU B 840 -0.29 -29.54 -17.79
CA LEU B 840 -1.05 -29.31 -19.01
C LEU B 840 -2.38 -28.64 -18.68
N TYR B 841 -2.66 -27.54 -19.38
CA TYR B 841 -3.93 -26.84 -19.27
C TYR B 841 -4.53 -26.69 -20.67
N ALA B 842 -5.86 -26.63 -20.72
CA ALA B 842 -6.56 -26.49 -21.99
C ALA B 842 -7.90 -25.81 -21.75
N PHE B 843 -8.24 -24.88 -22.64
CA PHE B 843 -9.52 -24.19 -22.55
C PHE B 843 -9.94 -23.73 -23.94
N LYS B 844 -11.16 -23.17 -24.01
CA LYS B 844 -11.78 -22.76 -25.26
C LYS B 844 -11.82 -21.24 -25.34
N GLU B 845 -10.98 -20.68 -26.21
CA GLU B 845 -11.08 -19.29 -26.60
C GLU B 845 -12.10 -19.16 -27.72
N PRO B 846 -12.68 -17.96 -27.91
CA PRO B 846 -13.60 -17.76 -29.05
C PRO B 846 -12.95 -18.15 -30.37
N GLY B 847 -13.45 -19.21 -30.99
CA GLY B 847 -12.87 -19.70 -32.23
C GLY B 847 -11.44 -20.20 -32.09
N ASN B 848 -11.09 -20.76 -30.94
CA ASN B 848 -9.74 -21.27 -30.74
C ASN B 848 -9.73 -22.26 -29.59
N ASN B 849 -8.84 -23.24 -29.66
CA ASN B 849 -8.62 -24.19 -28.58
C ASN B 849 -7.19 -24.01 -28.08
N VAL B 850 -7.05 -23.58 -26.83
CA VAL B 850 -5.74 -23.32 -26.25
C VAL B 850 -5.31 -24.54 -25.46
N ILE B 851 -4.14 -25.08 -25.80
CA ILE B 851 -3.50 -26.16 -25.07
C ILE B 851 -2.08 -25.71 -24.75
N GLY B 852 -1.68 -25.81 -23.48
CA GLY B 852 -0.38 -25.31 -23.10
C GLY B 852 0.11 -25.95 -21.81
N ASP B 853 1.31 -25.54 -21.41
CA ASP B 853 1.96 -26.01 -20.18
C ASP B 853 2.16 -24.84 -19.24
N ALA B 854 1.69 -24.99 -18.00
CA ALA B 854 1.80 -23.96 -16.99
C ALA B 854 2.87 -24.25 -15.95
N SER B 855 3.72 -25.25 -16.19
CA SER B 855 4.77 -25.58 -15.22
C SER B 855 5.84 -24.49 -15.14
N GLY B 856 5.97 -23.66 -16.17
CA GLY B 856 7.02 -22.66 -16.20
C GLY B 856 8.35 -23.16 -16.71
N LYS B 857 8.45 -24.43 -17.08
CA LYS B 857 9.68 -24.99 -17.60
C LYS B 857 9.70 -24.87 -19.13
N ASN B 858 10.76 -25.41 -19.74
CA ASN B 858 10.92 -25.38 -21.18
C ASN B 858 10.15 -26.51 -21.85
N THR B 859 8.85 -26.62 -21.54
CA THR B 859 8.01 -27.67 -22.10
C THR B 859 7.47 -27.20 -23.44
N SER B 860 7.76 -27.95 -24.50
CA SER B 860 7.28 -27.64 -25.84
C SER B 860 6.18 -28.63 -26.22
N ILE B 861 5.03 -28.13 -26.63
CA ILE B 861 3.86 -28.94 -26.88
C ILE B 861 3.52 -28.87 -28.36
N GLU B 862 3.36 -30.04 -28.99
CA GLU B 862 2.94 -30.11 -30.39
C GLU B 862 1.77 -31.08 -30.50
N TYR B 863 0.61 -30.56 -30.88
CA TYR B 863 -0.62 -31.34 -30.91
C TYR B 863 -1.30 -31.20 -32.28
N SER B 864 -2.16 -32.17 -32.59
CA SER B 864 -2.92 -32.14 -33.82
C SER B 864 -3.94 -31.00 -33.81
N LYS B 865 -4.11 -30.35 -34.96
CA LYS B 865 -4.93 -29.14 -35.04
C LYS B 865 -6.40 -29.39 -34.74
N ASP B 866 -6.89 -30.62 -34.90
CA ASP B 866 -8.32 -30.90 -34.80
C ASP B 866 -8.71 -31.60 -33.51
N ILE B 867 -7.86 -31.55 -32.49
CA ILE B 867 -8.15 -32.20 -31.22
C ILE B 867 -9.17 -31.35 -30.45
N GLY B 868 -10.29 -31.97 -30.07
CA GLY B 868 -11.34 -31.27 -29.37
C GLY B 868 -11.16 -31.24 -27.87
N LEU B 869 -11.86 -30.31 -27.22
CA LEU B 869 -11.83 -30.15 -25.78
C LEU B 869 -13.23 -30.32 -25.22
N VAL B 870 -13.40 -31.22 -24.26
CA VAL B 870 -14.68 -31.45 -23.61
C VAL B 870 -14.47 -31.41 -22.11
N TYR B 871 -15.38 -30.76 -21.38
CA TYR B 871 -15.22 -30.65 -19.94
C TYR B 871 -15.21 -32.04 -19.30
N GLY B 872 -14.25 -32.27 -18.42
CA GLY B 872 -14.14 -33.53 -17.73
C GLY B 872 -14.52 -33.46 -16.27
N ILE B 873 -13.53 -33.45 -15.39
CA ILE B 873 -13.76 -33.42 -13.95
C ILE B 873 -13.78 -31.98 -13.47
N ASN B 874 -12.65 -31.28 -13.63
CA ASN B 874 -12.48 -29.91 -13.18
C ASN B 874 -12.29 -28.92 -14.31
N SER B 875 -11.57 -29.32 -15.36
CA SER B 875 -11.26 -28.44 -16.48
C SER B 875 -11.55 -29.16 -17.79
N ASP B 876 -11.33 -28.46 -18.90
CA ASP B 876 -11.47 -29.07 -20.20
C ASP B 876 -10.41 -30.15 -20.40
N ALA B 877 -10.80 -31.24 -21.06
CA ALA B 877 -9.94 -32.38 -21.31
C ALA B 877 -9.78 -32.55 -22.81
N LEU B 878 -8.58 -32.95 -23.22
CA LEU B 878 -8.31 -33.24 -24.62
C LEU B 878 -8.96 -34.56 -25.01
N TYR B 879 -9.55 -34.58 -26.20
CA TYR B 879 -10.17 -35.77 -26.75
C TYR B 879 -9.35 -36.24 -27.95
N LEU B 880 -8.88 -37.48 -27.90
CA LEU B 880 -8.14 -38.08 -29.00
C LEU B 880 -9.03 -39.13 -29.67
N ASN B 881 -9.20 -39.01 -30.98
CA ASN B 881 -10.05 -39.93 -31.72
C ASN B 881 -9.42 -41.30 -31.91
N GLY B 882 -8.14 -41.46 -31.56
CA GLY B 882 -7.50 -42.76 -31.61
C GLY B 882 -7.01 -43.19 -32.98
N SER B 883 -7.24 -42.39 -34.02
CA SER B 883 -6.81 -42.72 -35.37
C SER B 883 -5.65 -41.86 -35.85
N ASN B 884 -5.79 -40.53 -35.76
CA ASN B 884 -4.78 -39.62 -36.28
C ASN B 884 -4.44 -38.48 -35.32
N GLN B 885 -5.08 -38.40 -34.16
CA GLN B 885 -4.85 -37.32 -33.21
C GLN B 885 -3.86 -37.77 -32.14
N SER B 886 -2.81 -36.97 -31.94
CA SER B 886 -1.77 -37.26 -30.96
C SER B 886 -1.14 -35.96 -30.51
N ILE B 887 -0.43 -36.01 -29.39
CA ILE B 887 0.19 -34.80 -28.83
C ILE B 887 1.49 -35.17 -28.13
N SER B 888 2.54 -34.39 -28.39
CA SER B 888 3.87 -34.66 -27.87
C SER B 888 4.34 -33.52 -26.99
N PHE B 889 4.99 -33.88 -25.88
CA PHE B 889 5.55 -32.94 -24.92
C PHE B 889 7.06 -33.13 -24.87
N SER B 890 7.80 -32.03 -25.01
CA SER B 890 9.25 -32.08 -25.07
C SER B 890 9.84 -31.34 -23.88
N ASN B 891 10.77 -31.99 -23.18
CA ASN B 891 11.46 -31.45 -22.01
C ASN B 891 12.68 -32.30 -21.77
N ASP B 892 13.80 -31.65 -21.46
CA ASP B 892 15.04 -32.38 -21.21
C ASP B 892 14.97 -33.28 -19.99
N PHE B 893 14.03 -33.02 -19.07
CA PHE B 893 13.87 -33.88 -17.90
C PHE B 893 13.14 -35.18 -18.25
N PHE B 894 12.35 -35.19 -19.32
CA PHE B 894 11.53 -36.35 -19.65
C PHE B 894 12.35 -37.57 -20.04
N GLU B 895 13.62 -37.38 -20.42
CA GLU B 895 14.46 -38.52 -20.79
C GLU B 895 14.86 -39.37 -19.59
N ASN B 896 14.58 -38.92 -18.37
CA ASN B 896 14.77 -39.68 -17.14
C ASN B 896 16.26 -39.99 -17.00
N GLY B 897 16.66 -41.25 -16.80
CA GLY B 897 18.05 -41.59 -16.57
C GLY B 897 18.23 -42.74 -15.61
N LEU B 898 19.13 -42.59 -14.64
CA LEU B 898 19.40 -43.62 -13.64
C LEU B 898 19.01 -43.23 -12.23
N THR B 899 19.13 -41.95 -11.87
CA THR B 899 18.97 -41.52 -10.49
C THR B 899 17.79 -40.58 -10.26
N ASN B 900 17.10 -40.13 -11.30
CA ASN B 900 16.02 -39.16 -11.11
C ASN B 900 14.74 -39.88 -10.70
N SER B 901 14.05 -39.29 -9.73
CA SER B 901 12.73 -39.73 -9.30
C SER B 901 11.68 -38.83 -9.92
N PHE B 902 10.52 -39.39 -10.24
CA PHE B 902 9.51 -38.61 -10.93
C PHE B 902 8.12 -39.15 -10.62
N SER B 903 7.11 -38.39 -11.08
CA SER B 903 5.71 -38.74 -10.86
C SER B 903 4.89 -38.33 -12.08
N ILE B 904 3.93 -39.18 -12.43
CA ILE B 904 3.02 -38.94 -13.55
C ILE B 904 1.60 -39.12 -13.02
N TYR B 905 0.73 -38.15 -13.27
CA TYR B 905 -0.66 -38.41 -12.91
C TYR B 905 -1.61 -37.63 -13.82
N PHE B 906 -2.75 -38.26 -14.11
CA PHE B 906 -3.71 -37.66 -15.04
C PHE B 906 -5.07 -38.35 -14.89
N TRP B 907 -6.10 -37.66 -15.36
CA TRP B 907 -7.45 -38.20 -15.45
C TRP B 907 -7.66 -38.78 -16.84
N LEU B 908 -8.13 -40.02 -16.90
CA LEU B 908 -8.36 -40.71 -18.16
C LEU B 908 -9.75 -41.31 -18.18
N ARG B 909 -10.47 -41.09 -19.28
CA ARG B 909 -11.73 -41.79 -19.56
C ARG B 909 -11.63 -42.39 -20.95
N ASN B 910 -11.59 -43.71 -21.02
CA ASN B 910 -11.38 -44.42 -22.28
C ASN B 910 -12.69 -44.98 -22.80
N LEU B 911 -12.95 -44.78 -24.09
CA LEU B 911 -14.04 -45.46 -24.78
C LEU B 911 -13.51 -46.79 -25.26
N GLY B 912 -13.47 -47.75 -24.34
CA GLY B 912 -12.75 -48.99 -24.52
C GLY B 912 -13.40 -49.99 -25.46
N LYS B 913 -13.39 -49.69 -26.76
CA LYS B 913 -13.95 -50.60 -27.74
C LYS B 913 -13.12 -51.88 -27.85
N ASP B 914 -11.86 -51.73 -28.23
CA ASP B 914 -10.97 -52.87 -28.51
C ASP B 914 -10.14 -53.22 -27.28
N THR B 915 -9.49 -54.39 -27.34
CA THR B 915 -8.69 -54.89 -26.25
C THR B 915 -7.25 -55.22 -26.64
N ILE B 916 -6.83 -54.94 -27.87
CA ILE B 916 -5.46 -55.24 -28.27
C ILE B 916 -4.50 -54.27 -27.60
N LYS B 917 -3.23 -54.68 -27.52
CA LYS B 917 -2.20 -53.85 -26.91
C LYS B 917 -1.92 -52.64 -27.79
N SER B 918 -2.26 -51.45 -27.29
CA SER B 918 -2.06 -50.21 -28.03
C SER B 918 -1.37 -49.20 -27.13
N LYS B 919 -0.51 -48.38 -27.72
CA LYS B 919 0.21 -47.37 -26.95
C LYS B 919 -0.74 -46.24 -26.55
N LEU B 920 -0.74 -45.91 -25.26
CA LEU B 920 -1.45 -44.73 -24.78
C LEU B 920 -0.50 -43.55 -24.59
N ILE B 921 0.53 -43.70 -23.76
CA ILE B 921 1.43 -42.58 -23.52
C ILE B 921 2.75 -43.08 -22.95
N GLY B 922 3.85 -42.50 -23.40
CA GLY B 922 5.13 -42.85 -22.83
C GLY B 922 6.34 -42.29 -23.54
N SER B 923 7.47 -42.24 -22.83
CA SER B 923 8.75 -41.83 -23.39
C SER B 923 9.52 -43.11 -23.70
N LYS B 924 9.40 -43.58 -24.95
CA LYS B 924 9.99 -44.84 -25.38
C LYS B 924 10.89 -44.59 -26.58
N GLU B 925 12.12 -45.08 -26.50
CA GLU B 925 13.11 -44.92 -27.56
C GLU B 925 14.23 -45.93 -27.31
N ASP B 926 14.54 -46.75 -28.33
CA ASP B 926 15.44 -47.90 -28.17
C ASP B 926 14.95 -48.76 -27.02
N ASN B 927 13.72 -49.28 -27.17
CA ASN B 927 13.15 -50.25 -26.24
C ASN B 927 13.55 -49.92 -24.81
N CYS B 928 13.37 -48.66 -24.44
CA CYS B 928 13.87 -48.17 -23.18
C CYS B 928 12.99 -47.02 -22.70
N GLY B 929 12.88 -46.91 -21.39
CA GLY B 929 11.99 -45.93 -20.78
C GLY B 929 10.73 -46.56 -20.26
N TRP B 930 9.60 -45.88 -20.46
CA TRP B 930 8.33 -46.31 -19.91
C TRP B 930 7.22 -46.06 -20.92
N GLU B 931 6.15 -46.84 -20.79
CA GLU B 931 4.99 -46.73 -21.66
C GLU B 931 3.76 -47.29 -20.95
N ILE B 932 2.67 -46.55 -21.03
CA ILE B 932 1.35 -47.01 -20.60
C ILE B 932 0.59 -47.41 -21.85
N TYR B 933 0.19 -48.69 -21.89
CA TYR B 933 -0.54 -49.30 -22.98
C TYR B 933 -1.98 -49.57 -22.58
N PHE B 934 -2.88 -49.52 -23.57
CA PHE B 934 -4.22 -50.07 -23.41
C PHE B 934 -4.18 -51.58 -23.64
N GLN B 935 -4.76 -52.35 -22.73
CA GLN B 935 -4.81 -53.79 -22.94
C GLN B 935 -5.97 -54.38 -22.16
N ASP B 936 -6.69 -55.32 -22.79
CA ASP B 936 -7.83 -56.00 -22.20
C ASP B 936 -8.85 -55.00 -21.67
N THR B 937 -9.09 -55.04 -20.36
CA THR B 937 -10.05 -54.15 -19.73
C THR B 937 -9.39 -52.97 -19.03
N GLY B 938 -8.07 -52.81 -19.15
CA GLY B 938 -7.39 -51.74 -18.46
C GLY B 938 -6.07 -51.31 -19.06
N LEU B 939 -5.10 -51.02 -18.19
CA LEU B 939 -3.82 -50.45 -18.58
C LEU B 939 -2.68 -51.41 -18.32
N VAL B 940 -1.55 -51.14 -18.95
CA VAL B 940 -0.31 -51.88 -18.68
C VAL B 940 0.83 -50.89 -18.58
N PHE B 941 1.55 -50.93 -17.46
CA PHE B 941 2.72 -50.09 -17.22
C PHE B 941 3.97 -50.90 -17.57
N ASN B 942 4.76 -50.38 -18.50
CA ASN B 942 5.99 -51.02 -18.93
C ASN B 942 7.14 -50.06 -18.63
N MET B 943 8.18 -50.57 -17.97
CA MET B 943 9.36 -49.79 -17.63
C MET B 943 10.58 -50.66 -17.82
N ILE B 944 11.37 -50.38 -18.85
CA ILE B 944 12.50 -51.22 -19.21
C ILE B 944 13.74 -50.35 -19.33
N ASP B 945 14.88 -50.88 -18.87
CA ASP B 945 16.12 -50.13 -18.82
C ASP B 945 17.06 -50.59 -19.95
N SER B 946 18.26 -50.01 -19.96
CA SER B 946 19.24 -50.32 -21.01
C SER B 946 19.86 -51.71 -20.86
N ASN B 947 19.64 -52.38 -19.73
CA ASN B 947 20.21 -53.69 -19.48
C ASN B 947 19.24 -54.84 -19.70
N GLY B 948 17.96 -54.54 -19.92
CA GLY B 948 16.95 -55.56 -20.18
C GLY B 948 16.01 -55.83 -19.03
N ASN B 949 16.32 -55.36 -17.83
CA ASN B 949 15.41 -55.51 -16.69
C ASN B 949 14.11 -54.79 -16.99
N GLU B 950 12.98 -55.45 -16.73
CA GLU B 950 11.69 -54.97 -17.19
C GLU B 950 10.66 -55.03 -16.06
N LYS B 951 9.73 -54.09 -16.10
CA LYS B 951 8.56 -54.06 -15.23
C LYS B 951 7.33 -53.98 -16.14
N ASN B 952 6.62 -55.08 -16.27
CA ASN B 952 5.38 -55.14 -17.04
C ASN B 952 4.26 -55.49 -16.08
N ILE B 953 3.42 -54.51 -15.76
CA ILE B 953 2.40 -54.64 -14.73
C ILE B 953 1.04 -54.32 -15.34
N TYR B 954 0.08 -55.23 -15.15
CA TYR B 954 -1.26 -55.06 -15.69
C TYR B 954 -2.18 -54.51 -14.62
N LEU B 955 -2.77 -53.35 -14.89
CA LEU B 955 -3.78 -52.75 -14.03
C LEU B 955 -5.15 -53.04 -14.65
N SER B 956 -6.02 -53.67 -13.88
CA SER B 956 -7.29 -54.18 -14.38
C SER B 956 -8.43 -53.18 -14.15
N ASP B 957 -9.46 -53.31 -14.99
CA ASP B 957 -10.72 -52.59 -14.85
C ASP B 957 -10.51 -51.07 -14.85
N VAL B 958 -10.04 -50.56 -15.99
CA VAL B 958 -9.85 -49.13 -16.16
C VAL B 958 -10.65 -48.63 -17.35
N SER B 959 -10.90 -49.51 -18.31
CA SER B 959 -11.59 -49.13 -19.55
C SER B 959 -13.09 -49.44 -19.46
N ASN B 960 -13.74 -48.84 -18.47
CA ASN B 960 -15.18 -48.99 -18.26
C ASN B 960 -15.93 -47.70 -18.59
N ASN B 961 -15.44 -46.95 -19.57
CA ASN B 961 -15.96 -45.64 -19.98
C ASN B 961 -16.36 -44.79 -18.78
N SER B 962 -15.46 -44.75 -17.79
CA SER B 962 -15.62 -43.90 -16.61
C SER B 962 -14.26 -43.30 -16.27
N TRP B 963 -14.30 -42.10 -15.71
CA TRP B 963 -13.07 -41.39 -15.38
C TRP B 963 -12.29 -42.12 -14.29
N HIS B 964 -10.96 -42.13 -14.43
CA HIS B 964 -10.09 -42.70 -13.43
C HIS B 964 -8.86 -41.81 -13.28
N TYR B 965 -8.35 -41.74 -12.06
CA TYR B 965 -7.20 -40.90 -11.71
C TYR B 965 -5.97 -41.79 -11.59
N ILE B 966 -5.14 -41.78 -12.62
CA ILE B 966 -3.97 -42.65 -12.68
C ILE B 966 -2.77 -41.89 -12.14
N THR B 967 -2.03 -42.53 -11.22
CA THR B 967 -0.84 -41.94 -10.62
C THR B 967 0.27 -42.97 -10.58
N ILE B 968 1.47 -42.57 -11.00
CA ILE B 968 2.67 -43.39 -10.96
C ILE B 968 3.77 -42.58 -10.29
N SER B 969 4.47 -43.22 -9.36
CA SER B 969 5.54 -42.57 -8.59
C SER B 969 6.77 -43.47 -8.61
N VAL B 970 7.84 -42.99 -9.24
CA VAL B 970 9.11 -43.70 -9.29
C VAL B 970 10.05 -42.98 -8.34
N ASP B 971 10.45 -43.67 -7.27
CA ASP B 971 11.30 -43.12 -6.22
C ASP B 971 12.62 -43.86 -6.25
N ARG B 972 13.69 -43.16 -6.65
CA ARG B 972 15.00 -43.78 -6.74
C ARG B 972 15.70 -43.86 -5.40
N LEU B 973 15.43 -42.93 -4.48
CA LEU B 973 16.06 -42.97 -3.17
C LEU B 973 15.65 -44.21 -2.39
N LYS B 974 14.36 -44.56 -2.42
CA LYS B 974 13.84 -45.72 -1.72
C LYS B 974 13.68 -46.93 -2.63
N GLU B 975 14.00 -46.81 -3.92
CA GLU B 975 13.85 -47.89 -4.89
C GLU B 975 12.42 -48.43 -4.88
N GLN B 976 11.45 -47.51 -4.97
CA GLN B 976 10.05 -47.85 -4.77
C GLN B 976 9.21 -47.34 -5.94
N LEU B 977 8.37 -48.21 -6.49
CA LEU B 977 7.39 -47.86 -7.51
C LEU B 977 5.99 -47.95 -6.93
N LEU B 978 5.25 -46.86 -7.02
CA LEU B 978 3.88 -46.79 -6.52
C LEU B 978 2.93 -46.51 -7.68
N ILE B 979 1.85 -47.27 -7.77
CA ILE B 979 0.83 -47.06 -8.79
C ILE B 979 -0.53 -46.99 -8.11
N PHE B 980 -1.25 -45.89 -8.35
CA PHE B 980 -2.55 -45.61 -7.77
C PHE B 980 -3.59 -45.46 -8.88
N ILE B 981 -4.76 -46.05 -8.66
CA ILE B 981 -5.94 -45.81 -9.47
C ILE B 981 -7.03 -45.27 -8.55
N ASP B 982 -7.61 -44.13 -8.92
CA ASP B 982 -8.58 -43.42 -8.08
C ASP B 982 -8.01 -43.16 -6.69
N ASP B 983 -8.52 -43.85 -5.67
CA ASP B 983 -8.02 -43.68 -4.31
C ASP B 983 -7.40 -44.94 -3.75
N ASN B 984 -7.09 -45.93 -4.59
CA ASN B 984 -6.55 -47.20 -4.14
C ASN B 984 -5.13 -47.38 -4.64
N LEU B 985 -4.25 -47.83 -3.75
CA LEU B 985 -2.87 -48.17 -4.10
C LEU B 985 -2.89 -49.53 -4.78
N VAL B 986 -2.82 -49.54 -6.10
CA VAL B 986 -2.93 -50.79 -6.84
C VAL B 986 -1.60 -51.50 -7.04
N ALA B 987 -0.47 -50.81 -6.85
CA ALA B 987 0.81 -51.48 -7.02
C ALA B 987 1.87 -50.85 -6.13
N ASN B 988 2.62 -51.71 -5.42
CA ASN B 988 3.81 -51.33 -4.67
C ASN B 988 4.91 -52.32 -5.05
N GLU B 989 5.94 -51.83 -5.73
CA GLU B 989 7.00 -52.68 -6.25
C GLU B 989 8.36 -52.12 -5.88
N SER B 990 9.36 -52.98 -5.92
CA SER B 990 10.75 -52.60 -5.71
C SER B 990 11.46 -52.51 -7.05
N ILE B 991 12.07 -51.36 -7.33
CA ILE B 991 12.73 -51.13 -8.61
C ILE B 991 14.24 -51.15 -8.41
N LYS B 992 14.69 -51.90 -7.40
CA LYS B 992 16.12 -52.07 -7.16
C LYS B 992 16.82 -52.73 -8.36
N GLU B 993 16.06 -53.43 -9.21
CA GLU B 993 16.63 -54.11 -10.36
C GLU B 993 16.59 -53.29 -11.64
N ILE B 994 15.95 -52.13 -11.63
CA ILE B 994 15.80 -51.29 -12.82
C ILE B 994 16.82 -50.16 -12.74
N LEU B 995 17.76 -50.13 -13.68
CA LEU B 995 18.84 -49.17 -13.55
C LEU B 995 18.66 -47.89 -14.36
N ASN B 996 18.69 -47.99 -15.69
CA ASN B 996 18.84 -46.81 -16.54
C ASN B 996 17.77 -46.82 -17.60
N ILE B 997 16.79 -45.93 -17.45
CA ILE B 997 15.62 -45.87 -18.33
C ILE B 997 15.76 -44.65 -19.24
N TYR B 998 17.01 -44.26 -19.52
CA TYR B 998 17.26 -43.09 -20.37
C TYR B 998 16.54 -43.23 -21.70
N SER B 999 15.55 -42.38 -21.93
CA SER B 999 14.69 -42.44 -23.09
C SER B 999 14.80 -41.13 -23.87
N SER B 1000 13.91 -40.96 -24.84
CA SER B 1000 13.83 -39.71 -25.57
C SER B 1000 13.34 -38.59 -24.66
N ASN B 1001 13.69 -37.36 -25.02
CA ASN B 1001 13.19 -36.19 -24.30
C ASN B 1001 11.77 -35.80 -24.72
N ILE B 1002 11.05 -36.69 -25.40
CA ILE B 1002 9.69 -36.46 -25.82
C ILE B 1002 8.79 -37.52 -25.20
N ILE B 1003 7.62 -37.09 -24.74
CA ILE B 1003 6.57 -37.98 -24.26
C ILE B 1003 5.41 -37.85 -25.24
N SER B 1004 5.03 -38.98 -25.84
CA SER B 1004 4.07 -38.99 -26.95
C SER B 1004 2.77 -39.62 -26.46
N LEU B 1005 1.75 -38.79 -26.26
CA LEU B 1005 0.40 -39.26 -26.00
C LEU B 1005 -0.25 -39.57 -27.34
N LEU B 1006 -0.45 -40.86 -27.60
CA LEU B 1006 -1.00 -41.35 -28.86
C LEU B 1006 -2.42 -41.87 -28.72
N SER B 1007 -2.68 -42.70 -27.72
CA SER B 1007 -3.98 -43.31 -27.48
C SER B 1007 -4.46 -44.07 -28.72
N GLU B 1008 -3.63 -45.02 -29.16
CA GLU B 1008 -3.89 -45.72 -30.40
C GLU B 1008 -5.15 -46.57 -30.30
N ASN B 1009 -5.97 -46.51 -31.34
CA ASN B 1009 -7.12 -47.40 -31.51
C ASN B 1009 -8.20 -47.22 -30.44
N ASN B 1010 -8.03 -46.25 -29.54
CA ASN B 1010 -8.98 -46.02 -28.46
C ASN B 1010 -9.23 -44.53 -28.30
N PRO B 1011 -10.35 -44.03 -28.83
CA PRO B 1011 -10.73 -42.64 -28.55
C PRO B 1011 -10.91 -42.43 -27.05
N SER B 1012 -10.29 -41.38 -26.51
CA SER B 1012 -10.26 -41.22 -25.08
C SER B 1012 -10.16 -39.74 -24.70
N TYR B 1013 -10.43 -39.47 -23.43
CA TYR B 1013 -10.32 -38.15 -22.84
C TYR B 1013 -9.21 -38.14 -21.80
N ILE B 1014 -8.33 -37.16 -21.89
CA ILE B 1014 -7.23 -36.97 -20.95
C ILE B 1014 -7.31 -35.56 -20.37
N GLU B 1015 -7.26 -35.47 -19.05
CA GLU B 1015 -7.33 -34.19 -18.36
C GLU B 1015 -6.24 -34.10 -17.30
N GLY B 1016 -5.74 -32.89 -17.09
CA GLY B 1016 -4.84 -32.59 -15.98
C GLY B 1016 -3.58 -33.42 -15.94
N LEU B 1017 -2.98 -33.66 -17.09
CA LEU B 1017 -1.72 -34.40 -17.14
C LEU B 1017 -0.63 -33.59 -16.44
N THR B 1018 -0.05 -34.18 -15.39
CA THR B 1018 0.95 -33.47 -14.60
C THR B 1018 2.13 -34.38 -14.31
N ILE B 1019 3.32 -33.85 -14.58
CA ILE B 1019 4.60 -34.55 -14.42
C ILE B 1019 5.44 -33.80 -13.39
N LEU B 1020 5.89 -34.51 -12.37
CA LEU B 1020 6.70 -33.97 -11.27
C LEU B 1020 8.07 -34.62 -11.26
N ASN B 1021 9.04 -33.89 -10.73
CA ASN B 1021 10.41 -34.37 -10.60
C ASN B 1021 10.70 -34.95 -9.22
N LYS B 1022 9.66 -35.27 -8.46
CA LYS B 1022 9.80 -35.89 -7.16
C LYS B 1022 8.76 -37.00 -7.04
N PRO B 1023 9.00 -37.99 -6.19
CA PRO B 1023 7.99 -39.04 -5.98
C PRO B 1023 6.79 -38.53 -5.21
N THR B 1024 5.71 -39.31 -5.29
CA THR B 1024 4.43 -38.96 -4.67
C THR B 1024 4.09 -39.96 -3.57
N THR B 1025 3.51 -39.46 -2.48
CA THR B 1025 3.02 -40.29 -1.39
C THR B 1025 1.52 -40.48 -1.51
N SER B 1026 1.02 -41.56 -0.89
CA SER B 1026 -0.39 -41.92 -1.03
C SER B 1026 -1.29 -40.81 -0.51
N GLN B 1027 -0.89 -40.12 0.56
CA GLN B 1027 -1.69 -39.01 1.05
C GLN B 1027 -1.87 -37.96 -0.04
N GLU B 1028 -0.78 -37.62 -0.74
CA GLU B 1028 -0.87 -36.60 -1.79
C GLU B 1028 -1.85 -37.04 -2.87
N VAL B 1029 -1.85 -38.33 -3.22
CA VAL B 1029 -2.79 -38.82 -4.22
C VAL B 1029 -4.23 -38.64 -3.74
N LEU B 1030 -4.50 -39.04 -2.50
CA LEU B 1030 -5.84 -38.90 -1.96
C LEU B 1030 -6.26 -37.43 -1.91
N SER B 1031 -5.34 -36.56 -1.51
CA SER B 1031 -5.65 -35.13 -1.38
C SER B 1031 -6.00 -34.54 -2.73
N ASN B 1032 -5.18 -34.81 -3.75
CA ASN B 1032 -5.47 -34.31 -5.09
C ASN B 1032 -6.79 -34.85 -5.59
N TYR B 1033 -7.03 -36.16 -5.43
CA TYR B 1033 -8.27 -36.78 -5.88
C TYR B 1033 -9.49 -36.09 -5.26
N PHE B 1034 -9.55 -36.07 -3.93
CA PHE B 1034 -10.74 -35.57 -3.26
C PHE B 1034 -10.90 -34.07 -3.42
N GLU B 1035 -9.81 -33.31 -3.48
CA GLU B 1035 -9.96 -31.89 -3.75
C GLU B 1035 -10.54 -31.66 -5.14
N VAL B 1036 -9.86 -32.16 -6.18
CA VAL B 1036 -10.35 -31.94 -7.54
C VAL B 1036 -11.79 -32.40 -7.68
N LEU B 1037 -12.19 -33.43 -6.95
CA LEU B 1037 -13.51 -34.02 -7.17
C LEU B 1037 -14.65 -33.08 -6.75
N ASN B 1038 -14.54 -32.38 -5.63
CA ASN B 1038 -15.66 -31.54 -5.19
C ASN B 1038 -15.44 -30.13 -5.72
N ASN B 1039 -16.07 -29.83 -6.86
CA ASN B 1039 -16.17 -28.48 -7.39
C ASN B 1039 -17.64 -28.09 -7.51
N SER B 1040 -18.45 -28.54 -6.55
CA SER B 1040 -19.89 -28.29 -6.43
C SER B 1040 -20.71 -28.96 -7.51
N TYR B 1041 -20.12 -29.82 -8.33
CA TYR B 1041 -20.83 -30.48 -9.42
C TYR B 1041 -21.25 -31.89 -9.02
N ILE B 1042 -22.43 -32.30 -9.46
CA ILE B 1042 -22.93 -33.65 -9.28
C ILE B 1042 -22.60 -34.46 -10.53
N ARG B 1043 -22.30 -35.74 -10.34
CA ARG B 1043 -21.82 -36.58 -11.43
C ARG B 1043 -22.69 -37.82 -11.58
N ASP B 1044 -22.62 -38.42 -12.77
CA ASP B 1044 -23.37 -39.63 -13.09
C ASP B 1044 -22.52 -40.85 -12.79
N SER B 1045 -22.95 -42.02 -13.29
CA SER B 1045 -22.21 -43.26 -13.06
C SER B 1045 -20.80 -43.19 -13.63
N ASN B 1046 -20.60 -42.46 -14.72
CA ASN B 1046 -19.29 -42.32 -15.35
C ASN B 1046 -18.50 -41.14 -14.81
N GLU B 1047 -18.95 -40.54 -13.71
CA GLU B 1047 -18.32 -39.37 -13.10
C GLU B 1047 -18.31 -38.17 -14.04
N GLU B 1048 -19.19 -38.16 -15.03
CA GLU B 1048 -19.43 -36.99 -15.85
C GLU B 1048 -20.52 -36.14 -15.23
N ARG B 1049 -20.47 -34.85 -15.49
CA ARG B 1049 -21.36 -33.91 -14.82
C ARG B 1049 -22.82 -34.25 -15.07
N LEU B 1050 -23.60 -34.29 -14.00
CA LEU B 1050 -25.03 -34.56 -14.12
C LEU B 1050 -25.72 -33.38 -14.79
N GLU B 1051 -26.54 -33.67 -15.79
CA GLU B 1051 -27.21 -32.64 -16.58
C GLU B 1051 -28.72 -32.71 -16.37
N TYR B 1052 -29.35 -31.53 -16.35
CA TYR B 1052 -30.79 -31.48 -16.43
C TYR B 1052 -31.25 -31.79 -17.85
N ASN B 1053 -32.51 -32.23 -17.96
CA ASN B 1053 -33.16 -32.50 -19.24
C ASN B 1053 -32.41 -33.57 -20.05
N LYS B 1054 -31.79 -34.52 -19.36
CA LYS B 1054 -31.11 -35.63 -20.00
C LYS B 1054 -31.67 -36.93 -19.43
N THR B 1055 -31.55 -38.01 -20.20
CA THR B 1055 -32.18 -39.28 -19.87
C THR B 1055 -31.18 -40.19 -19.17
N TYR B 1056 -31.53 -40.66 -17.97
CA TYR B 1056 -30.70 -41.52 -17.16
C TYR B 1056 -31.51 -42.71 -16.68
N GLN B 1057 -30.82 -43.65 -16.03
CA GLN B 1057 -31.43 -44.74 -15.30
C GLN B 1057 -30.88 -44.75 -13.88
N LEU B 1058 -31.76 -44.96 -12.92
CA LEU B 1058 -31.42 -44.82 -11.51
C LEU B 1058 -31.02 -46.16 -10.91
N TYR B 1059 -29.93 -46.16 -10.14
CA TYR B 1059 -29.46 -47.34 -9.42
C TYR B 1059 -29.14 -46.95 -7.98
N ASN B 1060 -29.37 -47.89 -7.07
CA ASN B 1060 -29.00 -47.69 -5.67
C ASN B 1060 -27.60 -48.23 -5.44
N TYR B 1061 -26.91 -47.64 -4.45
CA TYR B 1061 -25.53 -48.04 -4.17
C TYR B 1061 -25.45 -49.50 -3.75
N VAL B 1062 -26.42 -49.96 -2.95
CA VAL B 1062 -26.39 -51.33 -2.46
C VAL B 1062 -26.71 -52.32 -3.59
N PHE B 1063 -27.77 -52.04 -4.34
CA PHE B 1063 -28.12 -52.84 -5.52
C PHE B 1063 -27.63 -52.08 -6.76
N SER B 1064 -26.31 -52.14 -6.97
CA SER B 1064 -25.69 -51.33 -8.01
C SER B 1064 -26.11 -51.73 -9.41
N ASP B 1065 -26.46 -52.99 -9.63
CA ASP B 1065 -26.80 -53.49 -10.95
C ASP B 1065 -28.31 -53.67 -11.14
N LYS B 1066 -29.11 -53.43 -10.11
CA LYS B 1066 -30.55 -53.53 -10.26
C LYS B 1066 -31.12 -52.15 -10.53
N PRO B 1067 -31.66 -51.88 -11.72
CA PRO B 1067 -32.20 -50.56 -12.00
C PRO B 1067 -33.51 -50.31 -11.27
N ILE B 1068 -33.89 -49.04 -11.22
CA ILE B 1068 -35.14 -48.64 -10.61
C ILE B 1068 -36.25 -48.74 -11.65
N CYS B 1069 -37.33 -49.43 -11.29
CA CYS B 1069 -38.48 -49.63 -12.14
C CYS B 1069 -39.74 -49.20 -11.40
N GLU B 1070 -40.89 -49.40 -12.04
CA GLU B 1070 -42.16 -48.87 -11.59
C GLU B 1070 -43.19 -49.99 -11.51
N VAL B 1071 -44.11 -49.89 -10.55
CA VAL B 1071 -45.15 -50.90 -10.37
C VAL B 1071 -46.35 -50.25 -9.67
N LYS B 1072 -47.54 -50.79 -9.95
CA LYS B 1072 -48.79 -50.28 -9.40
C LYS B 1072 -49.24 -51.12 -8.21
N GLN B 1073 -49.72 -50.45 -7.16
CA GLN B 1073 -50.23 -51.12 -5.97
C GLN B 1073 -51.72 -50.86 -5.75
N ASN B 1074 -52.12 -49.60 -5.63
CA ASN B 1074 -53.50 -49.25 -5.33
C ASN B 1074 -54.03 -48.29 -6.38
N ASN B 1075 -53.79 -48.62 -7.64
CA ASN B 1075 -54.15 -47.84 -8.84
C ASN B 1075 -53.35 -46.56 -8.94
N ASN B 1076 -52.38 -46.32 -8.06
CA ASN B 1076 -51.38 -45.29 -8.23
C ASN B 1076 -50.00 -45.93 -8.16
N ILE B 1077 -49.07 -45.38 -8.92
CA ILE B 1077 -47.84 -46.07 -9.29
C ILE B 1077 -46.67 -45.63 -8.42
N TYR B 1078 -45.85 -46.60 -8.02
CA TYR B 1078 -44.68 -46.41 -7.15
C TYR B 1078 -43.42 -46.93 -7.86
N LEU B 1079 -42.28 -46.74 -7.19
CA LEU B 1079 -40.98 -47.12 -7.70
C LEU B 1079 -40.32 -48.14 -6.78
N THR B 1080 -39.67 -49.14 -7.38
CA THR B 1080 -39.04 -50.22 -6.63
C THR B 1080 -37.96 -50.83 -7.50
N ILE B 1081 -37.18 -51.74 -6.93
CA ILE B 1081 -36.14 -52.44 -7.66
C ILE B 1081 -36.66 -53.80 -8.10
N ASN B 1082 -35.92 -54.44 -9.01
CA ASN B 1082 -36.31 -55.72 -9.59
C ASN B 1082 -35.73 -56.83 -8.72
N ASN B 1083 -36.48 -57.23 -7.70
CA ASN B 1083 -36.04 -58.32 -6.84
C ASN B 1083 -36.31 -59.67 -7.47
N THR B 1084 -37.54 -59.93 -7.89
CA THR B 1084 -37.89 -61.16 -8.60
C THR B 1084 -37.22 -61.11 -9.97
N ASN B 1085 -36.14 -61.87 -10.12
CA ASN B 1085 -35.20 -61.69 -11.23
C ASN B 1085 -35.88 -61.61 -12.58
N ASN B 1086 -35.75 -60.43 -13.22
CA ASN B 1086 -36.37 -60.12 -14.51
C ASN B 1086 -37.85 -60.50 -14.53
N LEU B 1087 -38.62 -59.82 -13.67
CA LEU B 1087 -40.08 -59.89 -13.71
C LEU B 1087 -40.68 -59.04 -14.85
N ASN B 1088 -39.78 -58.58 -15.73
CA ASN B 1088 -40.06 -57.74 -16.89
C ASN B 1088 -40.44 -56.32 -16.49
N LEU B 1089 -40.14 -55.91 -15.27
CA LEU B 1089 -40.22 -54.50 -14.89
C LEU B 1089 -39.07 -53.78 -15.56
N GLN B 1090 -39.34 -53.13 -16.69
CA GLN B 1090 -38.29 -52.47 -17.45
C GLN B 1090 -37.77 -51.26 -16.69
N ALA B 1091 -36.50 -50.93 -16.94
CA ALA B 1091 -35.87 -49.81 -16.26
C ALA B 1091 -36.57 -48.50 -16.63
N SER B 1092 -36.79 -47.66 -15.61
CA SER B 1092 -37.48 -46.40 -15.81
C SER B 1092 -36.52 -45.32 -16.32
N LYS B 1093 -37.03 -44.42 -17.14
CA LYS B 1093 -36.24 -43.34 -17.71
C LYS B 1093 -36.44 -42.08 -16.88
N PHE B 1094 -35.34 -41.50 -16.41
CA PHE B 1094 -35.37 -40.37 -15.50
C PHE B 1094 -34.75 -39.14 -16.16
N LYS B 1095 -35.35 -37.98 -15.88
CA LYS B 1095 -34.85 -36.69 -16.35
C LYS B 1095 -35.01 -35.66 -15.23
N LEU B 1096 -33.94 -34.96 -14.91
CA LEU B 1096 -33.99 -33.93 -13.88
C LEU B 1096 -34.37 -32.59 -14.50
N LEU B 1097 -35.23 -31.86 -13.80
CA LEU B 1097 -35.64 -30.52 -14.22
C LEU B 1097 -35.32 -29.55 -13.10
N SER B 1098 -34.72 -28.41 -13.46
CA SER B 1098 -34.40 -27.36 -12.51
C SER B 1098 -35.49 -26.29 -12.53
N ILE B 1099 -35.50 -25.47 -11.48
CA ILE B 1099 -36.47 -24.38 -11.40
C ILE B 1099 -36.16 -23.29 -12.42
N ASN B 1100 -34.95 -23.24 -12.95
CA ASN B 1100 -34.34 -22.31 -13.90
C ASN B 1100 -34.59 -22.78 -15.32
N PRO B 1101 -35.01 -21.89 -16.22
CA PRO B 1101 -35.04 -22.27 -17.66
C PRO B 1101 -33.67 -22.63 -18.19
N ASN B 1102 -32.63 -21.98 -17.67
CA ASN B 1102 -31.23 -22.22 -18.00
C ASN B 1102 -30.66 -23.25 -17.02
N LYS B 1103 -29.34 -23.26 -16.84
CA LYS B 1103 -28.64 -24.19 -15.95
C LYS B 1103 -28.70 -25.63 -16.44
N GLN B 1104 -27.99 -25.90 -17.53
CA GLN B 1104 -27.86 -27.26 -18.07
C GLN B 1104 -27.30 -28.25 -17.06
N TYR B 1105 -26.47 -27.81 -16.13
CA TYR B 1105 -25.71 -28.71 -15.27
C TYR B 1105 -26.20 -28.64 -13.82
N VAL B 1106 -26.18 -29.79 -13.14
CA VAL B 1106 -26.65 -29.91 -11.76
C VAL B 1106 -25.50 -29.66 -10.80
N GLN B 1107 -25.78 -28.92 -9.73
CA GLN B 1107 -24.78 -28.57 -8.73
C GLN B 1107 -25.28 -28.97 -7.34
N LYS B 1108 -24.42 -28.77 -6.35
CA LYS B 1108 -24.77 -29.07 -4.96
C LYS B 1108 -25.89 -28.18 -4.47
N LEU B 1109 -26.70 -28.70 -3.54
CA LEU B 1109 -27.77 -27.95 -2.90
C LEU B 1109 -28.78 -27.40 -3.89
N ASP B 1110 -28.94 -28.08 -5.03
CA ASP B 1110 -29.88 -27.66 -6.05
C ASP B 1110 -31.26 -28.24 -5.76
N GLU B 1111 -32.29 -27.42 -6.00
CA GLU B 1111 -33.68 -27.86 -5.92
C GLU B 1111 -34.11 -28.38 -7.28
N VAL B 1112 -34.45 -29.66 -7.34
CA VAL B 1112 -34.77 -30.33 -8.60
C VAL B 1112 -36.13 -31.01 -8.49
N ILE B 1113 -36.74 -31.23 -9.65
CA ILE B 1113 -37.91 -32.09 -9.77
C ILE B 1113 -37.54 -33.22 -10.73
N ILE B 1114 -38.12 -34.40 -10.49
CA ILE B 1114 -37.79 -35.59 -11.24
C ILE B 1114 -38.93 -35.93 -12.18
N SER B 1115 -38.59 -36.27 -13.42
CA SER B 1115 -39.55 -36.65 -14.44
C SER B 1115 -39.24 -38.06 -14.93
N VAL B 1116 -40.29 -38.80 -15.24
CA VAL B 1116 -40.21 -40.18 -15.68
C VAL B 1116 -41.01 -40.31 -16.97
N LEU B 1117 -40.43 -40.96 -17.98
CA LEU B 1117 -41.08 -41.08 -19.29
C LEU B 1117 -41.95 -42.33 -19.30
N ASP B 1118 -43.15 -42.18 -18.75
CA ASP B 1118 -44.22 -43.15 -18.91
C ASP B 1118 -45.05 -42.75 -20.13
N ASN B 1119 -46.27 -43.28 -20.24
CA ASN B 1119 -47.24 -42.78 -21.22
C ASN B 1119 -47.19 -41.27 -21.30
N MET B 1120 -47.31 -40.61 -20.14
CA MET B 1120 -47.10 -39.17 -20.00
C MET B 1120 -45.89 -38.92 -19.13
N GLU B 1121 -45.49 -37.65 -19.02
CA GLU B 1121 -44.41 -37.27 -18.13
C GLU B 1121 -44.89 -37.37 -16.68
N LYS B 1122 -44.44 -38.39 -15.96
CA LYS B 1122 -44.85 -38.58 -14.58
C LYS B 1122 -43.84 -37.94 -13.65
N TYR B 1123 -44.34 -37.26 -12.63
CA TYR B 1123 -43.49 -36.50 -11.72
C TYR B 1123 -43.52 -37.13 -10.33
N ILE B 1124 -42.43 -36.93 -9.59
CA ILE B 1124 -42.19 -37.68 -8.37
C ILE B 1124 -42.79 -36.93 -7.18
N ASP B 1125 -43.54 -37.65 -6.35
CA ASP B 1125 -44.20 -37.08 -5.18
C ASP B 1125 -44.05 -38.05 -4.01
N ILE B 1126 -44.13 -37.50 -2.80
CA ILE B 1126 -43.99 -38.28 -1.57
C ILE B 1126 -45.38 -38.60 -1.04
N SER B 1127 -45.66 -39.89 -0.82
CA SER B 1127 -46.94 -40.31 -0.30
C SER B 1127 -47.00 -40.09 1.22
N GLU B 1128 -48.13 -40.46 1.82
CA GLU B 1128 -48.31 -40.23 3.24
C GLU B 1128 -47.46 -41.18 4.09
N ASP B 1129 -47.13 -42.36 3.55
CA ASP B 1129 -46.26 -43.31 4.23
C ASP B 1129 -44.80 -43.12 3.87
N ASN B 1130 -44.41 -41.89 3.50
CA ASN B 1130 -43.04 -41.51 3.16
C ASN B 1130 -42.52 -42.23 1.93
N ARG B 1131 -43.40 -42.84 1.13
CA ARG B 1131 -43.00 -43.66 0.00
C ARG B 1131 -43.19 -42.90 -1.30
N LEU B 1132 -42.20 -42.96 -2.18
CA LEU B 1132 -42.24 -42.20 -3.43
C LEU B 1132 -43.21 -42.81 -4.43
N GLN B 1133 -43.82 -41.95 -5.24
CA GLN B 1133 -44.77 -42.39 -6.25
C GLN B 1133 -44.72 -41.44 -7.44
N LEU B 1134 -45.19 -41.93 -8.58
CA LEU B 1134 -45.28 -41.15 -9.80
C LEU B 1134 -46.71 -40.64 -9.99
N ILE B 1135 -46.82 -39.38 -10.41
CA ILE B 1135 -48.10 -38.68 -10.49
C ILE B 1135 -48.13 -37.90 -11.80
N ASP B 1136 -49.27 -37.24 -12.05
CA ASP B 1136 -49.59 -36.69 -13.36
C ASP B 1136 -49.36 -35.18 -13.49
N ASN B 1137 -49.52 -34.41 -12.42
CA ASN B 1137 -49.56 -32.95 -12.50
C ASN B 1137 -48.29 -32.34 -11.94
N LYS B 1138 -47.68 -31.42 -12.71
CA LYS B 1138 -46.38 -30.86 -12.32
C LYS B 1138 -46.46 -30.09 -10.99
N ASN B 1139 -47.59 -29.46 -10.71
CA ASN B 1139 -47.69 -28.60 -9.55
C ASN B 1139 -47.55 -29.38 -8.24
N ASN B 1140 -47.91 -30.67 -8.24
CA ASN B 1140 -47.83 -31.48 -7.05
C ASN B 1140 -46.48 -32.18 -6.89
N ALA B 1141 -45.59 -32.05 -7.87
CA ALA B 1141 -44.27 -32.67 -7.76
C ALA B 1141 -43.46 -32.00 -6.67
N LYS B 1142 -42.73 -32.81 -5.90
CA LYS B 1142 -41.95 -32.31 -4.79
C LYS B 1142 -40.54 -31.92 -5.26
N LYS B 1143 -40.09 -30.75 -4.83
CA LYS B 1143 -38.75 -30.28 -5.14
C LYS B 1143 -37.78 -30.79 -4.08
N MET B 1144 -36.82 -31.61 -4.49
CA MET B 1144 -35.85 -32.19 -3.58
C MET B 1144 -34.50 -31.52 -3.75
N ILE B 1145 -33.77 -31.44 -2.65
CA ILE B 1145 -32.42 -30.87 -2.64
C ILE B 1145 -31.43 -32.00 -2.89
N ILE B 1146 -30.57 -31.80 -3.89
CA ILE B 1146 -29.64 -32.82 -4.35
C ILE B 1146 -28.24 -32.44 -3.89
N SER B 1147 -27.50 -33.43 -3.40
CA SER B 1147 -26.13 -33.23 -2.94
C SER B 1147 -25.35 -34.51 -3.23
N ASN B 1148 -24.19 -34.65 -2.63
CA ASN B 1148 -23.39 -35.86 -2.76
C ASN B 1148 -22.40 -35.92 -1.62
N ASP B 1149 -21.80 -37.11 -1.45
CA ASP B 1149 -20.76 -37.30 -0.45
C ASP B 1149 -19.40 -37.00 -1.08
N ILE B 1150 -18.52 -36.41 -0.28
CA ILE B 1150 -17.21 -35.99 -0.78
C ILE B 1150 -16.36 -37.20 -1.17
N PHE B 1151 -16.53 -38.32 -0.47
CA PHE B 1151 -15.66 -39.49 -0.66
C PHE B 1151 -16.26 -40.55 -1.58
N ILE B 1152 -17.40 -40.29 -2.20
CA ILE B 1152 -18.00 -41.20 -3.16
C ILE B 1152 -18.26 -40.40 -4.44
N SER B 1153 -17.43 -40.64 -5.46
CA SER B 1153 -17.33 -39.74 -6.61
C SER B 1153 -18.49 -39.85 -7.58
N ASN B 1154 -19.14 -41.01 -7.67
CA ASN B 1154 -20.16 -41.25 -8.68
C ASN B 1154 -21.56 -41.38 -8.10
N CYS B 1155 -21.75 -41.07 -6.82
CA CYS B 1155 -23.06 -41.23 -6.19
C CYS B 1155 -23.56 -39.90 -5.63
N LEU B 1156 -24.87 -39.81 -5.49
CA LEU B 1156 -25.55 -38.59 -5.08
C LEU B 1156 -26.62 -38.91 -4.05
N THR B 1157 -27.06 -37.87 -3.34
CA THR B 1157 -28.09 -37.98 -2.32
C THR B 1157 -29.21 -36.99 -2.61
N LEU B 1158 -30.42 -37.37 -2.23
CA LEU B 1158 -31.60 -36.53 -2.40
C LEU B 1158 -32.32 -36.41 -1.07
N SER B 1159 -32.84 -35.21 -0.77
CA SER B 1159 -33.57 -35.01 0.47
C SER B 1159 -34.76 -34.09 0.25
N TYR B 1160 -35.76 -34.22 1.11
CA TYR B 1160 -36.93 -33.34 1.12
C TYR B 1160 -37.21 -32.97 2.58
N ASN B 1161 -37.11 -31.67 2.89
CA ASN B 1161 -37.34 -31.16 4.24
C ASN B 1161 -36.48 -31.88 5.26
N GLY B 1162 -35.23 -32.17 4.89
CA GLY B 1162 -34.31 -32.86 5.75
C GLY B 1162 -34.45 -34.37 5.77
N LYS B 1163 -35.53 -34.91 5.22
CA LYS B 1163 -35.74 -36.36 5.19
C LYS B 1163 -35.21 -36.87 3.86
N TYR B 1164 -34.13 -37.66 3.92
CA TYR B 1164 -33.48 -38.14 2.71
C TYR B 1164 -34.24 -39.32 2.12
N ILE B 1165 -33.86 -39.71 0.91
CA ILE B 1165 -34.54 -40.73 0.14
C ILE B 1165 -33.68 -41.98 0.11
N CYS B 1166 -34.29 -43.12 0.42
CA CYS B 1166 -33.57 -44.40 0.49
C CYS B 1166 -34.51 -45.50 0.01
N LEU B 1167 -34.11 -46.75 0.22
CA LEU B 1167 -34.93 -47.91 -0.10
C LEU B 1167 -35.51 -48.50 1.18
N SER B 1168 -36.70 -49.10 1.06
CA SER B 1168 -37.41 -49.66 2.19
C SER B 1168 -37.07 -51.14 2.34
N MET B 1169 -37.78 -51.83 3.21
CA MET B 1169 -37.56 -53.24 3.46
C MET B 1169 -38.25 -54.10 2.39
N LYS B 1170 -38.00 -55.41 2.48
CA LYS B 1170 -38.68 -56.35 1.59
C LYS B 1170 -40.17 -56.35 1.91
N ASP B 1171 -40.97 -56.25 0.87
CA ASP B 1171 -42.41 -56.10 1.10
C ASP B 1171 -43.27 -57.06 0.29
N GLU B 1172 -42.91 -57.35 -0.95
CA GLU B 1172 -43.85 -57.96 -1.89
C GLU B 1172 -43.47 -59.34 -2.40
N ASN B 1173 -42.24 -59.59 -2.87
CA ASN B 1173 -41.01 -58.80 -2.66
C ASN B 1173 -40.80 -57.61 -3.59
N HIS B 1174 -40.93 -56.41 -3.03
CA HIS B 1174 -40.55 -55.17 -3.69
C HIS B 1174 -39.99 -54.23 -2.65
N ASN B 1175 -38.82 -53.66 -2.91
CA ASN B 1175 -38.17 -52.71 -2.01
C ASN B 1175 -38.51 -51.29 -2.47
N TRP B 1176 -39.36 -50.61 -1.70
CA TRP B 1176 -39.91 -49.33 -2.14
C TRP B 1176 -38.93 -48.19 -1.92
N MET B 1177 -39.02 -47.20 -2.79
CA MET B 1177 -38.33 -45.93 -2.57
C MET B 1177 -39.10 -45.13 -1.52
N ILE B 1178 -38.44 -44.86 -0.39
CA ILE B 1178 -39.08 -44.20 0.73
C ILE B 1178 -38.30 -42.95 1.11
N CYS B 1179 -38.96 -42.10 1.89
CA CYS B 1179 -38.38 -40.86 2.42
C CYS B 1179 -38.32 -41.00 3.93
N ASN B 1180 -37.24 -41.62 4.42
CA ASN B 1180 -37.12 -41.94 5.84
C ASN B 1180 -35.66 -41.85 6.24
N ASN B 1181 -35.42 -41.48 7.50
CA ASN B 1181 -34.08 -41.24 8.01
C ASN B 1181 -33.59 -42.31 8.98
N ASP B 1182 -34.22 -43.48 8.98
CA ASP B 1182 -33.90 -44.54 9.95
C ASP B 1182 -33.25 -45.75 9.29
N MET B 1183 -32.64 -45.59 8.12
CA MET B 1183 -31.94 -46.66 7.45
C MET B 1183 -30.43 -46.43 7.53
N SER B 1184 -29.67 -47.43 7.10
CA SER B 1184 -28.23 -47.31 7.10
C SER B 1184 -27.78 -46.25 6.09
N LYS B 1185 -26.62 -45.66 6.35
CA LYS B 1185 -26.10 -44.62 5.48
C LYS B 1185 -25.94 -45.10 4.05
N TYR B 1186 -25.45 -46.33 3.88
CA TYR B 1186 -25.17 -46.87 2.54
C TYR B 1186 -26.40 -46.90 1.65
N LEU B 1187 -27.60 -46.90 2.24
CA LEU B 1187 -28.83 -46.95 1.46
C LEU B 1187 -29.22 -45.61 0.85
N TYR B 1188 -28.56 -44.52 1.21
CA TYR B 1188 -28.96 -43.21 0.72
C TYR B 1188 -28.19 -42.76 -0.52
N LEU B 1189 -27.24 -43.55 -1.00
CA LEU B 1189 -26.45 -43.20 -2.16
C LEU B 1189 -27.09 -43.77 -3.42
N TRP B 1190 -27.32 -42.90 -4.42
CA TRP B 1190 -27.88 -43.29 -5.70
C TRP B 1190 -26.89 -42.91 -6.81
N SER B 1191 -27.15 -43.41 -8.01
CA SER B 1191 -26.30 -43.08 -9.15
C SER B 1191 -27.10 -43.19 -10.44
N PHE B 1192 -26.82 -42.30 -11.38
CA PHE B 1192 -27.52 -42.25 -12.66
C PHE B 1192 -26.61 -42.71 -13.77
N LYS B 1193 -27.15 -43.54 -14.67
CA LYS B 1193 -26.43 -44.02 -15.84
C LYS B 1193 -27.15 -43.59 -17.11
N PRO B 1194 -26.54 -42.77 -17.98
CA PRO B 1194 -27.16 -42.37 -19.25
C PRO B 1194 -27.33 -43.54 -20.21
N VAL C 2 -63.32 -84.08 36.60
CA VAL C 2 -62.15 -84.37 37.41
C VAL C 2 -62.47 -84.21 38.90
N GLN C 3 -62.57 -85.33 39.60
CA GLN C 3 -62.94 -85.34 41.01
C GLN C 3 -61.79 -85.90 41.84
N LEU C 4 -61.44 -85.18 42.90
CA LEU C 4 -60.44 -85.63 43.88
C LEU C 4 -61.04 -85.50 45.27
N VAL C 5 -61.02 -86.58 46.04
CA VAL C 5 -61.52 -86.57 47.40
C VAL C 5 -60.47 -87.18 48.32
N GLU C 6 -60.13 -86.46 49.39
CA GLU C 6 -59.13 -86.96 50.32
C GLU C 6 -59.79 -87.56 51.57
N SER C 7 -59.01 -88.38 52.26
CA SER C 7 -59.46 -89.04 53.50
C SER C 7 -58.22 -89.26 54.35
N GLY C 8 -58.17 -88.59 55.49
CA GLY C 8 -57.03 -88.71 56.39
C GLY C 8 -57.46 -88.52 57.82
N GLY C 9 -56.66 -89.07 58.73
CA GLY C 9 -56.99 -88.98 60.14
C GLY C 9 -57.06 -87.54 60.60
N GLY C 10 -58.02 -87.27 61.49
CA GLY C 10 -58.26 -85.90 61.91
C GLY C 10 -57.13 -85.32 62.75
N LEU C 11 -56.67 -86.07 63.76
CA LEU C 11 -55.77 -85.49 64.74
C LEU C 11 -54.90 -86.55 65.40
N VAL C 12 -53.70 -86.13 65.79
CA VAL C 12 -52.80 -86.91 66.65
C VAL C 12 -51.76 -85.94 67.19
N GLN C 13 -51.41 -86.12 68.45
CA GLN C 13 -50.40 -85.26 69.05
C GLN C 13 -49.01 -85.67 68.56
N PRO C 14 -48.04 -84.74 68.59
CA PRO C 14 -46.78 -84.95 67.88
C PRO C 14 -46.03 -86.19 68.34
N GLY C 15 -45.28 -86.77 67.42
CA GLY C 15 -44.51 -87.97 67.66
C GLY C 15 -45.06 -89.23 67.02
N GLY C 16 -46.11 -89.13 66.22
CA GLY C 16 -46.75 -90.30 65.65
C GLY C 16 -46.65 -90.43 64.14
N SER C 17 -47.75 -90.80 63.50
CA SER C 17 -47.76 -91.06 62.06
C SER C 17 -49.18 -90.87 61.53
N LEU C 18 -49.33 -90.99 60.22
CA LEU C 18 -50.60 -90.80 59.53
C LEU C 18 -50.48 -91.37 58.12
N ARG C 19 -51.63 -91.77 57.58
CA ARG C 19 -51.75 -92.14 56.17
C ARG C 19 -52.90 -91.35 55.57
N LEU C 20 -52.58 -90.43 54.66
CA LEU C 20 -53.61 -89.70 53.92
C LEU C 20 -53.84 -90.36 52.59
N SER C 21 -55.09 -90.30 52.12
CA SER C 21 -55.49 -90.91 50.87
C SER C 21 -56.18 -89.86 50.02
N CYS C 22 -56.08 -90.02 48.71
CA CYS C 22 -56.72 -89.13 47.75
C CYS C 22 -57.22 -89.98 46.59
N ALA C 23 -58.53 -90.21 46.54
CA ALA C 23 -59.15 -90.99 45.49
C ALA C 23 -59.56 -90.06 44.35
N ALA C 24 -59.27 -90.48 43.13
CA ALA C 24 -59.51 -89.68 41.94
C ALA C 24 -60.52 -90.37 41.03
N SER C 25 -61.23 -89.55 40.25
CA SER C 25 -62.17 -90.06 39.27
C SER C 25 -62.21 -89.10 38.09
N GLY C 26 -62.39 -89.67 36.90
CA GLY C 26 -62.39 -88.92 35.66
C GLY C 26 -61.13 -89.07 34.84
N PHE C 27 -60.06 -89.60 35.42
CA PHE C 27 -58.79 -89.78 34.71
C PHE C 27 -58.03 -90.94 35.34
N THR C 28 -56.86 -91.24 34.79
CA THR C 28 -55.95 -92.23 35.35
C THR C 28 -54.88 -91.50 36.15
N LEU C 29 -54.78 -91.82 37.44
CA LEU C 29 -53.90 -91.08 38.33
C LEU C 29 -52.43 -91.26 37.96
N GLY C 30 -52.09 -92.37 37.31
CA GLY C 30 -50.72 -92.62 36.91
C GLY C 30 -50.29 -91.93 35.63
N SER C 31 -51.12 -91.03 35.09
CA SER C 31 -50.81 -90.35 33.84
C SER C 31 -50.64 -88.84 34.01
N ARG C 32 -50.67 -88.33 35.23
CA ARG C 32 -50.54 -86.90 35.46
C ARG C 32 -49.70 -86.63 36.70
N TYR C 33 -48.90 -85.57 36.64
CA TYR C 33 -48.19 -85.10 37.82
C TYR C 33 -49.20 -84.65 38.88
N MET C 34 -48.97 -85.06 40.12
CA MET C 34 -49.84 -84.71 41.23
C MET C 34 -49.02 -84.10 42.36
N SER C 35 -49.70 -83.41 43.27
CA SER C 35 -49.02 -82.75 44.38
C SER C 35 -49.84 -82.86 45.65
N TRP C 36 -49.14 -82.76 46.78
CA TRP C 36 -49.75 -82.58 48.10
C TRP C 36 -49.40 -81.19 48.58
N VAL C 37 -50.41 -80.42 48.98
CA VAL C 37 -50.23 -79.05 49.42
C VAL C 37 -51.10 -78.80 50.64
N ARG C 38 -50.54 -78.18 51.67
CA ARG C 38 -51.27 -77.89 52.89
C ARG C 38 -51.44 -76.39 53.05
N GLN C 39 -52.51 -76.01 53.74
CA GLN C 39 -52.78 -74.61 54.07
C GLN C 39 -53.03 -74.50 55.57
N ALA C 40 -52.21 -73.73 56.24
CA ALA C 40 -52.47 -73.39 57.64
C ALA C 40 -53.58 -72.36 57.73
N PRO C 41 -54.41 -72.42 58.77
CA PRO C 41 -55.48 -71.42 58.91
C PRO C 41 -54.91 -70.00 58.95
N GLY C 42 -55.52 -69.11 58.19
CA GLY C 42 -55.04 -67.75 58.08
C GLY C 42 -53.68 -67.60 57.44
N GLU C 43 -53.41 -68.36 56.39
CA GLU C 43 -52.13 -68.30 55.70
C GLU C 43 -52.31 -68.87 54.29
N GLY C 44 -51.29 -68.67 53.46
CA GLY C 44 -51.29 -69.19 52.11
C GLY C 44 -50.99 -70.67 52.07
N PHE C 45 -50.79 -71.18 50.86
CA PHE C 45 -50.51 -72.59 50.65
C PHE C 45 -49.01 -72.86 50.73
N GLU C 46 -48.68 -74.12 51.03
CA GLU C 46 -47.29 -74.57 51.12
C GLU C 46 -47.19 -75.92 50.42
N TRP C 47 -46.32 -76.01 49.42
CA TRP C 47 -46.15 -77.25 48.69
C TRP C 47 -45.52 -78.30 49.59
N VAL C 48 -46.22 -79.41 49.81
CA VAL C 48 -45.72 -80.49 50.66
C VAL C 48 -44.95 -81.52 49.85
N SER C 49 -45.54 -82.01 48.77
CA SER C 49 -44.93 -83.11 48.02
C SER C 49 -45.48 -83.13 46.60
N SER C 50 -44.92 -84.03 45.78
CA SER C 50 -45.39 -84.21 44.41
C SER C 50 -44.94 -85.58 43.92
N ILE C 51 -45.65 -86.07 42.90
CA ILE C 51 -45.41 -87.39 42.32
C ILE C 51 -45.53 -87.27 40.80
N GLU C 52 -44.58 -87.86 40.08
CA GLU C 52 -44.54 -87.92 38.62
C GLU C 52 -45.32 -89.11 38.09
N PRO C 53 -45.77 -89.04 36.84
CA PRO C 53 -46.38 -90.23 36.22
C PRO C 53 -45.42 -91.40 36.10
N SER C 54 -44.11 -91.16 36.13
CA SER C 54 -43.11 -92.22 36.10
C SER C 54 -42.93 -92.90 37.44
N GLY C 55 -43.65 -92.46 38.47
CA GLY C 55 -43.52 -93.02 39.80
C GLY C 55 -42.51 -92.30 40.69
N THR C 56 -41.78 -91.33 40.15
CA THR C 56 -40.82 -90.60 40.96
C THR C 56 -41.52 -89.53 41.79
N ALA C 57 -41.11 -89.39 43.04
CA ALA C 57 -41.71 -88.46 43.97
C ALA C 57 -40.68 -87.47 44.48
N TRP C 58 -41.10 -86.23 44.68
CA TRP C 58 -40.24 -85.15 45.17
C TRP C 58 -40.93 -84.44 46.32
N ASP C 59 -40.23 -84.29 47.44
CA ASP C 59 -40.76 -83.58 48.59
C ASP C 59 -39.93 -82.32 48.85
N GLY C 60 -40.60 -81.28 49.33
CA GLY C 60 -39.96 -80.00 49.57
C GLY C 60 -39.21 -79.95 50.87
N ASP C 61 -38.91 -78.72 51.30
CA ASP C 61 -38.20 -78.53 52.56
C ASP C 61 -38.99 -79.08 53.74
N SER C 62 -40.31 -78.87 53.73
CA SER C 62 -41.17 -79.37 54.80
C SER C 62 -41.26 -80.89 54.70
N ALA C 63 -40.73 -81.57 55.72
CA ALA C 63 -40.83 -83.02 55.86
C ALA C 63 -40.17 -83.75 54.69
N LYS C 64 -38.86 -83.53 54.54
CA LYS C 64 -38.03 -84.34 53.67
C LYS C 64 -37.37 -85.42 54.53
N GLY C 65 -37.60 -86.68 54.19
CA GLY C 65 -37.22 -87.79 55.04
C GLY C 65 -38.24 -88.15 56.09
N ARG C 66 -39.25 -87.30 56.30
CA ARG C 66 -40.36 -87.58 57.20
C ARG C 66 -41.57 -88.16 56.47
N PHE C 67 -42.00 -87.53 55.39
CA PHE C 67 -43.16 -87.98 54.63
C PHE C 67 -42.68 -88.71 53.37
N THR C 68 -43.47 -89.69 52.93
CA THR C 68 -43.24 -90.33 51.64
C THR C 68 -44.54 -90.32 50.85
N THR C 69 -44.43 -90.06 49.55
CA THR C 69 -45.58 -90.00 48.66
C THR C 69 -45.60 -91.24 47.78
N SER C 70 -46.71 -91.97 47.82
CA SER C 70 -46.87 -93.20 47.05
C SER C 70 -48.15 -93.10 46.23
N ARG C 71 -48.35 -94.08 45.37
CA ARG C 71 -49.53 -94.06 44.51
C ARG C 71 -49.85 -95.49 44.09
N ASP C 72 -51.14 -95.83 44.12
CA ASP C 72 -51.62 -97.14 43.68
C ASP C 72 -52.38 -96.96 42.38
N ASP C 73 -51.85 -97.56 41.31
CA ASP C 73 -52.47 -97.44 39.99
C ASP C 73 -53.79 -98.19 39.93
N ALA C 74 -53.81 -99.43 40.41
CA ALA C 74 -55.03 -100.24 40.34
C ALA C 74 -56.15 -99.59 41.16
N LYS C 75 -55.84 -99.17 42.38
CA LYS C 75 -56.82 -98.47 43.21
C LYS C 75 -57.07 -97.06 42.74
N ASN C 76 -56.21 -96.51 41.89
CA ASN C 76 -56.28 -95.11 41.44
C ASN C 76 -56.33 -94.18 42.65
N THR C 77 -55.31 -94.28 43.50
CA THR C 77 -55.35 -93.53 44.74
C THR C 77 -53.95 -93.07 45.14
N LEU C 78 -53.84 -91.79 45.50
CA LEU C 78 -52.58 -91.18 45.90
C LEU C 78 -52.47 -91.22 47.42
N TYR C 79 -51.33 -91.69 47.93
CA TYR C 79 -51.13 -91.88 49.36
C TYR C 79 -50.01 -90.98 49.86
N LEU C 80 -50.18 -90.47 51.07
CA LEU C 80 -49.15 -89.68 51.75
C LEU C 80 -48.92 -90.31 53.12
N GLN C 81 -47.75 -90.93 53.30
CA GLN C 81 -47.39 -91.57 54.56
C GLN C 81 -46.55 -90.57 55.37
N MET C 82 -47.16 -90.01 56.40
CA MET C 82 -46.50 -89.07 57.29
C MET C 82 -45.99 -89.79 58.53
N SER C 83 -44.80 -89.39 58.97
CA SER C 83 -44.27 -89.86 60.24
C SER C 83 -43.59 -88.69 60.95
N ASN C 84 -43.54 -88.79 62.28
CA ASN C 84 -42.91 -87.78 63.14
C ASN C 84 -43.56 -86.40 62.93
N LEU C 85 -44.87 -86.37 63.15
CA LEU C 85 -45.63 -85.14 62.98
C LEU C 85 -45.29 -84.14 64.08
N GLN C 86 -45.39 -82.86 63.74
CA GLN C 86 -45.06 -81.75 64.62
C GLN C 86 -46.20 -80.75 64.63
N PRO C 87 -46.30 -79.94 65.69
CA PRO C 87 -47.43 -78.99 65.78
C PRO C 87 -47.50 -78.01 64.62
N GLU C 88 -46.38 -77.62 64.04
CA GLU C 88 -46.41 -76.70 62.90
C GLU C 88 -46.91 -77.36 61.62
N ASP C 89 -47.23 -78.65 61.66
CA ASP C 89 -47.79 -79.36 60.52
C ASP C 89 -49.32 -79.33 60.52
N THR C 90 -49.93 -78.46 61.33
CA THR C 90 -51.38 -78.40 61.44
C THR C 90 -51.95 -77.57 60.28
N GLY C 91 -53.01 -78.09 59.67
CA GLY C 91 -53.67 -77.37 58.60
C GLY C 91 -54.60 -78.29 57.82
N VAL C 92 -55.12 -77.75 56.73
CA VAL C 92 -55.98 -78.49 55.82
C VAL C 92 -55.15 -78.92 54.61
N TYR C 93 -55.19 -80.21 54.31
CA TYR C 93 -54.32 -80.81 53.31
C TYR C 93 -55.13 -81.18 52.08
N TYR C 94 -54.65 -80.77 50.92
CA TYR C 94 -55.28 -81.04 49.64
C TYR C 94 -54.32 -81.82 48.76
N CYS C 95 -54.89 -82.62 47.86
CA CYS C 95 -54.13 -83.23 46.77
C CYS C 95 -54.39 -82.39 45.52
N ALA C 96 -53.43 -81.53 45.19
CA ALA C 96 -53.52 -80.66 44.03
C ALA C 96 -53.10 -81.40 42.77
N THR C 97 -53.55 -80.87 41.63
CA THR C 97 -53.42 -81.55 40.35
C THR C 97 -52.13 -81.24 39.61
N GLY C 98 -51.33 -80.27 40.06
CA GLY C 98 -50.15 -79.85 39.34
C GLY C 98 -48.86 -80.37 39.96
N TYR C 99 -47.76 -79.78 39.52
CA TYR C 99 -46.43 -80.04 40.09
C TYR C 99 -45.97 -78.82 40.85
N ARG C 100 -45.56 -79.02 42.11
CA ARG C 100 -45.19 -77.92 43.01
C ARG C 100 -46.29 -76.87 43.06
N THR C 101 -47.54 -77.33 43.16
CA THR C 101 -48.69 -76.44 43.16
C THR C 101 -48.71 -75.62 44.44
N ASP C 102 -48.40 -74.34 44.33
CA ASP C 102 -48.35 -73.46 45.50
C ASP C 102 -49.57 -72.56 45.63
N THR C 103 -50.33 -72.33 44.55
CA THR C 103 -51.53 -71.52 44.61
C THR C 103 -52.62 -72.19 43.78
N ARG C 104 -53.80 -71.56 43.75
CA ARG C 104 -54.89 -71.99 42.89
C ARG C 104 -54.67 -71.44 41.49
N ILE C 105 -54.57 -72.33 40.51
CA ILE C 105 -54.24 -71.97 39.13
C ILE C 105 -55.44 -72.30 38.24
N PRO C 106 -55.84 -71.41 37.35
CA PRO C 106 -56.96 -71.72 36.44
C PRO C 106 -56.68 -72.99 35.64
N GLY C 107 -57.74 -73.79 35.46
CA GLY C 107 -57.60 -75.07 34.80
C GLY C 107 -57.10 -76.18 35.69
N GLY C 108 -56.87 -75.92 36.97
CA GLY C 108 -56.36 -76.90 37.91
C GLY C 108 -57.46 -77.38 38.84
N SER C 109 -57.49 -78.68 39.08
CA SER C 109 -58.47 -79.31 39.95
C SER C 109 -57.91 -79.51 41.34
N TRP C 110 -58.79 -79.41 42.34
CA TRP C 110 -58.43 -79.53 43.74
C TRP C 110 -59.43 -80.44 44.45
N GLY C 111 -59.07 -80.81 45.67
CA GLY C 111 -59.99 -81.49 46.56
C GLY C 111 -60.56 -80.54 47.60
N GLN C 112 -61.52 -81.06 48.36
CA GLN C 112 -62.17 -80.28 49.41
C GLN C 112 -61.28 -80.09 50.63
N GLY C 113 -60.31 -80.98 50.85
CA GLY C 113 -59.36 -80.86 51.92
C GLY C 113 -59.59 -81.87 53.03
N THR C 114 -58.56 -82.04 53.87
CA THR C 114 -58.64 -82.92 55.04
C THR C 114 -57.98 -82.21 56.22
N GLN C 115 -58.66 -82.20 57.36
CA GLN C 115 -58.13 -81.56 58.55
C GLN C 115 -57.05 -82.43 59.18
N VAL C 116 -55.90 -81.83 59.52
CA VAL C 116 -54.85 -82.50 60.25
C VAL C 116 -54.39 -81.55 61.34
N THR C 117 -54.61 -81.91 62.60
CA THR C 117 -54.16 -81.12 63.74
C THR C 117 -53.19 -81.94 64.56
N VAL C 118 -52.04 -81.35 64.88
CA VAL C 118 -51.00 -82.06 65.60
C VAL C 118 -50.69 -81.37 66.92
N GLN D 1 -16.78 -85.48 -17.82
CA GLN D 1 -17.74 -85.73 -16.76
C GLN D 1 -17.15 -86.64 -15.68
N VAL D 2 -17.54 -86.40 -14.43
CA VAL D 2 -16.97 -87.13 -13.30
C VAL D 2 -17.65 -88.49 -13.19
N GLN D 3 -16.85 -89.51 -12.87
CA GLN D 3 -17.32 -90.88 -12.72
C GLN D 3 -16.72 -91.47 -11.45
N LEU D 4 -17.56 -92.13 -10.65
CA LEU D 4 -17.14 -92.88 -9.48
C LEU D 4 -17.40 -94.36 -9.72
N VAL D 5 -16.38 -95.19 -9.48
CA VAL D 5 -16.52 -96.64 -9.65
C VAL D 5 -16.04 -97.32 -8.37
N GLU D 6 -16.92 -98.07 -7.74
CA GLU D 6 -16.59 -98.82 -6.54
C GLU D 6 -16.21 -100.26 -6.88
N SER D 7 -15.66 -100.94 -5.89
CA SER D 7 -15.25 -102.34 -6.02
C SER D 7 -14.93 -102.87 -4.63
N GLY D 8 -14.83 -104.20 -4.54
CA GLY D 8 -14.41 -104.85 -3.31
C GLY D 8 -15.53 -105.39 -2.44
N GLY D 9 -16.79 -105.28 -2.86
CA GLY D 9 -17.87 -105.82 -2.08
C GLY D 9 -18.07 -107.32 -2.32
N GLY D 10 -18.52 -108.01 -1.29
CA GLY D 10 -18.79 -109.44 -1.35
C GLY D 10 -19.59 -109.82 -0.10
N LEU D 11 -19.80 -111.12 0.09
CA LEU D 11 -20.39 -111.63 1.31
C LEU D 11 -19.28 -111.90 2.33
N VAL D 12 -19.61 -111.67 3.60
CA VAL D 12 -18.61 -111.71 4.67
C VAL D 12 -19.26 -112.27 5.92
N GLN D 13 -18.46 -113.02 6.69
CA GLN D 13 -18.89 -113.69 7.90
C GLN D 13 -18.77 -112.75 9.10
N VAL D 14 -19.57 -113.02 10.14
CA VAL D 14 -19.63 -112.12 11.28
C VAL D 14 -18.26 -112.04 11.94
N GLY D 15 -17.80 -110.81 12.18
CA GLY D 15 -16.47 -110.58 12.71
C GLY D 15 -15.38 -110.50 11.67
N GLY D 16 -15.69 -110.77 10.41
CA GLY D 16 -14.71 -110.72 9.35
C GLY D 16 -14.42 -109.30 8.90
N SER D 17 -13.57 -109.20 7.89
CA SER D 17 -13.13 -107.92 7.35
C SER D 17 -13.41 -107.86 5.86
N LEU D 18 -13.67 -106.65 5.36
CA LEU D 18 -13.88 -106.44 3.94
C LEU D 18 -13.42 -105.05 3.56
N ARG D 19 -12.73 -104.94 2.43
CA ARG D 19 -12.19 -103.67 1.96
C ARG D 19 -12.98 -103.20 0.75
N LEU D 20 -13.54 -102.00 0.84
CA LEU D 20 -14.23 -101.35 -0.26
C LEU D 20 -13.35 -100.25 -0.82
N SER D 21 -13.32 -100.13 -2.14
CA SER D 21 -12.53 -99.11 -2.81
C SER D 21 -13.41 -98.37 -3.81
N CYS D 22 -13.06 -97.13 -4.11
CA CYS D 22 -13.75 -96.36 -5.13
C CYS D 22 -12.76 -95.44 -5.81
N VAL D 23 -12.69 -95.54 -7.13
CA VAL D 23 -11.81 -94.72 -7.95
C VAL D 23 -12.64 -93.63 -8.62
N VAL D 24 -11.97 -92.51 -8.91
CA VAL D 24 -12.60 -91.34 -9.49
C VAL D 24 -11.92 -91.03 -10.81
N SER D 25 -12.72 -90.67 -11.82
CA SER D 25 -12.20 -90.20 -13.09
C SER D 25 -12.89 -88.91 -13.46
N GLY D 26 -12.11 -87.90 -13.85
CA GLY D 26 -12.65 -86.64 -14.30
C GLY D 26 -12.46 -85.49 -13.34
N SER D 27 -11.93 -85.73 -12.14
CA SER D 27 -11.67 -84.65 -11.20
C SER D 27 -10.51 -85.04 -10.29
N ASP D 28 -9.76 -84.02 -9.87
CA ASP D 28 -8.54 -84.26 -9.10
C ASP D 28 -8.82 -84.69 -7.66
N ILE D 29 -9.99 -84.34 -7.12
CA ILE D 29 -10.46 -84.68 -5.77
C ILE D 29 -9.51 -84.17 -4.69
N SER D 30 -8.74 -83.15 -5.01
CA SER D 30 -7.94 -82.44 -4.02
C SER D 30 -8.80 -81.36 -3.39
N GLY D 31 -8.77 -81.27 -2.07
CA GLY D 31 -9.60 -80.30 -1.37
C GLY D 31 -11.07 -80.57 -1.52
N ILE D 32 -11.45 -81.83 -1.67
CA ILE D 32 -12.85 -82.22 -1.82
C ILE D 32 -13.10 -83.37 -0.86
N ALA D 33 -14.14 -83.23 -0.04
CA ALA D 33 -14.48 -84.28 0.91
C ALA D 33 -15.09 -85.48 0.20
N MET D 34 -15.00 -86.64 0.86
CA MET D 34 -15.56 -87.87 0.33
C MET D 34 -16.31 -88.59 1.44
N GLY D 35 -17.17 -89.52 1.04
CA GLY D 35 -17.96 -90.24 2.02
C GLY D 35 -18.38 -91.61 1.53
N TRP D 36 -18.71 -92.46 2.49
CA TRP D 36 -19.33 -93.75 2.24
C TRP D 36 -20.67 -93.80 2.97
N TYR D 37 -21.73 -94.10 2.23
CA TYR D 37 -23.07 -94.31 2.74
C TYR D 37 -23.47 -95.77 2.54
N ARG D 38 -24.46 -96.21 3.29
CA ARG D 38 -25.03 -97.53 3.07
C ARG D 38 -26.55 -97.44 3.13
N GLN D 39 -27.21 -98.22 2.28
CA GLN D 39 -28.66 -98.32 2.22
C GLN D 39 -29.05 -99.74 2.61
N ALA D 40 -29.75 -99.89 3.73
CA ALA D 40 -30.30 -101.16 4.13
C ALA D 40 -31.60 -101.42 3.37
N PRO D 41 -31.96 -102.68 3.16
CA PRO D 41 -33.21 -102.99 2.46
C PRO D 41 -34.41 -102.40 3.19
N GLY D 42 -35.09 -101.48 2.50
CA GLY D 42 -36.27 -100.82 3.04
C GLY D 42 -36.01 -99.57 3.83
N LYS D 43 -34.75 -99.25 4.15
CA LYS D 43 -34.40 -98.07 4.91
C LYS D 43 -33.78 -97.02 4.01
N ARG D 44 -33.67 -95.81 4.55
CA ARG D 44 -33.05 -94.71 3.82
C ARG D 44 -31.54 -94.88 3.75
N ARG D 45 -30.96 -94.42 2.65
CA ARG D 45 -29.51 -94.42 2.50
C ARG D 45 -28.88 -93.51 3.56
N GLU D 46 -28.06 -94.08 4.43
CA GLU D 46 -27.57 -93.41 5.62
C GLU D 46 -26.07 -93.19 5.54
N MET D 47 -25.61 -92.13 6.20
CA MET D 47 -24.18 -91.84 6.26
C MET D 47 -23.47 -92.89 7.11
N VAL D 48 -22.35 -93.40 6.61
CA VAL D 48 -21.49 -94.30 7.36
C VAL D 48 -20.20 -93.60 7.78
N ALA D 49 -19.49 -93.01 6.83
CA ALA D 49 -18.24 -92.33 7.17
C ALA D 49 -18.01 -91.19 6.19
N ASP D 50 -17.28 -90.19 6.67
CA ASP D 50 -16.83 -89.07 5.84
C ASP D 50 -15.36 -88.81 6.11
N ILE D 51 -14.61 -88.48 5.07
CA ILE D 51 -13.21 -88.12 5.22
C ILE D 51 -12.93 -86.88 4.39
N PHE D 52 -12.19 -85.94 4.97
CA PHE D 52 -11.86 -84.70 4.29
C PHE D 52 -10.53 -84.84 3.57
N SER D 53 -10.22 -83.84 2.73
CA SER D 53 -8.99 -83.89 1.95
C SER D 53 -7.76 -83.85 2.84
N GLY D 54 -7.82 -83.13 3.96
CA GLY D 54 -6.72 -83.13 4.89
C GLY D 54 -6.54 -84.42 5.65
N GLY D 55 -7.53 -85.31 5.61
CA GLY D 55 -7.46 -86.60 6.29
C GLY D 55 -8.37 -86.75 7.48
N SER D 56 -9.03 -85.67 7.91
CA SER D 56 -9.93 -85.75 9.06
C SER D 56 -11.10 -86.67 8.75
N THR D 57 -11.51 -87.44 9.76
CA THR D 57 -12.58 -88.42 9.61
C THR D 57 -13.75 -88.08 10.52
N ASP D 58 -14.93 -88.51 10.10
CA ASP D 58 -16.17 -88.30 10.85
C ASP D 58 -17.04 -89.53 10.65
N TYR D 59 -17.32 -90.25 11.74
CA TYR D 59 -18.03 -91.52 11.68
C TYR D 59 -19.42 -91.41 12.30
N ALA D 60 -20.26 -92.37 11.96
CA ALA D 60 -21.57 -92.52 12.57
C ALA D 60 -21.43 -93.30 13.89
N GLY D 61 -22.53 -93.43 14.62
CA GLY D 61 -22.47 -94.05 15.94
C GLY D 61 -22.31 -95.56 15.87
N SER D 62 -23.08 -96.21 15.01
CA SER D 62 -23.07 -97.66 14.93
C SER D 62 -21.84 -98.21 14.23
N VAL D 63 -20.94 -97.35 13.74
CA VAL D 63 -19.87 -97.78 12.85
C VAL D 63 -18.51 -97.38 13.40
N LYS D 64 -18.49 -96.54 14.43
CA LYS D 64 -17.25 -96.01 14.96
C LYS D 64 -16.50 -97.08 15.74
N GLY D 65 -15.20 -97.19 15.50
CA GLY D 65 -14.38 -98.21 16.10
C GLY D 65 -14.36 -99.53 15.36
N ARG D 66 -15.26 -99.73 14.39
CA ARG D 66 -15.30 -100.94 13.58
C ARG D 66 -14.94 -100.69 12.12
N PHE D 67 -15.18 -99.48 11.62
CA PHE D 67 -14.87 -99.13 10.25
C PHE D 67 -13.83 -98.02 10.22
N THR D 68 -13.02 -97.99 9.17
CA THR D 68 -11.99 -96.98 9.00
C THR D 68 -12.01 -96.50 7.56
N ILE D 69 -12.22 -95.20 7.37
CA ILE D 69 -12.25 -94.61 6.04
C ILE D 69 -10.92 -93.91 5.77
N SER D 70 -10.35 -94.16 4.60
CA SER D 70 -9.08 -93.57 4.20
C SER D 70 -9.22 -93.08 2.76
N ARG D 71 -8.21 -92.32 2.31
CA ARG D 71 -8.23 -91.83 0.94
C ARG D 71 -6.81 -91.58 0.46
N ASP D 72 -6.66 -91.51 -0.85
CA ASP D 72 -5.40 -91.16 -1.51
C ASP D 72 -5.74 -90.16 -2.61
N ASN D 73 -5.36 -88.91 -2.38
CA ASN D 73 -5.59 -87.86 -3.39
C ASN D 73 -4.71 -88.08 -4.61
N ALA D 74 -3.49 -88.59 -4.41
CA ALA D 74 -2.60 -88.85 -5.54
C ALA D 74 -3.19 -89.92 -6.45
N LYS D 75 -3.72 -91.00 -5.89
CA LYS D 75 -4.34 -92.06 -6.66
C LYS D 75 -5.83 -91.84 -6.88
N LYS D 76 -6.38 -90.76 -6.33
CA LYS D 76 -7.78 -90.37 -6.56
C LYS D 76 -8.73 -91.50 -6.17
N THR D 77 -8.51 -92.06 -4.97
CA THR D 77 -9.26 -93.24 -4.55
C THR D 77 -9.64 -93.14 -3.07
N SER D 78 -10.84 -93.60 -2.75
CA SER D 78 -11.32 -93.68 -1.37
C SER D 78 -11.48 -95.13 -0.94
N TYR D 79 -11.04 -95.44 0.27
CA TYR D 79 -11.14 -96.78 0.83
C TYR D 79 -11.99 -96.78 2.09
N LEU D 80 -12.71 -97.88 2.30
CA LEU D 80 -13.47 -98.12 3.51
C LEU D 80 -13.17 -99.54 3.99
N GLN D 81 -12.48 -99.65 5.12
CA GLN D 81 -12.11 -100.93 5.69
C GLN D 81 -13.12 -101.28 6.78
N MET D 82 -13.80 -102.42 6.63
CA MET D 82 -14.86 -102.84 7.55
C MET D 82 -14.33 -104.02 8.36
N ASN D 83 -14.10 -103.80 9.65
CA ASN D 83 -13.61 -104.80 10.57
C ASN D 83 -14.68 -105.10 11.61
N ASN D 84 -14.73 -106.38 12.02
CA ASN D 84 -15.71 -106.85 13.00
C ASN D 84 -17.13 -106.52 12.55
N VAL D 85 -17.47 -107.04 11.36
CA VAL D 85 -18.76 -106.76 10.76
C VAL D 85 -19.87 -107.46 11.56
N LYS D 86 -21.05 -106.86 11.54
CA LYS D 86 -22.22 -107.35 12.24
C LYS D 86 -23.39 -107.38 11.27
N PRO D 87 -24.45 -108.16 11.57
CA PRO D 87 -25.55 -108.30 10.61
C PRO D 87 -26.21 -106.99 10.22
N GLU D 88 -26.15 -105.95 11.07
CA GLU D 88 -26.69 -104.65 10.70
C GLU D 88 -25.92 -103.99 9.57
N ASP D 89 -24.68 -104.42 9.32
CA ASP D 89 -23.85 -103.84 8.27
C ASP D 89 -24.22 -104.33 6.88
N THR D 90 -25.26 -105.14 6.75
CA THR D 90 -25.67 -105.64 5.45
C THR D 90 -26.45 -104.57 4.69
N GLY D 91 -26.08 -104.38 3.43
CA GLY D 91 -26.77 -103.39 2.60
C GLY D 91 -25.92 -103.03 1.41
N VAL D 92 -26.41 -102.06 0.64
CA VAL D 92 -25.71 -101.58 -0.54
C VAL D 92 -24.92 -100.35 -0.15
N TYR D 93 -23.61 -100.42 -0.30
CA TYR D 93 -22.72 -99.31 0.04
C TYR D 93 -22.44 -98.47 -1.20
N TYR D 94 -22.57 -97.16 -1.05
CA TYR D 94 -22.36 -96.18 -2.11
C TYR D 94 -21.26 -95.21 -1.70
N CYS D 95 -20.40 -94.84 -2.64
CA CYS D 95 -19.39 -93.82 -2.41
C CYS D 95 -19.85 -92.49 -2.96
N ARG D 96 -19.38 -91.41 -2.34
CA ARG D 96 -19.82 -90.07 -2.69
C ARG D 96 -18.64 -89.11 -2.68
N LEU D 97 -18.59 -88.26 -3.69
CA LEU D 97 -17.63 -87.16 -3.78
C LEU D 97 -18.39 -85.88 -3.53
N TYR D 98 -18.13 -85.24 -2.37
CA TYR D 98 -18.83 -84.00 -2.03
C TYR D 98 -18.32 -82.84 -2.89
N GLY D 99 -18.61 -82.87 -4.19
CA GLY D 99 -18.12 -81.88 -5.11
C GLY D 99 -19.21 -80.96 -5.63
N SER D 100 -18.91 -80.30 -6.76
CA SER D 100 -19.87 -79.39 -7.39
C SER D 100 -21.14 -80.11 -7.81
N GLY D 101 -21.19 -81.44 -7.73
CA GLY D 101 -22.38 -82.18 -8.07
C GLY D 101 -22.59 -83.34 -7.11
N ASP D 102 -23.74 -83.99 -7.26
CA ASP D 102 -24.13 -85.09 -6.38
C ASP D 102 -23.46 -86.38 -6.88
N TYR D 103 -22.14 -86.42 -6.73
CA TYR D 103 -21.33 -87.48 -7.31
C TYR D 103 -21.45 -88.75 -6.47
N TRP D 104 -22.14 -89.74 -7.02
CA TRP D 104 -22.36 -91.03 -6.37
C TRP D 104 -21.74 -92.15 -7.20
N GLY D 105 -21.53 -93.29 -6.55
CA GLY D 105 -21.10 -94.49 -7.24
C GLY D 105 -22.27 -95.39 -7.60
N GLN D 106 -21.94 -96.52 -8.23
CA GLN D 106 -22.95 -97.48 -8.66
C GLN D 106 -23.54 -98.26 -7.48
N GLY D 107 -22.74 -98.50 -6.44
CA GLY D 107 -23.21 -99.27 -5.30
C GLY D 107 -22.82 -100.73 -5.34
N THR D 108 -22.28 -101.24 -4.23
CA THR D 108 -21.88 -102.63 -4.15
C THR D 108 -22.49 -103.25 -2.91
N GLN D 109 -22.92 -104.50 -3.02
CA GLN D 109 -23.67 -105.17 -1.97
C GLN D 109 -22.72 -105.84 -0.98
N VAL D 110 -22.96 -105.64 0.31
CA VAL D 110 -22.24 -106.32 1.38
C VAL D 110 -23.27 -107.07 2.22
N THR D 111 -23.10 -108.40 2.33
CA THR D 111 -24.00 -109.24 3.09
C THR D 111 -23.22 -109.95 4.18
N VAL D 112 -23.59 -109.70 5.43
CA VAL D 112 -22.99 -110.38 6.57
C VAL D 112 -23.77 -111.66 6.83
N SER D 113 -23.08 -112.80 6.76
CA SER D 113 -23.70 -114.11 6.89
C SER D 113 -23.29 -114.77 8.19
N SER D 114 -24.22 -115.53 8.76
CA SER D 114 -23.98 -116.26 10.00
C SER D 114 -24.59 -117.66 9.93
N SER E 20 -20.93 21.69 -45.00
CA SER E 20 -20.47 21.41 -46.36
C SER E 20 -20.53 19.91 -46.62
N ASP E 21 -20.88 19.53 -47.86
CA ASP E 21 -21.00 18.13 -48.21
C ASP E 21 -20.68 17.95 -49.69
N THR E 22 -20.42 16.69 -50.05
CA THR E 22 -20.07 16.18 -51.40
C THR E 22 -19.00 16.96 -52.14
N ILE E 23 -17.75 16.80 -51.70
CA ILE E 23 -16.59 17.38 -52.37
C ILE E 23 -16.19 16.54 -53.59
N ASP E 24 -15.34 17.12 -54.44
CA ASP E 24 -14.84 16.43 -55.64
C ASP E 24 -13.47 15.82 -55.36
N LEU E 25 -13.43 14.94 -54.37
CA LEU E 25 -12.21 14.28 -53.93
C LEU E 25 -12.42 12.77 -53.90
N ALA E 26 -11.34 12.03 -54.13
CA ALA E 26 -11.39 10.59 -54.04
C ALA E 26 -11.53 10.15 -52.58
N ASP E 27 -11.96 8.91 -52.39
CA ASP E 27 -12.16 8.39 -51.04
C ASP E 27 -10.84 8.30 -50.28
N GLY E 28 -10.91 8.55 -48.98
CA GLY E 28 -9.76 8.45 -48.12
C GLY E 28 -9.74 9.58 -47.10
N ASN E 29 -8.62 9.73 -46.43
CA ASN E 29 -8.44 10.75 -45.42
C ASN E 29 -7.63 11.92 -45.97
N TYR E 30 -7.93 13.12 -45.49
CA TYR E 30 -7.27 14.33 -45.98
C TYR E 30 -6.93 15.26 -44.82
N VAL E 31 -5.77 15.91 -44.93
CA VAL E 31 -5.39 17.03 -44.07
C VAL E 31 -5.67 18.32 -44.83
N VAL E 32 -6.36 19.25 -44.18
CA VAL E 32 -6.82 20.49 -44.81
C VAL E 32 -6.38 21.67 -43.96
N ARG E 33 -5.80 22.68 -44.61
CA ARG E 33 -5.52 23.97 -43.99
C ARG E 33 -6.60 24.95 -44.43
N ARG E 34 -7.26 25.57 -43.46
CA ARG E 34 -8.36 26.49 -43.70
C ARG E 34 -7.93 27.96 -43.65
N GLY E 35 -6.66 28.23 -43.40
CA GLY E 35 -6.14 29.60 -43.44
C GLY E 35 -5.95 30.17 -42.05
N ASP E 36 -5.54 31.44 -42.04
CA ASP E 36 -5.27 32.18 -40.82
C ASP E 36 -6.43 33.13 -40.52
N GLY E 37 -6.50 33.56 -39.26
CA GLY E 37 -7.47 34.54 -38.86
C GLY E 37 -8.82 33.97 -38.45
N TRP E 38 -8.79 32.88 -37.67
CA TRP E 38 -10.01 32.27 -37.16
C TRP E 38 -10.21 32.68 -35.71
N ILE E 39 -11.38 33.22 -35.41
CA ILE E 39 -11.77 33.60 -34.05
C ILE E 39 -12.90 32.71 -33.60
N LEU E 40 -12.84 32.25 -32.36
CA LEU E 40 -13.79 31.28 -31.85
C LEU E 40 -15.05 31.98 -31.33
N SER E 41 -16.12 31.20 -31.23
CA SER E 41 -17.39 31.72 -30.75
C SER E 41 -17.36 31.94 -29.25
N ARG E 42 -18.01 33.03 -28.82
CA ARG E 42 -18.23 33.34 -27.41
C ARG E 42 -16.92 33.66 -26.68
N GLN E 43 -15.81 33.66 -27.41
CA GLN E 43 -14.50 33.88 -26.81
C GLN E 43 -13.97 35.29 -27.06
N ASN E 44 -14.81 36.21 -27.51
CA ASN E 44 -14.34 37.51 -27.98
C ASN E 44 -13.67 38.29 -26.86
N GLN E 45 -14.42 38.65 -25.83
CA GLN E 45 -13.95 39.58 -24.81
C GLN E 45 -13.39 38.87 -23.58
N ILE E 46 -13.07 37.57 -23.69
CA ILE E 46 -12.53 36.86 -22.55
C ILE E 46 -11.12 37.30 -22.22
N LEU E 47 -10.44 37.99 -23.14
CA LEU E 47 -9.09 38.47 -22.90
C LEU E 47 -9.04 39.80 -22.18
N GLY E 48 -10.08 40.63 -22.34
CA GLY E 48 -10.15 41.93 -21.71
C GLY E 48 -10.19 43.06 -22.73
N GLY E 49 -10.52 44.24 -22.22
CA GLY E 49 -10.65 45.41 -23.07
C GLY E 49 -10.06 46.63 -22.40
N SER E 50 -9.78 47.63 -23.22
CA SER E 50 -9.21 48.90 -22.80
C SER E 50 -10.10 50.05 -23.25
N VAL E 51 -10.22 51.06 -22.40
CA VAL E 51 -11.01 52.25 -22.67
C VAL E 51 -10.07 53.45 -22.60
N ILE E 52 -9.85 54.09 -23.73
CA ILE E 52 -8.98 55.26 -23.79
C ILE E 52 -9.84 56.45 -24.20
N SER E 53 -9.31 57.65 -24.01
CA SER E 53 -10.14 58.83 -24.22
C SER E 53 -9.27 60.07 -24.45
N ASN E 54 -9.83 60.99 -25.25
CA ASN E 54 -9.34 62.37 -25.36
C ASN E 54 -7.87 62.43 -25.80
N GLY E 55 -7.64 61.95 -27.02
CA GLY E 55 -6.36 62.13 -27.69
C GLY E 55 -5.27 61.18 -27.27
N SER E 56 -5.51 60.30 -26.31
CA SER E 56 -4.51 59.33 -25.91
C SER E 56 -4.43 58.19 -26.92
N THR E 57 -3.39 57.38 -26.81
CA THR E 57 -3.19 56.22 -27.66
C THR E 57 -3.08 54.98 -26.78
N GLY E 58 -3.89 53.97 -27.10
CA GLY E 58 -3.88 52.71 -26.38
C GLY E 58 -3.24 51.62 -27.24
N ILE E 59 -2.34 50.86 -26.61
CA ILE E 59 -1.63 49.76 -27.26
C ILE E 59 -1.91 48.50 -26.47
N VAL E 60 -2.56 47.53 -27.10
CA VAL E 60 -2.89 46.25 -26.50
C VAL E 60 -2.21 45.15 -27.31
N GLY E 61 -1.50 44.26 -26.63
CA GLY E 61 -0.79 43.22 -27.33
C GLY E 61 -0.52 42.03 -26.45
N ASP E 62 0.10 41.02 -27.03
CA ASP E 62 0.36 39.79 -26.30
C ASP E 62 1.62 39.11 -26.85
N LEU E 63 2.08 38.11 -26.11
CA LEU E 63 3.27 37.32 -26.45
C LEU E 63 2.87 35.85 -26.47
N ARG E 64 2.84 35.26 -27.66
CA ARG E 64 2.51 33.84 -27.82
C ARG E 64 3.63 32.97 -27.30
N VAL E 65 3.53 32.55 -26.03
CA VAL E 65 4.50 31.64 -25.42
C VAL E 65 3.76 30.69 -24.49
N ASN E 66 4.18 29.44 -24.50
CA ASN E 66 3.83 28.45 -23.47
C ASN E 66 2.32 28.24 -23.47
N ASP E 67 1.61 28.53 -22.37
CA ASP E 67 0.25 28.07 -22.21
C ASP E 67 -0.70 28.70 -23.21
N ASN E 68 -0.52 29.99 -23.52
CA ASN E 68 -1.39 30.60 -24.51
C ASN E 68 -1.12 30.12 -25.93
N ALA E 69 -0.01 29.42 -26.15
CA ALA E 69 0.31 28.86 -27.45
C ALA E 69 -0.14 27.41 -27.59
N ILE E 70 -0.71 26.82 -26.55
CA ILE E 70 -1.17 25.43 -26.63
C ILE E 70 -2.38 25.34 -27.55
N PRO E 71 -2.37 24.46 -28.54
CA PRO E 71 -3.51 24.36 -29.46
C PRO E 71 -4.70 23.63 -28.82
N TYR E 72 -5.85 23.86 -29.42
CA TYR E 72 -7.12 23.25 -28.99
C TYR E 72 -7.50 22.16 -29.98
N TYR E 73 -7.81 20.98 -29.46
CA TYR E 73 -8.14 19.82 -30.29
C TYR E 73 -9.62 19.51 -30.20
N TYR E 74 -10.15 18.97 -31.30
CA TYR E 74 -11.53 18.51 -31.37
C TYR E 74 -11.52 17.25 -32.22
N PRO E 75 -11.32 16.09 -31.60
CA PRO E 75 -11.13 14.85 -32.36
C PRO E 75 -12.45 14.14 -32.66
N THR E 76 -12.31 13.07 -33.43
CA THR E 76 -13.38 12.19 -33.85
C THR E 76 -12.95 10.75 -33.63
N PRO E 77 -13.88 9.79 -33.65
CA PRO E 77 -13.48 8.39 -33.38
C PRO E 77 -12.35 7.88 -34.25
N SER E 78 -12.29 8.28 -35.52
CA SER E 78 -11.21 7.83 -36.38
C SER E 78 -9.95 8.67 -36.21
N PHE E 79 -10.09 9.93 -35.84
CA PHE E 79 -8.97 10.88 -35.79
C PHE E 79 -8.79 11.34 -34.35
N ASN E 80 -7.89 10.68 -33.62
CA ASN E 80 -7.57 11.07 -32.25
C ASN E 80 -6.55 12.21 -32.27
N GLU E 81 -6.09 12.60 -31.09
CA GLU E 81 -5.20 13.75 -30.98
C GLU E 81 -3.87 13.50 -31.70
N GLU E 82 -3.31 12.31 -31.52
CA GLU E 82 -1.99 12.03 -32.10
C GLU E 82 -2.05 11.99 -33.62
N TYR E 83 -3.10 11.36 -34.18
CA TYR E 83 -3.26 11.34 -35.63
C TYR E 83 -3.30 12.75 -36.19
N ILE E 84 -4.13 13.61 -35.59
CA ILE E 84 -4.26 14.99 -36.06
C ILE E 84 -2.94 15.72 -35.98
N LYS E 85 -2.29 15.66 -34.81
CA LYS E 85 -1.05 16.41 -34.62
C LYS E 85 0.01 15.95 -35.61
N ASN E 86 0.23 14.64 -35.72
CA ASN E 86 1.30 14.14 -36.57
C ASN E 86 1.04 14.45 -38.04
N ASN E 87 -0.19 14.26 -38.51
CA ASN E 87 -0.48 14.52 -39.91
C ASN E 87 -0.33 16.01 -40.23
N ILE E 88 -0.88 16.88 -39.37
CA ILE E 88 -0.80 18.32 -39.62
C ILE E 88 0.66 18.77 -39.64
N GLN E 89 1.44 18.32 -38.66
CA GLN E 89 2.83 18.76 -38.60
C GLN E 89 3.67 18.17 -39.72
N THR E 90 3.32 16.97 -40.21
CA THR E 90 4.02 16.43 -41.36
C THR E 90 3.78 17.28 -42.60
N VAL E 91 2.54 17.73 -42.81
CA VAL E 91 2.23 18.52 -44.00
C VAL E 91 2.49 20.01 -43.77
N PHE E 92 1.92 20.59 -42.72
CA PHE E 92 1.96 22.04 -42.53
C PHE E 92 3.01 22.42 -41.49
N THR E 93 3.00 23.69 -41.09
CA THR E 93 4.00 24.22 -40.16
C THR E 93 4.02 23.44 -38.85
N ASN E 94 5.22 23.07 -38.42
CA ASN E 94 5.41 22.36 -37.15
C ASN E 94 5.20 23.34 -36.01
N PHE E 95 4.04 23.26 -35.36
CA PHE E 95 3.69 24.22 -34.31
C PHE E 95 4.21 23.84 -32.93
N THR E 96 4.71 22.61 -32.75
CA THR E 96 5.28 22.25 -31.45
C THR E 96 6.62 22.93 -31.24
N GLU E 97 7.48 22.92 -32.25
CA GLU E 97 8.76 23.61 -32.16
C GLU E 97 8.58 25.12 -32.18
N ALA E 98 7.70 25.62 -33.05
CA ALA E 98 7.57 27.05 -33.29
C ALA E 98 6.86 27.79 -32.15
N ASN E 99 6.11 27.09 -31.30
CA ASN E 99 5.42 27.75 -30.21
C ASN E 99 6.27 27.89 -28.96
N GLN E 100 7.47 27.31 -28.93
CA GLN E 100 8.40 27.56 -27.84
C GLN E 100 9.15 28.87 -28.01
N ILE E 101 9.26 29.36 -29.24
CA ILE E 101 9.91 30.65 -29.52
C ILE E 101 8.87 31.74 -29.37
N PRO E 102 9.04 32.67 -28.43
CA PRO E 102 8.01 33.70 -28.23
C PRO E 102 7.88 34.63 -29.43
N ILE E 103 6.64 34.98 -29.75
CA ILE E 103 6.32 35.90 -30.83
C ILE E 103 5.31 36.91 -30.30
N GLY E 104 5.62 38.19 -30.46
CA GLY E 104 4.77 39.25 -29.96
C GLY E 104 3.91 39.89 -31.03
N PHE E 105 2.80 40.48 -30.59
CA PHE E 105 1.98 41.28 -31.48
C PHE E 105 1.32 42.39 -30.66
N GLU E 106 0.96 43.48 -31.35
CA GLU E 106 0.37 44.64 -30.70
C GLU E 106 -0.53 45.38 -31.68
N PHE E 107 -1.52 46.10 -31.12
CA PHE E 107 -2.41 46.98 -31.85
C PHE E 107 -2.47 48.30 -31.12
N SER E 108 -2.39 49.40 -31.88
CA SER E 108 -2.44 50.74 -31.30
C SER E 108 -3.54 51.54 -31.97
N LYS E 109 -4.37 52.19 -31.14
CA LYS E 109 -5.45 53.04 -31.64
C LYS E 109 -5.48 54.33 -30.83
N THR E 110 -5.79 55.44 -31.51
CA THR E 110 -5.81 56.76 -30.90
C THR E 110 -7.24 57.24 -30.74
N ALA E 111 -7.58 57.69 -29.54
CA ALA E 111 -8.92 58.24 -29.30
C ALA E 111 -9.01 59.66 -29.87
N PRO E 112 -10.14 60.01 -30.48
CA PRO E 112 -10.35 61.40 -30.90
C PRO E 112 -10.51 62.31 -29.70
N SER E 113 -10.39 63.61 -29.96
CA SER E 113 -10.51 64.60 -28.90
C SER E 113 -11.95 64.63 -28.35
N ASN E 114 -12.05 64.73 -27.02
CA ASN E 114 -13.33 64.83 -26.32
C ASN E 114 -14.25 63.65 -26.64
N LYS E 115 -13.66 62.45 -26.70
CA LYS E 115 -14.47 61.26 -26.95
C LYS E 115 -13.75 60.04 -26.39
N ASN E 116 -14.54 59.00 -26.13
CA ASN E 116 -14.07 57.77 -25.50
C ASN E 116 -14.15 56.63 -26.51
N LEU E 117 -13.10 55.81 -26.53
CA LEU E 117 -12.96 54.70 -27.46
C LEU E 117 -12.69 53.43 -26.67
N TYR E 118 -13.34 52.34 -27.09
CA TYR E 118 -13.17 51.04 -26.48
C TYR E 118 -12.54 50.09 -27.49
N MET E 119 -11.62 49.25 -27.01
CA MET E 119 -10.93 48.28 -27.86
C MET E 119 -10.77 46.97 -27.10
N TYR E 120 -11.13 45.87 -27.75
CA TYR E 120 -10.99 44.56 -27.12
C TYR E 120 -10.25 43.61 -28.03
N LEU E 121 -9.54 42.67 -27.41
CA LEU E 121 -8.59 41.78 -28.07
C LEU E 121 -9.08 40.33 -27.99
N GLN E 122 -8.86 39.58 -29.07
CA GLN E 122 -9.13 38.14 -29.06
C GLN E 122 -8.11 37.46 -29.97
N TYR E 123 -7.68 36.26 -29.56
CA TYR E 123 -6.69 35.52 -30.33
C TYR E 123 -7.26 35.09 -31.69
N THR E 124 -6.36 34.94 -32.66
CA THR E 124 -6.68 34.32 -33.92
C THR E 124 -6.03 32.94 -33.97
N TYR E 125 -6.63 32.04 -34.75
CA TYR E 125 -6.19 30.65 -34.78
C TYR E 125 -6.04 30.17 -36.22
N ILE E 126 -5.08 29.27 -36.42
CA ILE E 126 -4.99 28.50 -37.65
C ILE E 126 -5.91 27.31 -37.50
N ARG E 127 -6.84 27.15 -38.45
CA ARG E 127 -7.81 26.06 -38.40
C ARG E 127 -7.36 24.95 -39.35
N TYR E 128 -7.07 23.79 -38.79
CA TYR E 128 -6.74 22.58 -39.54
C TYR E 128 -7.87 21.58 -39.40
N GLU E 129 -8.08 20.79 -40.45
CA GLU E 129 -9.13 19.79 -40.47
C GLU E 129 -8.56 18.45 -40.93
N ILE E 130 -9.06 17.38 -40.32
CA ILE E 130 -8.83 16.02 -40.79
C ILE E 130 -10.19 15.50 -41.25
N ILE E 131 -10.33 15.26 -42.54
CA ILE E 131 -11.62 14.89 -43.10
C ILE E 131 -11.54 13.50 -43.71
N LYS E 132 -12.67 12.81 -43.72
CA LYS E 132 -12.80 11.49 -44.34
C LYS E 132 -13.84 11.57 -45.44
N VAL E 133 -13.41 11.28 -46.67
CA VAL E 133 -14.29 11.32 -47.84
C VAL E 133 -14.62 9.89 -48.22
N LEU E 134 -15.93 9.61 -48.30
CA LEU E 134 -16.44 8.31 -48.73
C LEU E 134 -17.46 8.57 -49.82
N GLN E 135 -17.16 8.10 -51.04
CA GLN E 135 -17.99 8.33 -52.21
C GLN E 135 -18.25 9.83 -52.42
N HIS E 136 -17.17 10.61 -52.35
CA HIS E 136 -17.21 12.04 -52.66
C HIS E 136 -18.23 12.77 -51.79
N GLU E 137 -18.18 12.50 -50.49
CA GLU E 137 -19.05 13.18 -49.52
C GLU E 137 -18.39 13.06 -48.16
N ILE E 138 -18.20 14.18 -47.48
CA ILE E 138 -17.45 14.21 -46.23
C ILE E 138 -18.31 13.61 -45.12
N ILE E 139 -17.82 12.52 -44.52
CA ILE E 139 -18.57 11.80 -43.49
C ILE E 139 -17.99 12.00 -42.10
N GLU E 140 -16.81 12.61 -41.98
CA GLU E 140 -16.16 12.77 -40.68
C GLU E 140 -15.17 13.92 -40.76
N ARG E 141 -15.16 14.76 -39.73
CA ARG E 141 -14.31 15.95 -39.70
C ARG E 141 -13.86 16.22 -38.28
N ALA E 142 -12.54 16.26 -38.07
CA ALA E 142 -11.94 16.65 -36.80
C ALA E 142 -11.18 17.95 -37.00
N VAL E 143 -11.13 18.79 -35.96
CA VAL E 143 -10.67 20.17 -36.12
C VAL E 143 -9.62 20.51 -35.06
N LEU E 144 -8.53 21.15 -35.50
CA LEU E 144 -7.47 21.65 -34.62
C LEU E 144 -7.35 23.15 -34.80
N TYR E 145 -7.31 23.88 -33.68
CA TYR E 145 -7.06 25.32 -33.69
C TYR E 145 -5.70 25.58 -33.06
N VAL E 146 -4.80 26.20 -33.82
CA VAL E 146 -3.45 26.49 -33.36
C VAL E 146 -3.35 28.00 -33.13
N PRO E 147 -3.00 28.46 -31.93
CA PRO E 147 -3.01 29.91 -31.68
C PRO E 147 -1.94 30.65 -32.47
N SER E 148 -2.35 31.40 -33.49
CA SER E 148 -1.38 32.14 -34.32
C SER E 148 -1.03 33.49 -33.70
N LEU E 149 -2.02 34.38 -33.64
CA LEU E 149 -1.82 35.78 -33.26
C LEU E 149 -3.16 36.32 -32.76
N GLY E 150 -3.29 37.65 -32.69
CA GLY E 150 -4.49 38.28 -32.17
C GLY E 150 -5.15 39.22 -33.16
N TYR E 151 -6.26 39.80 -32.69
CA TYR E 151 -7.07 40.71 -33.49
C TYR E 151 -7.93 41.52 -32.54
N VAL E 152 -7.97 42.83 -32.75
CA VAL E 152 -8.70 43.73 -31.86
C VAL E 152 -9.79 44.43 -32.65
N LYS E 153 -10.84 44.82 -31.92
CA LYS E 153 -11.94 45.57 -32.47
C LYS E 153 -12.18 46.80 -31.60
N SER E 154 -12.46 47.93 -32.24
CA SER E 154 -12.59 49.20 -31.56
C SER E 154 -13.87 49.92 -31.99
N ILE E 155 -14.38 50.75 -31.09
CA ILE E 155 -15.56 51.56 -31.38
C ILE E 155 -15.54 52.80 -30.48
N GLU E 156 -15.98 53.93 -31.05
CA GLU E 156 -16.11 55.18 -30.30
C GLU E 156 -17.51 55.29 -29.75
N PHE E 157 -17.62 55.52 -28.45
CA PHE E 157 -18.92 55.48 -27.77
C PHE E 157 -19.14 56.73 -26.94
N ASN E 158 -20.42 57.10 -26.83
CA ASN E 158 -21.02 58.16 -26.03
C ASN E 158 -21.63 57.57 -24.76
N PRO E 159 -21.69 58.34 -23.67
CA PRO E 159 -22.25 57.81 -22.42
C PRO E 159 -23.70 57.37 -22.61
N GLY E 160 -23.95 56.09 -22.35
CA GLY E 160 -25.28 55.51 -22.46
C GLY E 160 -25.68 55.05 -23.84
N GLU E 161 -24.79 55.18 -24.83
CA GLU E 161 -25.12 54.77 -26.19
C GLU E 161 -25.22 53.25 -26.29
N LYS E 162 -26.22 52.78 -27.04
CA LYS E 162 -26.37 51.36 -27.32
C LYS E 162 -25.32 50.91 -28.34
N ILE E 163 -24.80 49.71 -28.13
CA ILE E 163 -23.79 49.12 -29.01
C ILE E 163 -24.38 47.87 -29.64
N ASN E 164 -24.11 47.67 -30.93
CA ASN E 164 -24.61 46.51 -31.65
C ASN E 164 -24.11 45.22 -31.01
N LYS E 165 -24.96 44.18 -31.04
CA LYS E 165 -24.60 42.90 -30.45
C LYS E 165 -23.54 42.16 -31.26
N ASP E 166 -23.35 42.54 -32.53
CA ASP E 166 -22.33 41.87 -33.34
C ASP E 166 -20.92 42.30 -32.97
N PHE E 167 -20.75 43.52 -32.49
CA PHE E 167 -19.41 43.99 -32.12
C PHE E 167 -18.85 43.20 -30.94
N TYR E 168 -19.71 42.88 -29.96
CA TYR E 168 -19.25 42.19 -28.76
C TYR E 168 -19.18 40.68 -28.98
N PHE E 169 -20.28 40.08 -29.42
CA PHE E 169 -20.48 38.64 -29.34
C PHE E 169 -20.41 38.01 -30.72
N LEU E 170 -19.91 36.76 -30.75
CA LEU E 170 -19.83 35.97 -31.97
C LEU E 170 -20.54 34.65 -31.74
N THR E 171 -21.42 34.27 -32.68
CA THR E 171 -22.26 33.09 -32.49
C THR E 171 -21.51 31.81 -32.86
N ASN E 172 -20.84 31.80 -34.02
CA ASN E 172 -20.15 30.63 -34.51
C ASN E 172 -18.72 31.01 -34.89
N ASP E 173 -17.85 30.00 -34.89
CA ASP E 173 -16.47 30.22 -35.30
C ASP E 173 -16.42 30.71 -36.75
N LYS E 174 -15.67 31.78 -36.98
CA LYS E 174 -15.59 32.40 -38.30
C LYS E 174 -14.16 32.84 -38.56
N CYS E 175 -13.86 33.10 -39.84
CA CYS E 175 -12.55 33.55 -40.27
C CYS E 175 -12.67 35.02 -40.68
N ILE E 176 -11.87 35.89 -40.03
CA ILE E 176 -11.87 37.30 -40.37
C ILE E 176 -11.21 37.58 -41.71
N LEU E 177 -10.46 36.62 -42.26
CA LEU E 177 -9.83 36.73 -43.56
C LEU E 177 -10.56 35.83 -44.56
N ASN E 178 -10.03 35.74 -45.77
CA ASN E 178 -10.54 34.77 -46.72
C ASN E 178 -10.16 33.36 -46.29
N GLU E 179 -11.15 32.47 -46.25
CA GLU E 179 -10.89 31.10 -45.87
C GLU E 179 -10.05 30.40 -46.94
N GLN E 180 -9.24 29.45 -46.50
CA GLN E 180 -8.44 28.61 -47.38
C GLN E 180 -8.96 27.19 -47.38
N PHE E 181 -8.51 26.42 -48.36
CA PHE E 181 -8.77 24.98 -48.40
C PHE E 181 -7.58 24.34 -49.10
N LEU E 182 -6.59 23.94 -48.32
CA LEU E 182 -5.39 23.29 -48.84
C LEU E 182 -5.38 21.85 -48.36
N TYR E 183 -5.66 20.92 -49.28
CA TYR E 183 -5.83 19.51 -48.91
C TYR E 183 -4.67 18.67 -49.39
N LYS E 184 -4.33 17.66 -48.59
CA LYS E 184 -3.38 16.62 -48.97
C LYS E 184 -3.91 15.29 -48.50
N LYS E 185 -3.89 14.31 -49.39
CA LYS E 185 -4.38 12.97 -49.05
C LYS E 185 -3.39 12.28 -48.12
N ILE E 186 -3.89 11.77 -47.00
CA ILE E 186 -3.06 11.03 -46.06
C ILE E 186 -2.86 9.63 -46.60
N LEU E 187 -1.61 9.24 -46.80
CA LEU E 187 -1.29 7.94 -47.35
C LEU E 187 -1.30 6.89 -46.25
N GLU E 188 -1.78 5.70 -46.58
CA GLU E 188 -1.66 4.59 -45.66
C GLU E 188 -0.22 4.07 -45.71
N THR F 206 -41.84 50.69 -13.02
CA THR F 206 -42.15 50.31 -14.40
C THR F 206 -40.96 49.65 -15.08
N GLN F 207 -40.53 48.52 -14.54
CA GLN F 207 -39.37 47.83 -15.06
C GLN F 207 -39.71 47.06 -16.34
N ARG F 208 -38.68 46.82 -17.15
CA ARG F 208 -38.82 46.03 -18.35
C ARG F 208 -39.03 44.56 -18.00
N VAL F 209 -39.78 43.85 -18.84
CA VAL F 209 -40.04 42.43 -18.65
C VAL F 209 -38.92 41.63 -19.29
N LEU F 210 -38.44 40.61 -18.59
CA LEU F 210 -37.38 39.75 -19.10
C LEU F 210 -37.95 38.39 -19.48
N PRO F 211 -38.06 38.07 -20.76
CA PRO F 211 -38.72 36.82 -21.20
C PRO F 211 -37.76 35.64 -21.25
N TYR F 212 -37.11 35.35 -20.13
CA TYR F 212 -36.19 34.22 -20.04
C TYR F 212 -36.90 33.02 -19.43
N SER F 213 -36.61 31.84 -19.96
CA SER F 213 -37.13 30.62 -19.37
C SER F 213 -36.43 30.35 -18.04
N ASN F 214 -37.03 29.49 -17.24
CA ASN F 214 -36.47 29.16 -15.93
C ASN F 214 -35.14 28.44 -16.09
N GLY F 215 -34.08 29.04 -15.56
CA GLY F 215 -32.77 28.43 -15.65
C GLY F 215 -31.69 29.39 -15.23
N LEU F 216 -30.45 29.00 -15.52
CA LEU F 216 -29.27 29.75 -15.15
C LEU F 216 -28.76 30.55 -16.35
N TYR F 217 -28.50 31.83 -16.12
CA TYR F 217 -28.06 32.73 -17.18
C TYR F 217 -26.82 33.49 -16.74
N VAL F 218 -25.96 33.79 -17.71
CA VAL F 218 -24.72 34.54 -17.49
C VAL F 218 -24.80 35.78 -18.37
N ILE F 219 -24.61 36.95 -17.78
CA ILE F 219 -24.82 38.22 -18.45
C ILE F 219 -23.54 39.02 -18.40
N ASN F 220 -22.94 39.27 -19.55
CA ASN F 220 -21.84 40.22 -19.67
C ASN F 220 -22.43 41.62 -19.67
N LYS F 221 -22.13 42.40 -18.64
CA LYS F 221 -22.73 43.71 -18.44
C LYS F 221 -21.80 44.86 -18.80
N GLY F 222 -20.76 44.61 -19.58
CA GLY F 222 -19.89 45.64 -20.08
C GLY F 222 -18.47 45.50 -19.57
N ASP F 223 -17.62 46.38 -20.09
CA ASP F 223 -16.21 46.41 -19.75
C ASP F 223 -15.85 47.81 -19.27
N GLY F 224 -14.68 47.91 -18.63
CA GLY F 224 -14.20 49.19 -18.15
C GLY F 224 -14.70 49.62 -16.79
N TYR F 225 -14.98 48.67 -15.90
CA TYR F 225 -15.44 48.98 -14.55
C TYR F 225 -14.25 49.24 -13.64
N ILE F 226 -14.33 50.30 -12.85
CA ILE F 226 -13.28 50.62 -11.87
C ILE F 226 -13.92 50.90 -10.52
N ARG F 227 -13.17 50.59 -9.47
CA ARG F 227 -13.66 50.85 -8.12
C ARG F 227 -13.54 52.34 -7.78
N THR F 228 -14.32 52.74 -6.77
CA THR F 228 -14.33 54.13 -6.33
C THR F 228 -13.13 54.42 -5.43
N ASN F 229 -12.92 55.71 -5.15
CA ASN F 229 -11.86 56.18 -4.26
C ASN F 229 -10.48 55.74 -4.73
N ASP F 230 -10.28 55.68 -6.05
CA ASP F 230 -8.98 55.37 -6.65
C ASP F 230 -8.40 54.06 -6.13
N LYS F 231 -9.27 53.07 -5.90
CA LYS F 231 -8.77 51.77 -5.49
C LYS F 231 -8.05 51.05 -6.63
N ASP F 232 -8.40 51.37 -7.88
CA ASP F 232 -7.79 50.75 -9.05
C ASP F 232 -6.87 51.71 -9.79
N LEU F 233 -6.35 52.72 -9.10
CA LEU F 233 -5.48 53.71 -9.74
C LEU F 233 -4.08 53.14 -9.91
N ILE F 234 -3.64 52.99 -11.16
CA ILE F 234 -2.26 52.61 -11.42
C ILE F 234 -1.33 53.78 -11.13
N GLY F 235 -1.64 54.95 -11.65
CA GLY F 235 -0.81 56.11 -11.41
C GLY F 235 -1.15 57.24 -12.36
N THR F 236 -0.46 58.35 -12.14
CA THR F 236 -0.64 59.58 -12.91
C THR F 236 0.71 60.02 -13.44
N LEU F 237 0.76 60.36 -14.72
CA LEU F 237 1.93 60.94 -15.35
C LEU F 237 1.66 62.38 -15.74
N LEU F 238 2.55 63.28 -15.32
CA LEU F 238 2.50 64.69 -15.70
C LEU F 238 3.49 64.90 -16.85
N ILE F 239 2.96 65.02 -18.06
CA ILE F 239 3.76 65.18 -19.26
C ILE F 239 3.91 66.67 -19.54
N GLU F 240 5.16 67.13 -19.65
CA GLU F 240 5.44 68.52 -19.97
C GLU F 240 5.11 68.81 -21.44
N ALA F 241 5.08 70.09 -21.76
CA ALA F 241 4.73 70.50 -23.12
C ALA F 241 5.72 69.94 -24.12
N GLY F 242 5.20 69.33 -25.18
CA GLY F 242 6.02 68.72 -26.20
C GLY F 242 6.59 67.36 -25.85
N SER F 243 6.41 66.91 -24.61
CA SER F 243 6.95 65.63 -24.18
C SER F 243 5.94 64.51 -24.44
N SER F 244 6.34 63.29 -24.07
CA SER F 244 5.49 62.11 -24.20
C SER F 244 5.49 61.35 -22.88
N GLY F 245 4.43 60.59 -22.65
CA GLY F 245 4.34 59.79 -21.44
C GLY F 245 3.60 58.49 -21.65
N SER F 246 4.18 57.40 -21.17
CA SER F 246 3.59 56.08 -21.33
C SER F 246 3.53 55.38 -19.98
N ILE F 247 2.40 54.71 -19.73
CA ILE F 247 2.23 53.82 -18.59
C ILE F 247 2.06 52.40 -19.13
N ILE F 248 2.88 51.48 -18.65
CA ILE F 248 3.03 50.16 -19.25
C ILE F 248 2.65 49.10 -18.23
N GLN F 249 1.87 48.11 -18.67
CA GLN F 249 1.72 46.87 -17.91
C GLN F 249 2.55 45.81 -18.61
N PRO F 250 3.79 45.57 -18.18
CA PRO F 250 4.65 44.60 -18.87
C PRO F 250 4.24 43.15 -18.62
N ARG F 251 3.29 42.89 -17.74
CA ARG F 251 2.84 41.53 -17.43
C ARG F 251 4.02 40.63 -17.05
N LEU F 252 4.95 41.19 -16.29
CA LEU F 252 6.07 40.38 -15.81
C LEU F 252 5.63 39.40 -14.72
N ARG F 253 4.45 39.60 -14.16
CA ARG F 253 3.83 38.65 -13.24
C ARG F 253 2.46 38.26 -13.76
N ASN F 254 2.09 36.99 -13.61
CA ASN F 254 0.78 36.53 -14.05
C ASN F 254 -0.34 37.12 -13.20
N THR F 255 -0.06 37.49 -11.96
CA THR F 255 -1.09 37.74 -10.96
C THR F 255 -2.06 38.82 -11.39
N THR F 256 -3.33 38.43 -11.53
CA THR F 256 -4.47 39.33 -11.62
C THR F 256 -5.43 38.98 -10.49
N ARG F 257 -6.18 39.97 -10.03
CA ARG F 257 -7.04 39.81 -8.87
C ARG F 257 -8.50 40.04 -9.26
N PRO F 258 -9.33 39.01 -9.33
CA PRO F 258 -10.74 39.20 -9.67
C PRO F 258 -11.57 39.52 -8.44
N LEU F 259 -12.74 40.08 -8.69
CA LEU F 259 -13.67 40.45 -7.63
C LEU F 259 -14.93 39.59 -7.71
N PHE F 260 -15.58 39.38 -6.57
CA PHE F 260 -16.76 38.53 -6.55
C PHE F 260 -17.63 38.87 -5.35
N THR F 261 -18.90 39.15 -5.62
CA THR F 261 -19.91 39.26 -4.58
C THR F 261 -21.08 38.36 -4.96
N THR F 262 -21.78 37.84 -3.96
CA THR F 262 -22.88 36.92 -4.23
C THR F 262 -24.00 37.13 -3.22
N SER F 263 -25.21 36.79 -3.65
CA SER F 263 -26.37 36.82 -2.77
C SER F 263 -26.53 35.53 -1.98
N ASN F 264 -26.07 34.41 -2.53
CA ASN F 264 -26.15 33.11 -1.88
C ASN F 264 -24.82 32.41 -2.09
N ASP F 265 -24.07 32.20 -0.99
CA ASP F 265 -22.74 31.62 -1.11
C ASP F 265 -22.79 30.11 -1.35
N THR F 266 -23.75 29.42 -0.73
CA THR F 266 -23.74 27.96 -0.73
C THR F 266 -23.90 27.40 -2.15
N LYS F 267 -24.78 27.98 -2.94
CA LYS F 267 -25.02 27.53 -4.30
C LYS F 267 -24.22 28.30 -5.33
N PHE F 268 -24.23 29.63 -5.25
CA PHE F 268 -23.45 30.48 -6.14
C PHE F 268 -22.14 30.89 -5.47
N SER F 269 -21.29 29.89 -5.26
CA SER F 269 -19.96 30.13 -4.70
C SER F 269 -19.02 30.63 -5.78
N GLN F 270 -17.76 30.88 -5.41
CA GLN F 270 -16.79 31.38 -6.37
C GLN F 270 -16.43 30.31 -7.41
N GLN F 271 -16.25 29.08 -6.95
CA GLN F 271 -15.97 27.97 -7.84
C GLN F 271 -17.14 27.72 -8.80
N TYR F 272 -18.36 27.74 -8.26
CA TYR F 272 -19.55 27.59 -9.08
C TYR F 272 -19.66 28.70 -10.11
N THR F 273 -19.48 29.96 -9.68
CA THR F 273 -19.59 31.08 -10.60
C THR F 273 -18.50 31.03 -11.67
N GLU F 274 -17.27 30.68 -11.28
CA GLU F 274 -16.19 30.55 -12.26
C GLU F 274 -16.49 29.44 -13.26
N GLU F 275 -17.02 28.31 -12.78
CA GLU F 275 -17.38 27.22 -13.69
C GLU F 275 -18.50 27.64 -14.64
N ARG F 276 -19.46 28.43 -14.16
CA ARG F 276 -20.53 28.88 -15.04
C ARG F 276 -20.02 29.88 -16.06
N LEU F 277 -19.10 30.76 -15.67
CA LEU F 277 -18.46 31.66 -16.64
C LEU F 277 -17.70 30.86 -17.69
N LYS F 278 -16.98 29.83 -17.26
CA LYS F 278 -16.29 28.95 -18.20
C LYS F 278 -17.26 28.20 -19.09
N ASP F 279 -18.46 27.92 -18.59
CA ASP F 279 -19.47 27.26 -19.41
C ASP F 279 -20.02 28.20 -20.48
N ALA F 280 -20.32 29.45 -20.11
CA ALA F 280 -20.98 30.36 -21.03
C ALA F 280 -20.02 30.94 -22.05
N PHE F 281 -19.03 31.69 -21.59
CA PHE F 281 -18.10 32.40 -22.48
C PHE F 281 -16.76 31.71 -22.60
N ASN F 282 -16.60 30.52 -22.01
CA ASN F 282 -15.39 29.71 -22.13
C ASN F 282 -14.16 30.47 -21.62
N VAL F 283 -14.33 31.22 -20.54
CA VAL F 283 -13.20 31.87 -19.88
C VAL F 283 -12.50 30.85 -19.00
N GLN F 284 -11.16 30.92 -18.96
CA GLN F 284 -10.40 29.98 -18.17
C GLN F 284 -9.24 30.60 -17.41
N LEU F 285 -9.00 31.90 -17.55
CA LEU F 285 -7.94 32.59 -16.83
C LEU F 285 -8.61 33.58 -15.88
N PHE F 286 -8.73 33.17 -14.61
CA PHE F 286 -9.35 34.01 -13.59
C PHE F 286 -8.32 34.74 -12.74
N ASN F 287 -7.31 34.02 -12.25
CA ASN F 287 -6.28 34.59 -11.39
C ASN F 287 -5.01 34.97 -12.14
N THR F 288 -4.96 34.77 -13.45
CA THR F 288 -3.77 35.05 -14.23
C THR F 288 -4.16 35.72 -15.55
N SER F 289 -3.18 36.39 -16.15
CA SER F 289 -3.33 37.00 -17.47
C SER F 289 -1.94 37.39 -17.97
N THR F 290 -1.72 37.23 -19.28
CA THR F 290 -0.48 37.64 -19.92
C THR F 290 -0.69 38.80 -20.89
N SER F 291 -1.90 39.34 -21.00
CA SER F 291 -2.20 40.34 -22.00
C SER F 291 -1.59 41.68 -21.62
N LEU F 292 -0.80 42.25 -22.53
CA LEU F 292 -0.11 43.51 -22.30
C LEU F 292 -0.99 44.68 -22.73
N PHE F 293 -0.94 45.77 -21.94
CA PHE F 293 -1.53 47.02 -22.37
C PHE F 293 -0.58 48.16 -22.02
N LYS F 294 -0.69 49.25 -22.78
CA LYS F 294 0.20 50.38 -22.65
C LYS F 294 -0.52 51.63 -23.10
N PHE F 295 -0.47 52.68 -22.29
CA PHE F 295 -1.14 53.94 -22.59
C PHE F 295 -0.09 55.00 -22.89
N VAL F 296 -0.13 55.54 -24.10
CA VAL F 296 0.81 56.55 -24.58
C VAL F 296 0.04 57.82 -24.87
N GLU F 297 0.48 58.93 -24.28
CA GLU F 297 -0.12 60.22 -24.55
C GLU F 297 0.98 61.26 -24.72
N GLU F 298 0.84 62.09 -25.74
CA GLU F 298 1.82 63.14 -26.02
C GLU F 298 1.16 64.50 -25.84
N ALA F 299 1.69 65.28 -24.91
CA ALA F 299 1.14 66.60 -24.65
C ALA F 299 1.41 67.55 -25.82
N PRO F 300 0.49 68.47 -26.09
CA PRO F 300 0.73 69.45 -27.15
C PRO F 300 1.82 70.44 -26.73
N SER F 301 2.31 71.17 -27.73
CA SER F 301 3.39 72.12 -27.51
C SER F 301 2.98 73.32 -26.66
N ASP F 302 1.69 73.52 -26.40
CA ASP F 302 1.25 74.71 -25.69
C ASP F 302 1.23 74.51 -24.17
N LYS F 303 0.52 73.50 -23.68
CA LYS F 303 0.38 73.29 -22.24
C LYS F 303 0.71 71.85 -21.90
N ASN F 304 0.80 71.58 -20.60
CA ASN F 304 1.11 70.24 -20.11
C ASN F 304 -0.15 69.37 -20.08
N ILE F 305 0.04 68.09 -19.77
CA ILE F 305 -1.04 67.12 -19.79
C ILE F 305 -0.85 66.17 -18.61
N CYS F 306 -1.96 65.67 -18.07
CA CYS F 306 -1.92 64.61 -17.06
C CYS F 306 -2.65 63.40 -17.59
N ILE F 307 -2.10 62.21 -17.36
CA ILE F 307 -2.77 60.97 -17.71
C ILE F 307 -2.90 60.11 -16.46
N LYS F 308 -4.08 59.56 -16.26
CA LYS F 308 -4.38 58.66 -15.16
C LYS F 308 -4.72 57.29 -15.73
N ALA F 309 -4.11 56.25 -15.16
CA ALA F 309 -4.33 54.88 -15.59
C ALA F 309 -5.04 54.11 -14.48
N TYR F 310 -6.09 53.38 -14.86
CA TYR F 310 -6.91 52.60 -13.93
C TYR F 310 -6.95 51.15 -14.38
N ASN F 311 -6.86 50.24 -13.42
CA ASN F 311 -7.12 48.83 -13.70
C ASN F 311 -8.63 48.61 -13.81
N THR F 312 -9.06 47.98 -14.89
CA THR F 312 -10.49 47.81 -15.15
C THR F 312 -10.93 46.38 -14.88
N TYR F 313 -12.25 46.21 -14.87
CA TYR F 313 -12.89 44.91 -14.73
C TYR F 313 -14.01 44.79 -15.73
N GLU F 314 -14.31 43.55 -16.10
CA GLU F 314 -15.45 43.20 -16.93
C GLU F 314 -16.49 42.55 -16.02
N LYS F 315 -17.72 43.07 -16.06
CA LYS F 315 -18.76 42.68 -15.12
C LYS F 315 -19.59 41.56 -15.71
N TYR F 316 -19.55 40.39 -15.07
CA TYR F 316 -20.42 39.28 -15.40
C TYR F 316 -21.40 39.08 -14.25
N GLU F 317 -22.63 38.71 -14.59
CA GLU F 317 -23.68 38.50 -13.60
C GLU F 317 -24.29 37.13 -13.83
N LEU F 318 -24.16 36.25 -12.86
CA LEU F 318 -24.81 34.94 -12.89
C LEU F 318 -26.14 35.04 -12.17
N ILE F 319 -27.22 34.69 -12.85
CA ILE F 319 -28.56 34.80 -12.30
C ILE F 319 -29.28 33.46 -12.42
N ASP F 320 -30.13 33.18 -11.45
CA ASP F 320 -31.04 32.04 -11.47
C ASP F 320 -32.45 32.61 -11.68
N TYR F 321 -32.90 32.60 -12.93
CA TYR F 321 -34.18 33.21 -13.29
C TYR F 321 -35.27 32.15 -13.18
N GLN F 322 -36.29 32.44 -12.37
CA GLN F 322 -37.34 31.47 -12.08
C GLN F 322 -38.68 32.19 -12.08
N ASN F 323 -39.43 32.04 -13.18
CA ASN F 323 -40.81 32.51 -13.29
C ASN F 323 -40.91 34.02 -13.12
N GLY F 324 -40.06 34.76 -13.83
CA GLY F 324 -40.16 36.19 -13.93
C GLY F 324 -39.38 37.01 -12.93
N SER F 325 -38.60 36.37 -12.05
CA SER F 325 -37.82 37.11 -11.07
C SER F 325 -36.51 36.37 -10.81
N ILE F 326 -35.54 37.11 -10.30
CA ILE F 326 -34.21 36.57 -10.02
C ILE F 326 -34.18 36.09 -8.58
N VAL F 327 -33.96 34.79 -8.38
CA VAL F 327 -33.91 34.24 -7.04
C VAL F 327 -32.50 34.21 -6.46
N ASN F 328 -31.47 34.22 -7.31
CA ASN F 328 -30.08 34.24 -6.86
C ASN F 328 -29.27 35.02 -7.89
N LYS F 329 -28.43 35.93 -7.41
CA LYS F 329 -27.63 36.81 -8.27
C LYS F 329 -26.22 36.91 -7.73
N ALA F 330 -25.23 36.76 -8.61
CA ALA F 330 -23.83 36.89 -8.26
C ALA F 330 -23.13 37.78 -9.28
N GLU F 331 -22.20 38.61 -8.81
CA GLU F 331 -21.43 39.50 -9.66
C GLU F 331 -19.97 39.09 -9.60
N TYR F 332 -19.40 38.79 -10.78
CA TYR F 332 -17.99 38.44 -10.92
C TYR F 332 -17.32 39.47 -11.80
N TYR F 333 -16.27 40.12 -11.28
CA TYR F 333 -15.53 41.14 -11.99
C TYR F 333 -14.19 40.54 -12.42
N LEU F 334 -14.04 40.36 -13.73
CA LEU F 334 -12.86 39.74 -14.32
C LEU F 334 -11.86 40.82 -14.71
N PRO F 335 -10.63 40.78 -14.21
CA PRO F 335 -9.66 41.84 -14.54
C PRO F 335 -9.47 42.10 -16.03
N SER F 336 -9.80 43.31 -16.46
CA SER F 336 -9.73 43.77 -17.84
C SER F 336 -8.38 44.45 -18.11
N LEU F 337 -8.29 45.17 -19.24
CA LEU F 337 -7.04 45.74 -19.74
C LEU F 337 -6.97 47.27 -19.60
N GLY F 338 -7.52 47.82 -18.52
CA GLY F 338 -7.23 49.18 -18.12
C GLY F 338 -8.12 50.24 -18.77
N TYR F 339 -7.98 51.45 -18.23
CA TYR F 339 -8.69 52.64 -18.70
C TYR F 339 -7.80 53.85 -18.49
N CYS F 340 -7.61 54.63 -19.55
CA CYS F 340 -6.74 55.79 -19.53
C CYS F 340 -7.55 57.05 -19.74
N GLU F 341 -7.41 58.02 -18.83
CA GLU F 341 -8.05 59.31 -19.00
C GLU F 341 -7.00 60.41 -18.96
N VAL F 342 -7.09 61.35 -19.90
CA VAL F 342 -6.17 62.48 -19.97
C VAL F 342 -6.94 63.74 -19.61
N THR F 343 -6.30 64.59 -18.81
CA THR F 343 -6.87 65.85 -18.35
C THR F 343 -5.83 66.96 -18.54
N ASN F 344 -6.34 68.18 -18.58
CA ASN F 344 -5.46 69.34 -18.53
C ASN F 344 -4.75 69.39 -17.18
N ALA F 345 -3.49 69.78 -17.19
CA ALA F 345 -2.74 69.91 -15.96
C ALA F 345 -3.40 70.96 -15.09
N PRO F 346 -3.87 70.62 -13.89
CA PRO F 346 -4.59 71.60 -13.07
C PRO F 346 -3.65 72.70 -12.60
N SER F 347 -4.21 73.90 -12.46
CA SER F 347 -3.45 74.99 -11.84
C SER F 347 -3.08 74.56 -10.43
N PRO F 348 -1.80 74.66 -10.05
CA PRO F 348 -1.33 73.95 -8.84
C PRO F 348 -2.11 74.27 -7.57
N GLU F 349 -2.57 75.50 -7.38
CA GLU F 349 -3.44 75.77 -6.25
C GLU F 349 -4.89 75.39 -6.55
N SER F 350 -5.50 76.08 -7.53
CA SER F 350 -6.94 75.99 -7.75
C SER F 350 -7.63 76.19 -6.41
N GLU F 351 -8.16 75.11 -5.84
CA GLU F 351 -8.55 75.11 -4.43
C GLU F 351 -8.57 73.67 -3.95
N VAL F 352 -7.86 73.41 -2.85
CA VAL F 352 -7.85 72.08 -2.24
C VAL F 352 -9.10 71.98 -1.37
N VAL F 353 -10.14 71.34 -1.91
CA VAL F 353 -11.42 71.22 -1.22
C VAL F 353 -11.47 69.87 -0.52
N LYS F 354 -11.90 69.87 0.74
CA LYS F 354 -11.97 68.65 1.52
C LYS F 354 -13.29 67.94 1.23
N MET F 355 -13.21 66.67 0.86
CA MET F 355 -14.38 65.91 0.47
C MET F 355 -14.39 64.53 1.13
N GLN F 356 -15.58 64.11 1.51
CA GLN F 356 -15.77 62.78 2.08
C GLN F 356 -15.58 61.71 1.01
N VAL F 357 -15.20 60.51 1.44
CA VAL F 357 -15.04 59.40 0.50
C VAL F 357 -16.41 58.96 -0.01
N ALA F 358 -16.40 58.31 -1.17
CA ALA F 358 -17.62 57.74 -1.73
C ALA F 358 -17.80 56.30 -1.23
N GLU F 359 -19.00 55.77 -1.44
CA GLU F 359 -19.28 54.40 -1.03
C GLU F 359 -18.55 53.42 -1.94
N ASP F 360 -18.31 52.22 -1.41
CA ASP F 360 -17.68 51.17 -2.20
C ASP F 360 -18.61 50.76 -3.34
N GLY F 361 -18.09 50.77 -4.55
CA GLY F 361 -18.90 50.46 -5.71
C GLY F 361 -18.07 50.42 -6.97
N PHE F 362 -18.75 50.52 -8.11
CA PHE F 362 -18.10 50.45 -9.40
C PHE F 362 -18.61 51.54 -10.32
N ILE F 363 -17.73 52.03 -11.18
CA ILE F 363 -18.04 53.03 -12.19
C ILE F 363 -17.65 52.43 -13.54
N GLN F 364 -18.60 52.36 -14.47
CA GLN F 364 -18.34 51.83 -15.80
C GLN F 364 -17.93 52.98 -16.71
N ASN F 365 -16.72 52.90 -17.25
CA ASN F 365 -16.26 53.88 -18.24
C ASN F 365 -16.29 53.34 -19.65
N GLY F 366 -16.66 52.07 -19.83
CA GLY F 366 -16.76 51.48 -21.14
C GLY F 366 -18.15 51.64 -21.73
N PRO F 367 -18.33 51.17 -22.96
CA PRO F 367 -19.63 51.30 -23.61
C PRO F 367 -20.66 50.35 -23.02
N GLU F 368 -21.92 50.69 -23.24
CA GLU F 368 -23.03 49.91 -22.72
C GLU F 368 -23.05 48.52 -23.36
N GLU F 369 -23.27 47.50 -22.54
CA GLU F 369 -23.22 46.13 -23.01
C GLU F 369 -24.06 45.24 -22.11
N GLU F 370 -24.86 44.36 -22.73
CA GLU F 370 -25.62 43.37 -21.98
C GLU F 370 -25.81 42.16 -22.89
N ILE F 371 -24.96 41.16 -22.73
CA ILE F 371 -25.01 39.93 -23.53
C ILE F 371 -25.42 38.79 -22.62
N VAL F 372 -26.53 38.13 -22.95
CA VAL F 372 -27.10 37.07 -22.12
C VAL F 372 -26.85 35.73 -22.78
N VAL F 373 -26.38 34.76 -21.99
CA VAL F 373 -26.16 33.40 -22.47
C VAL F 373 -26.67 32.43 -21.40
N GLY F 374 -27.60 31.55 -21.79
CA GLY F 374 -28.04 30.51 -20.88
C GLY F 374 -27.00 29.42 -20.73
N VAL F 375 -26.99 28.79 -19.56
CA VAL F 375 -25.99 27.76 -19.25
C VAL F 375 -26.70 26.51 -18.73
N ILE F 376 -26.18 25.34 -19.12
CA ILE F 376 -26.70 24.08 -18.62
C ILE F 376 -26.57 24.03 -17.10
N ASP F 377 -27.63 23.61 -16.43
CA ASP F 377 -27.59 23.44 -14.99
C ASP F 377 -26.68 22.26 -14.66
N PRO F 378 -25.62 22.45 -13.87
CA PRO F 378 -24.66 21.36 -13.65
C PRO F 378 -25.16 20.27 -12.72
N SER F 379 -26.27 20.47 -12.02
CA SER F 379 -26.80 19.46 -11.11
C SER F 379 -27.75 18.48 -11.77
N GLU F 380 -28.10 18.70 -13.03
CA GLU F 380 -29.05 17.84 -13.74
C GLU F 380 -28.30 16.98 -14.75
N ASN F 381 -28.67 15.71 -14.82
CA ASN F 381 -27.97 14.75 -15.66
C ASN F 381 -28.25 15.02 -17.13
N ILE F 382 -27.34 14.50 -17.97
CA ILE F 382 -27.41 14.65 -19.42
C ILE F 382 -27.28 13.27 -20.03
N GLN F 383 -28.31 12.83 -20.76
CA GLN F 383 -28.27 11.59 -21.51
C GLN F 383 -27.96 11.90 -22.97
N GLU F 384 -27.39 10.91 -23.65
CA GLU F 384 -26.91 11.09 -25.02
C GLU F 384 -27.62 10.13 -25.96
N ILE F 385 -28.19 10.67 -27.04
CA ILE F 385 -28.68 9.87 -28.15
C ILE F 385 -27.51 9.73 -29.12
N ASN F 386 -26.82 8.60 -29.04
CA ASN F 386 -25.56 8.40 -29.77
C ASN F 386 -25.75 8.38 -31.28
N THR F 387 -26.98 8.25 -31.77
CA THR F 387 -27.25 8.17 -33.20
C THR F 387 -28.17 9.31 -33.61
N ALA F 388 -27.92 9.85 -34.81
CA ALA F 388 -28.75 10.93 -35.34
C ALA F 388 -30.16 10.41 -35.65
N ILE F 389 -31.13 11.32 -35.54
CA ILE F 389 -32.54 11.00 -35.72
C ILE F 389 -32.94 11.33 -37.15
N SER F 390 -33.35 10.33 -37.92
CA SER F 390 -33.61 10.53 -39.34
C SER F 390 -35.02 11.06 -39.59
N ASP F 391 -36.04 10.25 -39.33
CA ASP F 391 -37.42 10.67 -39.57
C ASP F 391 -38.35 10.42 -38.39
N ASN F 392 -38.20 9.28 -37.71
CA ASN F 392 -39.03 8.91 -36.58
C ASN F 392 -38.16 8.22 -35.55
N TYR F 393 -38.36 8.57 -34.28
CA TYR F 393 -37.55 7.97 -33.23
C TYR F 393 -38.32 7.97 -31.91
N THR F 394 -38.21 6.87 -31.18
CA THR F 394 -38.79 6.72 -29.86
C THR F 394 -37.66 6.52 -28.86
N TYR F 395 -37.51 7.46 -27.94
CA TYR F 395 -36.47 7.43 -26.92
C TYR F 395 -37.13 7.08 -25.60
N ASN F 396 -36.90 5.86 -25.13
CA ASN F 396 -37.44 5.42 -23.86
C ASN F 396 -36.67 6.06 -22.73
N ILE F 397 -37.37 6.80 -21.87
CA ILE F 397 -36.71 7.46 -20.73
C ILE F 397 -36.19 6.39 -19.79
N PRO F 398 -34.88 6.37 -19.54
CA PRO F 398 -34.32 5.31 -18.69
C PRO F 398 -34.79 5.42 -17.26
N GLY F 399 -34.79 4.28 -16.56
CA GLY F 399 -35.01 4.29 -15.13
C GLY F 399 -33.82 4.78 -14.34
N ILE F 400 -32.69 5.02 -15.00
CA ILE F 400 -31.50 5.53 -14.32
C ILE F 400 -31.76 6.93 -13.78
N VAL F 401 -32.32 7.81 -14.60
CA VAL F 401 -32.59 9.18 -14.17
C VAL F 401 -33.65 9.21 -13.08
N ASN F 402 -34.65 8.33 -13.17
CA ASN F 402 -35.68 8.20 -12.13
C ASN F 402 -36.45 9.50 -11.90
N ASN F 403 -37.29 9.88 -12.87
CA ASN F 403 -38.21 11.02 -12.81
C ASN F 403 -37.64 12.25 -12.12
N ASN F 404 -36.39 12.58 -12.44
CA ASN F 404 -35.71 13.82 -12.10
C ASN F 404 -35.52 14.66 -13.36
N PRO F 405 -35.53 15.98 -13.24
CA PRO F 405 -35.36 16.82 -14.44
C PRO F 405 -34.00 16.60 -15.06
N PHE F 406 -33.94 16.53 -16.40
CA PHE F 406 -32.66 16.25 -17.03
C PHE F 406 -32.68 16.67 -18.49
N TYR F 407 -31.51 16.58 -19.11
CA TYR F 407 -31.26 17.00 -20.48
C TYR F 407 -30.99 15.79 -21.36
N ILE F 408 -31.43 15.89 -22.61
CA ILE F 408 -31.19 14.88 -23.64
C ILE F 408 -30.47 15.58 -24.78
N LEU F 409 -29.22 15.18 -25.03
CA LEU F 409 -28.41 15.77 -26.09
C LEU F 409 -28.52 14.90 -27.34
N PHE F 410 -28.79 15.54 -28.47
CA PHE F 410 -29.02 14.79 -29.70
C PHE F 410 -28.68 15.65 -30.91
N THR F 411 -28.62 14.98 -32.06
CA THR F 411 -28.42 15.63 -33.35
C THR F 411 -29.39 15.01 -34.35
N VAL F 412 -29.55 15.68 -35.48
CA VAL F 412 -30.54 15.30 -36.49
C VAL F 412 -29.83 14.89 -37.76
N ASN F 413 -30.38 13.90 -38.46
CA ASN F 413 -29.76 13.40 -39.68
C ASN F 413 -30.02 14.33 -40.86
N THR F 414 -31.25 14.80 -41.03
CA THR F 414 -31.62 15.66 -42.15
C THR F 414 -32.25 16.93 -41.61
N THR F 415 -31.73 18.08 -42.04
CA THR F 415 -32.25 19.37 -41.60
C THR F 415 -33.72 19.51 -41.98
N GLY F 416 -34.54 19.91 -41.02
CA GLY F 416 -35.96 20.07 -41.27
C GLY F 416 -36.71 20.34 -39.98
N ILE F 417 -38.04 20.39 -40.11
CA ILE F 417 -38.90 20.63 -38.96
C ILE F 417 -39.21 19.31 -38.28
N TYR F 418 -39.31 19.34 -36.96
CA TYR F 418 -39.58 18.14 -36.19
C TYR F 418 -40.61 18.43 -35.11
N LYS F 419 -41.45 17.42 -34.86
CA LYS F 419 -42.42 17.41 -33.78
C LYS F 419 -41.86 16.53 -32.67
N ILE F 420 -41.74 17.10 -31.48
CA ILE F 420 -41.19 16.42 -30.30
C ILE F 420 -42.25 16.43 -29.22
N ASN F 421 -42.49 15.27 -28.62
CA ASN F 421 -43.45 15.24 -27.52
C ASN F 421 -43.22 14.03 -26.63
N ALA F 422 -43.48 14.21 -25.33
CA ALA F 422 -43.57 13.08 -24.43
C ALA F 422 -44.94 12.43 -24.59
N GLN F 423 -45.19 11.33 -23.88
CA GLN F 423 -46.44 10.61 -24.11
C GLN F 423 -47.62 11.38 -23.55
N ASN F 424 -48.73 11.33 -24.30
CA ASN F 424 -49.93 12.12 -24.04
C ASN F 424 -49.62 13.61 -23.98
N ASN F 425 -48.49 14.02 -24.57
CA ASN F 425 -47.97 15.39 -24.50
C ASN F 425 -47.66 15.79 -23.05
N LEU F 426 -47.38 14.81 -22.20
CA LEU F 426 -47.03 15.04 -20.81
C LEU F 426 -45.69 14.42 -20.49
N PRO F 427 -44.76 15.15 -19.85
CA PRO F 427 -44.87 16.54 -19.44
C PRO F 427 -44.46 17.51 -20.54
N SER F 428 -44.50 18.81 -20.29
CA SER F 428 -43.99 19.76 -21.26
C SER F 428 -42.47 19.73 -21.29
N LEU F 429 -41.92 19.89 -22.49
CA LEU F 429 -40.49 19.88 -22.69
C LEU F 429 -40.01 21.26 -23.12
N LYS F 430 -38.72 21.51 -22.94
CA LYS F 430 -38.06 22.69 -23.47
C LYS F 430 -36.90 22.24 -24.34
N ILE F 431 -36.70 22.93 -25.47
CA ILE F 431 -35.64 22.57 -26.40
C ILE F 431 -34.65 23.73 -26.48
N TYR F 432 -33.36 23.41 -26.33
CA TYR F 432 -32.27 24.35 -26.43
C TYR F 432 -31.36 23.96 -27.59
N GLU F 433 -30.69 24.96 -28.16
CA GLU F 433 -29.65 24.74 -29.16
C GLU F 433 -28.30 25.01 -28.51
N ALA F 434 -27.35 24.10 -28.69
CA ALA F 434 -26.00 24.33 -28.18
C ALA F 434 -25.32 25.40 -29.03
N ILE F 435 -25.02 26.54 -28.41
CA ILE F 435 -24.47 27.67 -29.15
C ILE F 435 -23.09 27.31 -29.68
N GLY F 436 -22.89 27.52 -30.98
CA GLY F 436 -21.61 27.23 -31.58
C GLY F 436 -21.33 25.77 -31.82
N SER F 437 -22.33 24.90 -31.65
CA SER F 437 -22.13 23.48 -31.86
C SER F 437 -22.13 23.14 -33.34
N GLY F 438 -21.49 22.02 -33.67
CA GLY F 438 -21.37 21.58 -35.04
C GLY F 438 -20.38 22.36 -35.88
N ASN F 439 -19.70 23.34 -35.31
CA ASN F 439 -18.72 24.10 -36.06
C ASN F 439 -17.45 23.28 -36.33
N ARG F 440 -16.93 22.62 -35.29
CA ARG F 440 -15.60 22.04 -35.40
C ARG F 440 -15.59 20.57 -35.80
N ASN F 441 -16.09 19.69 -34.93
CA ASN F 441 -16.00 18.26 -35.16
C ASN F 441 -17.36 17.69 -35.51
N PHE F 442 -17.38 16.76 -36.46
CA PHE F 442 -18.63 16.31 -37.04
C PHE F 442 -18.44 14.90 -37.60
N GLN F 443 -19.30 13.99 -37.17
CA GLN F 443 -19.38 12.63 -37.71
C GLN F 443 -20.78 12.44 -38.26
N SER F 444 -20.87 12.13 -39.55
CA SER F 444 -22.17 12.05 -40.20
C SER F 444 -22.97 10.87 -39.65
N GLY F 445 -24.21 11.12 -39.26
CA GLY F 445 -25.06 10.10 -38.71
C GLY F 445 -24.82 9.76 -37.25
N ASN F 446 -23.98 10.53 -36.56
CA ASN F 446 -23.68 10.28 -35.15
C ASN F 446 -23.64 11.59 -34.40
N LEU F 447 -23.43 11.51 -33.10
CA LEU F 447 -23.36 12.67 -32.23
C LEU F 447 -21.92 12.96 -31.85
N CYS F 448 -21.50 14.21 -32.03
CA CYS F 448 -20.19 14.68 -31.60
C CYS F 448 -20.41 15.62 -30.42
N ASP F 449 -20.34 15.07 -29.21
CA ASP F 449 -20.59 15.84 -28.00
C ASP F 449 -19.47 16.87 -27.82
N ASP F 450 -19.80 18.13 -28.06
CA ASP F 450 -18.85 19.23 -27.89
C ASP F 450 -18.73 19.68 -26.43
N ASP F 451 -19.54 19.12 -25.53
CA ASP F 451 -19.58 19.54 -24.13
C ASP F 451 -19.90 21.02 -23.99
N ILE F 452 -20.64 21.57 -24.94
CA ILE F 452 -21.01 22.99 -24.92
C ILE F 452 -22.13 23.16 -23.90
N LYS F 453 -21.83 23.88 -22.82
CA LYS F 453 -22.84 24.17 -21.81
C LYS F 453 -23.61 25.46 -22.09
N ALA F 454 -23.20 26.22 -23.10
CA ALA F 454 -23.93 27.43 -23.49
C ALA F 454 -25.10 27.02 -24.38
N ILE F 455 -26.31 27.40 -23.97
CA ILE F 455 -27.53 26.96 -24.63
C ILE F 455 -28.40 28.16 -24.98
N ASN F 456 -29.14 28.02 -26.08
CA ASN F 456 -30.06 29.05 -26.54
C ASN F 456 -31.47 28.50 -26.45
N TYR F 457 -32.32 29.12 -25.64
CA TYR F 457 -33.69 28.66 -25.47
C TYR F 457 -34.48 28.88 -26.75
N ILE F 458 -34.99 27.80 -27.34
CA ILE F 458 -35.79 27.89 -28.55
C ILE F 458 -37.26 28.05 -28.16
N THR F 459 -37.80 27.05 -27.48
CA THR F 459 -39.18 27.09 -27.02
C THR F 459 -39.38 26.04 -25.93
N GLY F 460 -40.55 26.09 -25.31
CA GLY F 460 -40.91 25.15 -24.27
C GLY F 460 -41.49 25.83 -23.05
N PHE F 461 -42.36 25.12 -22.34
CA PHE F 461 -43.00 25.61 -21.13
C PHE F 461 -42.34 25.03 -19.90
N ASP F 462 -42.19 25.85 -18.86
CA ASP F 462 -41.61 25.38 -17.61
C ASP F 462 -42.60 24.58 -16.79
N SER F 463 -43.90 24.80 -16.97
CA SER F 463 -44.90 24.08 -16.20
C SER F 463 -44.95 22.63 -16.68
N PRO F 464 -44.68 21.66 -15.80
CA PRO F 464 -44.67 20.25 -16.26
C PRO F 464 -46.06 19.64 -16.39
N ASN F 465 -47.09 20.25 -15.79
CA ASN F 465 -48.47 19.79 -15.92
C ASN F 465 -49.11 20.28 -17.21
N ALA F 466 -48.28 20.49 -18.23
CA ALA F 466 -48.67 21.06 -19.51
C ALA F 466 -48.94 19.99 -20.56
N LYS F 467 -50.08 20.09 -21.22
CA LYS F 467 -50.26 19.37 -22.47
C LYS F 467 -49.69 20.24 -23.60
N SER F 468 -48.52 19.87 -24.10
CA SER F 468 -47.89 20.67 -25.15
C SER F 468 -46.94 19.79 -25.95
N TYR F 469 -46.79 20.14 -27.23
CA TYR F 469 -45.84 19.45 -28.09
C TYR F 469 -45.09 20.46 -28.95
N LEU F 470 -43.81 20.21 -29.18
CA LEU F 470 -42.91 21.19 -29.79
C LEU F 470 -42.83 20.97 -31.29
N VAL F 471 -42.95 22.05 -32.05
CA VAL F 471 -42.61 22.06 -33.48
C VAL F 471 -41.42 22.99 -33.64
N VAL F 472 -40.29 22.44 -34.09
CA VAL F 472 -39.03 23.16 -34.07
C VAL F 472 -38.20 22.81 -35.30
N LEU F 473 -37.56 23.81 -35.88
CA LEU F 473 -36.65 23.60 -36.99
C LEU F 473 -35.28 23.18 -36.45
N LEU F 474 -34.83 21.99 -36.85
CA LEU F 474 -33.57 21.42 -36.39
C LEU F 474 -32.63 21.24 -37.56
N ASN F 475 -31.37 21.59 -37.35
CA ASN F 475 -30.33 21.47 -38.37
C ASN F 475 -29.50 20.22 -38.12
N LYS F 476 -29.09 19.57 -39.21
CA LYS F 476 -28.27 18.37 -39.10
C LYS F 476 -26.87 18.68 -38.58
N ASP F 477 -26.43 19.93 -38.67
CA ASP F 477 -25.08 20.33 -38.27
C ASP F 477 -25.06 21.04 -36.92
N LYS F 478 -26.04 20.76 -36.07
CA LYS F 478 -26.14 21.41 -34.76
C LYS F 478 -26.48 20.37 -33.72
N ASN F 479 -26.10 20.66 -32.47
CA ASN F 479 -26.47 19.83 -31.33
C ASN F 479 -27.60 20.50 -30.55
N TYR F 480 -28.55 19.69 -30.09
CA TYR F 480 -29.71 20.22 -29.37
C TYR F 480 -29.89 19.49 -28.06
N TYR F 481 -30.24 20.25 -27.02
CA TYR F 481 -30.59 19.72 -25.72
C TYR F 481 -32.10 19.75 -25.55
N ILE F 482 -32.61 18.76 -24.82
CA ILE F 482 -34.02 18.70 -24.45
C ILE F 482 -34.09 18.60 -22.93
N ARG F 483 -34.55 19.66 -22.29
CA ARG F 483 -34.76 19.65 -20.85
C ARG F 483 -36.19 19.22 -20.59
N VAL F 484 -36.37 18.10 -19.89
CA VAL F 484 -37.66 17.63 -19.45
C VAL F 484 -37.68 17.68 -17.93
N PRO F 485 -38.70 18.26 -17.30
CA PRO F 485 -38.63 18.56 -15.87
C PRO F 485 -38.97 17.37 -14.99
N GLN F 486 -39.07 17.63 -13.69
CA GLN F 486 -39.41 16.62 -12.70
C GLN F 486 -40.83 16.12 -12.93
N THR F 487 -40.95 14.86 -13.33
CA THR F 487 -42.26 14.22 -13.44
C THR F 487 -42.62 13.60 -12.10
N SER F 488 -43.91 13.67 -11.75
CA SER F 488 -44.39 13.22 -10.45
C SER F 488 -44.81 11.77 -10.44
N SER F 489 -44.63 11.04 -11.53
CA SER F 489 -45.17 9.70 -11.65
C SER F 489 -44.07 8.70 -11.98
N ASN F 490 -44.29 7.46 -11.56
CA ASN F 490 -43.40 6.35 -11.88
C ASN F 490 -43.72 5.72 -13.23
N ILE F 491 -44.80 6.13 -13.88
CA ILE F 491 -45.21 5.50 -15.12
C ILE F 491 -44.14 5.72 -16.19
N GLU F 492 -43.98 4.73 -17.07
CA GLU F 492 -43.00 4.81 -18.14
C GLU F 492 -43.37 5.95 -19.10
N ASN F 493 -42.35 6.69 -19.53
CA ASN F 493 -42.55 7.80 -20.45
C ASN F 493 -41.53 7.71 -21.57
N GLN F 494 -41.92 8.18 -22.75
CA GLN F 494 -41.08 8.14 -23.94
C GLN F 494 -41.11 9.49 -24.64
N ILE F 495 -40.01 9.80 -25.33
CA ILE F 495 -39.90 11.00 -26.15
C ILE F 495 -40.03 10.59 -27.60
N GLN F 496 -40.93 11.26 -28.33
CA GLN F 496 -41.22 10.94 -29.72
C GLN F 496 -40.72 12.07 -30.59
N PHE F 497 -39.85 11.74 -31.53
CA PHE F 497 -39.40 12.63 -32.60
C PHE F 497 -40.06 12.19 -33.90
N LYS F 498 -40.72 13.12 -34.59
CA LYS F 498 -41.29 12.83 -35.90
C LYS F 498 -40.95 13.96 -36.87
N ARG F 499 -40.38 13.61 -38.01
CA ARG F 499 -40.05 14.60 -39.04
C ARG F 499 -41.33 15.01 -39.75
N GLU F 500 -41.73 16.27 -39.55
CA GLU F 500 -43.00 16.75 -40.10
C GLU F 500 -42.84 17.13 -41.56
N GLU F 501 -43.63 16.51 -42.43
CA GLU F 501 -43.66 16.81 -43.84
C GLU F 501 -44.91 17.54 -44.30
N GLY F 502 -46.01 17.41 -43.56
CA GLY F 502 -47.27 18.03 -43.93
C GLY F 502 -47.41 19.43 -43.38
N ASP F 503 -48.58 19.75 -42.82
CA ASP F 503 -48.89 21.10 -42.41
C ASP F 503 -48.51 21.41 -40.96
N LEU F 504 -47.96 20.44 -40.22
CA LEU F 504 -47.42 20.82 -38.92
C LEU F 504 -46.21 21.72 -39.09
N ARG F 505 -45.59 21.71 -40.28
CA ARG F 505 -44.52 22.65 -40.58
C ARG F 505 -44.98 24.10 -40.46
N ASN F 506 -46.29 24.36 -40.53
CA ASN F 506 -46.71 25.74 -40.38
C ASN F 506 -46.56 26.25 -38.95
N LEU F 507 -46.04 25.45 -38.01
CA LEU F 507 -46.03 25.83 -36.60
C LEU F 507 -44.63 26.08 -36.03
N MET F 508 -43.65 26.40 -36.88
CA MET F 508 -42.28 26.60 -36.41
C MET F 508 -42.04 28.06 -36.06
N ASN F 509 -41.32 28.29 -34.96
CA ASN F 509 -41.01 27.29 -33.95
C ASN F 509 -41.83 27.61 -32.71
N SER F 510 -42.60 26.66 -32.20
CA SER F 510 -43.43 26.96 -31.05
C SER F 510 -43.84 25.69 -30.34
N SER F 511 -44.24 25.86 -29.08
CA SER F 511 -44.87 24.81 -28.30
C SER F 511 -46.38 24.96 -28.43
N VAL F 512 -47.04 23.94 -28.96
CA VAL F 512 -48.48 23.97 -29.17
C VAL F 512 -49.15 23.40 -27.93
N ASN F 513 -50.10 24.16 -27.39
CA ASN F 513 -50.83 23.82 -26.17
C ASN F 513 -52.04 22.96 -26.52
N ILE F 514 -52.17 21.82 -25.85
CA ILE F 514 -53.35 20.98 -26.00
C ILE F 514 -54.36 21.39 -24.93
N ILE F 515 -55.55 21.78 -25.38
CA ILE F 515 -56.59 22.32 -24.51
C ILE F 515 -57.66 21.25 -24.32
N ASP F 516 -57.93 20.89 -23.07
CA ASP F 516 -58.88 19.83 -22.75
C ASP F 516 -60.11 20.31 -21.98
N ASN F 517 -59.99 21.36 -21.17
CA ASN F 517 -61.10 21.84 -20.37
C ASN F 517 -62.02 22.81 -21.13
N LEU F 518 -61.98 22.76 -22.46
CA LEU F 518 -62.89 23.56 -23.28
C LEU F 518 -64.13 22.73 -23.65
N ASN F 519 -64.88 22.35 -22.61
CA ASN F 519 -66.03 21.48 -22.76
C ASN F 519 -67.37 22.18 -22.51
N SER F 520 -67.36 23.43 -22.07
CA SER F 520 -68.58 24.17 -21.78
C SER F 520 -68.57 25.49 -22.53
N THR F 521 -69.73 26.15 -22.53
CA THR F 521 -69.89 27.45 -23.17
C THR F 521 -69.72 28.54 -22.11
N GLY F 522 -68.78 29.44 -22.35
CA GLY F 522 -68.52 30.51 -21.39
C GLY F 522 -67.13 31.08 -21.60
N ALA F 523 -66.59 31.64 -20.52
CA ALA F 523 -65.28 32.30 -20.56
C ALA F 523 -64.21 31.32 -20.11
N HIS F 524 -63.19 31.15 -20.96
CA HIS F 524 -62.05 30.30 -20.65
C HIS F 524 -60.77 31.08 -20.94
N TYR F 525 -59.87 31.14 -19.96
CA TYR F 525 -58.60 31.82 -20.12
C TYR F 525 -57.48 30.87 -19.73
N TYR F 526 -56.39 30.91 -20.49
CA TYR F 526 -55.24 30.05 -20.27
C TYR F 526 -53.99 30.90 -20.13
N THR F 527 -53.28 30.73 -19.02
CA THR F 527 -52.11 31.53 -18.68
C THR F 527 -50.86 30.72 -18.94
N ARG F 528 -50.00 31.20 -19.82
CA ARG F 528 -48.75 30.54 -20.11
C ARG F 528 -47.61 31.55 -20.09
N GLN F 529 -46.38 31.04 -20.04
CA GLN F 529 -45.22 31.92 -20.03
C GLN F 529 -45.04 32.55 -21.41
N SER F 530 -45.01 33.88 -21.44
CA SER F 530 -45.04 34.59 -22.72
C SER F 530 -43.73 34.44 -23.46
N PRO F 531 -43.74 34.06 -24.73
CA PRO F 531 -42.52 34.07 -25.53
C PRO F 531 -42.08 35.51 -25.84
N ASP F 532 -40.82 35.64 -26.22
CA ASP F 532 -40.26 36.94 -26.55
C ASP F 532 -40.91 37.49 -27.81
N VAL F 533 -40.61 38.76 -28.10
CA VAL F 533 -41.15 39.39 -29.29
C VAL F 533 -40.64 38.66 -30.53
N HIS F 534 -41.51 38.55 -31.53
CA HIS F 534 -41.23 37.82 -32.78
C HIS F 534 -41.03 36.32 -32.55
N ASP F 535 -41.43 35.81 -31.39
CA ASP F 535 -41.49 34.39 -31.12
C ASP F 535 -42.94 33.92 -31.12
N TYR F 536 -43.12 32.60 -31.16
CA TYR F 536 -44.43 32.02 -31.40
C TYR F 536 -44.86 31.15 -30.23
N ILE F 537 -46.17 31.09 -30.02
CA ILE F 537 -46.80 30.15 -29.10
C ILE F 537 -48.12 29.68 -29.73
N SER F 538 -48.36 28.38 -29.67
CA SER F 538 -49.52 27.80 -30.36
C SER F 538 -50.46 27.12 -29.37
N TYR F 539 -51.75 27.19 -29.68
CA TYR F 539 -52.80 26.57 -28.88
C TYR F 539 -53.65 25.69 -29.77
N GLU F 540 -53.74 24.40 -29.44
CA GLU F 540 -54.63 23.48 -30.13
C GLU F 540 -55.84 23.22 -29.24
N PHE F 541 -57.03 23.51 -29.77
CA PHE F 541 -58.25 23.50 -28.97
C PHE F 541 -59.41 22.99 -29.80
N THR F 542 -60.35 22.33 -29.13
CA THR F 542 -61.53 21.75 -29.76
C THR F 542 -62.78 22.48 -29.29
N ILE F 543 -63.60 22.93 -30.24
CA ILE F 543 -64.84 23.62 -29.91
C ILE F 543 -65.80 22.65 -29.23
N PRO F 544 -66.36 22.99 -28.08
CA PRO F 544 -67.27 22.05 -27.39
C PRO F 544 -68.53 21.79 -28.19
N GLY F 545 -69.06 20.59 -28.03
CA GLY F 545 -70.29 20.18 -28.68
C GLY F 545 -70.06 19.05 -29.68
N ASN F 546 -71.16 18.46 -30.11
CA ASN F 546 -71.12 17.38 -31.08
C ASN F 546 -70.87 17.93 -32.48
N PHE F 547 -70.01 17.26 -33.23
CA PHE F 547 -69.61 17.71 -34.56
C PHE F 547 -70.56 17.11 -35.60
N ASN F 548 -71.42 17.95 -36.18
CA ASN F 548 -72.32 17.53 -37.25
C ASN F 548 -72.22 18.44 -38.47
N ASN F 549 -71.14 19.24 -38.58
CA ASN F 549 -70.86 20.08 -39.75
C ASN F 549 -71.78 21.30 -39.75
N LYS F 550 -72.86 21.27 -38.99
CA LYS F 550 -73.84 22.33 -39.11
C LYS F 550 -73.89 23.23 -37.89
N ASP F 551 -73.73 22.69 -36.69
CA ASP F 551 -73.77 23.51 -35.49
C ASP F 551 -72.57 24.44 -35.44
N THR F 552 -72.81 25.69 -35.05
CA THR F 552 -71.77 26.70 -34.97
C THR F 552 -71.88 27.43 -33.64
N SER F 553 -70.73 27.87 -33.13
CA SER F 553 -70.64 28.66 -31.91
C SER F 553 -69.79 29.89 -32.17
N ASN F 554 -70.16 30.99 -31.54
CA ASN F 554 -69.51 32.28 -31.75
C ASN F 554 -68.33 32.40 -30.78
N ILE F 555 -67.11 32.44 -31.32
CA ILE F 555 -65.88 32.41 -30.56
C ILE F 555 -65.25 33.79 -30.59
N ARG F 556 -64.76 34.23 -29.43
CA ARG F 556 -64.00 35.46 -29.28
C ARG F 556 -62.65 35.12 -28.68
N LEU F 557 -61.58 35.43 -29.40
CA LEU F 557 -60.22 35.13 -29.00
C LEU F 557 -59.49 36.43 -28.70
N TYR F 558 -58.86 36.52 -27.54
CA TYR F 558 -58.07 37.72 -27.25
C TYR F 558 -57.02 37.42 -26.20
N THR F 559 -56.21 38.42 -25.87
CA THR F 559 -55.23 38.33 -24.79
C THR F 559 -55.43 39.48 -23.81
N SER F 560 -54.83 39.33 -22.63
CA SER F 560 -55.01 40.31 -21.57
C SER F 560 -54.09 41.51 -21.74
N TYR F 561 -52.77 41.27 -21.70
CA TYR F 561 -51.81 42.38 -21.64
C TYR F 561 -50.82 42.42 -22.80
N ASN F 562 -50.49 41.30 -23.43
CA ASN F 562 -49.51 41.28 -24.51
C ASN F 562 -50.22 41.30 -25.86
N GLN F 563 -49.78 42.20 -26.74
CA GLN F 563 -50.31 42.28 -28.09
C GLN F 563 -49.57 41.33 -29.01
N GLY F 564 -50.32 40.68 -29.89
CA GLY F 564 -49.72 39.75 -30.83
C GLY F 564 -50.56 39.62 -32.08
N ILE F 565 -49.94 39.07 -33.11
CA ILE F 565 -50.62 38.76 -34.37
C ILE F 565 -50.91 37.27 -34.36
N GLY F 566 -52.18 36.91 -34.52
CA GLY F 566 -52.62 35.54 -34.46
C GLY F 566 -53.04 35.05 -35.83
N THR F 567 -52.90 33.74 -36.04
CA THR F 567 -53.41 33.09 -37.24
C THR F 567 -54.11 31.81 -36.83
N LEU F 568 -55.32 31.60 -37.35
CA LEU F 568 -56.17 30.45 -37.05
C LEU F 568 -56.04 29.42 -38.16
N PHE F 569 -55.92 28.16 -37.77
CA PHE F 569 -55.92 27.03 -38.69
C PHE F 569 -57.04 26.09 -38.32
N ARG F 570 -57.81 25.68 -39.32
CA ARG F 570 -58.79 24.62 -39.17
C ARG F 570 -58.08 23.27 -39.34
N VAL F 571 -58.16 22.42 -38.32
CA VAL F 571 -57.38 21.18 -38.29
C VAL F 571 -58.29 20.01 -38.61
N THR F 572 -58.02 19.35 -39.73
CA THR F 572 -58.72 18.13 -40.13
C THR F 572 -57.71 17.01 -40.18
N GLU F 573 -57.83 16.05 -39.25
CA GLU F 573 -56.89 14.93 -39.21
C GLU F 573 -57.16 14.02 -40.41
N THR F 574 -56.27 14.09 -41.40
CA THR F 574 -56.38 13.27 -42.59
C THR F 574 -55.65 11.96 -42.37
N ILE F 575 -55.53 11.15 -43.44
CA ILE F 575 -54.82 9.88 -43.35
C ILE F 575 -53.31 10.05 -43.43
N ASP F 576 -52.83 11.24 -43.79
CA ASP F 576 -51.41 11.52 -43.89
C ASP F 576 -50.91 12.38 -42.72
N GLY F 577 -51.66 12.42 -41.62
CA GLY F 577 -51.33 13.30 -40.51
C GLY F 577 -52.37 14.38 -40.34
N TYR F 578 -51.95 15.56 -39.91
CA TYR F 578 -52.85 16.69 -39.71
C TYR F 578 -52.86 17.58 -40.94
N ASN F 579 -53.98 18.28 -41.13
CA ASN F 579 -54.14 19.23 -42.22
C ASN F 579 -54.62 20.55 -41.65
N LEU F 580 -53.90 21.63 -41.97
CA LEU F 580 -54.22 22.95 -41.44
C LEU F 580 -54.67 23.85 -42.58
N ILE F 581 -55.86 24.43 -42.45
CA ILE F 581 -56.42 25.34 -43.44
C ILE F 581 -56.43 26.73 -42.81
N ASN F 582 -55.67 27.65 -43.41
CA ASN F 582 -55.58 29.01 -42.91
C ASN F 582 -56.91 29.72 -43.15
N ILE F 583 -57.63 30.04 -42.07
CA ILE F 583 -58.95 30.66 -42.18
C ILE F 583 -59.02 32.04 -41.53
N GLN F 584 -57.93 32.53 -40.94
CA GLN F 584 -58.00 33.81 -40.22
C GLN F 584 -56.57 34.30 -40.00
N GLN F 585 -56.27 35.51 -40.49
CA GLN F 585 -54.91 36.06 -40.42
C GLN F 585 -54.95 37.50 -39.95
N ASN F 586 -53.79 37.98 -39.50
CA ASN F 586 -53.60 39.36 -39.02
C ASN F 586 -54.49 39.65 -37.82
N LEU F 587 -54.44 38.75 -36.84
CA LEU F 587 -55.34 38.81 -35.68
C LEU F 587 -54.66 39.61 -34.58
N HIS F 588 -55.12 40.85 -34.39
CA HIS F 588 -54.64 41.70 -33.31
C HIS F 588 -55.38 41.30 -32.04
N LEU F 589 -54.71 40.48 -31.21
CA LEU F 589 -55.40 39.80 -30.12
C LEU F 589 -55.57 40.65 -28.87
N LEU F 590 -54.79 41.72 -28.71
CA LEU F 590 -54.83 42.50 -27.49
C LEU F 590 -56.19 43.17 -27.36
N ASN F 591 -57.00 42.69 -26.42
CA ASN F 591 -58.35 43.20 -26.18
C ASN F 591 -59.18 43.17 -27.46
N ASN F 592 -59.08 42.08 -28.20
CA ASN F 592 -59.82 41.93 -29.44
C ASN F 592 -61.31 41.71 -29.14
N THR F 593 -62.15 42.55 -29.73
CA THR F 593 -63.60 42.46 -29.55
C THR F 593 -64.28 41.76 -30.73
N ASN F 594 -63.60 41.59 -31.85
CA ASN F 594 -64.19 40.91 -33.00
C ASN F 594 -64.37 39.42 -32.69
N SER F 595 -65.34 38.81 -33.36
CA SER F 595 -65.69 37.42 -33.13
C SER F 595 -65.84 36.68 -34.45
N ILE F 596 -65.69 35.36 -34.38
CA ILE F 596 -65.75 34.48 -35.54
C ILE F 596 -66.53 33.23 -35.17
N ARG F 597 -67.39 32.76 -36.06
CA ARG F 597 -68.19 31.57 -35.79
C ARG F 597 -67.42 30.33 -36.25
N LEU F 598 -67.36 29.33 -35.37
CA LEU F 598 -66.61 28.11 -35.62
C LEU F 598 -67.49 26.89 -35.42
N LEU F 599 -67.16 25.82 -36.13
CA LEU F 599 -67.96 24.59 -36.06
C LEU F 599 -67.81 23.91 -34.72
N ASN F 600 -68.93 23.47 -34.16
CA ASN F 600 -68.91 22.69 -32.93
C ASN F 600 -68.26 21.33 -33.17
N GLY F 601 -67.40 20.92 -32.24
CA GLY F 601 -66.74 19.63 -32.34
C GLY F 601 -65.53 19.60 -33.25
N ALA F 602 -65.12 20.73 -33.82
CA ALA F 602 -63.98 20.80 -34.71
C ALA F 602 -62.72 21.22 -33.95
N ILE F 603 -61.57 20.89 -34.53
CA ILE F 603 -60.28 21.20 -33.94
C ILE F 603 -59.68 22.41 -34.65
N TYR F 604 -59.12 23.33 -33.87
CA TYR F 604 -58.49 24.52 -34.42
C TYR F 604 -57.16 24.73 -33.71
N ILE F 605 -56.25 25.43 -34.39
CA ILE F 605 -54.95 25.77 -33.84
C ILE F 605 -54.71 27.25 -34.05
N LEU F 606 -54.52 27.99 -32.97
CA LEU F 606 -54.20 29.41 -33.03
C LEU F 606 -52.72 29.60 -32.77
N LYS F 607 -52.00 30.16 -33.73
CA LYS F 607 -50.61 30.53 -33.58
C LYS F 607 -50.51 32.02 -33.29
N VAL F 608 -49.85 32.37 -32.19
CA VAL F 608 -49.72 33.74 -31.73
C VAL F 608 -48.25 34.13 -31.82
N GLU F 609 -47.98 35.19 -32.58
CA GLU F 609 -46.66 35.80 -32.63
C GLU F 609 -46.68 37.07 -31.78
N VAL F 610 -45.86 37.10 -30.74
CA VAL F 610 -45.86 38.24 -29.83
C VAL F 610 -45.23 39.45 -30.51
N THR F 611 -45.94 40.58 -30.49
CA THR F 611 -45.43 41.82 -31.06
C THR F 611 -45.06 42.84 -30.00
N GLU F 612 -45.82 42.92 -28.91
CA GLU F 612 -45.51 43.79 -27.79
C GLU F 612 -45.45 42.95 -26.52
N LEU F 613 -44.37 43.12 -25.76
CA LEU F 613 -44.10 42.32 -24.56
C LEU F 613 -44.37 43.19 -23.34
N ASN F 614 -45.52 42.99 -22.71
CA ASN F 614 -45.95 43.81 -21.58
C ASN F 614 -46.14 43.02 -20.29
N ASN F 615 -46.09 41.70 -20.34
CA ASN F 615 -46.28 40.88 -19.15
C ASN F 615 -45.52 39.57 -19.32
N TYR F 616 -44.99 39.05 -18.20
CA TYR F 616 -44.25 37.80 -18.26
C TYR F 616 -45.11 36.64 -18.73
N ASN F 617 -46.41 36.71 -18.46
CA ASN F 617 -47.36 35.68 -18.88
C ASN F 617 -48.30 36.24 -19.95
N ILE F 618 -48.77 35.34 -20.80
CA ILE F 618 -49.82 35.65 -21.78
C ILE F 618 -51.06 34.86 -21.38
N ARG F 619 -52.19 35.56 -21.32
CA ARG F 619 -53.48 34.96 -21.00
C ARG F 619 -54.33 34.97 -22.27
N LEU F 620 -54.48 33.80 -22.88
CA LEU F 620 -55.35 33.65 -24.04
C LEU F 620 -56.77 33.37 -23.55
N HIS F 621 -57.68 34.28 -23.86
CA HIS F 621 -59.09 34.15 -23.52
C HIS F 621 -59.85 33.63 -24.72
N ILE F 622 -60.52 32.48 -24.55
CA ILE F 622 -61.43 31.88 -25.51
C ILE F 622 -62.82 31.98 -24.91
N ASP F 623 -63.59 32.97 -25.34
CA ASP F 623 -64.96 33.11 -24.92
C ASP F 623 -65.88 32.50 -25.97
N ILE F 624 -66.79 31.63 -25.53
CA ILE F 624 -67.66 30.90 -26.44
C ILE F 624 -69.10 31.21 -26.07
N THR F 625 -69.88 31.61 -27.06
CA THR F 625 -71.32 31.77 -26.93
C THR F 625 -72.03 30.72 -27.79
N ASN F 626 -73.35 30.73 -27.73
CA ASN F 626 -74.17 29.73 -28.40
C ASN F 626 -73.80 28.32 -27.93
N VAL G 16 46.34 48.13 -58.68
CA VAL G 16 46.86 49.40 -59.18
C VAL G 16 46.94 50.40 -58.02
N ILE G 17 46.15 50.16 -56.97
CA ILE G 17 46.04 51.07 -55.83
C ILE G 17 46.87 50.53 -54.67
N ASN G 18 47.65 51.42 -54.05
CA ASN G 18 48.69 51.06 -53.09
C ASN G 18 48.36 51.58 -51.70
N TYR G 19 48.66 50.77 -50.68
CA TYR G 19 48.62 51.22 -49.30
C TYR G 19 50.06 51.41 -48.84
N SER G 20 50.38 52.62 -48.38
CA SER G 20 51.75 53.01 -48.04
C SER G 20 51.91 52.95 -46.52
N ASP G 21 52.92 52.20 -46.07
CA ASP G 21 53.12 51.89 -44.68
C ASP G 21 54.10 52.81 -43.96
N THR G 22 54.58 53.86 -44.61
CA THR G 22 55.39 54.85 -43.90
C THR G 22 54.48 55.78 -43.11
N ILE G 23 54.91 56.15 -41.90
CA ILE G 23 54.18 57.09 -41.06
C ILE G 23 55.19 58.04 -40.44
N ASP G 24 54.74 59.27 -40.18
CA ASP G 24 55.62 60.30 -39.63
C ASP G 24 55.54 60.30 -38.11
N LEU G 25 56.03 59.21 -37.54
CA LEU G 25 56.10 59.02 -36.09
C LEU G 25 57.50 58.57 -35.72
N ALA G 26 57.83 58.70 -34.43
CA ALA G 26 59.13 58.26 -33.95
C ALA G 26 59.22 56.74 -33.98
N ASP G 27 60.40 56.22 -33.69
CA ASP G 27 60.62 54.78 -33.67
C ASP G 27 60.12 54.18 -32.36
N GLY G 28 59.37 53.09 -32.46
CA GLY G 28 58.85 52.44 -31.26
C GLY G 28 57.61 51.62 -31.59
N ASN G 29 56.77 51.44 -30.57
CA ASN G 29 55.53 50.69 -30.67
C ASN G 29 54.36 51.58 -30.27
N TYR G 30 53.26 51.48 -31.00
CA TYR G 30 52.18 52.45 -30.90
C TYR G 30 50.82 51.75 -30.89
N VAL G 31 49.97 52.15 -29.94
CA VAL G 31 48.57 51.74 -29.92
C VAL G 31 47.75 52.82 -30.62
N VAL G 32 46.94 52.41 -31.60
CA VAL G 32 46.17 53.35 -32.41
C VAL G 32 44.71 52.94 -32.40
N ARG G 33 43.83 53.88 -32.12
CA ARG G 33 42.40 53.73 -32.40
C ARG G 33 42.13 54.31 -33.77
N ARG G 34 41.61 53.49 -34.67
CA ARG G 34 41.35 53.88 -36.05
C ARG G 34 39.93 54.37 -36.27
N GLY G 35 39.10 54.41 -35.24
CA GLY G 35 37.78 55.01 -35.32
C GLY G 35 36.67 53.98 -35.25
N ASP G 36 35.44 54.50 -35.21
CA ASP G 36 34.23 53.70 -35.16
C ASP G 36 33.69 53.50 -36.57
N GLY G 37 32.82 52.50 -36.70
CA GLY G 37 32.13 52.27 -37.96
C GLY G 37 32.94 51.51 -38.99
N TRP G 38 33.53 50.38 -38.59
CA TRP G 38 34.27 49.52 -39.51
C TRP G 38 33.44 48.30 -39.82
N ILE G 39 33.27 48.02 -41.11
CA ILE G 39 32.57 46.82 -41.56
C ILE G 39 33.58 45.90 -42.21
N LEU G 40 33.34 44.60 -42.11
CA LEU G 40 34.30 43.59 -42.54
C LEU G 40 33.92 43.02 -43.89
N SER G 41 34.92 42.42 -44.55
CA SER G 41 34.71 41.85 -45.86
C SER G 41 33.90 40.56 -45.77
N ARG G 42 33.01 40.37 -46.74
CA ARG G 42 32.24 39.15 -46.97
C ARG G 42 31.23 38.86 -45.85
N GLN G 43 31.16 39.69 -44.81
CA GLN G 43 30.27 39.46 -43.69
C GLN G 43 29.04 40.34 -43.73
N ASN G 44 28.72 40.91 -44.89
CA ASN G 44 27.63 41.87 -45.00
C ASN G 44 26.29 41.25 -44.64
N GLN G 45 25.88 40.23 -45.41
CA GLN G 45 24.55 39.65 -45.30
C GLN G 45 24.51 38.40 -44.41
N ILE G 46 25.56 38.15 -43.61
CA ILE G 46 25.56 36.97 -42.75
C ILE G 46 24.64 37.11 -41.55
N LEU G 47 24.00 38.27 -41.36
CA LEU G 47 23.04 38.45 -40.28
C LEU G 47 21.60 38.30 -40.71
N GLY G 48 21.32 38.32 -42.01
CA GLY G 48 19.97 38.21 -42.53
C GLY G 48 19.39 39.58 -42.89
N GLY G 49 18.27 39.53 -43.62
CA GLY G 49 17.64 40.74 -44.08
C GLY G 49 16.13 40.63 -44.01
N SER G 50 15.49 41.80 -44.03
CA SER G 50 14.04 41.93 -44.01
C SER G 50 13.54 42.53 -45.31
N VAL G 51 12.41 42.00 -45.79
CA VAL G 51 11.76 42.47 -47.01
C VAL G 51 10.40 43.02 -46.60
N ILE G 52 10.20 44.33 -46.78
CA ILE G 52 8.93 44.96 -46.48
C ILE G 52 8.34 45.47 -47.79
N SER G 53 7.05 45.76 -47.77
CA SER G 53 6.34 46.07 -49.01
C SER G 53 5.18 47.01 -48.76
N ASN G 54 5.04 48.00 -49.65
CA ASN G 54 3.81 48.78 -49.83
C ASN G 54 3.38 49.47 -48.53
N GLY G 55 4.23 50.41 -48.09
CA GLY G 55 3.86 51.28 -46.99
C GLY G 55 4.07 50.71 -45.61
N SER G 56 4.67 49.53 -45.49
CA SER G 56 4.97 48.95 -44.19
C SER G 56 6.32 49.46 -43.69
N THR G 57 6.48 49.42 -42.37
CA THR G 57 7.70 49.87 -41.71
C THR G 57 8.45 48.66 -41.17
N GLY G 58 9.69 48.48 -41.62
CA GLY G 58 10.55 47.43 -41.13
C GLY G 58 11.56 47.98 -40.13
N ILE G 59 11.64 47.32 -38.98
CA ILE G 59 12.54 47.71 -37.90
C ILE G 59 13.43 46.53 -37.60
N VAL G 60 14.74 46.72 -37.74
CA VAL G 60 15.70 45.67 -37.40
C VAL G 60 16.60 46.19 -36.29
N GLY G 61 17.14 45.27 -35.50
CA GLY G 61 17.96 45.70 -34.38
C GLY G 61 18.64 44.53 -33.74
N ASP G 62 19.37 44.83 -32.67
CA ASP G 62 20.10 43.79 -31.94
C ASP G 62 20.33 44.28 -30.52
N LEU G 63 19.60 43.72 -29.56
CA LEU G 63 19.91 43.90 -28.15
C LEU G 63 20.43 42.59 -27.58
N ARG G 64 21.48 42.69 -26.77
CA ARG G 64 22.23 41.53 -26.32
C ARG G 64 22.43 41.61 -24.80
N VAL G 65 21.52 40.96 -24.06
CA VAL G 65 21.79 40.68 -22.66
C VAL G 65 23.08 39.89 -22.54
N ASN G 66 23.29 38.96 -23.47
CA ASN G 66 24.46 38.11 -23.54
C ASN G 66 25.71 38.96 -23.46
N ASP G 67 26.40 38.87 -22.33
CA ASP G 67 27.63 39.60 -22.13
C ASP G 67 28.63 39.24 -23.21
N ASN G 68 28.97 40.22 -24.04
CA ASN G 68 30.05 40.22 -25.03
C ASN G 68 29.65 39.65 -26.39
N ALA G 69 30.24 40.23 -27.42
CA ALA G 69 30.38 39.61 -28.73
C ALA G 69 31.87 39.41 -28.96
N ILE G 70 32.21 38.33 -29.65
CA ILE G 70 33.62 37.97 -29.72
C ILE G 70 34.39 39.04 -30.48
N PRO G 71 35.58 39.45 -30.02
CA PRO G 71 36.41 40.35 -30.81
C PRO G 71 37.33 39.59 -31.75
N TYR G 72 37.57 40.19 -32.91
CA TYR G 72 38.39 39.57 -33.95
C TYR G 72 39.85 40.02 -33.76
N TYR G 73 40.70 39.09 -33.32
CA TYR G 73 42.12 39.33 -33.18
C TYR G 73 42.83 38.99 -34.48
N TYR G 74 43.86 39.77 -34.82
CA TYR G 74 44.75 39.46 -35.93
C TYR G 74 46.14 39.88 -35.49
N PRO G 75 46.82 39.03 -34.73
CA PRO G 75 48.08 39.45 -34.11
C PRO G 75 49.31 39.12 -34.94
N THR G 76 50.47 39.57 -34.46
CA THR G 76 51.75 39.43 -35.15
C THR G 76 52.73 38.73 -34.21
N PRO G 77 53.90 38.31 -34.70
CA PRO G 77 54.89 37.70 -33.78
C PRO G 77 55.26 38.59 -32.61
N SER G 78 55.38 39.91 -32.85
CA SER G 78 55.77 40.82 -31.78
C SER G 78 54.63 41.09 -30.81
N PHE G 79 53.41 41.24 -31.33
CA PHE G 79 52.26 41.67 -30.53
C PHE G 79 51.27 40.52 -30.45
N ASN G 80 51.24 39.86 -29.30
CA ASN G 80 50.29 38.79 -29.09
C ASN G 80 48.98 39.33 -28.50
N GLU G 81 48.03 38.43 -28.30
CA GLU G 81 46.71 38.81 -27.80
C GLU G 81 46.80 39.40 -26.41
N GLU G 82 47.63 38.82 -25.55
CA GLU G 82 47.84 39.41 -24.23
C GLU G 82 48.37 40.84 -24.37
N TYR G 83 49.39 41.02 -25.21
CA TYR G 83 49.94 42.35 -25.45
C TYR G 83 48.87 43.30 -25.99
N ILE G 84 48.18 42.88 -27.06
CA ILE G 84 47.19 43.75 -27.69
C ILE G 84 46.10 44.11 -26.69
N LYS G 85 45.50 43.10 -26.06
CA LYS G 85 44.38 43.33 -25.16
C LYS G 85 44.78 44.22 -23.99
N ASN G 86 45.92 43.93 -23.36
CA ASN G 86 46.36 44.72 -22.23
C ASN G 86 46.57 46.18 -22.63
N ASN G 87 47.22 46.42 -23.76
CA ASN G 87 47.50 47.79 -24.14
C ASN G 87 46.23 48.54 -24.55
N ILE G 88 45.35 47.89 -25.32
CA ILE G 88 44.11 48.57 -25.74
C ILE G 88 43.26 48.90 -24.53
N GLN G 89 43.12 47.97 -23.59
CA GLN G 89 42.30 48.27 -22.42
C GLN G 89 42.96 49.27 -21.49
N THR G 90 44.30 49.30 -21.44
CA THR G 90 44.99 50.29 -20.62
C THR G 90 44.77 51.69 -21.16
N VAL G 91 44.91 51.88 -22.47
CA VAL G 91 44.73 53.20 -23.05
C VAL G 91 43.27 53.48 -23.37
N PHE G 92 42.62 52.57 -24.09
CA PHE G 92 41.28 52.76 -24.61
C PHE G 92 40.26 52.03 -23.75
N THR G 93 39.03 51.94 -24.27
CA THR G 93 37.92 51.32 -23.57
C THR G 93 38.28 49.94 -23.03
N ASN G 94 37.91 49.71 -21.77
CA ASN G 94 38.13 48.42 -21.11
C ASN G 94 37.10 47.44 -21.65
N PHE G 95 37.35 46.95 -22.87
CA PHE G 95 36.32 46.24 -23.62
C PHE G 95 35.95 44.90 -22.98
N THR G 96 36.90 44.24 -22.31
CA THR G 96 36.62 42.91 -21.75
C THR G 96 35.47 42.96 -20.76
N GLU G 97 35.53 43.88 -19.81
CA GLU G 97 34.45 44.02 -18.83
C GLU G 97 33.28 44.85 -19.36
N ALA G 98 33.57 45.83 -20.23
CA ALA G 98 32.50 46.67 -20.77
C ALA G 98 31.59 45.89 -21.71
N ASN G 99 32.04 44.75 -22.22
CA ASN G 99 31.17 43.89 -23.03
C ASN G 99 30.13 43.17 -22.18
N GLN G 100 30.27 43.17 -20.86
CA GLN G 100 29.28 42.53 -20.00
C GLN G 100 28.00 43.34 -19.93
N ILE G 101 28.10 44.66 -19.93
CA ILE G 101 26.93 45.53 -19.86
C ILE G 101 26.14 45.36 -21.16
N PRO G 102 24.82 45.47 -21.13
CA PRO G 102 24.02 45.26 -22.35
C PRO G 102 24.23 46.38 -23.35
N ILE G 103 23.80 46.12 -24.58
CA ILE G 103 23.87 47.09 -25.67
C ILE G 103 22.73 46.80 -26.63
N GLY G 104 22.31 47.83 -27.37
CA GLY G 104 21.21 47.67 -28.30
C GLY G 104 21.11 48.84 -29.25
N PHE G 105 20.40 48.60 -30.36
CA PHE G 105 20.19 49.62 -31.37
C PHE G 105 19.03 49.16 -32.26
N GLU G 106 18.54 50.09 -33.09
CA GLU G 106 17.48 49.76 -34.02
C GLU G 106 17.55 50.69 -35.22
N PHE G 107 17.02 50.21 -36.34
CA PHE G 107 16.91 50.95 -37.59
C PHE G 107 15.51 50.75 -38.15
N SER G 108 14.85 51.85 -38.51
CA SER G 108 13.49 51.84 -39.02
C SER G 108 13.49 52.39 -40.44
N LYS G 109 12.85 51.66 -41.36
CA LYS G 109 12.68 52.13 -42.72
C LYS G 109 11.23 51.92 -43.16
N THR G 110 10.77 52.76 -44.06
CA THR G 110 9.40 52.71 -44.55
C THR G 110 9.43 52.39 -46.04
N ALA G 111 8.79 51.29 -46.41
CA ALA G 111 8.67 50.97 -47.82
C ALA G 111 7.69 51.94 -48.48
N PRO G 112 8.01 52.45 -49.66
CA PRO G 112 7.06 53.31 -50.39
C PRO G 112 5.93 52.50 -51.01
N SER G 113 4.87 53.20 -51.41
CA SER G 113 3.63 52.56 -51.81
C SER G 113 3.79 51.79 -53.12
N ASN G 114 3.29 50.55 -53.14
CA ASN G 114 3.35 49.70 -54.33
C ASN G 114 4.78 49.42 -54.76
N LYS G 115 5.70 49.44 -53.80
CA LYS G 115 7.11 49.18 -54.07
C LYS G 115 7.67 48.37 -52.91
N ASN G 116 8.60 47.47 -53.22
CA ASN G 116 9.22 46.61 -52.21
C ASN G 116 10.58 47.15 -51.81
N LEU G 117 10.87 47.08 -50.51
CA LEU G 117 12.15 47.52 -49.96
C LEU G 117 12.82 46.36 -49.25
N TYR G 118 14.13 46.22 -49.45
CA TYR G 118 14.93 45.21 -48.77
C TYR G 118 15.99 45.90 -47.94
N MET G 119 16.15 45.45 -46.70
CA MET G 119 17.16 45.99 -45.80
C MET G 119 17.94 44.85 -45.17
N TYR G 120 19.25 45.03 -45.01
CA TYR G 120 20.05 44.02 -44.33
C TYR G 120 21.03 44.69 -43.38
N LEU G 121 21.35 43.98 -42.30
CA LEU G 121 22.10 44.52 -41.17
C LEU G 121 23.46 43.84 -41.07
N GLN G 122 24.47 44.61 -40.67
CA GLN G 122 25.79 44.08 -40.41
C GLN G 122 26.41 44.81 -39.23
N TYR G 123 27.28 44.12 -38.51
CA TYR G 123 27.91 44.71 -37.33
C TYR G 123 28.98 45.73 -37.72
N THR G 124 29.08 46.79 -36.93
CA THR G 124 30.17 47.76 -37.03
C THR G 124 31.17 47.49 -35.93
N TYR G 125 32.42 47.88 -36.18
CA TYR G 125 33.51 47.55 -35.27
C TYR G 125 34.40 48.77 -35.07
N ILE G 126 35.05 48.78 -33.90
CA ILE G 126 36.17 49.67 -33.63
C ILE G 126 37.44 48.96 -34.04
N ARG G 127 38.23 49.59 -34.89
CA ARG G 127 39.49 49.03 -35.37
C ARG G 127 40.63 49.61 -34.53
N TYR G 128 41.30 48.75 -33.78
CA TYR G 128 42.49 49.08 -33.03
C TYR G 128 43.69 48.45 -33.71
N GLU G 129 44.83 49.11 -33.62
CA GLU G 129 46.06 48.66 -34.26
C GLU G 129 47.22 48.77 -33.30
N ILE G 130 48.16 47.83 -33.43
CA ILE G 130 49.46 47.91 -32.79
C ILE G 130 50.48 47.98 -33.92
N ILE G 131 51.17 49.11 -34.02
CA ILE G 131 52.13 49.32 -35.10
C ILE G 131 53.53 49.43 -34.51
N LYS G 132 54.50 48.89 -35.23
CA LYS G 132 55.92 49.05 -34.91
C LYS G 132 56.52 49.96 -35.97
N VAL G 133 56.90 51.17 -35.56
CA VAL G 133 57.43 52.18 -36.46
C VAL G 133 58.94 52.18 -36.34
N LEU G 134 59.63 52.10 -37.50
CA LEU G 134 61.08 52.07 -37.54
C LEU G 134 61.54 52.88 -38.75
N GLN G 135 62.28 53.95 -38.49
CA GLN G 135 62.78 54.84 -39.53
C GLN G 135 61.64 55.37 -40.40
N HIS G 136 60.66 55.98 -39.74
CA HIS G 136 59.52 56.60 -40.40
C HIS G 136 58.78 55.62 -41.32
N GLU G 137 58.63 54.38 -40.86
CA GLU G 137 57.90 53.39 -41.64
C GLU G 137 57.42 52.28 -40.71
N ILE G 138 56.18 51.85 -40.93
CA ILE G 138 55.59 50.78 -40.14
C ILE G 138 56.06 49.44 -40.71
N ILE G 139 56.79 48.68 -39.90
CA ILE G 139 57.32 47.39 -40.33
C ILE G 139 56.47 46.23 -39.86
N GLU G 140 55.50 46.45 -38.98
CA GLU G 140 54.68 45.39 -38.43
C GLU G 140 53.41 46.00 -37.86
N ARG G 141 52.29 45.33 -38.11
CA ARG G 141 50.99 45.86 -37.67
C ARG G 141 50.07 44.70 -37.31
N ALA G 142 49.53 44.75 -36.09
CA ALA G 142 48.51 43.83 -35.63
C ALA G 142 47.18 44.57 -35.50
N VAL G 143 46.09 43.86 -35.78
CA VAL G 143 44.78 44.48 -35.88
C VAL G 143 43.82 43.83 -34.90
N LEU G 144 42.84 44.61 -34.46
CA LEU G 144 41.86 44.16 -33.47
C LEU G 144 40.52 44.81 -33.79
N TYR G 145 39.50 44.01 -34.07
CA TYR G 145 38.15 44.52 -34.25
C TYR G 145 37.34 44.23 -32.99
N VAL G 146 36.80 45.28 -32.37
CA VAL G 146 35.88 45.14 -31.23
C VAL G 146 34.48 45.52 -31.71
N PRO G 147 33.48 44.68 -31.49
CA PRO G 147 32.13 45.00 -31.99
C PRO G 147 31.56 46.23 -31.29
N SER G 148 31.18 47.23 -32.10
CA SER G 148 30.57 48.45 -31.58
C SER G 148 29.05 48.43 -31.65
N LEU G 149 28.49 48.40 -32.85
CA LEU G 149 27.05 48.55 -33.10
C LEU G 149 26.74 47.95 -34.47
N GLY G 150 25.58 48.31 -35.03
CA GLY G 150 25.16 47.81 -36.32
C GLY G 150 25.01 48.92 -37.36
N TYR G 151 24.76 48.49 -38.60
CA TYR G 151 24.59 49.38 -39.73
C TYR G 151 23.79 48.64 -40.80
N VAL G 152 22.76 49.28 -41.33
CA VAL G 152 21.87 48.65 -42.31
C VAL G 152 22.08 49.29 -43.67
N LYS G 153 21.82 48.48 -44.70
CA LYS G 153 21.80 48.95 -46.08
C LYS G 153 20.48 48.51 -46.70
N SER G 154 19.82 49.42 -47.40
CA SER G 154 18.52 49.13 -48.00
C SER G 154 18.52 49.50 -49.47
N ILE G 155 17.51 48.99 -50.17
CA ILE G 155 17.28 49.33 -51.56
C ILE G 155 15.82 49.07 -51.89
N GLU G 156 15.24 49.97 -52.69
CA GLU G 156 13.92 49.77 -53.25
C GLU G 156 14.07 49.02 -54.57
N PHE G 157 13.37 47.89 -54.70
CA PHE G 157 13.58 46.98 -55.82
C PHE G 157 12.25 46.58 -56.42
N ASN G 158 12.31 46.16 -57.68
CA ASN G 158 11.20 45.63 -58.45
C ASN G 158 11.49 44.18 -58.81
N PRO G 159 10.46 43.39 -59.09
CA PRO G 159 10.69 41.98 -59.46
C PRO G 159 11.58 41.86 -60.68
N GLY G 160 12.70 41.16 -60.51
CA GLY G 160 13.66 40.95 -61.57
C GLY G 160 14.65 42.08 -61.78
N GLU G 161 14.64 43.11 -60.95
CA GLU G 161 15.54 44.23 -61.12
C GLU G 161 16.97 43.82 -60.77
N LYS G 162 17.91 44.10 -61.66
CA LYS G 162 19.31 43.82 -61.39
C LYS G 162 19.85 44.80 -60.35
N ILE G 163 20.62 44.27 -59.41
CA ILE G 163 21.11 45.04 -58.26
C ILE G 163 22.62 45.11 -58.33
N ASN G 164 23.17 46.27 -57.97
CA ASN G 164 24.62 46.44 -57.95
C ASN G 164 25.27 45.42 -57.04
N LYS G 165 26.36 44.81 -57.51
CA LYS G 165 27.04 43.79 -56.74
C LYS G 165 27.69 44.35 -55.48
N ASP G 166 28.01 45.64 -55.46
CA ASP G 166 28.61 46.27 -54.30
C ASP G 166 27.62 46.48 -53.15
N PHE G 167 26.32 46.50 -53.45
CA PHE G 167 25.33 46.62 -52.39
C PHE G 167 25.33 45.39 -51.48
N TYR G 168 25.52 44.21 -52.06
CA TYR G 168 25.51 42.96 -51.30
C TYR G 168 26.88 42.63 -50.72
N PHE G 169 27.91 42.67 -51.57
CA PHE G 169 29.22 42.11 -51.23
C PHE G 169 30.25 43.20 -51.05
N LEU G 170 31.14 43.01 -50.09
CA LEU G 170 32.23 43.93 -49.80
C LEU G 170 33.54 43.17 -49.93
N THR G 171 34.40 43.59 -50.86
CA THR G 171 35.63 42.85 -51.12
C THR G 171 36.65 43.05 -50.01
N ASN G 172 36.82 44.29 -49.54
CA ASN G 172 37.87 44.61 -48.58
C ASN G 172 37.29 45.45 -47.45
N ASP G 173 37.92 45.37 -46.29
CA ASP G 173 37.46 46.10 -45.12
C ASP G 173 37.49 47.60 -45.37
N LYS G 174 36.50 48.31 -44.84
CA LYS G 174 36.40 49.75 -45.01
C LYS G 174 35.80 50.35 -43.75
N CYS G 175 35.75 51.67 -43.71
CA CYS G 175 35.12 52.42 -42.63
C CYS G 175 34.07 53.33 -43.23
N ILE G 176 32.80 53.07 -42.90
CA ILE G 176 31.70 53.88 -43.42
C ILE G 176 31.79 55.32 -42.91
N LEU G 177 32.50 55.54 -41.80
CA LEU G 177 32.73 56.86 -41.28
C LEU G 177 34.12 57.35 -41.68
N ASN G 178 34.49 58.54 -41.21
CA ASN G 178 35.84 59.04 -41.41
C ASN G 178 36.81 58.23 -40.55
N GLU G 179 37.90 57.78 -41.16
CA GLU G 179 38.89 57.02 -40.42
C GLU G 179 39.61 57.94 -39.42
N GLN G 180 40.13 57.33 -38.37
CA GLN G 180 40.85 58.05 -37.33
C GLN G 180 42.23 57.45 -37.14
N PHE G 181 43.09 58.24 -36.49
CA PHE G 181 44.42 57.78 -36.07
C PHE G 181 44.68 58.43 -34.71
N LEU G 182 44.28 57.75 -33.64
CA LEU G 182 44.52 58.24 -32.28
C LEU G 182 45.58 57.34 -31.66
N TYR G 183 46.80 57.84 -31.57
CA TYR G 183 47.94 57.01 -31.20
C TYR G 183 48.45 57.36 -29.81
N LYS G 184 49.10 56.38 -29.20
CA LYS G 184 49.94 56.59 -28.03
C LYS G 184 51.12 55.63 -28.13
N LYS G 185 52.32 56.15 -27.85
CA LYS G 185 53.52 55.33 -27.92
C LYS G 185 53.59 54.40 -26.72
N ILE G 186 53.72 53.09 -27.00
CA ILE G 186 53.72 52.10 -25.93
C ILE G 186 55.06 52.14 -25.22
N LEU G 187 55.02 52.31 -23.90
CA LEU G 187 56.22 52.34 -23.08
C LEU G 187 56.09 51.28 -21.99
N GLU G 188 57.07 50.39 -21.90
CA GLU G 188 57.12 49.44 -20.80
C GLU G 188 57.35 50.19 -19.49
N THR G 189 56.50 49.92 -18.50
CA THR G 189 56.54 50.66 -17.24
C THR G 189 56.84 49.74 -16.06
N THR H 206 18.78 26.51 -74.61
CA THR H 206 18.60 27.83 -74.03
C THR H 206 19.15 27.87 -72.60
N GLN H 207 20.33 27.31 -72.42
CA GLN H 207 20.98 27.25 -71.12
C GLN H 207 22.04 28.34 -71.03
N ARG H 208 21.96 29.17 -70.00
CA ARG H 208 22.94 30.24 -69.84
C ARG H 208 24.31 29.66 -69.48
N VAL H 209 25.35 30.33 -69.97
CA VAL H 209 26.72 29.84 -69.85
C VAL H 209 27.32 30.33 -68.54
N LEU H 210 27.92 29.42 -67.78
CA LEU H 210 28.66 29.79 -66.59
C LEU H 210 30.15 29.66 -66.85
N PRO H 211 30.90 30.76 -66.89
CA PRO H 211 32.32 30.69 -67.26
C PRO H 211 33.25 30.30 -66.13
N TYR H 212 32.70 29.73 -65.05
CA TYR H 212 33.51 29.40 -63.90
C TYR H 212 34.54 28.32 -64.24
N SER H 213 35.65 28.34 -63.51
CA SER H 213 36.65 27.29 -63.63
C SER H 213 36.24 26.10 -62.77
N ASN H 214 36.92 24.97 -62.99
CA ASN H 214 36.64 23.77 -62.21
C ASN H 214 36.97 24.01 -60.74
N GLY H 215 36.02 23.71 -59.87
CA GLY H 215 36.23 23.89 -58.46
C GLY H 215 34.93 24.05 -57.69
N LEU H 216 35.07 24.49 -56.45
CA LEU H 216 33.96 24.57 -55.51
C LEU H 216 33.56 26.01 -55.30
N TYR H 217 32.27 26.30 -55.42
CA TYR H 217 31.77 27.66 -55.31
C TYR H 217 30.60 27.72 -54.34
N VAL H 218 30.47 28.85 -53.66
CA VAL H 218 29.34 29.15 -52.81
C VAL H 218 28.66 30.40 -53.34
N ILE H 219 27.36 30.31 -53.62
CA ILE H 219 26.63 31.38 -54.28
C ILE H 219 25.53 31.87 -53.34
N ASN H 220 25.57 33.16 -53.02
CA ASN H 220 24.46 33.80 -52.31
C ASN H 220 23.39 34.14 -53.34
N LYS H 221 22.28 33.41 -53.29
CA LYS H 221 21.22 33.51 -54.30
C LYS H 221 20.06 34.38 -53.85
N GLY H 222 20.30 35.31 -52.94
CA GLY H 222 19.29 36.27 -52.53
C GLY H 222 18.72 35.95 -51.16
N ASP H 223 17.93 36.90 -50.67
CA ASP H 223 17.28 36.81 -49.38
C ASP H 223 15.76 36.81 -49.55
N GLY H 224 15.06 36.60 -48.44
CA GLY H 224 13.61 36.60 -48.47
C GLY H 224 12.97 35.35 -49.04
N TYR H 225 13.52 34.19 -48.73
CA TYR H 225 12.96 32.92 -49.19
C TYR H 225 12.02 32.36 -48.14
N ILE H 226 10.83 31.96 -48.58
CA ILE H 226 9.83 31.34 -47.72
C ILE H 226 9.40 30.02 -48.34
N ARG H 227 8.80 29.16 -47.52
CA ARG H 227 8.32 27.88 -47.99
C ARG H 227 6.88 27.98 -48.50
N THR H 228 6.51 27.02 -49.33
CA THR H 228 5.16 26.96 -49.86
C THR H 228 4.17 26.50 -48.78
N ASN H 229 2.88 26.72 -49.05
CA ASN H 229 1.79 26.26 -48.19
C ASN H 229 1.85 26.89 -46.81
N ASP H 230 2.37 28.12 -46.73
CA ASP H 230 2.44 28.89 -45.48
C ASP H 230 3.16 28.12 -44.37
N LYS H 231 4.21 27.38 -44.74
CA LYS H 231 4.99 26.67 -43.75
C LYS H 231 5.76 27.63 -42.83
N ASP H 232 6.15 28.79 -43.36
CA ASP H 232 6.93 29.76 -42.62
C ASP H 232 6.10 30.96 -42.16
N LEU H 233 4.78 30.84 -42.20
CA LEU H 233 3.91 31.95 -41.80
C LEU H 233 4.02 32.18 -40.30
N ILE H 234 4.61 33.32 -39.91
CA ILE H 234 4.55 33.72 -38.51
C ILE H 234 3.12 34.08 -38.13
N GLY H 235 2.42 34.81 -39.00
CA GLY H 235 1.01 35.03 -38.77
C GLY H 235 0.50 36.28 -39.45
N THR H 236 -0.81 36.47 -39.33
CA THR H 236 -1.51 37.57 -40.00
C THR H 236 -2.20 38.46 -38.98
N LEU H 237 -2.09 39.76 -39.20
CA LEU H 237 -2.76 40.78 -38.41
C LEU H 237 -3.79 41.49 -39.27
N LEU H 238 -5.03 41.53 -38.79
CA LEU H 238 -6.10 42.30 -39.41
C LEU H 238 -6.23 43.60 -38.63
N ILE H 239 -5.76 44.69 -39.22
CA ILE H 239 -5.67 45.98 -38.58
C ILE H 239 -6.85 46.82 -39.04
N GLU H 240 -7.66 47.26 -38.08
CA GLU H 240 -8.83 48.08 -38.37
C GLU H 240 -8.38 49.49 -38.80
N ALA H 241 -9.32 50.21 -39.41
CA ALA H 241 -9.02 51.55 -39.91
C ALA H 241 -8.59 52.46 -38.76
N GLY H 242 -7.50 53.18 -38.97
CA GLY H 242 -6.95 54.07 -37.96
C GLY H 242 -6.09 53.39 -36.92
N SER H 243 -5.93 52.08 -36.99
CA SER H 243 -5.15 51.32 -36.03
C SER H 243 -3.78 50.99 -36.60
N SER H 244 -2.89 50.53 -35.72
CA SER H 244 -1.57 50.07 -36.11
C SER H 244 -1.39 48.62 -35.66
N GLY H 245 -0.50 47.92 -36.35
CA GLY H 245 -0.21 46.53 -36.05
C GLY H 245 1.27 46.25 -36.02
N SER H 246 1.72 45.61 -34.94
CA SER H 246 3.12 45.29 -34.74
C SER H 246 3.30 43.78 -34.64
N ILE H 247 4.33 43.26 -35.28
CA ILE H 247 4.74 41.87 -35.15
C ILE H 247 6.24 41.88 -34.87
N ILE H 248 6.64 41.31 -33.73
CA ILE H 248 8.01 41.41 -33.24
C ILE H 248 8.60 40.02 -33.12
N GLN H 249 9.81 39.84 -33.63
CA GLN H 249 10.62 38.71 -33.21
C GLN H 249 11.66 39.24 -32.22
N PRO H 250 11.38 39.16 -30.92
CA PRO H 250 12.25 39.77 -29.92
C PRO H 250 13.44 38.93 -29.52
N ARG H 251 13.63 37.74 -30.10
CA ARG H 251 14.77 36.88 -29.84
C ARG H 251 14.92 36.57 -28.35
N LEU H 252 13.78 36.40 -27.67
CA LEU H 252 13.81 35.97 -26.28
C LEU H 252 14.42 34.58 -26.15
N ARG H 253 14.30 33.77 -27.20
CA ARG H 253 15.10 32.56 -27.37
C ARG H 253 15.80 32.64 -28.73
N ASN H 254 17.12 32.47 -28.73
CA ASN H 254 17.91 32.71 -29.93
C ASN H 254 17.78 31.61 -30.97
N THR H 255 17.13 30.51 -30.66
CA THR H 255 17.17 29.34 -31.52
C THR H 255 16.51 29.63 -32.88
N THR H 256 17.16 29.17 -33.94
CA THR H 256 16.66 29.27 -35.30
C THR H 256 16.74 27.90 -35.96
N ARG H 257 16.00 27.75 -37.06
CA ARG H 257 15.86 26.45 -37.74
C ARG H 257 16.34 26.57 -39.18
N PRO H 258 17.64 26.39 -39.42
CA PRO H 258 18.14 26.39 -40.80
C PRO H 258 17.70 25.15 -41.56
N LEU H 259 17.70 25.26 -42.88
CA LEU H 259 17.25 24.17 -43.74
C LEU H 259 18.37 23.75 -44.68
N PHE H 260 18.37 22.49 -45.09
CA PHE H 260 19.45 21.98 -45.92
C PHE H 260 18.97 20.84 -46.79
N THR H 261 19.28 20.92 -48.08
CA THR H 261 19.07 19.84 -49.04
C THR H 261 20.37 19.61 -49.79
N THR H 262 20.58 18.38 -50.27
CA THR H 262 21.81 18.09 -50.98
C THR H 262 21.57 17.08 -52.09
N SER H 263 22.40 17.15 -53.12
CA SER H 263 22.42 16.13 -54.16
C SER H 263 23.24 14.92 -53.77
N ASN H 264 24.02 15.02 -52.70
CA ASN H 264 24.79 13.90 -52.17
C ASN H 264 25.15 14.24 -50.74
N ASP H 265 24.75 13.37 -49.79
CA ASP H 265 24.97 13.66 -48.39
C ASP H 265 26.32 13.15 -47.87
N THR H 266 26.99 12.26 -48.61
CA THR H 266 28.28 11.77 -48.15
C THR H 266 29.42 12.71 -48.52
N LYS H 267 29.22 13.58 -49.52
CA LYS H 267 30.21 14.58 -49.90
C LYS H 267 29.80 15.97 -49.45
N PHE H 268 28.62 16.42 -49.87
CA PHE H 268 28.11 17.73 -49.46
C PHE H 268 27.14 17.55 -48.28
N SER H 269 27.72 17.16 -47.15
CA SER H 269 26.94 17.00 -45.93
C SER H 269 26.66 18.36 -45.31
N GLN H 270 25.84 18.36 -44.25
CA GLN H 270 25.52 19.60 -43.57
C GLN H 270 26.76 20.21 -42.92
N GLN H 271 27.60 19.37 -42.32
CA GLN H 271 28.85 19.87 -41.75
C GLN H 271 29.74 20.45 -42.84
N TYR H 272 29.88 19.73 -43.96
CA TYR H 272 30.70 20.20 -45.07
C TYR H 272 30.17 21.51 -45.64
N THR H 273 28.84 21.59 -45.83
CA THR H 273 28.24 22.81 -46.37
C THR H 273 28.42 23.98 -45.42
N GLU H 274 28.28 23.73 -44.11
CA GLU H 274 28.50 24.79 -43.13
C GLU H 274 29.94 25.28 -43.15
N GLU H 275 30.90 24.35 -43.27
CA GLU H 275 32.29 24.75 -43.35
C GLU H 275 32.57 25.55 -44.62
N ARG H 276 31.95 25.17 -45.74
CA ARG H 276 32.14 25.93 -46.97
C ARG H 276 31.51 27.32 -46.87
N LEU H 277 30.37 27.42 -46.18
CA LEU H 277 29.79 28.73 -45.91
C LEU H 277 30.72 29.57 -45.04
N LYS H 278 31.34 28.95 -44.03
CA LYS H 278 32.31 29.65 -43.20
C LYS H 278 33.51 30.11 -44.02
N ASP H 279 33.90 29.32 -45.02
CA ASP H 279 35.02 29.73 -45.87
C ASP H 279 34.62 30.90 -46.78
N ALA H 280 33.42 30.85 -47.36
CA ALA H 280 33.05 31.84 -48.37
C ALA H 280 32.75 33.19 -47.74
N PHE H 281 31.74 33.26 -46.87
CA PHE H 281 31.28 34.52 -46.31
C PHE H 281 31.57 34.64 -44.82
N ASN H 282 32.32 33.70 -44.25
CA ASN H 282 32.72 33.74 -42.84
C ASN H 282 31.51 33.81 -41.91
N VAL H 283 30.46 33.07 -42.25
CA VAL H 283 29.31 32.93 -41.35
C VAL H 283 29.67 31.93 -40.25
N GLN H 284 29.23 32.23 -39.03
CA GLN H 284 29.58 31.41 -37.88
C GLN H 284 28.40 31.08 -36.97
N LEU H 285 27.23 31.66 -37.19
CA LEU H 285 26.03 31.37 -36.40
C LEU H 285 24.99 30.75 -37.31
N PHE H 286 24.80 29.44 -37.21
CA PHE H 286 23.83 28.73 -38.02
C PHE H 286 22.55 28.40 -37.26
N ASN H 287 22.66 27.94 -36.02
CA ASN H 287 21.49 27.54 -35.24
C ASN H 287 20.94 28.66 -34.37
N THR H 288 21.74 29.69 -34.08
CA THR H 288 21.34 30.75 -33.18
C THR H 288 21.38 32.10 -33.90
N SER H 289 20.65 33.06 -33.34
CA SER H 289 20.60 34.42 -33.86
C SER H 289 20.03 35.39 -32.83
N THR H 290 20.75 36.47 -32.56
CA THR H 290 20.27 37.50 -31.63
C THR H 290 19.67 38.70 -32.34
N SER H 291 19.64 38.69 -33.68
CA SER H 291 19.17 39.82 -34.45
C SER H 291 17.64 39.86 -34.43
N LEU H 292 17.08 40.98 -33.99
CA LEU H 292 15.64 41.17 -33.94
C LEU H 292 15.13 41.72 -35.27
N PHE H 293 13.82 41.57 -35.47
CA PHE H 293 13.13 42.24 -36.57
C PHE H 293 11.66 42.41 -36.20
N LYS H 294 11.14 43.59 -36.50
CA LYS H 294 9.77 43.95 -36.15
C LYS H 294 9.12 44.70 -37.31
N PHE H 295 7.86 44.37 -37.58
CA PHE H 295 7.10 44.99 -38.65
C PHE H 295 5.95 45.79 -38.07
N VAL H 296 5.84 47.05 -38.47
CA VAL H 296 4.78 47.95 -38.04
C VAL H 296 4.02 48.43 -39.27
N GLU H 297 2.70 48.33 -39.23
CA GLU H 297 1.84 48.81 -40.31
C GLU H 297 0.69 49.59 -39.74
N GLU H 298 0.54 50.84 -40.16
CA GLU H 298 -0.57 51.69 -39.74
C GLU H 298 -1.62 51.69 -40.84
N ALA H 299 -2.76 51.09 -40.55
CA ALA H 299 -3.85 51.08 -41.52
C ALA H 299 -4.38 52.50 -41.71
N PRO H 300 -4.67 52.90 -42.96
CA PRO H 300 -5.20 54.25 -43.20
C PRO H 300 -6.63 54.37 -42.67
N SER H 301 -7.07 55.62 -42.59
CA SER H 301 -8.34 55.93 -41.92
C SER H 301 -9.57 55.50 -42.72
N ASP H 302 -9.40 55.04 -43.96
CA ASP H 302 -10.54 54.65 -44.79
C ASP H 302 -10.84 53.17 -44.70
N LYS H 303 -9.84 52.32 -44.88
CA LYS H 303 -10.04 50.88 -44.98
C LYS H 303 -9.17 50.14 -43.98
N ASN H 304 -9.40 48.84 -43.86
CA ASN H 304 -8.60 47.97 -43.02
C ASN H 304 -7.46 47.35 -43.83
N ILE H 305 -6.49 46.77 -43.12
CA ILE H 305 -5.28 46.26 -43.77
C ILE H 305 -4.91 44.92 -43.15
N CYS H 306 -4.57 43.95 -43.99
CA CYS H 306 -3.97 42.70 -43.53
C CYS H 306 -2.45 42.79 -43.70
N ILE H 307 -1.72 42.30 -42.71
CA ILE H 307 -0.28 42.10 -42.86
C ILE H 307 0.02 40.64 -42.55
N LYS H 308 0.81 40.02 -43.42
CA LYS H 308 1.22 38.63 -43.25
C LYS H 308 2.73 38.61 -43.07
N ALA H 309 3.17 38.04 -41.95
CA ALA H 309 4.57 37.96 -41.58
C ALA H 309 5.04 36.52 -41.70
N TYR H 310 6.11 36.33 -42.47
CA TYR H 310 6.72 35.04 -42.75
C TYR H 310 8.16 35.05 -42.27
N ASN H 311 8.62 33.93 -41.72
CA ASN H 311 10.04 33.73 -41.53
C ASN H 311 10.71 33.53 -42.88
N THR H 312 11.91 34.09 -43.03
CA THR H 312 12.63 34.02 -44.30
C THR H 312 13.92 33.24 -44.14
N TYR H 313 14.49 32.89 -45.29
CA TYR H 313 15.79 32.23 -45.37
C TYR H 313 16.61 32.88 -46.46
N GLU H 314 17.93 32.83 -46.28
CA GLU H 314 18.89 33.23 -47.30
C GLU H 314 19.43 31.97 -47.97
N LYS H 315 19.32 31.92 -49.29
CA LYS H 315 19.59 30.72 -50.06
C LYS H 315 21.05 30.72 -50.52
N TYR H 316 21.91 30.01 -49.79
CA TYR H 316 23.26 29.75 -50.24
C TYR H 316 23.29 28.43 -50.99
N GLU H 317 24.03 28.40 -52.09
CA GLU H 317 24.13 27.22 -52.95
C GLU H 317 25.60 26.85 -53.10
N LEU H 318 25.95 25.67 -52.61
CA LEU H 318 27.29 25.13 -52.78
C LEU H 318 27.30 24.25 -54.02
N ILE H 319 28.17 24.58 -54.98
CA ILE H 319 28.23 23.85 -56.24
C ILE H 319 29.64 23.31 -56.43
N ASP H 320 29.73 22.19 -57.14
CA ASP H 320 30.98 21.57 -57.55
C ASP H 320 30.99 21.63 -59.08
N TYR H 321 31.55 22.71 -59.62
CA TYR H 321 31.50 22.99 -61.05
C TYR H 321 32.67 22.32 -61.75
N GLN H 322 32.35 21.53 -62.78
CA GLN H 322 33.36 20.77 -63.52
C GLN H 322 32.93 20.66 -64.97
N ASN H 323 33.81 21.07 -65.89
CA ASN H 323 33.55 20.98 -67.33
C ASN H 323 32.25 21.68 -67.71
N GLY H 324 31.98 22.84 -67.10
CA GLY H 324 30.83 23.61 -67.49
C GLY H 324 29.49 23.04 -67.09
N SER H 325 29.47 22.07 -66.17
CA SER H 325 28.23 21.48 -65.71
C SER H 325 28.33 21.17 -64.21
N ILE H 326 27.24 21.43 -63.49
CA ILE H 326 27.22 21.20 -62.05
C ILE H 326 27.09 19.70 -61.80
N VAL H 327 28.09 19.12 -61.14
CA VAL H 327 28.08 17.69 -60.85
C VAL H 327 27.62 17.39 -59.43
N ASN H 328 27.66 18.37 -58.52
CA ASN H 328 27.15 18.21 -57.17
C ASN H 328 26.70 19.57 -56.67
N LYS H 329 25.63 19.58 -55.88
CA LYS H 329 24.96 20.83 -55.55
C LYS H 329 24.18 20.65 -54.26
N ALA H 330 24.34 21.60 -53.33
CA ALA H 330 23.65 21.60 -52.05
C ALA H 330 23.07 22.98 -51.79
N GLU H 331 21.92 23.00 -51.12
CA GLU H 331 21.19 24.21 -50.78
C GLU H 331 21.16 24.36 -49.27
N TYR H 332 21.72 25.45 -48.76
CA TYR H 332 21.65 25.80 -47.34
C TYR H 332 20.81 27.07 -47.19
N TYR H 333 19.69 26.96 -46.50
CA TYR H 333 18.82 28.09 -46.22
C TYR H 333 19.09 28.56 -44.80
N LEU H 334 19.77 29.72 -44.68
CA LEU H 334 20.19 30.34 -43.43
C LEU H 334 19.07 31.22 -42.89
N PRO H 335 18.71 31.09 -41.62
CA PRO H 335 17.58 31.88 -41.07
C PRO H 335 17.82 33.37 -41.20
N SER H 336 16.96 34.01 -41.99
CA SER H 336 17.00 35.43 -42.30
C SER H 336 16.10 36.22 -41.34
N LEU H 337 15.80 37.48 -41.68
CA LEU H 337 15.12 38.41 -40.80
C LEU H 337 13.71 38.77 -41.27
N GLY H 338 13.02 37.85 -41.93
CA GLY H 338 11.58 37.95 -42.10
C GLY H 338 11.16 38.67 -43.37
N TYR H 339 9.90 38.42 -43.75
CA TYR H 339 9.22 39.10 -44.85
C TYR H 339 7.82 39.49 -44.39
N CYS H 340 7.38 40.68 -44.79
CA CYS H 340 6.05 41.18 -44.43
C CYS H 340 5.37 41.65 -45.70
N GLU H 341 4.19 41.12 -45.98
CA GLU H 341 3.38 41.58 -47.10
C GLU H 341 2.09 42.20 -46.58
N VAL H 342 1.78 43.39 -47.08
CA VAL H 342 0.54 44.08 -46.70
C VAL H 342 -0.43 43.96 -47.86
N THR H 343 -1.71 43.80 -47.54
CA THR H 343 -2.76 43.63 -48.52
C THR H 343 -4.02 44.33 -48.01
N ASN H 344 -4.89 44.68 -48.95
CA ASN H 344 -6.20 45.22 -48.57
C ASN H 344 -6.99 44.14 -47.84
N ALA H 345 -7.80 44.58 -46.89
CA ALA H 345 -8.61 43.65 -46.12
C ALA H 345 -9.59 42.94 -47.06
N PRO H 346 -9.61 41.61 -47.08
CA PRO H 346 -10.55 40.91 -47.96
C PRO H 346 -11.99 41.22 -47.59
N SER H 347 -12.78 41.58 -48.59
CA SER H 347 -14.17 41.97 -48.34
C SER H 347 -14.96 40.77 -47.84
N PRO H 348 -15.61 40.86 -46.68
CA PRO H 348 -16.40 39.73 -46.19
C PRO H 348 -17.61 39.51 -47.10
N GLU H 349 -17.78 38.26 -47.52
CA GLU H 349 -16.90 37.17 -47.13
C GLU H 349 -16.07 36.66 -48.30
N SER H 350 -16.21 37.32 -49.45
CA SER H 350 -15.60 36.88 -50.72
C SER H 350 -16.11 35.45 -50.98
N GLU H 351 -15.29 34.58 -51.55
CA GLU H 351 -15.68 33.18 -51.69
C GLU H 351 -14.42 32.32 -51.78
N VAL H 352 -14.47 31.17 -51.13
CA VAL H 352 -13.32 30.28 -50.99
C VAL H 352 -13.23 29.36 -52.19
N VAL H 353 -12.01 29.18 -52.70
CA VAL H 353 -11.73 28.27 -53.81
C VAL H 353 -10.89 27.11 -53.28
N LYS H 354 -11.36 25.89 -53.50
CA LYS H 354 -10.61 24.71 -53.08
C LYS H 354 -9.32 24.58 -53.86
N MET H 355 -8.28 24.08 -53.19
CA MET H 355 -6.95 24.01 -53.77
C MET H 355 -6.20 22.82 -53.19
N GLN H 356 -5.39 22.17 -54.03
CA GLN H 356 -4.47 21.16 -53.56
C GLN H 356 -3.17 21.80 -53.07
N VAL H 357 -2.59 21.21 -52.02
CA VAL H 357 -1.32 21.71 -51.51
C VAL H 357 -0.27 21.64 -52.60
N ALA H 358 0.57 22.67 -52.66
CA ALA H 358 1.63 22.72 -53.65
C ALA H 358 2.80 21.84 -53.22
N GLU H 359 3.65 21.51 -54.20
CA GLU H 359 4.85 20.73 -53.92
C GLU H 359 5.80 21.50 -53.02
N ASP H 360 6.59 20.77 -52.25
CA ASP H 360 7.57 21.39 -51.37
C ASP H 360 8.57 22.21 -52.18
N GLY H 361 8.67 23.49 -51.86
CA GLY H 361 9.56 24.36 -52.59
C GLY H 361 9.78 25.65 -51.84
N PHE H 362 10.38 26.62 -52.55
CA PHE H 362 10.68 27.92 -51.98
C PHE H 362 10.27 29.03 -52.94
N ILE H 363 9.83 30.14 -52.35
CA ILE H 363 9.45 31.35 -53.08
C ILE H 363 10.32 32.49 -52.58
N GLN H 364 10.98 33.20 -53.49
CA GLN H 364 11.81 34.33 -53.15
C GLN H 364 11.00 35.61 -53.21
N ASN H 365 11.01 36.38 -52.12
CA ASN H 365 10.37 37.69 -52.08
C ASN H 365 11.37 38.84 -52.03
N GLY H 366 12.64 38.55 -51.83
CA GLY H 366 13.65 39.58 -51.79
C GLY H 366 14.18 39.94 -53.17
N PRO H 367 15.13 40.85 -53.23
CA PRO H 367 15.66 41.29 -54.52
C PRO H 367 16.54 40.22 -55.17
N GLU H 368 16.66 40.33 -56.49
CA GLU H 368 17.52 39.42 -57.24
C GLU H 368 18.96 39.58 -56.77
N GLU H 369 19.64 38.45 -56.55
CA GLU H 369 20.99 38.49 -56.01
C GLU H 369 21.71 37.20 -56.37
N GLU H 370 22.95 37.32 -56.84
CA GLU H 370 23.78 36.16 -57.15
C GLU H 370 25.23 36.57 -56.90
N ILE H 371 25.75 36.23 -55.73
CA ILE H 371 27.12 36.54 -55.35
C ILE H 371 27.90 35.24 -55.32
N VAL H 372 28.76 35.03 -56.32
CA VAL H 372 29.52 33.80 -56.45
C VAL H 372 30.88 34.00 -55.80
N VAL H 373 31.27 33.08 -54.91
CA VAL H 373 32.55 33.13 -54.21
C VAL H 373 33.17 31.74 -54.29
N GLY H 374 34.29 31.63 -54.97
CA GLY H 374 35.02 30.38 -54.97
C GLY H 374 35.64 30.09 -53.62
N VAL H 375 35.76 28.80 -53.28
CA VAL H 375 36.31 28.40 -51.99
C VAL H 375 37.40 27.37 -52.22
N ILE H 376 38.29 27.27 -51.23
CA ILE H 376 39.39 26.33 -51.30
C ILE H 376 38.86 24.92 -51.08
N ASP H 377 39.22 24.01 -51.97
CA ASP H 377 38.88 22.60 -51.80
C ASP H 377 39.62 22.05 -50.58
N PRO H 378 38.92 21.53 -49.57
CA PRO H 378 39.61 21.06 -48.36
C PRO H 378 40.33 19.74 -48.52
N SER H 379 40.16 19.03 -49.64
CA SER H 379 40.86 17.78 -49.87
C SER H 379 42.23 17.97 -50.50
N GLU H 380 42.57 19.18 -50.92
CA GLU H 380 43.85 19.48 -51.54
C GLU H 380 44.72 20.26 -50.56
N ASN H 381 45.92 19.74 -50.29
CA ASN H 381 46.83 20.39 -49.37
C ASN H 381 47.26 21.76 -49.88
N ILE H 382 47.49 22.68 -48.96
CA ILE H 382 47.93 24.04 -49.28
C ILE H 382 49.33 24.22 -48.73
N GLN H 383 50.24 24.65 -49.59
CA GLN H 383 51.61 24.96 -49.20
C GLN H 383 51.79 26.46 -49.21
N GLU H 384 52.40 26.98 -48.14
CA GLU H 384 52.53 28.42 -47.93
C GLU H 384 53.99 28.83 -48.03
N ILE H 385 54.25 29.86 -48.81
CA ILE H 385 55.57 30.46 -48.94
C ILE H 385 55.59 31.63 -47.96
N ASN H 386 56.24 31.43 -46.81
CA ASN H 386 56.15 32.38 -45.70
C ASN H 386 56.84 33.70 -46.03
N THR H 387 57.97 33.65 -46.72
CA THR H 387 58.68 34.85 -47.13
C THR H 387 58.18 35.34 -48.48
N ALA H 388 58.24 36.66 -48.68
CA ALA H 388 57.66 37.24 -49.88
C ALA H 388 58.42 36.81 -51.13
N ILE H 389 57.77 37.02 -52.28
CA ILE H 389 58.28 36.60 -53.57
C ILE H 389 59.19 37.68 -54.13
N SER H 390 60.45 37.34 -54.38
CA SER H 390 61.34 38.24 -55.08
C SER H 390 61.06 38.19 -56.58
N ASP H 391 61.68 39.10 -57.33
CA ASP H 391 61.36 39.24 -58.75
C ASP H 391 61.56 37.95 -59.53
N ASN H 392 62.46 37.09 -59.07
CA ASN H 392 62.68 35.77 -59.67
C ASN H 392 62.67 34.72 -58.57
N TYR H 393 61.90 33.66 -58.77
CA TYR H 393 61.85 32.59 -57.79
C TYR H 393 61.52 31.26 -58.46
N THR H 394 62.03 30.18 -57.85
CA THR H 394 61.80 28.82 -58.29
C THR H 394 61.29 28.02 -57.10
N TYR H 395 60.02 27.63 -57.14
CA TYR H 395 59.43 26.79 -56.10
C TYR H 395 59.58 25.33 -56.50
N ASN H 396 60.26 24.55 -55.66
CA ASN H 396 60.35 23.11 -55.87
C ASN H 396 59.10 22.43 -55.31
N ILE H 397 58.35 21.76 -56.17
CA ILE H 397 57.16 21.04 -55.74
C ILE H 397 57.59 19.88 -54.86
N PRO H 398 57.13 19.82 -53.61
CA PRO H 398 57.61 18.78 -52.69
C PRO H 398 57.14 17.39 -53.09
N GLY H 399 57.86 16.39 -52.60
CA GLY H 399 57.47 15.01 -52.81
C GLY H 399 56.33 14.52 -51.94
N ILE H 400 56.01 15.27 -50.88
CA ILE H 400 54.90 14.88 -50.00
C ILE H 400 53.60 14.88 -50.79
N VAL H 401 53.36 15.92 -51.58
CA VAL H 401 52.15 15.97 -52.38
C VAL H 401 52.39 15.13 -53.63
N ASN H 402 52.08 13.84 -53.53
CA ASN H 402 52.43 12.87 -54.56
C ASN H 402 51.51 13.04 -55.76
N ASN H 403 51.92 13.91 -56.69
CA ASN H 403 51.20 14.26 -57.91
C ASN H 403 49.70 14.46 -57.68
N ASN H 404 49.34 14.91 -56.47
CA ASN H 404 47.97 15.30 -56.19
C ASN H 404 47.81 16.80 -56.43
N PRO H 405 46.67 17.25 -56.95
CA PRO H 405 46.48 18.68 -57.18
C PRO H 405 46.58 19.45 -55.87
N PHE H 406 47.22 20.61 -55.91
CA PHE H 406 47.42 21.32 -54.65
C PHE H 406 47.60 22.81 -54.92
N TYR H 407 47.51 23.58 -53.83
CA TYR H 407 47.60 25.03 -53.84
C TYR H 407 48.93 25.47 -53.24
N ILE H 408 49.44 26.57 -53.76
CA ILE H 408 50.60 27.27 -53.23
C ILE H 408 50.13 28.67 -52.85
N LEU H 409 50.18 28.98 -51.56
CA LEU H 409 49.80 30.30 -51.06
C LEU H 409 51.04 31.16 -50.90
N PHE H 410 51.04 32.32 -51.53
CA PHE H 410 52.23 33.16 -51.54
C PHE H 410 51.83 34.62 -51.64
N THR H 411 52.72 35.48 -51.16
CA THR H 411 52.63 36.92 -51.39
C THR H 411 53.79 37.35 -52.28
N VAL H 412 53.72 38.59 -52.73
CA VAL H 412 54.73 39.13 -53.65
C VAL H 412 55.38 40.33 -52.99
N ASN H 413 56.67 40.53 -53.32
CA ASN H 413 57.40 41.67 -52.78
C ASN H 413 57.23 42.93 -53.63
N THR H 414 57.20 42.79 -54.95
CA THR H 414 57.14 43.92 -55.86
C THR H 414 55.83 43.89 -56.63
N THR H 415 55.02 44.94 -56.48
CA THR H 415 53.81 45.07 -57.29
C THR H 415 54.17 45.12 -58.76
N GLY H 416 53.66 44.17 -59.53
CA GLY H 416 53.97 44.15 -60.94
C GLY H 416 53.45 42.90 -61.61
N ILE H 417 53.80 42.79 -62.88
CA ILE H 417 53.31 41.71 -63.73
C ILE H 417 54.32 40.56 -63.69
N TYR H 418 53.83 39.36 -63.40
CA TYR H 418 54.66 38.18 -63.27
C TYR H 418 54.25 37.14 -64.30
N LYS H 419 55.26 36.49 -64.87
CA LYS H 419 55.09 35.27 -65.64
C LYS H 419 55.31 34.10 -64.70
N ILE H 420 54.27 33.27 -64.56
CA ILE H 420 54.33 32.08 -63.71
C ILE H 420 54.07 30.87 -64.60
N ASN H 421 54.92 29.87 -64.48
CA ASN H 421 54.76 28.67 -65.30
C ASN H 421 55.36 27.47 -64.58
N ALA H 422 55.28 26.32 -65.23
CA ALA H 422 55.94 25.10 -64.79
C ALA H 422 57.02 24.73 -65.81
N GLN H 423 57.78 23.69 -65.51
CA GLN H 423 58.80 23.23 -66.43
C GLN H 423 58.18 22.82 -67.75
N ASN H 424 58.69 23.38 -68.84
CA ASN H 424 58.16 23.19 -70.19
C ASN H 424 56.70 23.63 -70.30
N ASN H 425 56.26 24.52 -69.41
CA ASN H 425 54.89 25.03 -69.39
C ASN H 425 53.87 23.90 -69.22
N LEU H 426 54.25 22.84 -68.50
CA LEU H 426 53.38 21.70 -68.25
C LEU H 426 53.51 21.31 -66.78
N PRO H 427 52.38 21.17 -66.07
CA PRO H 427 51.00 21.35 -66.52
C PRO H 427 50.56 22.81 -66.47
N SER H 428 49.37 23.11 -66.99
CA SER H 428 48.82 24.46 -66.85
C SER H 428 48.52 24.76 -65.38
N LEU H 429 48.62 26.03 -65.03
CA LEU H 429 48.41 26.49 -63.66
C LEU H 429 47.21 27.43 -63.61
N LYS H 430 46.56 27.49 -62.45
CA LYS H 430 45.49 28.45 -62.23
C LYS H 430 45.87 29.32 -61.04
N ILE H 431 45.46 30.59 -61.08
CA ILE H 431 45.83 31.52 -60.02
C ILE H 431 44.59 32.23 -59.49
N TYR H 432 44.47 32.30 -58.17
CA TYR H 432 43.38 32.96 -57.46
C TYR H 432 43.96 34.02 -56.53
N GLU H 433 43.12 34.98 -56.17
CA GLU H 433 43.45 35.99 -55.17
C GLU H 433 42.62 35.76 -53.92
N ALA H 434 43.28 35.73 -52.76
CA ALA H 434 42.56 35.64 -51.50
C ALA H 434 41.76 36.92 -51.28
N ILE H 435 40.43 36.78 -51.21
CA ILE H 435 39.57 37.95 -51.18
C ILE H 435 39.70 38.66 -49.84
N GLY H 436 39.97 39.96 -49.90
CA GLY H 436 40.10 40.75 -48.68
C GLY H 436 41.38 40.52 -47.91
N SER H 437 42.37 39.89 -48.52
CA SER H 437 43.63 39.62 -47.83
C SER H 437 44.44 40.90 -47.64
N GLY H 438 45.23 40.94 -46.58
CA GLY H 438 46.11 42.06 -46.37
C GLY H 438 45.46 43.34 -45.91
N ASN H 439 44.23 43.29 -45.44
CA ASN H 439 43.58 44.44 -44.83
C ASN H 439 43.73 44.43 -43.32
N ARG H 440 44.64 43.62 -42.79
CA ARG H 440 44.70 43.25 -41.38
C ARG H 440 46.16 43.03 -41.02
N ASN H 441 46.41 42.25 -39.96
CA ASN H 441 47.75 41.98 -39.46
C ASN H 441 48.77 41.85 -40.58
N PHE H 442 49.92 42.48 -40.38
CA PHE H 442 50.93 42.60 -41.42
C PHE H 442 52.32 42.62 -40.81
N GLN H 443 53.25 41.90 -41.46
CA GLN H 443 54.67 41.96 -41.14
C GLN H 443 55.42 42.17 -42.45
N SER H 444 56.43 43.05 -42.42
CA SER H 444 57.11 43.45 -43.65
C SER H 444 57.88 42.28 -44.24
N GLY H 445 57.65 42.01 -45.54
CA GLY H 445 58.33 40.95 -46.24
C GLY H 445 57.87 39.55 -45.93
N ASN H 446 56.90 39.38 -45.04
CA ASN H 446 56.44 38.07 -44.61
C ASN H 446 54.97 37.91 -44.91
N LEU H 447 54.57 36.66 -45.20
CA LEU H 447 53.20 36.34 -45.59
C LEU H 447 52.34 36.23 -44.35
N CYS H 448 51.55 37.26 -44.08
CA CYS H 448 50.61 37.26 -42.96
C CYS H 448 49.30 36.67 -43.47
N ASP H 449 49.08 35.40 -43.16
CA ASP H 449 47.95 34.67 -43.69
C ASP H 449 46.75 34.78 -42.75
N ASP H 450 45.61 35.19 -43.29
CA ASP H 450 44.40 35.44 -42.53
C ASP H 450 43.40 34.30 -42.58
N ASP H 451 43.85 33.09 -42.95
CA ASP H 451 42.98 31.93 -43.09
C ASP H 451 41.83 32.23 -44.04
N ILE H 452 42.15 32.93 -45.12
CA ILE H 452 41.14 33.33 -46.11
C ILE H 452 41.06 32.23 -47.16
N LYS H 453 39.97 31.47 -47.15
CA LYS H 453 39.74 30.44 -48.14
C LYS H 453 38.87 30.93 -49.30
N ALA H 454 38.27 32.11 -49.19
CA ALA H 454 37.54 32.69 -50.29
C ALA H 454 38.52 33.16 -51.36
N ILE H 455 38.34 32.68 -52.59
CA ILE H 455 39.29 32.90 -53.67
C ILE H 455 38.55 33.47 -54.88
N ASN H 456 39.21 34.38 -55.59
CA ASN H 456 38.70 34.97 -56.82
C ASN H 456 39.55 34.48 -57.98
N TYR H 457 38.90 33.84 -58.95
CA TYR H 457 39.62 33.31 -60.12
C TYR H 457 40.18 34.45 -60.94
N ILE H 458 41.45 34.32 -61.32
CA ILE H 458 42.09 35.34 -62.15
C ILE H 458 42.25 34.80 -63.56
N THR H 459 43.02 33.72 -63.70
CA THR H 459 43.19 33.04 -64.98
C THR H 459 43.88 31.70 -64.75
N GLY H 460 43.79 30.86 -65.75
CA GLY H 460 44.37 29.53 -65.72
C GLY H 460 43.50 28.52 -66.44
N PHE H 461 44.16 27.52 -67.02
CA PHE H 461 43.49 26.44 -67.72
C PHE H 461 43.39 25.21 -66.82
N ASP H 462 42.31 24.45 -67.00
CA ASP H 462 42.09 23.24 -66.21
C ASP H 462 42.71 22.00 -66.85
N SER H 463 42.81 21.96 -68.18
CA SER H 463 43.38 20.82 -68.89
C SER H 463 44.86 20.67 -68.54
N PRO H 464 45.24 19.62 -67.81
CA PRO H 464 46.65 19.47 -67.42
C PRO H 464 47.56 19.08 -68.56
N ASN H 465 47.01 18.77 -69.74
CA ASN H 465 47.81 18.41 -70.91
C ASN H 465 48.06 19.59 -71.82
N ALA H 466 47.66 20.79 -71.42
CA ALA H 466 47.77 21.98 -72.26
C ALA H 466 48.98 22.80 -71.83
N LYS H 467 49.88 23.08 -72.78
CA LYS H 467 51.03 23.93 -72.51
C LYS H 467 50.57 25.38 -72.39
N SER H 468 50.84 26.01 -71.25
CA SER H 468 50.42 27.38 -71.04
C SER H 468 51.30 28.01 -69.98
N TYR H 469 51.42 29.34 -70.05
CA TYR H 469 52.07 30.11 -69.00
C TYR H 469 51.22 31.33 -68.67
N LEU H 470 51.24 31.73 -67.40
CA LEU H 470 50.33 32.74 -66.88
C LEU H 470 51.05 34.09 -66.81
N VAL H 471 50.41 35.13 -67.34
CA VAL H 471 50.87 36.50 -67.22
C VAL H 471 49.84 37.24 -66.38
N VAL H 472 50.19 37.58 -65.15
CA VAL H 472 49.22 38.08 -64.18
C VAL H 472 49.83 39.22 -63.36
N LEU H 473 49.03 40.26 -63.12
CA LEU H 473 49.45 41.36 -62.26
C LEU H 473 49.22 40.98 -60.80
N LEU H 474 50.28 41.11 -59.99
CA LEU H 474 50.24 40.77 -58.58
C LEU H 474 50.58 42.01 -57.75
N ASN H 475 49.91 42.12 -56.60
CA ASN H 475 50.11 43.20 -55.65
C ASN H 475 50.91 42.70 -54.46
N LYS H 476 51.78 43.55 -53.93
CA LYS H 476 52.57 43.19 -52.76
C LYS H 476 51.76 43.21 -51.48
N ASP H 477 50.54 43.75 -51.50
CA ASP H 477 49.68 43.76 -50.33
C ASP H 477 48.71 42.59 -50.29
N LYS H 478 48.50 41.90 -51.40
CA LYS H 478 47.54 40.81 -51.50
C LYS H 478 48.25 39.46 -51.42
N ASN H 479 47.46 38.42 -51.13
CA ASN H 479 47.92 37.05 -51.11
C ASN H 479 47.24 36.27 -52.23
N TYR H 480 47.97 35.32 -52.81
CA TYR H 480 47.50 34.61 -53.99
C TYR H 480 47.71 33.11 -53.83
N TYR H 481 46.74 32.36 -54.35
CA TYR H 481 46.81 30.91 -54.44
C TYR H 481 47.17 30.51 -55.87
N ILE H 482 47.97 29.47 -56.01
CA ILE H 482 48.25 28.86 -57.31
C ILE H 482 47.90 27.39 -57.22
N ARG H 483 46.89 26.98 -57.99
CA ARG H 483 46.52 25.58 -58.07
C ARG H 483 47.24 24.93 -59.24
N VAL H 484 47.93 23.83 -58.94
CA VAL H 484 48.51 22.95 -59.94
C VAL H 484 47.71 21.65 -59.91
N PRO H 485 47.21 21.18 -61.05
CA PRO H 485 46.28 20.05 -61.07
C PRO H 485 47.00 18.72 -60.87
N GLN H 486 46.22 17.65 -60.93
CA GLN H 486 46.76 16.31 -60.80
C GLN H 486 47.58 15.96 -62.02
N THR H 487 48.86 15.67 -61.81
CA THR H 487 49.75 15.22 -62.87
C THR H 487 49.76 13.70 -62.89
N SER H 488 49.59 13.13 -64.09
CA SER H 488 49.54 11.68 -64.25
C SER H 488 50.92 11.05 -64.28
N SER H 489 51.94 11.75 -63.78
CA SER H 489 53.31 11.27 -63.81
C SER H 489 53.97 11.54 -62.48
N ASN H 490 55.11 10.88 -62.27
CA ASN H 490 55.94 11.09 -61.09
C ASN H 490 56.94 12.22 -61.28
N ILE H 491 56.61 13.19 -62.13
CA ILE H 491 57.59 14.16 -62.62
C ILE H 491 57.83 15.23 -61.58
N GLU H 492 59.09 15.38 -61.17
CA GLU H 492 59.48 16.53 -60.37
C GLU H 492 59.27 17.79 -61.17
N ASN H 493 58.60 18.76 -60.56
CA ASN H 493 58.22 19.97 -61.26
C ASN H 493 58.56 21.17 -60.40
N GLN H 494 58.78 22.31 -61.06
CA GLN H 494 59.08 23.55 -60.38
C GLN H 494 58.13 24.63 -60.90
N ILE H 495 57.70 25.51 -60.00
CA ILE H 495 56.89 26.66 -60.35
C ILE H 495 57.85 27.85 -60.49
N GLN H 496 57.96 28.37 -61.70
CA GLN H 496 58.84 29.48 -62.01
C GLN H 496 58.05 30.78 -61.98
N PHE H 497 58.43 31.67 -61.07
CA PHE H 497 57.92 33.04 -60.99
C PHE H 497 58.99 33.98 -61.51
N LYS H 498 58.61 34.87 -62.41
CA LYS H 498 59.55 35.86 -62.95
C LYS H 498 58.83 37.18 -63.17
N ARG H 499 59.31 38.24 -62.51
CA ARG H 499 58.75 39.56 -62.74
C ARG H 499 59.11 40.03 -64.15
N GLU H 500 58.10 40.40 -64.92
CA GLU H 500 58.28 40.81 -66.30
C GLU H 500 58.52 42.32 -66.38
N GLU H 501 59.59 42.70 -67.07
CA GLU H 501 59.91 44.10 -67.31
C GLU H 501 59.77 44.51 -68.76
N GLY H 502 59.83 43.56 -69.70
CA GLY H 502 59.77 43.86 -71.12
C GLY H 502 58.36 44.07 -71.63
N ASP H 503 58.11 43.62 -72.87
CA ASP H 503 56.82 43.83 -73.52
C ASP H 503 55.77 42.78 -73.15
N LEU H 504 56.17 41.70 -72.48
CA LEU H 504 55.19 40.67 -72.10
C LEU H 504 54.15 41.22 -71.13
N ARG H 505 54.42 42.38 -70.52
CA ARG H 505 53.43 43.09 -69.73
C ARG H 505 52.14 43.35 -70.50
N ASN H 506 52.16 43.23 -71.83
CA ASN H 506 50.94 43.43 -72.61
C ASN H 506 50.00 42.24 -72.56
N LEU H 507 50.38 41.14 -71.92
CA LEU H 507 49.57 39.92 -71.90
C LEU H 507 48.79 39.74 -70.60
N MET H 508 48.68 40.78 -69.78
CA MET H 508 47.97 40.68 -68.51
C MET H 508 46.52 41.13 -68.65
N ASN H 509 45.62 40.40 -68.01
CA ASN H 509 45.94 39.15 -67.32
C ASN H 509 45.43 38.00 -68.16
N SER H 510 46.29 37.03 -68.48
CA SER H 510 45.83 35.94 -69.33
C SER H 510 46.75 34.75 -69.21
N SER H 511 46.20 33.59 -69.56
CA SER H 511 46.99 32.40 -69.80
C SER H 511 47.32 32.33 -71.29
N VAL H 512 48.59 32.08 -71.61
CA VAL H 512 49.07 31.95 -72.97
C VAL H 512 49.22 30.48 -73.28
N ASN H 513 48.56 30.05 -74.36
CA ASN H 513 48.45 28.65 -74.75
C ASN H 513 49.47 28.37 -75.84
N ILE H 514 50.35 27.40 -75.60
CA ILE H 514 51.43 27.07 -76.54
C ILE H 514 50.89 26.05 -77.54
N ILE H 515 50.96 26.39 -78.82
CA ILE H 515 50.46 25.55 -79.89
C ILE H 515 51.66 24.85 -80.55
N ASP H 516 51.63 23.51 -80.55
CA ASP H 516 52.74 22.72 -81.04
C ASP H 516 52.48 22.09 -82.41
N ASN H 517 51.28 21.56 -82.64
CA ASN H 517 50.99 20.77 -83.84
C ASN H 517 50.70 21.63 -85.07
N LEU H 518 51.04 22.92 -85.05
CA LEU H 518 50.87 23.78 -86.22
C LEU H 518 52.08 23.64 -87.15
N ASN H 519 52.23 22.42 -87.68
CA ASN H 519 53.38 22.05 -88.47
C ASN H 519 53.03 21.71 -89.91
N SER H 520 51.85 22.14 -90.37
CA SER H 520 51.41 21.85 -91.72
C SER H 520 50.43 22.92 -92.16
N THR H 521 50.19 22.98 -93.47
CA THR H 521 49.21 23.89 -94.04
C THR H 521 47.83 23.25 -94.02
N GLY H 522 46.80 24.09 -93.97
CA GLY H 522 45.44 23.58 -93.91
C GLY H 522 44.63 24.17 -92.78
N ALA H 523 43.68 23.41 -92.25
CA ALA H 523 42.78 23.88 -91.21
C ALA H 523 43.17 23.26 -89.87
N HIS H 524 43.30 24.10 -88.85
CA HIS H 524 43.51 23.65 -87.48
C HIS H 524 42.58 24.43 -86.58
N TYR H 525 42.19 23.84 -85.46
CA TYR H 525 41.42 24.59 -84.48
C TYR H 525 41.73 24.04 -83.09
N TYR H 526 41.62 24.92 -82.10
CA TYR H 526 41.99 24.63 -80.73
C TYR H 526 40.88 25.08 -79.81
N THR H 527 40.42 24.17 -78.96
CA THR H 527 39.30 24.39 -78.07
C THR H 527 39.81 24.45 -76.63
N ARG H 528 39.47 25.52 -75.92
CA ARG H 528 39.91 25.68 -74.54
C ARG H 528 38.82 26.36 -73.74
N GLN H 529 38.89 26.19 -72.41
CA GLN H 529 37.88 26.74 -71.51
C GLN H 529 37.79 28.26 -71.70
N SER H 530 36.65 28.73 -72.20
CA SER H 530 36.52 30.14 -72.53
C SER H 530 36.50 30.99 -71.26
N PRO H 531 37.11 32.17 -71.29
CA PRO H 531 37.02 33.09 -70.15
C PRO H 531 35.66 33.79 -70.13
N ASP H 532 35.43 34.49 -69.03
CA ASP H 532 34.22 35.31 -68.89
C ASP H 532 34.30 36.51 -69.83
N VAL H 533 33.25 37.33 -69.81
CA VAL H 533 33.25 38.55 -70.59
C VAL H 533 34.31 39.50 -70.04
N HIS H 534 34.97 40.24 -70.95
CA HIS H 534 36.01 41.21 -70.62
C HIS H 534 37.22 40.57 -69.97
N ASP H 535 37.39 39.26 -70.08
CA ASP H 535 38.60 38.58 -69.68
C ASP H 535 39.41 38.18 -70.91
N TYR H 536 40.60 37.64 -70.68
CA TYR H 536 41.58 37.46 -71.74
C TYR H 536 42.06 36.03 -71.82
N ILE H 537 42.39 35.61 -73.04
CA ILE H 537 43.07 34.35 -73.31
C ILE H 537 44.03 34.57 -74.46
N SER H 538 45.25 34.02 -74.37
CA SER H 538 46.27 34.28 -75.37
C SER H 538 46.74 32.97 -75.99
N TYR H 539 47.22 33.06 -77.23
CA TYR H 539 47.72 31.91 -77.97
C TYR H 539 49.07 32.29 -78.58
N GLU H 540 50.11 31.51 -78.29
CA GLU H 540 51.42 31.69 -78.88
C GLU H 540 51.66 30.55 -79.86
N PHE H 541 51.84 30.88 -81.14
CA PHE H 541 51.97 29.86 -82.17
C PHE H 541 53.05 30.26 -83.17
N THR H 542 53.64 29.24 -83.80
CA THR H 542 54.71 29.43 -84.76
C THR H 542 54.22 29.03 -86.15
N ILE H 543 54.38 29.93 -87.12
CA ILE H 543 53.97 29.64 -88.49
C ILE H 543 54.83 28.53 -89.05
N PRO H 544 54.27 27.53 -89.73
CA PRO H 544 55.09 26.46 -90.29
C PRO H 544 55.96 26.95 -91.43
N GLY H 545 57.04 26.22 -91.66
CA GLY H 545 58.01 26.54 -92.69
C GLY H 545 59.25 27.22 -92.13
N ASN H 546 60.31 27.21 -92.94
CA ASN H 546 61.56 27.83 -92.54
C ASN H 546 61.43 29.35 -92.60
N PHE H 547 62.12 30.02 -91.67
CA PHE H 547 62.09 31.47 -91.55
C PHE H 547 63.28 32.06 -92.29
N ASN H 548 62.99 32.89 -93.30
CA ASN H 548 64.02 33.69 -93.97
C ASN H 548 63.61 35.14 -94.12
N ASN H 549 62.56 35.57 -93.41
CA ASN H 549 62.02 36.93 -93.41
C ASN H 549 61.44 37.33 -94.76
N LYS H 550 61.31 36.40 -95.71
CA LYS H 550 60.68 36.76 -96.97
C LYS H 550 59.58 35.75 -97.34
N ASP H 551 59.73 34.51 -96.92
CA ASP H 551 58.69 33.51 -97.14
C ASP H 551 57.51 33.81 -96.22
N THR H 552 56.31 33.81 -96.80
CA THR H 552 55.11 34.17 -96.05
C THR H 552 53.97 33.23 -96.43
N SER H 553 53.00 33.12 -95.52
CA SER H 553 51.83 32.29 -95.71
C SER H 553 50.59 33.07 -95.29
N ASN H 554 49.46 32.73 -95.90
CA ASN H 554 48.20 33.41 -95.62
C ASN H 554 47.51 32.74 -94.44
N ILE H 555 47.25 33.54 -93.39
CA ILE H 555 46.68 33.07 -92.13
C ILE H 555 45.33 33.71 -91.93
N ARG H 556 44.36 32.91 -91.48
CA ARG H 556 43.04 33.39 -91.10
C ARG H 556 42.76 32.95 -89.67
N LEU H 557 42.43 33.91 -88.81
CA LEU H 557 42.07 33.67 -87.42
C LEU H 557 40.59 33.96 -87.24
N TYR H 558 39.88 33.05 -86.57
CA TYR H 558 38.50 33.33 -86.19
C TYR H 558 38.09 32.42 -85.04
N THR H 559 36.93 32.72 -84.47
CA THR H 559 36.26 31.88 -83.50
C THR H 559 34.94 31.39 -84.08
N SER H 560 34.40 30.34 -83.47
CA SER H 560 33.19 29.71 -83.98
C SER H 560 31.92 30.30 -83.36
N TYR H 561 31.88 30.45 -82.03
CA TYR H 561 30.68 30.88 -81.34
C TYR H 561 30.88 32.19 -80.57
N ASN H 562 31.95 32.29 -79.79
CA ASN H 562 32.16 33.45 -78.95
C ASN H 562 32.73 34.62 -79.73
N GLN H 563 32.22 35.82 -79.46
CA GLN H 563 32.74 37.03 -80.06
C GLN H 563 33.83 37.63 -79.18
N GLY H 564 34.89 38.10 -79.81
CA GLY H 564 36.00 38.67 -79.07
C GLY H 564 36.80 39.65 -79.89
N ILE H 565 37.51 40.52 -79.19
CA ILE H 565 38.40 41.49 -79.80
C ILE H 565 39.83 41.00 -79.62
N GLY H 566 40.55 40.85 -80.73
CA GLY H 566 41.88 40.25 -80.70
C GLY H 566 42.94 41.27 -81.10
N THR H 567 44.07 41.22 -80.41
CA THR H 567 45.25 41.98 -80.76
C THR H 567 46.38 41.00 -81.05
N LEU H 568 47.00 41.15 -82.22
CA LEU H 568 48.05 40.25 -82.67
C LEU H 568 49.40 40.95 -82.55
N PHE H 569 50.30 40.33 -81.78
CA PHE H 569 51.69 40.73 -81.61
C PHE H 569 52.59 39.76 -82.37
N ARG H 570 53.70 40.30 -82.87
CA ARG H 570 54.75 39.50 -83.50
C ARG H 570 55.98 39.48 -82.60
N VAL H 571 56.63 38.31 -82.52
CA VAL H 571 57.86 38.18 -81.75
C VAL H 571 59.05 38.40 -82.68
N THR H 572 59.81 39.45 -82.40
CA THR H 572 61.11 39.67 -83.04
C THR H 572 62.14 40.00 -81.97
N GLU H 573 63.37 39.56 -82.20
CA GLU H 573 64.50 39.93 -81.37
C GLU H 573 65.11 41.22 -81.91
N THR H 574 65.24 42.22 -81.06
CA THR H 574 65.76 43.52 -81.46
C THR H 574 66.95 43.89 -80.58
N ASP H 575 67.39 45.15 -80.62
CA ASP H 575 68.49 45.55 -79.75
C ASP H 575 68.16 45.28 -78.29
N ALA H 576 66.91 45.46 -77.89
CA ALA H 576 66.56 45.24 -76.49
C ALA H 576 66.46 43.74 -76.15
N GLY H 577 66.00 42.91 -77.09
CA GLY H 577 65.83 41.49 -76.80
C GLY H 577 64.42 41.01 -77.06
N TYR H 578 63.82 40.32 -76.09
CA TYR H 578 62.41 39.92 -76.22
C TYR H 578 61.56 41.16 -76.44
N ASN H 579 60.76 41.14 -77.50
CA ASN H 579 60.08 42.35 -77.93
C ASN H 579 58.84 41.98 -78.73
N LEU H 580 57.71 42.56 -78.36
CA LEU H 580 56.44 42.34 -79.05
C LEU H 580 56.11 43.58 -79.87
N ILE H 581 55.80 43.39 -81.14
CA ILE H 581 55.39 44.46 -82.03
C ILE H 581 53.89 44.32 -82.28
N ASN H 582 53.13 45.35 -81.96
CA ASN H 582 51.69 45.34 -82.19
C ASN H 582 51.44 45.47 -83.68
N ILE H 583 50.95 44.41 -84.30
CA ILE H 583 50.73 44.39 -85.74
C ILE H 583 49.26 44.27 -86.12
N GLN H 584 48.38 43.86 -85.21
CA GLN H 584 46.96 43.85 -85.52
C GLN H 584 46.16 44.29 -84.30
N GLN H 585 45.21 45.20 -84.50
CA GLN H 585 44.34 45.70 -83.44
C GLN H 585 42.89 45.54 -83.84
N ASN H 586 42.03 45.38 -82.83
CA ASN H 586 40.58 45.37 -83.00
C ASN H 586 40.12 44.34 -84.03
N LEU H 587 40.73 43.17 -84.01
CA LEU H 587 40.31 42.08 -84.88
C LEU H 587 39.11 41.39 -84.26
N HIS H 588 37.97 41.41 -84.96
CA HIS H 588 36.74 40.81 -84.47
C HIS H 588 36.70 39.37 -84.95
N LEU H 589 36.99 38.44 -84.03
CA LEU H 589 37.26 37.06 -84.41
C LEU H 589 36.01 36.27 -84.79
N LEU H 590 34.84 36.69 -84.34
CA LEU H 590 33.64 35.87 -84.52
C LEU H 590 33.31 35.77 -86.01
N ASN H 591 33.62 34.61 -86.59
CA ASN H 591 33.42 34.35 -88.01
C ASN H 591 34.10 35.42 -88.87
N ASN H 592 35.29 35.83 -88.43
CA ASN H 592 36.05 36.85 -89.15
C ASN H 592 36.37 36.40 -90.56
N THR H 593 36.27 37.33 -91.51
CA THR H 593 36.52 37.00 -92.91
C THR H 593 37.85 37.50 -93.44
N ASN H 594 38.57 38.32 -92.69
CA ASN H 594 39.82 38.92 -93.17
C ASN H 594 41.00 38.05 -92.79
N SER H 595 41.97 37.96 -93.70
CA SER H 595 43.19 37.19 -93.51
C SER H 595 44.40 38.09 -93.69
N ILE H 596 45.55 37.63 -93.19
CA ILE H 596 46.78 38.41 -93.27
C ILE H 596 47.94 37.47 -93.57
N ARG H 597 48.94 37.98 -94.29
CA ARG H 597 50.13 37.22 -94.61
C ARG H 597 51.13 37.37 -93.49
N LEU H 598 51.56 36.24 -92.92
CA LEU H 598 52.52 36.21 -91.83
C LEU H 598 53.76 35.43 -92.26
N LEU H 599 54.91 35.82 -91.70
CA LEU H 599 56.17 35.22 -92.09
C LEU H 599 56.25 33.77 -91.61
N ASN H 600 56.69 32.88 -92.50
CA ASN H 600 56.90 31.49 -92.13
C ASN H 600 58.02 31.39 -91.09
N GLY H 601 57.84 30.49 -90.14
CA GLY H 601 58.84 30.29 -89.10
C GLY H 601 58.87 31.35 -88.02
N ALA H 602 57.91 32.27 -88.02
CA ALA H 602 57.86 33.34 -87.03
C ALA H 602 56.86 32.99 -85.93
N ILE H 603 57.07 33.60 -84.76
CA ILE H 603 56.24 33.36 -83.59
C ILE H 603 55.30 34.54 -83.40
N TYR H 604 54.02 34.24 -83.17
CA TYR H 604 53.00 35.26 -82.99
C TYR H 604 52.22 34.97 -81.72
N ILE H 605 51.76 36.03 -81.07
CA ILE H 605 50.96 35.94 -79.86
C ILE H 605 49.67 36.70 -80.08
N LEU H 606 48.54 36.00 -80.00
CA LEU H 606 47.22 36.60 -80.17
C LEU H 606 46.56 36.70 -78.81
N LYS H 607 46.15 37.91 -78.43
CA LYS H 607 45.48 38.18 -77.16
C LYS H 607 44.02 38.47 -77.47
N VAL H 608 43.12 37.60 -76.99
CA VAL H 608 41.70 37.68 -77.29
C VAL H 608 40.96 38.09 -76.01
N GLU H 609 40.14 39.13 -76.13
CA GLU H 609 39.28 39.61 -75.07
C GLU H 609 37.85 39.19 -75.40
N VAL H 610 37.26 38.37 -74.54
CA VAL H 610 35.92 37.84 -74.80
C VAL H 610 34.91 38.94 -74.56
N THR H 611 34.17 39.32 -75.62
CA THR H 611 33.16 40.36 -75.52
C THR H 611 31.74 39.81 -75.46
N GLU H 612 31.52 38.60 -75.95
CA GLU H 612 30.21 37.97 -75.89
C GLU H 612 30.39 36.48 -75.59
N LEU H 613 29.74 36.02 -74.51
CA LEU H 613 29.88 34.64 -74.06
C LEU H 613 28.70 33.82 -74.59
N ASN H 614 28.99 32.93 -75.54
CA ASN H 614 27.97 32.10 -76.16
C ASN H 614 28.23 30.61 -76.05
N ASN H 615 29.33 30.20 -75.40
CA ASN H 615 29.60 28.78 -75.18
C ASN H 615 30.64 28.68 -74.06
N TYR H 616 30.60 27.56 -73.35
CA TYR H 616 31.55 27.33 -72.26
C TYR H 616 32.98 27.24 -72.77
N ASN H 617 33.18 26.71 -73.97
CA ASN H 617 34.49 26.64 -74.59
C ASN H 617 34.62 27.69 -75.68
N ILE H 618 35.86 28.10 -75.93
CA ILE H 618 36.20 28.98 -77.04
C ILE H 618 37.05 28.18 -78.01
N ARG H 619 36.71 28.27 -79.30
CA ARG H 619 37.36 27.50 -80.36
C ARG H 619 38.02 28.49 -81.32
N LEU H 620 39.35 28.59 -81.24
CA LEU H 620 40.12 29.47 -82.10
C LEU H 620 40.71 28.65 -83.24
N HIS H 621 40.51 29.09 -84.47
CA HIS H 621 41.01 28.34 -85.62
C HIS H 621 42.16 29.06 -86.29
N ILE H 622 43.10 28.28 -86.79
CA ILE H 622 44.19 28.74 -87.62
C ILE H 622 43.97 28.13 -89.00
N ASP H 623 43.66 28.96 -89.99
CA ASP H 623 43.51 28.47 -91.36
C ASP H 623 44.67 29.00 -92.20
N ILE H 624 45.53 28.08 -92.65
CA ILE H 624 46.77 28.39 -93.33
C ILE H 624 46.64 27.97 -94.78
N THR H 625 46.69 28.94 -95.68
CA THR H 625 46.82 28.65 -97.09
C THR H 625 48.29 28.82 -97.49
N ASN H 626 48.58 28.52 -98.76
CA ASN H 626 49.95 28.59 -99.29
C ASN H 626 50.89 27.67 -98.51
N SER I 20 -3.73 76.71 8.53
CA SER I 20 -3.03 76.23 9.71
C SER I 20 -3.32 74.75 9.94
N ASP I 21 -3.26 74.33 11.20
CA ASP I 21 -3.60 72.97 11.59
C ASP I 21 -5.04 72.82 12.06
N THR I 22 -5.90 73.79 11.72
CA THR I 22 -7.29 73.77 12.11
C THR I 22 -8.14 73.28 10.94
N ILE I 23 -8.98 72.26 11.20
CA ILE I 23 -9.82 71.67 10.19
C ILE I 23 -11.25 71.61 10.72
N ASP I 24 -12.21 71.56 9.79
CA ASP I 24 -13.63 71.55 10.14
C ASP I 24 -14.14 70.10 10.22
N LEU I 25 -13.59 69.35 11.18
CA LEU I 25 -13.96 67.96 11.38
C LEU I 25 -14.28 67.71 12.85
N ALA I 26 -15.14 66.73 13.09
CA ALA I 26 -15.44 66.31 14.44
C ALA I 26 -14.26 65.54 15.03
N ASP I 27 -14.27 65.41 16.35
CA ASP I 27 -13.18 64.76 17.05
C ASP I 27 -13.10 63.28 16.68
N GLY I 28 -11.89 62.80 16.49
CA GLY I 28 -11.67 61.40 16.17
C GLY I 28 -10.47 61.22 15.26
N ASN I 29 -10.26 59.97 14.85
CA ASN I 29 -9.16 59.58 13.99
C ASN I 29 -9.66 59.41 12.56
N TYR I 30 -8.86 59.87 11.60
CA TYR I 30 -9.26 59.92 10.21
C TYR I 30 -8.13 59.42 9.31
N VAL I 31 -8.53 58.73 8.22
CA VAL I 31 -7.64 58.35 7.13
C VAL I 31 -7.83 59.35 6.00
N VAL I 32 -6.71 59.80 5.43
CA VAL I 32 -6.72 60.86 4.43
C VAL I 32 -5.86 60.45 3.24
N ARG I 33 -6.39 60.62 2.04
CA ARG I 33 -5.62 60.55 0.81
C ARG I 33 -5.37 61.96 0.31
N ARG I 34 -4.09 62.34 0.18
CA ARG I 34 -3.72 63.68 -0.22
C ARG I 34 -3.49 63.82 -1.72
N GLY I 35 -3.52 62.73 -2.48
CA GLY I 35 -3.45 62.78 -3.93
C GLY I 35 -2.20 62.12 -4.47
N ASP I 36 -1.97 62.32 -5.76
CA ASP I 36 -0.86 61.73 -6.48
C ASP I 36 0.13 62.81 -6.90
N GLY I 37 1.38 62.39 -7.11
CA GLY I 37 2.40 63.27 -7.62
C GLY I 37 3.24 63.94 -6.54
N TRP I 38 3.56 63.19 -5.47
CA TRP I 38 4.34 63.71 -4.37
C TRP I 38 5.80 63.29 -4.55
N ILE I 39 6.69 64.27 -4.61
CA ILE I 39 8.13 64.03 -4.72
C ILE I 39 8.78 64.44 -3.41
N LEU I 40 9.78 63.68 -2.99
CA LEU I 40 10.36 63.85 -1.66
C LEU I 40 11.59 64.75 -1.72
N SER I 41 11.93 65.32 -0.56
CA SER I 41 13.05 66.24 -0.47
C SER I 41 14.37 65.51 -0.69
N ARG I 42 15.31 66.22 -1.30
CA ARG I 42 16.69 65.78 -1.48
C ARG I 42 16.79 64.58 -2.42
N GLN I 43 15.66 64.09 -2.91
CA GLN I 43 15.59 62.87 -3.71
C GLN I 43 15.26 63.19 -5.16
N ASN I 44 15.83 64.27 -5.69
CA ASN I 44 15.49 64.73 -7.03
C ASN I 44 16.32 64.03 -8.11
N GLN I 45 17.64 64.01 -7.95
CA GLN I 45 18.53 63.41 -8.94
C GLN I 45 19.07 62.04 -8.50
N ILE I 46 18.35 61.35 -7.62
CA ILE I 46 18.75 60.05 -7.13
C ILE I 46 18.84 59.00 -8.23
N LEU I 47 18.25 59.25 -9.40
CA LEU I 47 18.19 58.27 -10.47
C LEU I 47 18.96 58.66 -11.72
N GLY I 48 19.52 59.86 -11.78
CA GLY I 48 20.29 60.27 -12.94
C GLY I 48 19.45 61.01 -13.98
N GLY I 49 20.13 61.41 -15.05
CA GLY I 49 19.48 62.16 -16.09
C GLY I 49 20.18 62.00 -17.42
N SER I 50 19.53 62.51 -18.46
CA SER I 50 20.03 62.44 -19.83
C SER I 50 20.30 63.83 -20.37
N VAL I 51 21.31 63.90 -21.25
CA VAL I 51 21.69 65.15 -21.91
C VAL I 51 21.56 64.90 -23.42
N ILE I 52 20.58 65.55 -24.03
CA ILE I 52 20.33 65.44 -25.46
C ILE I 52 20.56 66.81 -26.10
N SER I 53 20.67 66.83 -27.42
CA SER I 53 20.94 68.09 -28.09
C SER I 53 20.69 67.97 -29.59
N ASN I 54 20.30 69.10 -30.18
CA ASN I 54 20.26 69.29 -31.63
C ASN I 54 19.30 68.31 -32.31
N GLY I 55 18.04 68.37 -31.91
CA GLY I 55 17.00 67.62 -32.58
C GLY I 55 16.85 66.18 -32.16
N SER I 56 17.80 65.64 -31.40
CA SER I 56 17.69 64.26 -30.92
C SER I 56 16.57 64.15 -29.89
N THR I 57 15.97 62.97 -29.82
CA THR I 57 14.89 62.68 -28.87
C THR I 57 15.42 61.73 -27.80
N GLY I 58 15.35 62.17 -26.54
CA GLY I 58 15.78 61.37 -25.41
C GLY I 58 14.59 60.75 -24.70
N ILE I 59 14.70 59.46 -24.44
CA ILE I 59 13.65 58.68 -23.79
C ILE I 59 14.23 58.02 -22.55
N VAL I 60 13.51 58.12 -21.43
CA VAL I 60 13.93 57.54 -20.17
C VAL I 60 12.77 56.78 -19.55
N GLY I 61 13.06 55.62 -18.99
CA GLY I 61 12.01 54.79 -18.41
C GLY I 61 12.47 54.06 -17.17
N ASP I 62 11.48 53.56 -16.42
CA ASP I 62 11.78 52.84 -15.19
C ASP I 62 10.66 51.85 -14.89
N LEU I 63 10.93 50.96 -13.92
CA LEU I 63 10.07 49.83 -13.59
C LEU I 63 9.95 49.75 -12.07
N ARG I 64 8.75 49.95 -11.55
CA ARG I 64 8.49 50.00 -10.11
C ARG I 64 8.23 48.59 -9.60
N VAL I 65 9.26 47.95 -9.02
CA VAL I 65 9.15 46.59 -8.51
C VAL I 65 9.84 46.50 -7.15
N ASN I 66 9.09 46.13 -6.11
CA ASN I 66 9.64 45.71 -4.83
C ASN I 66 10.60 46.71 -4.20
N ASP I 67 11.90 46.51 -4.40
CA ASP I 67 12.90 47.28 -3.66
C ASP I 67 12.87 48.76 -4.02
N ASN I 68 12.47 49.11 -5.24
CA ASN I 68 12.22 50.51 -5.58
C ASN I 68 10.78 50.90 -5.34
N ALA I 69 9.93 49.97 -4.89
CA ALA I 69 8.55 50.25 -4.53
C ALA I 69 8.34 50.20 -3.01
N ILE I 70 9.41 50.40 -2.24
CA ILE I 70 9.34 50.37 -0.79
C ILE I 70 8.52 51.55 -0.30
N PRO I 71 7.44 51.32 0.46
CA PRO I 71 6.71 52.44 1.06
C PRO I 71 7.43 52.98 2.28
N TYR I 72 7.29 54.28 2.49
CA TYR I 72 7.96 54.97 3.59
C TYR I 72 6.94 55.33 4.66
N TYR I 73 7.18 54.86 5.89
CA TYR I 73 6.31 55.12 7.02
C TYR I 73 6.90 56.23 7.89
N TYR I 74 6.03 57.10 8.40
CA TYR I 74 6.39 58.11 9.39
C TYR I 74 5.29 58.03 10.43
N PRO I 75 5.45 57.17 11.43
CA PRO I 75 4.39 56.93 12.42
C PRO I 75 4.43 57.93 13.57
N THR I 76 3.39 57.85 14.39
CA THR I 76 3.20 58.66 15.58
C THR I 76 2.85 57.72 16.72
N PRO I 77 2.97 58.19 17.98
CA PRO I 77 2.74 57.26 19.11
C PRO I 77 1.38 56.58 19.09
N SER I 78 0.33 57.28 18.64
CA SER I 78 -0.98 56.64 18.53
C SER I 78 -1.07 55.73 17.32
N PHE I 79 -0.44 56.09 16.21
CA PHE I 79 -0.59 55.40 14.93
C PHE I 79 0.74 54.76 14.54
N ASN I 80 0.92 53.49 14.89
CA ASN I 80 2.11 52.75 14.48
C ASN I 80 1.92 52.21 13.06
N GLU I 81 2.92 51.47 12.58
CA GLU I 81 2.94 51.03 11.18
C GLU I 81 1.73 50.17 10.85
N GLU I 82 1.40 49.21 11.72
CA GLU I 82 0.30 48.29 11.45
C GLU I 82 -1.01 49.05 11.31
N TYR I 83 -1.26 50.00 12.20
CA TYR I 83 -2.47 50.81 12.16
C TYR I 83 -2.60 51.53 10.82
N ILE I 84 -1.55 52.24 10.42
CA ILE I 84 -1.59 53.02 9.19
C ILE I 84 -1.81 52.12 7.99
N LYS I 85 -1.04 51.02 7.92
CA LYS I 85 -1.14 50.12 6.78
C LYS I 85 -2.54 49.54 6.66
N ASN I 86 -3.07 49.00 7.77
CA ASN I 86 -4.38 48.36 7.72
C ASN I 86 -5.47 49.36 7.34
N ASN I 87 -5.46 50.54 7.97
CA ASN I 87 -6.50 51.53 7.67
C ASN I 87 -6.43 51.98 6.21
N ILE I 88 -5.22 52.33 5.76
CA ILE I 88 -5.06 52.85 4.40
C ILE I 88 -5.47 51.81 3.37
N GLN I 89 -5.07 50.54 3.59
CA GLN I 89 -5.42 49.51 2.62
C GLN I 89 -6.90 49.14 2.68
N THR I 90 -7.53 49.29 3.84
CA THR I 90 -8.96 49.03 3.92
C THR I 90 -9.75 50.08 3.16
N VAL I 91 -9.41 51.35 3.32
CA VAL I 91 -10.19 52.42 2.69
C VAL I 91 -9.74 52.67 1.26
N PHE I 92 -8.43 52.62 0.99
CA PHE I 92 -7.87 53.07 -0.27
C PHE I 92 -7.16 51.91 -0.99
N THR I 93 -6.40 52.27 -2.03
CA THR I 93 -5.71 51.29 -2.84
C THR I 93 -4.82 50.39 -1.99
N ASN I 94 -4.90 49.09 -2.27
CA ASN I 94 -4.15 48.06 -1.53
C ASN I 94 -2.75 48.00 -2.11
N PHE I 95 -1.78 48.63 -1.43
CA PHE I 95 -0.46 48.82 -1.99
C PHE I 95 0.48 47.65 -1.77
N THR I 96 0.28 46.85 -0.71
CA THR I 96 1.19 45.74 -0.44
C THR I 96 1.15 44.71 -1.57
N GLU I 97 -0.04 44.45 -2.12
CA GLU I 97 -0.14 43.54 -3.26
C GLU I 97 0.06 44.25 -4.59
N ALA I 98 -0.24 45.55 -4.67
CA ALA I 98 -0.09 46.28 -5.93
C ALA I 98 1.38 46.50 -6.27
N ASN I 99 2.21 46.78 -5.27
CA ASN I 99 3.62 47.04 -5.51
C ASN I 99 4.41 45.79 -5.87
N GLN I 100 3.80 44.60 -5.74
CA GLN I 100 4.42 43.37 -6.19
C GLN I 100 4.23 43.12 -7.68
N ILE I 101 3.46 43.97 -8.36
CA ILE I 101 3.19 43.85 -9.79
C ILE I 101 4.00 44.91 -10.51
N PRO I 102 4.93 44.53 -11.39
CA PRO I 102 5.81 45.54 -12.02
C PRO I 102 5.05 46.44 -12.96
N ILE I 103 5.17 47.75 -12.75
CA ILE I 103 4.58 48.77 -13.60
C ILE I 103 5.71 49.62 -14.17
N GLY I 104 5.74 49.77 -15.48
CA GLY I 104 6.77 50.56 -16.13
C GLY I 104 6.25 51.87 -16.68
N PHE I 105 7.15 52.85 -16.86
CA PHE I 105 6.75 54.14 -17.40
C PHE I 105 7.92 54.79 -18.12
N GLU I 106 7.59 55.68 -19.07
CA GLU I 106 8.57 56.31 -19.93
C GLU I 106 8.21 57.77 -20.17
N PHE I 107 9.25 58.57 -20.42
CA PHE I 107 9.14 59.97 -20.83
C PHE I 107 10.01 60.18 -22.06
N SER I 108 9.60 61.12 -22.92
CA SER I 108 10.28 61.37 -24.18
C SER I 108 10.31 62.87 -24.43
N LYS I 109 11.50 63.45 -24.47
CA LYS I 109 11.69 64.86 -24.79
C LYS I 109 12.47 64.99 -26.10
N THR I 110 12.28 66.13 -26.78
CA THR I 110 12.99 66.41 -28.03
C THR I 110 13.63 67.78 -27.92
N ALA I 111 14.96 67.81 -27.98
CA ALA I 111 15.68 69.07 -27.86
C ALA I 111 15.59 69.86 -29.16
N PRO I 112 15.52 71.18 -29.08
CA PRO I 112 15.55 72.00 -30.31
C PRO I 112 16.93 72.01 -30.95
N SER I 113 16.98 72.54 -32.17
CA SER I 113 18.21 72.50 -32.94
C SER I 113 19.29 73.38 -32.31
N ASN I 114 20.53 72.87 -32.31
CA ASN I 114 21.72 73.60 -31.86
C ASN I 114 21.59 74.06 -30.41
N LYS I 115 20.86 73.31 -29.59
CA LYS I 115 20.74 73.63 -28.17
C LYS I 115 20.82 72.34 -27.37
N ASN I 116 21.24 72.47 -26.12
CA ASN I 116 21.45 71.33 -25.22
C ASN I 116 20.35 71.31 -24.16
N LEU I 117 19.83 70.11 -23.88
CA LEU I 117 18.74 69.91 -22.95
C LEU I 117 19.11 68.80 -21.97
N TYR I 118 18.88 69.06 -20.69
CA TYR I 118 19.14 68.09 -19.63
C TYR I 118 17.84 67.76 -18.92
N MET I 119 17.54 66.47 -18.80
CA MET I 119 16.31 66.00 -18.16
C MET I 119 16.65 65.00 -17.07
N TYR I 120 16.08 65.20 -15.88
CA TYR I 120 16.32 64.30 -14.76
C TYR I 120 15.01 63.80 -14.20
N LEU I 121 15.02 62.56 -13.71
CA LEU I 121 13.83 61.81 -13.35
C LEU I 121 13.85 61.45 -11.87
N GLN I 122 12.69 61.54 -11.23
CA GLN I 122 12.57 61.26 -9.81
C GLN I 122 11.25 60.53 -9.54
N TYR I 123 11.22 59.78 -8.45
CA TYR I 123 10.02 59.02 -8.09
C TYR I 123 8.94 59.94 -7.55
N THR I 124 7.69 59.64 -7.91
CA THR I 124 6.52 60.28 -7.31
C THR I 124 5.82 59.29 -6.38
N TYR I 125 5.04 59.83 -5.46
CA TYR I 125 4.46 59.03 -4.38
C TYR I 125 3.02 59.46 -4.09
N ILE I 126 2.28 58.55 -3.50
CA ILE I 126 0.97 58.82 -2.93
C ILE I 126 1.17 59.16 -1.46
N ARG I 127 0.55 60.27 -1.03
CA ARG I 127 0.62 60.71 0.36
C ARG I 127 -0.66 60.31 1.08
N TYR I 128 -0.51 59.56 2.17
CA TYR I 128 -1.60 59.19 3.05
C TYR I 128 -1.32 59.76 4.43
N GLU I 129 -2.38 60.14 5.13
CA GLU I 129 -2.24 60.74 6.45
C GLU I 129 -3.25 60.13 7.42
N ILE I 130 -2.77 59.83 8.62
CA ILE I 130 -3.64 59.41 9.72
C ILE I 130 -3.64 60.54 10.73
N ILE I 131 -4.79 61.18 10.94
CA ILE I 131 -4.87 62.41 11.72
C ILE I 131 -5.80 62.21 12.91
N LYS I 132 -5.42 62.78 14.04
CA LYS I 132 -6.26 62.84 15.23
C LYS I 132 -6.76 64.26 15.41
N VAL I 133 -8.08 64.44 15.34
CA VAL I 133 -8.71 65.75 15.38
C VAL I 133 -9.39 65.93 16.72
N LEU I 134 -9.09 67.06 17.39
CA LEU I 134 -9.71 67.44 18.65
C LEU I 134 -9.94 68.94 18.62
N GLN I 135 -11.18 69.34 18.90
CA GLN I 135 -11.58 70.75 18.94
C GLN I 135 -11.26 71.46 17.62
N HIS I 136 -11.61 70.79 16.51
CA HIS I 136 -11.44 71.33 15.16
C HIS I 136 -9.98 71.66 14.85
N GLU I 137 -9.05 70.95 15.47
CA GLU I 137 -7.63 71.16 15.23
C GLU I 137 -6.93 69.82 15.26
N ILE I 138 -5.99 69.64 14.33
CA ILE I 138 -5.21 68.40 14.27
C ILE I 138 -4.10 68.47 15.30
N ILE I 139 -4.09 67.51 16.23
CA ILE I 139 -3.07 67.46 17.28
C ILE I 139 -2.02 66.40 17.00
N GLU I 140 -2.23 65.52 16.03
CA GLU I 140 -1.29 64.46 15.73
C GLU I 140 -1.55 63.96 14.32
N ARG I 141 -0.48 63.71 13.57
CA ARG I 141 -0.58 63.29 12.18
C ARG I 141 0.58 62.38 11.83
N ALA I 142 0.28 61.23 11.25
CA ALA I 142 1.27 60.30 10.74
C ALA I 142 1.16 60.23 9.22
N VAL I 143 2.29 60.01 8.55
CA VAL I 143 2.38 60.19 7.11
C VAL I 143 2.95 58.92 6.45
N LEU I 144 2.29 58.46 5.40
CA LEU I 144 2.73 57.32 4.61
C LEU I 144 2.95 57.73 3.16
N TYR I 145 4.06 57.29 2.58
CA TYR I 145 4.36 57.51 1.17
C TYR I 145 4.38 56.17 0.45
N VAL I 146 3.54 56.04 -0.58
CA VAL I 146 3.41 54.81 -1.36
C VAL I 146 3.93 55.09 -2.76
N PRO I 147 4.96 54.39 -3.24
CA PRO I 147 5.50 54.68 -4.57
C PRO I 147 4.45 54.48 -5.66
N SER I 148 4.32 55.49 -6.53
CA SER I 148 3.35 55.42 -7.62
C SER I 148 4.00 55.37 -9.00
N LEU I 149 4.76 56.40 -9.37
CA LEU I 149 5.33 56.53 -10.71
C LEU I 149 6.50 57.52 -10.62
N GLY I 150 6.94 58.04 -11.77
CA GLY I 150 8.01 59.02 -11.81
C GLY I 150 7.60 60.32 -12.48
N TYR I 151 8.57 61.23 -12.55
CA TYR I 151 8.37 62.57 -13.10
C TYR I 151 9.73 63.15 -13.46
N VAL I 152 9.81 63.80 -14.62
CA VAL I 152 11.06 64.37 -15.09
C VAL I 152 10.94 65.89 -15.15
N LYS I 153 12.06 66.56 -14.93
CA LYS I 153 12.21 67.99 -15.14
C LYS I 153 13.35 68.23 -16.12
N SER I 154 13.13 69.15 -17.06
CA SER I 154 14.06 69.38 -18.16
C SER I 154 14.39 70.86 -18.27
N ILE I 155 15.62 71.15 -18.69
CA ILE I 155 16.08 72.53 -18.84
C ILE I 155 17.01 72.62 -20.05
N GLU I 156 16.90 73.71 -20.79
CA GLU I 156 17.85 74.03 -21.84
C GLU I 156 19.02 74.81 -21.24
N PHE I 157 20.23 74.39 -21.57
CA PHE I 157 21.43 74.94 -20.94
C PHE I 157 22.55 75.07 -21.96
N ASN I 158 23.50 75.96 -21.65
CA ASN I 158 24.72 76.20 -22.39
C ASN I 158 25.92 75.86 -21.52
N PRO I 159 27.07 75.51 -22.12
CA PRO I 159 28.26 75.17 -21.32
C PRO I 159 28.69 76.33 -20.44
N GLY I 160 28.73 76.08 -19.14
CA GLY I 160 29.15 77.07 -18.18
C GLY I 160 28.04 77.94 -17.61
N GLU I 161 26.83 77.86 -18.19
CA GLU I 161 25.73 78.67 -17.68
C GLU I 161 25.36 78.24 -16.26
N LYS I 162 25.19 79.23 -15.39
CA LYS I 162 24.75 78.96 -14.03
C LYS I 162 23.29 78.53 -14.03
N ILE I 163 22.98 77.47 -13.27
CA ILE I 163 21.63 76.92 -13.21
C ILE I 163 21.09 77.17 -11.80
N ASN I 164 19.81 77.52 -11.73
CA ASN I 164 19.18 77.84 -10.46
C ASN I 164 19.21 76.63 -9.51
N LYS I 165 19.40 76.92 -8.22
CA LYS I 165 19.45 75.86 -7.22
C LYS I 165 18.11 75.14 -7.10
N ASP I 166 17.00 75.83 -7.41
CA ASP I 166 15.68 75.22 -7.28
C ASP I 166 15.47 74.08 -8.27
N PHE I 167 16.09 74.16 -9.45
CA PHE I 167 15.90 73.09 -10.43
C PHE I 167 16.46 71.76 -9.93
N TYR I 168 17.63 71.80 -9.30
CA TYR I 168 18.27 70.56 -8.86
C TYR I 168 17.71 70.05 -7.54
N PHE I 169 17.56 70.95 -6.58
CA PHE I 169 17.35 70.58 -5.18
C PHE I 169 15.96 70.98 -4.73
N LEU I 170 15.27 70.04 -4.08
CA LEU I 170 13.96 70.27 -3.47
C LEU I 170 14.13 70.27 -1.97
N THR I 171 13.74 71.37 -1.32
CA THR I 171 13.96 71.51 0.12
C THR I 171 12.92 70.74 0.93
N ASN I 172 11.64 70.84 0.56
CA ASN I 172 10.57 70.21 1.31
C ASN I 172 9.68 69.42 0.36
N ASP I 173 9.10 68.35 0.88
CA ASP I 173 8.22 67.49 0.06
C ASP I 173 7.03 68.30 -0.44
N LYS I 174 6.79 68.20 -1.75
CA LYS I 174 5.71 68.94 -2.39
C LYS I 174 5.00 68.03 -3.38
N CYS I 175 3.84 68.48 -3.83
CA CYS I 175 3.03 67.74 -4.79
C CYS I 175 3.03 68.48 -6.12
N ILE I 176 3.52 67.82 -7.17
CA ILE I 176 3.51 68.41 -8.51
C ILE I 176 2.10 68.52 -9.07
N LEU I 177 1.13 67.86 -8.46
CA LEU I 177 -0.26 67.86 -8.88
C LEU I 177 -1.10 68.62 -7.88
N ASN I 178 -2.42 68.61 -8.09
CA ASN I 178 -3.34 69.21 -7.13
C ASN I 178 -3.42 68.33 -5.90
N GLU I 179 -3.13 68.92 -4.73
CA GLU I 179 -3.28 68.19 -3.48
C GLU I 179 -4.74 67.85 -3.25
N GLN I 180 -4.98 66.66 -2.69
CA GLN I 180 -6.32 66.22 -2.36
C GLN I 180 -6.48 66.14 -0.85
N PHE I 181 -7.74 65.97 -0.44
CA PHE I 181 -8.05 65.67 0.96
C PHE I 181 -9.29 64.77 0.94
N LEU I 182 -9.06 63.46 0.89
CA LEU I 182 -10.12 62.47 0.88
C LEU I 182 -10.10 61.77 2.22
N TYR I 183 -11.06 62.08 3.08
CA TYR I 183 -11.03 61.68 4.48
C TYR I 183 -12.16 60.70 4.79
N LYS I 184 -11.87 59.78 5.72
CA LYS I 184 -12.87 58.89 6.29
C LYS I 184 -12.57 58.68 7.76
N LYS I 185 -13.62 58.73 8.58
CA LYS I 185 -13.46 58.57 10.01
C LYS I 185 -13.14 57.12 10.37
N ILE I 186 -12.16 56.94 11.26
CA ILE I 186 -11.76 55.60 11.68
C ILE I 186 -12.68 55.13 12.80
N LEU I 187 -13.21 53.92 12.63
CA LEU I 187 -14.13 53.35 13.61
C LEU I 187 -13.35 52.66 14.73
N GLU I 188 -13.81 52.85 15.96
CA GLU I 188 -13.19 52.22 17.12
C GLU I 188 -13.31 50.70 17.06
N THR J 206 45.65 79.51 -5.54
CA THR J 206 44.67 80.53 -5.87
C THR J 206 43.26 79.94 -5.92
N GLN J 207 42.94 79.10 -4.93
CA GLN J 207 41.65 78.46 -4.86
C GLN J 207 40.65 79.35 -4.13
N ARG J 208 39.50 78.79 -3.77
CA ARG J 208 38.45 79.51 -3.07
C ARG J 208 38.43 79.10 -1.59
N VAL J 209 38.01 80.03 -0.74
CA VAL J 209 37.92 79.77 0.70
C VAL J 209 36.60 79.07 0.99
N LEU J 210 36.66 77.95 1.72
CA LEU J 210 35.46 77.20 2.04
C LEU J 210 35.09 77.47 3.49
N PRO J 211 34.02 78.22 3.76
CA PRO J 211 33.65 78.48 5.15
C PRO J 211 32.79 77.38 5.75
N TYR J 212 33.19 76.12 5.54
CA TYR J 212 32.42 75.00 6.06
C TYR J 212 32.81 74.72 7.50
N SER J 213 31.82 74.51 8.35
CA SER J 213 32.10 74.07 9.71
C SER J 213 32.65 72.65 9.67
N ASN J 214 33.38 72.28 10.73
CA ASN J 214 33.97 70.96 10.79
C ASN J 214 32.90 69.88 10.74
N GLY J 215 33.12 68.87 9.91
CA GLY J 215 32.16 67.79 9.77
C GLY J 215 32.32 67.09 8.44
N LEU J 216 31.23 66.44 8.02
CA LEU J 216 31.19 65.64 6.81
C LEU J 216 30.22 66.26 5.83
N TYR J 217 30.65 66.42 4.58
CA TYR J 217 29.84 67.08 3.56
C TYR J 217 29.80 66.24 2.29
N VAL J 218 28.63 66.22 1.65
CA VAL J 218 28.41 65.54 0.39
C VAL J 218 28.07 66.59 -0.66
N ILE J 219 28.78 66.55 -1.78
CA ILE J 219 28.67 67.56 -2.82
C ILE J 219 28.24 66.87 -4.11
N ASN J 220 27.10 67.30 -4.65
CA ASN J 220 26.64 66.91 -5.98
C ASN J 220 27.30 67.87 -6.98
N LYS J 221 28.28 67.37 -7.71
CA LYS J 221 29.07 68.17 -8.63
C LYS J 221 28.49 68.24 -10.04
N GLY J 222 27.29 67.71 -10.24
CA GLY J 222 26.62 67.76 -11.52
C GLY J 222 26.46 66.38 -12.13
N ASP J 223 25.83 66.38 -13.30
CA ASP J 223 25.50 65.15 -14.02
C ASP J 223 26.14 65.19 -15.40
N GLY J 224 26.11 64.04 -16.07
CA GLY J 224 26.61 63.96 -17.43
C GLY J 224 28.10 63.78 -17.57
N TYR J 225 28.78 63.25 -16.54
CA TYR J 225 30.21 63.03 -16.61
C TYR J 225 30.53 61.76 -17.39
N ILE J 226 31.54 61.85 -18.26
CA ILE J 226 32.03 60.71 -19.01
C ILE J 226 33.55 60.66 -18.88
N ARG J 227 34.11 59.47 -19.10
CA ARG J 227 35.55 59.31 -19.06
C ARG J 227 36.17 59.73 -20.40
N THR J 228 37.44 60.13 -20.34
CA THR J 228 38.14 60.53 -21.55
C THR J 228 38.51 59.30 -22.37
N ASN J 229 38.95 59.56 -23.60
CA ASN J 229 39.36 58.50 -24.54
C ASN J 229 38.23 57.52 -24.82
N ASP J 230 37.00 58.00 -24.82
CA ASP J 230 35.81 57.23 -25.18
C ASP J 230 35.62 55.99 -24.31
N LYS J 231 36.19 55.98 -23.10
CA LYS J 231 36.08 54.81 -22.23
C LYS J 231 34.62 54.48 -21.88
N ASP J 232 33.71 55.44 -22.00
CA ASP J 232 32.29 55.22 -21.78
C ASP J 232 31.48 55.36 -23.07
N LEU J 233 32.15 55.28 -24.22
CA LEU J 233 31.45 55.38 -25.50
C LEU J 233 30.55 54.17 -25.70
N ILE J 234 29.24 54.39 -25.70
CA ILE J 234 28.31 53.32 -26.10
C ILE J 234 28.51 53.00 -27.56
N GLY J 235 28.49 54.00 -28.41
CA GLY J 235 28.72 53.74 -29.82
C GLY J 235 28.11 54.80 -30.73
N THR J 236 28.29 54.55 -32.03
CA THR J 236 27.90 55.49 -33.08
C THR J 236 27.04 54.78 -34.11
N LEU J 237 25.90 55.39 -34.44
CA LEU J 237 25.00 54.89 -35.47
C LEU J 237 25.00 55.83 -36.66
N LEU J 238 25.11 55.25 -37.86
CA LEU J 238 25.04 56.00 -39.12
C LEU J 238 23.67 55.73 -39.75
N ILE J 239 22.76 56.68 -39.58
CA ILE J 239 21.40 56.57 -40.09
C ILE J 239 21.35 57.19 -41.48
N GLU J 240 20.84 56.43 -42.45
CA GLU J 240 20.68 56.92 -43.81
C GLU J 240 19.58 57.97 -43.88
N ALA J 241 19.58 58.71 -45.00
CA ALA J 241 18.60 59.76 -45.18
C ALA J 241 17.19 59.20 -45.24
N GLY J 242 16.28 59.81 -44.50
CA GLY J 242 14.90 59.38 -44.44
C GLY J 242 14.62 58.25 -43.47
N SER J 243 15.64 57.57 -42.98
CA SER J 243 15.47 56.46 -42.06
C SER J 243 15.53 56.95 -40.62
N SER J 244 15.40 56.02 -39.68
CA SER J 244 15.43 56.32 -38.26
C SER J 244 16.47 55.44 -37.59
N GLY J 245 16.95 55.90 -36.43
CA GLY J 245 17.90 55.12 -35.66
C GLY J 245 17.68 55.37 -34.18
N SER J 246 18.11 54.40 -33.38
CA SER J 246 17.94 54.50 -31.94
C SER J 246 19.06 53.74 -31.27
N ILE J 247 19.53 54.27 -30.14
CA ILE J 247 20.49 53.59 -29.28
C ILE J 247 19.83 53.41 -27.92
N ILE J 248 19.73 52.16 -27.48
CA ILE J 248 19.09 51.80 -26.22
C ILE J 248 20.16 51.26 -25.28
N GLN J 249 20.13 51.71 -24.02
CA GLN J 249 21.03 51.17 -22.99
C GLN J 249 20.18 50.55 -21.88
N PRO J 250 19.77 49.31 -22.04
CA PRO J 250 19.01 48.63 -20.99
C PRO J 250 19.94 48.08 -19.91
N ARG J 251 19.38 47.95 -18.70
CA ARG J 251 20.15 47.53 -17.53
C ARG J 251 19.46 46.37 -16.85
N LEU J 252 20.24 45.61 -16.09
CA LEU J 252 19.76 44.45 -15.37
C LEU J 252 19.36 44.82 -13.94
N ARG J 253 19.11 43.83 -13.10
CA ARG J 253 18.76 44.04 -11.70
C ARG J 253 19.98 43.81 -10.82
N ASN J 254 20.16 44.70 -9.85
CA ASN J 254 21.23 44.59 -8.84
C ASN J 254 22.60 44.49 -9.52
N THR J 255 22.89 45.49 -10.34
CA THR J 255 24.04 45.55 -11.23
C THR J 255 24.48 47.00 -11.38
N THR J 256 25.08 47.34 -12.53
CA THR J 256 25.49 48.71 -12.84
C THR J 256 26.60 49.21 -11.91
N ARG J 257 27.79 48.64 -12.05
CA ARG J 257 28.92 49.01 -11.22
C ARG J 257 29.19 50.52 -11.30
N PRO J 258 29.33 51.20 -10.17
CA PRO J 258 29.69 52.62 -10.17
C PRO J 258 31.20 52.83 -10.19
N LEU J 259 31.67 54.08 -10.09
CA LEU J 259 33.11 54.35 -10.07
C LEU J 259 33.48 55.02 -8.76
N PHE J 260 34.39 54.41 -8.00
CA PHE J 260 34.70 54.91 -6.66
C PHE J 260 36.21 55.01 -6.47
N THR J 261 36.66 56.17 -5.97
CA THR J 261 38.03 56.35 -5.51
C THR J 261 37.99 57.01 -4.13
N THR J 262 39.03 56.76 -3.34
CA THR J 262 39.07 57.34 -2.00
C THR J 262 40.51 57.63 -1.59
N SER J 263 40.67 58.61 -0.70
CA SER J 263 41.97 58.94 -0.15
C SER J 263 42.31 58.16 1.10
N ASN J 264 41.31 57.57 1.77
CA ASN J 264 41.54 56.75 2.96
C ASN J 264 40.51 55.64 2.94
N ASP J 265 40.93 54.44 2.53
CA ASP J 265 39.99 53.34 2.36
C ASP J 265 39.46 52.83 3.69
N THR J 266 40.28 52.86 4.75
CA THR J 266 39.83 52.40 6.06
C THR J 266 38.67 53.25 6.58
N LYS J 267 38.77 54.56 6.44
CA LYS J 267 37.71 55.45 6.94
C LYS J 267 36.64 55.70 5.87
N PHE J 268 37.06 56.15 4.69
CA PHE J 268 36.13 56.42 3.60
C PHE J 268 36.08 55.22 2.64
N SER J 269 35.48 54.14 3.14
CA SER J 269 35.25 52.96 2.32
C SER J 269 34.03 53.16 1.44
N GLN J 270 33.85 52.25 0.48
CA GLN J 270 32.72 52.37 -0.44
C GLN J 270 31.40 52.22 0.30
N GLN J 271 31.34 51.31 1.28
CA GLN J 271 30.14 51.18 2.10
C GLN J 271 29.86 52.46 2.89
N TYR J 272 30.91 53.04 3.47
CA TYR J 272 30.77 54.30 4.20
C TYR J 272 30.28 55.41 3.29
N THR J 273 30.87 55.52 2.09
CA THR J 273 30.46 56.56 1.15
C THR J 273 29.03 56.37 0.70
N GLU J 274 28.62 55.12 0.44
CA GLU J 274 27.24 54.84 0.07
C GLU J 274 26.27 55.23 1.18
N GLU J 275 26.62 54.92 2.43
CA GLU J 275 25.76 55.30 3.54
C GLU J 275 25.67 56.81 3.69
N ARG J 276 26.78 57.53 3.50
CA ARG J 276 26.72 58.99 3.58
C ARG J 276 25.91 59.58 2.45
N LEU J 277 26.03 59.01 1.25
CA LEU J 277 25.23 59.47 0.12
C LEU J 277 23.74 59.22 0.39
N LYS J 278 23.42 58.09 1.03
CA LYS J 278 22.04 57.84 1.43
C LYS J 278 21.58 58.86 2.48
N ASP J 279 22.49 59.25 3.38
CA ASP J 279 22.15 60.28 4.35
C ASP J 279 21.84 61.60 3.67
N ALA J 280 22.62 61.97 2.65
CA ALA J 280 22.48 63.28 2.03
C ALA J 280 21.27 63.35 1.11
N PHE J 281 21.24 62.53 0.07
CA PHE J 281 20.18 62.57 -0.94
C PHE J 281 19.35 61.31 -0.99
N ASN J 282 19.65 60.30 -0.17
CA ASN J 282 18.97 59.01 -0.20
C ASN J 282 19.14 58.32 -1.56
N VAL J 283 20.40 58.26 -2.02
CA VAL J 283 20.73 57.50 -3.23
C VAL J 283 21.12 56.09 -2.82
N GLN J 284 20.77 55.13 -3.68
CA GLN J 284 21.21 53.76 -3.54
C GLN J 284 21.58 53.25 -4.93
N LEU J 285 22.65 52.46 -5.01
CA LEU J 285 23.10 51.98 -6.31
C LEU J 285 22.00 51.20 -7.03
N PHE J 286 21.26 50.37 -6.29
CA PHE J 286 20.20 49.57 -6.88
C PHE J 286 19.19 50.41 -7.64
N ASN J 287 18.96 51.65 -7.20
CA ASN J 287 18.00 52.51 -7.89
C ASN J 287 18.40 52.74 -9.34
N THR J 288 19.70 52.95 -9.60
CA THR J 288 20.15 53.13 -10.97
C THR J 288 20.06 51.84 -11.78
N SER J 289 19.82 50.70 -11.14
CA SER J 289 19.78 49.42 -11.85
C SER J 289 18.50 49.28 -12.68
N THR J 290 17.37 49.78 -12.16
CA THR J 290 16.08 49.57 -12.80
C THR J 290 15.78 50.60 -13.89
N SER J 291 16.70 51.51 -14.17
CA SER J 291 16.47 52.59 -15.12
C SER J 291 16.87 52.18 -16.53
N LEU J 292 16.23 52.80 -17.52
CA LEU J 292 16.54 52.62 -18.92
C LEU J 292 16.60 53.98 -19.60
N PHE J 293 17.48 54.10 -20.59
CA PHE J 293 17.49 55.30 -21.43
C PHE J 293 17.73 54.90 -22.88
N LYS J 294 17.27 55.78 -23.77
CA LYS J 294 17.12 55.46 -25.18
C LYS J 294 17.10 56.77 -25.97
N PHE J 295 17.91 56.84 -27.02
CA PHE J 295 18.03 58.03 -27.85
C PHE J 295 17.55 57.69 -29.26
N VAL J 296 16.56 58.45 -29.74
CA VAL J 296 15.93 58.24 -31.04
C VAL J 296 16.23 59.46 -31.92
N GLU J 297 16.69 59.20 -33.14
CA GLU J 297 16.98 60.26 -34.09
C GLU J 297 16.57 59.84 -35.48
N GLU J 298 15.84 60.72 -36.17
CA GLU J 298 15.45 60.48 -37.56
C GLU J 298 16.26 61.40 -38.46
N ALA J 299 16.91 60.81 -39.46
CA ALA J 299 17.71 61.61 -40.38
C ALA J 299 16.81 62.31 -41.39
N PRO J 300 17.16 63.54 -41.80
CA PRO J 300 16.33 64.26 -42.78
C PRO J 300 16.40 63.64 -44.17
N SER J 301 15.67 64.22 -45.11
CA SER J 301 15.58 63.65 -46.45
C SER J 301 16.88 63.83 -47.24
N ASP J 302 17.62 64.90 -46.98
CA ASP J 302 18.77 65.23 -47.84
C ASP J 302 20.00 64.41 -47.47
N LYS J 303 20.50 64.56 -46.25
CA LYS J 303 21.78 63.99 -45.85
C LYS J 303 21.60 62.94 -44.75
N ASN J 304 22.66 62.15 -44.55
CA ASN J 304 22.67 61.15 -43.50
C ASN J 304 23.01 61.79 -42.15
N ILE J 305 22.86 61.02 -41.08
CA ILE J 305 23.02 61.55 -39.73
C ILE J 305 23.76 60.52 -38.87
N CYS J 306 24.67 60.99 -38.03
CA CYS J 306 25.35 60.14 -37.08
C CYS J 306 24.95 60.50 -35.65
N ILE J 307 24.79 59.49 -34.81
CA ILE J 307 24.49 59.71 -33.40
C ILE J 307 25.51 58.94 -32.55
N LYS J 308 26.10 59.63 -31.59
CA LYS J 308 27.04 59.04 -30.64
C LYS J 308 26.39 59.02 -29.27
N ALA J 309 26.52 57.89 -28.58
CA ALA J 309 25.95 57.68 -27.26
C ALA J 309 27.06 57.32 -26.29
N TYR J 310 27.04 57.98 -25.12
CA TYR J 310 27.97 57.75 -24.02
C TYR J 310 27.19 57.44 -22.76
N ASN J 311 27.67 56.47 -21.99
CA ASN J 311 27.16 56.27 -20.64
C ASN J 311 27.71 57.35 -19.72
N THR J 312 26.83 58.00 -18.96
CA THR J 312 27.23 59.11 -18.10
C THR J 312 27.25 58.69 -16.64
N TYR J 313 27.70 59.62 -15.80
CA TYR J 313 27.74 59.43 -14.37
C TYR J 313 27.32 60.73 -13.68
N GLU J 314 26.85 60.59 -12.45
CA GLU J 314 26.62 61.70 -11.56
C GLU J 314 27.74 61.70 -10.52
N LYS J 315 28.41 62.84 -10.38
CA LYS J 315 29.63 62.95 -9.57
C LYS J 315 29.25 63.44 -8.19
N TYR J 316 29.43 62.57 -7.19
CA TYR J 316 29.28 62.92 -5.79
C TYR J 316 30.65 62.92 -5.13
N GLU J 317 30.83 63.82 -4.17
CA GLU J 317 32.09 63.93 -3.46
C GLU J 317 31.83 63.97 -1.96
N LEU J 318 32.50 63.10 -1.21
CA LEU J 318 32.40 63.07 0.24
C LEU J 318 33.68 63.65 0.82
N ILE J 319 33.55 64.72 1.60
CA ILE J 319 34.71 65.41 2.16
C ILE J 319 34.58 65.49 3.67
N ASP J 320 35.71 65.32 4.36
CA ASP J 320 35.81 65.52 5.80
C ASP J 320 36.51 66.86 6.01
N TYR J 321 35.72 67.91 6.24
CA TYR J 321 36.27 69.25 6.35
C TYR J 321 36.57 69.56 7.82
N GLN J 322 37.81 69.95 8.09
CA GLN J 322 38.26 70.15 9.47
C GLN J 322 39.24 71.33 9.49
N ASN J 323 38.81 72.43 10.12
CA ASN J 323 39.67 73.59 10.34
C ASN J 323 40.23 74.15 9.03
N GLY J 324 39.35 74.29 8.04
CA GLY J 324 39.71 74.96 6.81
C GLY J 324 40.44 74.12 5.78
N SER J 325 40.41 72.80 5.90
CA SER J 325 41.08 71.94 4.93
C SER J 325 40.35 70.62 4.84
N ILE J 326 40.58 69.92 3.74
CA ILE J 326 39.96 68.63 3.46
C ILE J 326 40.94 67.54 3.87
N VAL J 327 40.64 66.83 4.95
CA VAL J 327 41.54 65.79 5.43
C VAL J 327 41.25 64.43 4.80
N ASN J 328 40.04 64.22 4.29
CA ASN J 328 39.68 62.97 3.62
C ASN J 328 38.70 63.28 2.50
N LYS J 329 38.96 62.72 1.32
CA LYS J 329 38.20 63.02 0.11
C LYS J 329 37.90 61.73 -0.62
N ALA J 330 36.63 61.53 -0.98
CA ALA J 330 36.21 60.37 -1.74
C ALA J 330 35.33 60.79 -2.91
N GLU J 331 35.57 60.17 -4.06
CA GLU J 331 34.82 60.46 -5.28
C GLU J 331 33.97 59.25 -5.64
N TYR J 332 32.66 59.48 -5.80
CA TYR J 332 31.71 58.46 -6.21
C TYR J 332 31.07 58.90 -7.51
N TYR J 333 30.89 57.95 -8.43
CA TYR J 333 30.28 58.19 -9.73
C TYR J 333 29.15 57.20 -9.89
N LEU J 334 27.90 57.70 -9.75
CA LEU J 334 26.66 56.94 -9.83
C LEU J 334 26.21 56.85 -11.29
N PRO J 335 25.98 55.65 -11.82
CA PRO J 335 25.61 55.54 -13.24
C PRO J 335 24.35 56.32 -13.55
N SER J 336 24.48 57.24 -14.52
CA SER J 336 23.42 58.15 -14.92
C SER J 336 22.76 57.67 -16.21
N LEU J 337 21.92 58.52 -16.79
CA LEU J 337 21.05 58.13 -17.90
C LEU J 337 21.55 58.62 -19.26
N GLY J 338 22.87 58.75 -19.42
CA GLY J 338 23.48 58.84 -20.73
C GLY J 338 23.63 60.26 -21.28
N TYR J 339 24.39 60.34 -22.38
CA TYR J 339 24.60 61.57 -23.13
C TYR J 339 24.64 61.22 -24.61
N CYS J 340 23.97 62.04 -25.43
CA CYS J 340 23.86 61.78 -26.86
C CYS J 340 24.24 63.04 -27.62
N GLU J 341 25.07 62.87 -28.65
CA GLU J 341 25.40 63.97 -29.54
C GLU J 341 25.19 63.55 -30.98
N VAL J 342 24.56 64.43 -31.76
CA VAL J 342 24.20 64.14 -33.15
C VAL J 342 24.99 65.06 -34.07
N THR J 343 25.49 64.49 -35.16
CA THR J 343 26.28 65.22 -36.15
C THR J 343 25.79 64.86 -37.55
N ASN J 344 26.16 65.69 -38.51
CA ASN J 344 26.00 65.30 -39.90
C ASN J 344 26.94 64.15 -40.21
N ALA J 345 26.66 63.46 -41.31
CA ALA J 345 27.46 62.29 -41.68
C ALA J 345 28.88 62.74 -42.02
N PRO J 346 29.90 62.26 -41.30
CA PRO J 346 31.28 62.61 -41.66
C PRO J 346 31.65 61.98 -42.98
N SER J 347 31.82 62.79 -44.01
CA SER J 347 32.09 62.26 -45.34
C SER J 347 33.46 61.58 -45.34
N PRO J 348 33.54 60.29 -45.64
CA PRO J 348 34.86 59.67 -45.84
C PRO J 348 35.50 60.26 -47.08
N GLU J 349 36.69 60.82 -46.92
CA GLU J 349 37.49 60.71 -45.72
C GLU J 349 37.89 62.05 -45.17
N SER J 350 37.85 63.06 -46.04
CA SER J 350 38.42 64.39 -45.79
C SER J 350 39.92 64.26 -45.56
N GLU J 351 40.29 63.63 -44.46
CA GLU J 351 41.67 63.36 -44.08
C GLU J 351 41.60 62.56 -42.79
N VAL J 352 42.74 61.98 -42.39
CA VAL J 352 42.88 61.44 -41.06
C VAL J 352 44.02 62.20 -40.38
N VAL J 353 43.73 62.78 -39.22
CA VAL J 353 44.66 63.67 -38.54
C VAL J 353 45.13 62.97 -37.27
N LYS J 354 46.45 62.88 -37.12
CA LYS J 354 47.03 62.16 -36.00
C LYS J 354 46.89 62.97 -34.72
N MET J 355 46.32 62.35 -33.68
CA MET J 355 46.16 62.98 -32.39
C MET J 355 46.63 62.03 -31.30
N GLN J 356 46.94 62.61 -30.14
CA GLN J 356 47.40 61.86 -28.98
C GLN J 356 46.27 61.75 -27.96
N VAL J 357 46.34 60.70 -27.13
CA VAL J 357 45.33 60.52 -26.10
C VAL J 357 45.39 61.67 -25.10
N ALA J 358 44.27 61.92 -24.44
CA ALA J 358 44.12 63.06 -23.53
C ALA J 358 44.32 62.66 -22.07
N GLU J 359 44.94 61.50 -21.81
CA GLU J 359 45.21 61.01 -20.47
C GLU J 359 43.92 60.76 -19.69
N ASP J 360 44.05 60.25 -18.47
CA ASP J 360 42.88 59.97 -17.65
C ASP J 360 42.22 61.26 -17.18
N GLY J 361 40.90 61.23 -17.10
CA GLY J 361 40.16 62.40 -16.67
C GLY J 361 38.69 62.25 -16.98
N PHE J 362 37.92 63.25 -16.58
CA PHE J 362 36.49 63.27 -16.76
C PHE J 362 36.07 64.54 -17.50
N ILE J 363 34.97 64.42 -18.25
CA ILE J 363 34.40 65.52 -19.01
C ILE J 363 32.92 65.59 -18.66
N GLN J 364 32.48 66.76 -18.19
CA GLN J 364 31.08 66.95 -17.84
C GLN J 364 30.33 67.54 -19.03
N ASN J 365 29.35 66.80 -19.53
CA ASN J 365 28.48 67.29 -20.60
C ASN J 365 27.15 67.84 -20.08
N GLY J 366 26.87 67.69 -18.79
CA GLY J 366 25.67 68.22 -18.21
C GLY J 366 25.86 69.62 -17.67
N PRO J 367 24.77 70.23 -17.20
CA PRO J 367 24.86 71.62 -16.71
C PRO J 367 25.67 71.71 -15.42
N GLU J 368 26.22 72.91 -15.20
CA GLU J 368 27.01 73.16 -14.00
C GLU J 368 26.14 73.00 -12.75
N GLU J 369 26.72 72.39 -11.72
CA GLU J 369 25.98 72.12 -10.50
C GLU J 369 26.96 71.87 -9.36
N GLU J 370 26.66 72.44 -8.19
CA GLU J 370 27.41 72.14 -6.97
C GLU J 370 26.44 72.30 -5.80
N ILE J 371 25.85 71.18 -5.37
CA ILE J 371 24.90 71.18 -4.26
C ILE J 371 25.61 70.58 -3.06
N VAL J 372 25.82 71.38 -2.01
CA VAL J 372 26.57 70.97 -0.84
C VAL J 372 25.59 70.70 0.31
N VAL J 373 25.70 69.53 0.93
CA VAL J 373 24.82 69.14 2.03
C VAL J 373 25.68 68.54 3.13
N GLY J 374 25.58 69.09 4.34
CA GLY J 374 26.24 68.48 5.48
C GLY J 374 25.45 67.29 6.00
N VAL J 375 26.18 66.29 6.52
CA VAL J 375 25.56 65.08 7.01
C VAL J 375 26.01 64.82 8.44
N ILE J 376 25.16 64.13 9.19
CA ILE J 376 25.45 63.79 10.58
C ILE J 376 26.61 62.80 10.62
N ASP J 377 27.58 63.05 11.50
CA ASP J 377 28.64 62.09 11.74
C ASP J 377 28.04 60.82 12.35
N PRO J 378 28.19 59.66 11.70
CA PRO J 378 27.54 58.45 12.23
C PRO J 378 28.15 57.96 13.54
N SER J 379 29.44 58.21 13.77
CA SER J 379 30.10 57.72 14.98
C SER J 379 29.64 58.46 16.23
N GLU J 380 29.09 59.66 16.08
CA GLU J 380 28.64 60.45 17.22
C GLU J 380 27.19 60.15 17.52
N ASN J 381 26.88 59.97 18.80
CA ASN J 381 25.53 59.60 19.21
C ASN J 381 24.57 60.78 19.06
N ILE J 382 23.28 60.45 18.97
CA ILE J 382 22.20 61.42 18.86
C ILE J 382 21.24 61.18 20.01
N GLN J 383 21.08 62.18 20.88
CA GLN J 383 20.14 62.15 21.98
C GLN J 383 18.93 63.02 21.64
N GLU J 384 17.74 62.56 22.01
CA GLU J 384 16.51 63.23 21.63
C GLU J 384 15.84 63.88 22.83
N ILE J 385 15.31 65.08 22.62
CA ILE J 385 14.46 65.76 23.59
C ILE J 385 13.02 65.53 23.13
N ASN J 386 12.33 64.62 23.83
CA ASN J 386 11.02 64.16 23.39
C ASN J 386 9.94 65.22 23.52
N THR J 387 10.18 66.30 24.26
CA THR J 387 9.17 67.31 24.53
C THR J 387 9.55 68.61 23.83
N ALA J 388 8.57 69.23 23.17
CA ALA J 388 8.82 70.48 22.47
C ALA J 388 9.24 71.57 23.45
N ILE J 389 10.09 72.47 22.97
CA ILE J 389 10.76 73.45 23.83
C ILE J 389 9.85 74.66 24.04
N SER J 390 9.52 74.94 25.29
CA SER J 390 8.78 76.13 25.67
C SER J 390 9.79 77.27 25.90
N ASP J 391 9.36 78.33 26.59
CA ASP J 391 10.21 79.50 26.80
C ASP J 391 11.49 79.17 27.56
N ASN J 392 11.53 78.06 28.30
CA ASN J 392 12.70 77.75 29.12
C ASN J 392 12.87 76.25 29.29
N TYR J 393 14.12 75.80 29.26
CA TYR J 393 14.42 74.39 29.54
C TYR J 393 15.90 74.22 29.83
N THR J 394 16.20 73.15 30.59
CA THR J 394 17.57 72.79 30.96
C THR J 394 17.79 71.31 30.67
N TYR J 395 18.67 71.01 29.71
CA TYR J 395 19.09 69.65 29.41
C TYR J 395 20.32 69.33 30.25
N ASN J 396 20.24 68.27 31.05
CA ASN J 396 21.40 67.76 31.76
C ASN J 396 22.09 66.70 30.90
N ILE J 397 23.34 66.95 30.53
CA ILE J 397 24.03 66.01 29.63
C ILE J 397 24.17 64.67 30.33
N PRO J 398 23.74 63.57 29.72
CA PRO J 398 23.79 62.27 30.39
C PRO J 398 25.21 61.72 30.44
N GLY J 399 25.41 60.77 31.35
CA GLY J 399 26.65 60.05 31.44
C GLY J 399 26.79 58.89 30.47
N ILE J 400 25.73 58.59 29.72
CA ILE J 400 25.78 57.49 28.77
C ILE J 400 26.78 57.80 27.65
N VAL J 401 26.74 59.01 27.11
CA VAL J 401 27.67 59.38 26.04
C VAL J 401 29.09 59.48 26.58
N ASN J 402 29.23 59.99 27.80
CA ASN J 402 30.50 60.00 28.53
C ASN J 402 31.58 60.78 27.78
N ASN J 403 31.34 62.09 27.67
CA ASN J 403 32.31 63.11 27.27
C ASN J 403 32.58 63.13 25.77
N ASN J 404 32.04 62.18 25.00
CA ASN J 404 32.24 62.22 23.57
C ASN J 404 31.32 63.25 22.93
N PRO J 405 31.76 63.89 21.85
CA PRO J 405 30.87 64.85 21.16
C PRO J 405 29.62 64.15 20.65
N PHE J 406 28.50 64.88 20.69
CA PHE J 406 27.24 64.28 20.28
C PHE J 406 26.27 65.35 19.79
N TYR J 407 25.12 64.87 19.30
CA TYR J 407 24.07 65.73 18.79
C TYR J 407 22.84 65.63 19.68
N ILE J 408 22.11 66.74 19.75
CA ILE J 408 20.81 66.81 20.42
C ILE J 408 19.77 67.15 19.36
N LEU J 409 18.82 66.24 19.17
CA LEU J 409 17.70 66.49 18.26
C LEU J 409 16.52 67.04 19.06
N PHE J 410 15.97 68.15 18.59
CA PHE J 410 14.88 68.80 19.32
C PHE J 410 14.05 69.64 18.36
N THR J 411 12.86 70.02 18.80
CA THR J 411 12.01 70.95 18.09
C THR J 411 11.53 72.02 19.07
N VAL J 412 10.72 72.93 18.56
CA VAL J 412 10.34 74.13 19.29
C VAL J 412 8.81 74.25 19.29
N ASN J 413 8.26 74.70 20.42
CA ASN J 413 6.81 74.87 20.52
C ASN J 413 6.34 76.11 19.77
N THR J 414 7.00 77.25 19.97
CA THR J 414 6.58 78.52 19.39
C THR J 414 7.74 79.13 18.62
N THR J 415 7.49 79.48 17.36
CA THR J 415 8.51 80.10 16.51
C THR J 415 9.06 81.36 17.16
N GLY J 416 10.38 81.51 17.14
CA GLY J 416 10.96 82.69 17.73
C GLY J 416 12.48 82.61 17.81
N ILE J 417 13.05 83.60 18.48
CA ILE J 417 14.51 83.73 18.60
C ILE J 417 14.93 83.27 19.99
N TYR J 418 15.91 82.37 20.03
CA TYR J 418 16.26 81.62 21.23
C TYR J 418 17.74 81.78 21.53
N LYS J 419 18.07 81.82 22.82
CA LYS J 419 19.44 81.79 23.30
C LYS J 419 19.73 80.41 23.87
N ILE J 420 20.77 79.77 23.36
CA ILE J 420 21.18 78.43 23.78
C ILE J 420 22.63 78.51 24.23
N ASN J 421 22.91 77.96 25.41
CA ASN J 421 24.28 78.05 25.90
C ASN J 421 24.57 76.90 26.86
N ALA J 422 25.86 76.62 27.05
CA ALA J 422 26.27 75.68 28.07
C ALA J 422 26.57 76.43 29.36
N GLN J 423 26.91 75.69 30.42
CA GLN J 423 27.21 76.32 31.70
C GLN J 423 28.48 77.15 31.57
N ASN J 424 28.41 78.41 32.00
CA ASN J 424 29.48 79.39 31.80
C ASN J 424 29.83 79.54 30.33
N ASN J 425 28.85 79.31 29.45
CA ASN J 425 29.01 79.35 28.00
C ASN J 425 30.09 78.39 27.51
N LEU J 426 30.42 77.37 28.30
CA LEU J 426 31.46 76.42 27.98
C LEU J 426 30.92 74.98 27.97
N PRO J 427 31.17 74.20 26.90
CA PRO J 427 31.94 74.60 25.68
C PRO J 427 31.09 75.29 24.62
N SER J 428 31.71 75.69 23.52
CA SER J 428 30.97 76.25 22.40
C SER J 428 30.08 75.18 21.77
N LEU J 429 28.88 75.57 21.37
CA LEU J 429 27.92 74.66 20.78
C LEU J 429 27.68 75.02 19.32
N LYS J 430 27.27 74.05 18.53
CA LYS J 430 26.94 74.25 17.13
C LYS J 430 25.49 73.84 16.91
N ILE J 431 24.82 74.49 15.96
CA ILE J 431 23.43 74.17 15.68
C ILE J 431 23.24 73.95 14.19
N TYR J 432 22.44 72.94 13.85
CA TYR J 432 22.09 72.58 12.49
C TYR J 432 20.58 72.46 12.38
N GLU J 433 20.07 72.63 11.16
CA GLU J 433 18.66 72.42 10.86
C GLU J 433 18.49 71.19 9.99
N ALA J 434 17.58 70.31 10.38
CA ALA J 434 17.29 69.14 9.57
C ALA J 434 16.55 69.56 8.30
N ILE J 435 17.11 69.22 7.14
CA ILE J 435 16.57 69.67 5.87
C ILE J 435 15.30 68.88 5.56
N GLY J 436 14.22 69.60 5.25
CA GLY J 436 12.96 68.96 4.92
C GLY J 436 12.20 68.39 6.10
N SER J 437 12.62 68.70 7.32
CA SER J 437 11.94 68.18 8.50
C SER J 437 10.66 68.96 8.78
N GLY J 438 9.70 68.29 9.40
CA GLY J 438 8.46 68.91 9.83
C GLY J 438 7.33 68.85 8.83
N ASN J 439 7.62 68.60 7.55
CA ASN J 439 6.56 68.41 6.57
C ASN J 439 5.84 67.09 6.76
N ARG J 440 6.51 66.11 7.35
CA ARG J 440 5.99 64.77 7.57
C ARG J 440 5.32 64.68 8.93
N ASN J 441 5.16 63.46 9.45
CA ASN J 441 4.46 63.15 10.70
C ASN J 441 4.63 64.22 11.78
N PHE J 442 3.51 64.62 12.37
CA PHE J 442 3.47 65.74 13.30
C PHE J 442 2.70 65.35 14.55
N GLN J 443 3.18 65.82 15.70
CA GLN J 443 2.45 65.73 16.96
C GLN J 443 2.65 67.03 17.73
N SER J 444 1.56 67.63 18.18
CA SER J 444 1.63 68.94 18.82
C SER J 444 2.36 68.85 20.14
N GLY J 445 3.35 69.72 20.33
CA GLY J 445 4.09 69.78 21.58
C GLY J 445 5.07 68.66 21.80
N ASN J 446 5.37 67.86 20.79
CA ASN J 446 6.28 66.73 20.94
C ASN J 446 7.17 66.63 19.72
N LEU J 447 8.20 65.79 19.82
CA LEU J 447 9.20 65.63 18.78
C LEU J 447 8.90 64.43 17.91
N CYS J 448 9.00 64.61 16.59
CA CYS J 448 8.80 63.54 15.62
C CYS J 448 10.06 63.42 14.78
N ASP J 449 10.81 62.34 14.97
CA ASP J 449 12.07 62.13 14.28
C ASP J 449 11.81 61.46 12.94
N ASP J 450 12.18 62.15 11.86
CA ASP J 450 12.14 61.57 10.52
C ASP J 450 13.44 60.85 10.17
N ASP J 451 14.37 60.76 11.12
CA ASP J 451 15.68 60.14 10.90
C ASP J 451 16.42 60.83 9.75
N ILE J 452 16.25 62.15 9.65
CA ILE J 452 16.92 62.93 8.61
C ILE J 452 18.33 63.23 9.07
N LYS J 453 19.32 62.76 8.31
CA LYS J 453 20.72 63.01 8.62
C LYS J 453 21.28 64.22 7.91
N ALA J 454 20.65 64.66 6.81
CA ALA J 454 21.10 65.85 6.11
C ALA J 454 20.80 67.09 6.93
N ILE J 455 21.82 67.92 7.12
CA ILE J 455 21.73 69.08 8.01
C ILE J 455 22.34 70.30 7.33
N ASN J 456 21.88 71.48 7.74
CA ASN J 456 22.43 72.75 7.29
C ASN J 456 23.05 73.47 8.47
N TYR J 457 24.33 73.83 8.34
CA TYR J 457 25.01 74.55 9.41
C TYR J 457 24.44 75.95 9.56
N ILE J 458 24.05 76.29 10.78
CA ILE J 458 23.47 77.60 11.06
C ILE J 458 24.53 78.50 11.68
N THR J 459 25.02 78.12 12.87
CA THR J 459 26.08 78.85 13.54
C THR J 459 26.63 77.98 14.67
N GLY J 460 27.84 78.33 15.09
CA GLY J 460 28.53 77.60 16.13
C GLY J 460 30.03 77.61 15.84
N PHE J 461 30.81 77.47 16.91
CA PHE J 461 32.27 77.47 16.81
C PHE J 461 32.79 76.08 17.13
N ASP J 462 33.66 75.55 16.26
CA ASP J 462 34.25 74.25 16.50
C ASP J 462 35.17 74.27 17.71
N SER J 463 35.86 75.39 17.94
CA SER J 463 36.79 75.55 19.06
C SER J 463 36.06 75.31 20.38
N PRO J 464 36.38 74.22 21.10
CA PRO J 464 35.63 73.90 22.33
C PRO J 464 35.95 74.79 23.51
N ASN J 465 36.97 75.65 23.41
CA ASN J 465 37.37 76.48 24.53
C ASN J 465 36.80 77.89 24.49
N ALA J 466 36.34 78.35 23.33
CA ALA J 466 35.81 79.71 23.22
C ALA J 466 34.49 79.82 23.96
N LYS J 467 34.42 80.76 24.91
CA LYS J 467 33.16 81.04 25.60
C LYS J 467 32.19 81.69 24.63
N SER J 468 31.05 81.05 24.39
CA SER J 468 30.11 81.54 23.39
C SER J 468 28.70 81.08 23.73
N TYR J 469 27.72 81.86 23.28
CA TYR J 469 26.33 81.45 23.33
C TYR J 469 25.65 81.75 22.01
N LEU J 470 24.69 80.91 21.62
CA LEU J 470 24.05 80.98 20.32
C LEU J 470 22.74 81.75 20.43
N VAL J 471 22.53 82.68 19.50
CA VAL J 471 21.24 83.33 19.31
C VAL J 471 20.76 82.94 17.91
N VAL J 472 19.64 82.24 17.85
CA VAL J 472 19.18 81.64 16.60
C VAL J 472 17.66 81.74 16.50
N LEU J 473 17.17 81.97 15.28
CA LEU J 473 15.74 81.97 15.00
C LEU J 473 15.30 80.55 14.65
N LEU J 474 14.45 79.97 15.49
CA LEU J 474 14.00 78.60 15.34
C LEU J 474 12.52 78.55 15.02
N ASN J 475 12.14 77.52 14.25
CA ASN J 475 10.81 77.34 13.71
C ASN J 475 10.17 76.11 14.35
N LYS J 476 8.91 76.25 14.77
CA LYS J 476 8.19 75.15 15.39
C LYS J 476 7.94 73.99 14.43
N ASP J 477 7.91 74.26 13.12
CA ASP J 477 7.68 73.25 12.11
C ASP J 477 8.97 72.62 11.60
N LYS J 478 10.07 72.78 12.32
CA LYS J 478 11.37 72.28 11.89
C LYS J 478 12.04 71.54 13.05
N ASN J 479 12.99 70.69 12.70
CA ASN J 479 13.81 69.96 13.65
C ASN J 479 15.24 70.48 13.61
N TYR J 480 15.89 70.49 14.76
CA TYR J 480 17.25 71.03 14.87
C TYR J 480 18.14 70.09 15.65
N TYR J 481 19.42 70.09 15.28
CA TYR J 481 20.46 69.35 15.97
C TYR J 481 21.39 70.35 16.65
N ILE J 482 21.89 69.97 17.82
CA ILE J 482 22.88 70.75 18.56
C ILE J 482 24.08 69.85 18.78
N ARG J 483 25.21 70.19 18.15
CA ARG J 483 26.44 69.44 18.35
C ARG J 483 27.20 70.05 19.53
N VAL J 484 27.52 69.22 20.51
CA VAL J 484 28.40 69.59 21.61
C VAL J 484 29.69 68.79 21.46
N PRO J 485 30.85 69.43 21.50
CA PRO J 485 32.11 68.75 21.17
C PRO J 485 32.63 67.88 22.31
N GLN J 486 33.83 67.34 22.11
CA GLN J 486 34.48 66.52 23.13
C GLN J 486 34.82 67.37 24.34
N THR J 487 34.35 66.94 25.52
CA THR J 487 34.69 67.57 26.78
C THR J 487 35.70 66.69 27.50
N SER J 488 36.85 67.25 27.85
CA SER J 488 37.97 66.48 28.38
C SER J 488 37.90 66.30 29.89
N SER J 489 36.70 66.37 30.48
CA SER J 489 36.54 66.26 31.91
C SER J 489 35.29 65.46 32.23
N ASN J 490 35.20 64.99 33.48
CA ASN J 490 34.02 64.33 33.98
C ASN J 490 33.07 65.29 34.68
N ILE J 491 33.32 66.59 34.60
CA ILE J 491 32.54 67.59 35.32
C ILE J 491 31.21 67.81 34.61
N GLU J 492 30.14 67.90 35.39
CA GLU J 492 28.80 68.01 34.84
C GLU J 492 28.62 69.33 34.08
N ASN J 493 27.67 69.32 33.15
CA ASN J 493 27.35 70.50 32.37
C ASN J 493 25.90 70.40 31.92
N GLN J 494 25.33 71.55 31.54
CA GLN J 494 23.95 71.62 31.10
C GLN J 494 23.86 72.48 29.85
N ILE J 495 22.84 72.21 29.04
CA ILE J 495 22.47 73.06 27.92
C ILE J 495 21.21 73.81 28.33
N GLN J 496 21.29 75.13 28.32
CA GLN J 496 20.17 75.99 28.71
C GLN J 496 19.57 76.60 27.45
N PHE J 497 18.23 76.51 27.37
CA PHE J 497 17.46 77.03 26.25
C PHE J 497 16.50 78.07 26.81
N LYS J 498 16.61 79.30 26.33
CA LYS J 498 15.80 80.40 26.83
C LYS J 498 15.27 81.21 25.64
N ARG J 499 13.95 81.23 25.48
CA ARG J 499 13.35 82.10 24.48
C ARG J 499 13.54 83.55 24.87
N GLU J 500 13.93 84.38 23.89
CA GLU J 500 14.27 85.77 24.15
C GLU J 500 13.24 86.69 23.52
N GLU J 501 12.70 87.60 24.33
CA GLU J 501 11.74 88.59 23.88
C GLU J 501 12.28 90.02 23.93
N GLY J 502 13.48 90.22 24.45
CA GLY J 502 14.07 91.53 24.57
C GLY J 502 14.91 91.93 23.38
N ASP J 503 15.95 92.71 23.65
CA ASP J 503 16.83 93.23 22.60
C ASP J 503 17.82 92.19 22.09
N LEU J 504 17.98 91.06 22.78
CA LEU J 504 18.91 90.03 22.33
C LEU J 504 18.53 89.48 20.96
N ARG J 505 17.25 89.57 20.59
CA ARG J 505 16.81 89.20 19.25
C ARG J 505 17.55 89.98 18.16
N ASN J 506 18.32 91.00 18.53
CA ASN J 506 19.18 91.73 17.60
C ASN J 506 20.54 91.07 17.43
N LEU J 507 20.64 89.76 17.67
CA LEU J 507 21.89 89.03 17.46
C LEU J 507 21.70 87.76 16.63
N MET J 508 20.56 87.59 15.98
CA MET J 508 20.26 86.36 15.24
C MET J 508 20.58 86.52 13.77
N ASN J 509 21.20 85.48 13.19
CA ASN J 509 21.61 84.29 13.93
C ASN J 509 23.13 84.26 14.04
N SER J 510 23.65 84.18 15.26
CA SER J 510 25.10 84.18 15.41
C SER J 510 25.49 83.62 16.77
N SER J 511 26.75 83.22 16.87
CA SER J 511 27.38 82.89 18.14
C SER J 511 28.06 84.12 18.69
N VAL J 512 27.81 84.41 19.96
CA VAL J 512 28.40 85.55 20.65
C VAL J 512 29.57 85.03 21.48
N ASN J 513 30.74 85.62 21.25
CA ASN J 513 31.99 85.18 21.85
C ASN J 513 32.29 86.01 23.08
N ILE J 514 32.62 85.34 24.18
CA ILE J 514 32.77 85.98 25.48
C ILE J 514 34.27 86.16 25.76
N ILE J 515 34.69 87.41 25.88
CA ILE J 515 36.10 87.75 26.03
C ILE J 515 36.41 88.04 27.48
N ASP J 516 37.44 87.36 27.99
CA ASP J 516 37.83 87.48 29.39
C ASP J 516 39.16 88.17 29.60
N ASN J 517 40.07 88.10 28.64
CA ASN J 517 41.41 88.65 28.80
C ASN J 517 41.51 90.13 28.41
N LEU J 518 40.38 90.84 28.39
CA LEU J 518 40.38 92.28 28.13
C LEU J 518 40.43 93.00 29.49
N ASN J 519 41.61 92.99 30.09
CA ASN J 519 41.81 93.56 31.42
C ASN J 519 42.95 94.57 31.47
N SER J 520 43.45 95.02 30.31
CA SER J 520 44.55 95.96 30.30
C SER J 520 44.51 96.73 28.99
N THR J 521 45.19 97.88 28.98
CA THR J 521 45.35 98.65 27.76
C THR J 521 46.39 98.01 26.86
N GLY J 522 46.26 98.24 25.56
CA GLY J 522 47.21 97.70 24.61
C GLY J 522 46.58 96.99 23.43
N ALA J 523 47.21 95.93 22.96
CA ALA J 523 46.78 95.22 21.76
C ALA J 523 46.17 93.88 22.15
N HIS J 524 44.98 93.61 21.63
CA HIS J 524 44.33 92.32 21.78
C HIS J 524 43.65 91.97 20.46
N TYR J 525 43.86 90.74 19.99
CA TYR J 525 43.15 90.26 18.82
C TYR J 525 42.74 88.81 19.06
N TYR J 526 41.63 88.42 18.44
CA TYR J 526 41.00 87.13 18.68
C TYR J 526 40.64 86.51 17.35
N THR J 527 40.97 85.23 17.19
CA THR J 527 40.79 84.51 15.94
C THR J 527 39.67 83.48 16.10
N ARG J 528 38.69 83.53 15.21
CA ARG J 528 37.61 82.55 15.18
C ARG J 528 37.42 82.05 13.75
N GLN J 529 36.62 81.01 13.62
CA GLN J 529 36.26 80.50 12.30
C GLN J 529 35.30 81.49 11.62
N SER J 530 35.75 82.08 10.52
CA SER J 530 34.99 83.14 9.89
C SER J 530 33.68 82.61 9.32
N PRO J 531 32.56 83.27 9.56
CA PRO J 531 31.30 82.86 8.92
C PRO J 531 31.33 83.15 7.44
N ASP J 532 30.38 82.54 6.72
CA ASP J 532 30.26 82.77 5.29
C ASP J 532 29.80 84.20 5.03
N VAL J 533 29.72 84.57 3.75
CA VAL J 533 29.27 85.91 3.39
C VAL J 533 27.83 86.09 3.81
N HIS J 534 27.52 87.26 4.37
CA HIS J 534 26.20 87.59 4.92
C HIS J 534 25.83 86.69 6.10
N ASP J 535 26.84 86.19 6.81
CA ASP J 535 26.64 85.43 8.03
C ASP J 535 27.37 86.11 9.19
N TYR J 536 26.76 86.06 10.37
CA TYR J 536 27.11 86.96 11.46
C TYR J 536 27.96 86.27 12.51
N ILE J 537 28.81 87.06 13.18
CA ILE J 537 29.58 86.61 14.33
C ILE J 537 29.59 87.73 15.36
N SER J 538 29.41 87.38 16.63
CA SER J 538 29.27 88.38 17.68
C SER J 538 30.35 88.21 18.73
N TYR J 539 30.78 89.34 19.30
CA TYR J 539 31.76 89.38 20.37
C TYR J 539 31.21 90.20 21.52
N GLU J 540 31.29 89.66 22.73
CA GLU J 540 30.86 90.37 23.93
C GLU J 540 32.07 90.61 24.81
N PHE J 541 32.39 91.88 25.06
CA PHE J 541 33.61 92.22 25.78
C PHE J 541 33.36 93.32 26.81
N THR J 542 34.30 93.43 27.74
CA THR J 542 34.21 94.31 28.90
C THR J 542 35.49 95.12 29.00
N ILE J 543 35.38 96.44 28.84
CA ILE J 543 36.57 97.31 28.83
C ILE J 543 37.22 97.31 30.21
N PRO J 544 38.54 97.22 30.29
CA PRO J 544 39.19 97.21 31.61
C PRO J 544 39.02 98.53 32.34
N GLY J 545 39.12 98.45 33.65
CA GLY J 545 38.99 99.59 34.53
C GLY J 545 37.71 99.53 35.36
N ASN J 546 37.67 100.40 36.36
CA ASN J 546 36.50 100.52 37.21
C ASN J 546 35.42 101.33 36.51
N PHE J 547 34.17 100.88 36.65
CA PHE J 547 33.04 101.56 36.04
C PHE J 547 32.52 102.63 36.99
N ASN J 548 32.76 103.89 36.64
CA ASN J 548 32.22 105.03 37.37
C ASN J 548 31.38 105.94 36.48
N ASN J 549 31.01 105.47 35.29
CA ASN J 549 30.15 106.14 34.31
C ASN J 549 30.81 107.37 33.68
N LYS J 550 32.04 107.70 34.03
CA LYS J 550 32.68 108.89 33.46
C LYS J 550 34.06 108.59 32.89
N ASP J 551 34.73 107.56 33.41
CA ASP J 551 36.03 107.18 32.88
C ASP J 551 35.88 106.52 31.53
N THR J 552 36.67 106.96 30.55
CA THR J 552 36.58 106.47 29.18
C THR J 552 37.93 105.99 28.70
N SER J 553 37.91 105.04 27.76
CA SER J 553 39.11 104.56 27.09
C SER J 553 38.84 104.56 25.59
N ASN J 554 39.82 104.98 24.81
CA ASN J 554 39.69 105.05 23.36
C ASN J 554 39.91 103.67 22.76
N ILE J 555 38.91 103.16 22.03
CA ILE J 555 38.88 101.79 21.54
C ILE J 555 38.99 101.81 20.03
N ARG J 556 39.80 100.91 19.48
CA ARG J 556 39.89 100.69 18.04
C ARG J 556 39.50 99.24 17.75
N LEU J 557 38.48 99.06 16.92
CA LEU J 557 38.01 97.74 16.52
C LEU J 557 38.29 97.55 15.05
N TYR J 558 38.98 96.46 14.69
CA TYR J 558 39.21 96.24 13.27
C TYR J 558 39.55 94.78 12.98
N THR J 559 39.28 94.37 11.74
CA THR J 559 39.63 93.03 11.28
C THR J 559 40.88 93.07 10.40
N SER J 560 41.50 91.91 10.25
CA SER J 560 42.79 91.81 9.58
C SER J 560 42.66 91.50 8.09
N TYR J 561 41.89 90.48 7.75
CA TYR J 561 41.79 90.02 6.36
C TYR J 561 40.39 90.03 5.80
N ASN J 562 39.39 89.63 6.58
CA ASN J 562 38.01 89.57 6.11
C ASN J 562 37.32 90.91 6.36
N GLN J 563 36.72 91.45 5.31
CA GLN J 563 35.96 92.68 5.43
C GLN J 563 34.56 92.38 5.97
N GLY J 564 34.13 93.16 6.94
CA GLY J 564 32.81 92.97 7.54
C GLY J 564 32.25 94.29 8.01
N ILE J 565 30.93 94.38 7.97
CA ILE J 565 30.21 95.53 8.48
C ILE J 565 29.76 95.23 9.90
N GLY J 566 30.14 96.09 10.84
CA GLY J 566 29.94 95.83 12.25
C GLY J 566 29.01 96.84 12.90
N THR J 567 28.21 96.36 13.83
CA THR J 567 27.34 97.20 14.65
C THR J 567 27.55 96.81 16.11
N LEU J 568 27.98 97.75 16.92
CA LEU J 568 28.19 97.48 18.34
C LEU J 568 27.04 98.05 19.17
N PHE J 569 26.78 97.38 20.28
CA PHE J 569 25.71 97.72 21.19
C PHE J 569 26.27 97.87 22.59
N ARG J 570 25.84 98.93 23.27
CA ARG J 570 25.99 98.99 24.71
C ARG J 570 25.03 98.00 25.35
N VAL J 571 25.50 97.30 26.37
CA VAL J 571 24.69 96.33 27.11
C VAL J 571 24.53 96.83 28.54
N THR J 572 23.28 97.07 28.94
CA THR J 572 22.95 97.47 30.30
C THR J 572 21.89 96.49 30.79
N GLU J 573 22.29 95.51 31.59
CA GLU J 573 21.32 94.54 32.09
C GLU J 573 20.38 95.23 33.06
N THR J 574 19.08 95.16 32.76
CA THR J 574 18.06 95.71 33.62
C THR J 574 17.37 94.59 34.38
N ILE J 575 16.38 94.96 35.18
CA ILE J 575 15.59 93.95 35.90
C ILE J 575 14.65 93.21 34.98
N ASP J 576 14.48 93.67 33.74
CA ASP J 576 13.66 92.99 32.73
C ASP J 576 14.48 92.07 31.84
N GLY J 577 15.80 92.07 31.97
CA GLY J 577 16.71 91.32 31.14
C GLY J 577 17.81 92.23 30.61
N TYR J 578 18.34 91.86 29.46
CA TYR J 578 19.40 92.63 28.82
C TYR J 578 18.81 93.65 27.86
N ASN J 579 19.36 94.86 27.90
CA ASN J 579 18.97 95.94 27.00
C ASN J 579 20.15 96.32 26.13
N LEU J 580 19.93 96.31 24.81
CA LEU J 580 20.97 96.58 23.82
C LEU J 580 20.68 97.92 23.17
N ILE J 581 21.65 98.84 23.23
CA ILE J 581 21.49 100.19 22.71
C ILE J 581 22.49 100.38 21.59
N ASN J 582 22.00 100.73 20.39
CA ASN J 582 22.92 100.98 19.29
C ASN J 582 23.67 102.29 19.54
N ILE J 583 24.97 102.27 19.25
CA ILE J 583 25.79 103.47 19.38
C ILE J 583 26.69 103.69 18.17
N GLN J 584 26.58 102.85 17.15
CA GLN J 584 27.25 103.05 15.86
C GLN J 584 26.74 102.00 14.88
N GLN J 585 26.74 102.37 13.60
CA GLN J 585 26.31 101.48 12.54
C GLN J 585 27.24 101.66 11.34
N ASN J 586 27.23 100.66 10.45
CA ASN J 586 27.96 100.72 9.18
C ASN J 586 29.47 100.90 9.42
N LEU J 587 30.01 100.12 10.34
CA LEU J 587 31.44 100.13 10.60
C LEU J 587 32.13 99.12 9.70
N HIS J 588 33.06 99.58 8.88
CA HIS J 588 33.84 98.72 8.01
C HIS J 588 35.11 98.30 8.74
N LEU J 589 35.15 97.04 9.18
CA LEU J 589 36.16 96.57 10.11
C LEU J 589 37.53 96.37 9.47
N LEU J 590 37.59 96.15 8.16
CA LEU J 590 38.84 95.79 7.50
C LEU J 590 39.82 96.95 7.57
N ASN J 591 40.86 96.81 8.40
CA ASN J 591 41.90 97.82 8.57
C ASN J 591 41.30 99.17 8.96
N ASN J 592 40.36 99.14 9.90
CA ASN J 592 39.67 100.34 10.33
C ASN J 592 40.60 101.18 11.21
N THR J 593 40.82 102.43 10.81
CA THR J 593 41.64 103.35 11.58
C THR J 593 40.81 104.23 12.52
N ASN J 594 39.49 104.21 12.40
CA ASN J 594 38.62 105.02 13.24
C ASN J 594 38.53 104.43 14.64
N SER J 595 38.42 105.32 15.64
CA SER J 595 38.36 104.93 17.04
C SER J 595 37.19 105.63 17.72
N ILE J 596 36.71 105.02 18.79
CA ILE J 596 35.56 105.53 19.55
C ILE J 596 35.85 105.36 21.03
N ARG J 597 35.45 106.35 21.83
CA ARG J 597 35.69 106.30 23.27
C ARG J 597 34.55 105.56 23.95
N LEU J 598 34.89 104.52 24.72
CA LEU J 598 33.91 103.69 25.41
C LEU J 598 34.15 103.73 26.91
N LEU J 599 33.06 103.54 27.67
CA LEU J 599 33.12 103.65 29.12
C LEU J 599 33.91 102.49 29.71
N ASN J 600 34.81 102.80 30.64
CA ASN J 600 35.55 101.76 31.34
C ASN J 600 34.59 100.94 32.20
N GLY J 601 34.76 99.62 32.16
CA GLY J 601 33.93 98.73 32.95
C GLY J 601 32.56 98.44 32.37
N ALA J 602 32.24 98.99 31.21
CA ALA J 602 30.96 98.72 30.57
C ALA J 602 31.03 97.41 29.78
N ILE J 603 29.90 97.00 29.22
CA ILE J 603 29.79 95.78 28.43
C ILE J 603 29.30 96.14 27.04
N TYR J 604 29.98 95.61 26.01
CA TYR J 604 29.60 95.87 24.63
C TYR J 604 29.52 94.57 23.86
N ILE J 605 28.68 94.59 22.83
CA ILE J 605 28.53 93.46 21.91
C ILE J 605 28.66 93.97 20.49
N LEU J 606 29.67 93.49 19.78
CA LEU J 606 29.89 93.83 18.38
C LEU J 606 29.38 92.67 17.51
N LYS J 607 28.41 92.96 16.65
CA LYS J 607 27.92 92.01 15.67
C LYS J 607 28.52 92.36 14.31
N VAL J 608 29.21 91.38 13.70
CA VAL J 608 29.93 91.58 12.46
C VAL J 608 29.30 90.70 11.39
N GLU J 609 28.95 91.31 10.26
CA GLU J 609 28.49 90.59 9.09
C GLU J 609 29.62 90.56 8.07
N VAL J 610 30.07 89.36 7.73
CA VAL J 610 31.18 89.20 6.78
C VAL J 610 30.66 89.50 5.38
N THR J 611 31.21 90.53 4.74
CA THR J 611 30.81 90.90 3.39
C THR J 611 31.84 90.49 2.35
N GLU J 612 33.03 90.07 2.76
CA GLU J 612 34.05 89.56 1.85
C GLU J 612 34.88 88.53 2.59
N LEU J 613 34.92 87.32 2.06
CA LEU J 613 35.66 86.20 2.68
C LEU J 613 37.00 86.05 1.98
N ASN J 614 38.06 86.48 2.66
CA ASN J 614 39.43 86.31 2.16
C ASN J 614 40.24 85.34 2.99
N ASN J 615 39.73 84.87 4.13
CA ASN J 615 40.46 83.95 4.98
C ASN J 615 39.44 83.06 5.69
N TYR J 616 39.84 81.81 5.92
CA TYR J 616 38.96 80.90 6.66
C TYR J 616 38.73 81.37 8.09
N ASN J 617 39.64 82.16 8.64
CA ASN J 617 39.49 82.71 9.98
C ASN J 617 39.20 84.21 9.90
N ILE J 618 38.52 84.71 10.93
CA ILE J 618 38.32 86.13 11.13
C ILE J 618 39.05 86.54 12.40
N ARG J 619 39.80 87.63 12.32
CA ARG J 619 40.57 88.15 13.45
C ARG J 619 40.02 89.51 13.82
N LEU J 620 39.43 89.62 15.01
CA LEU J 620 38.94 90.87 15.54
C LEU J 620 39.96 91.43 16.52
N HIS J 621 40.49 92.62 16.23
CA HIS J 621 41.44 93.28 17.10
C HIS J 621 40.74 94.38 17.88
N ILE J 622 41.00 94.41 19.18
CA ILE J 622 40.48 95.40 20.12
C ILE J 622 41.69 96.11 20.71
N ASP J 623 42.06 97.25 20.13
CA ASP J 623 43.20 98.01 20.64
C ASP J 623 42.71 99.06 21.63
N ILE J 624 43.35 99.10 22.80
CA ILE J 624 42.95 99.97 23.89
C ILE J 624 44.10 100.90 24.23
N THR J 625 43.85 102.20 24.15
CA THR J 625 44.78 103.21 24.61
C THR J 625 44.19 103.89 25.85
N ASN J 626 44.88 104.93 26.34
CA ASN J 626 44.55 105.60 27.58
C ASN J 626 44.51 104.62 28.75
N ASP K 1 -3.54 37.96 37.21
CA ASP K 1 -4.16 36.81 37.86
C ASP K 1 -5.68 36.90 37.78
N ILE K 2 -6.36 35.96 38.43
CA ILE K 2 -7.82 35.93 38.45
C ILE K 2 -8.32 36.91 39.50
N VAL K 3 -9.33 37.69 39.14
CA VAL K 3 -9.97 38.64 40.04
C VAL K 3 -11.45 38.29 40.14
N LEU K 4 -11.95 38.20 41.37
CA LEU K 4 -13.36 37.89 41.61
C LEU K 4 -14.07 39.16 42.06
N THR K 5 -14.90 39.71 41.18
CA THR K 5 -15.70 40.87 41.51
C THR K 5 -17.06 40.39 42.01
N GLN K 6 -17.39 40.75 43.25
CA GLN K 6 -18.61 40.29 43.89
C GLN K 6 -19.55 41.46 44.10
N SER K 7 -20.84 41.23 43.84
CA SER K 7 -21.84 42.27 43.98
C SER K 7 -23.11 41.71 44.60
N PRO K 8 -23.84 42.52 45.38
CA PRO K 8 -23.50 43.89 45.81
C PRO K 8 -22.53 43.91 46.99
N ALA K 9 -21.97 45.07 47.33
CA ALA K 9 -21.11 45.16 48.50
C ALA K 9 -21.87 44.85 49.79
N THR K 10 -23.10 45.35 49.89
CA THR K 10 -23.96 45.07 51.03
C THR K 10 -25.40 45.00 50.54
N LEU K 11 -26.20 44.20 51.23
CA LEU K 11 -27.58 43.94 50.82
C LEU K 11 -28.49 43.83 52.03
N SER K 12 -29.71 44.34 51.90
CA SER K 12 -30.74 44.23 52.93
C SER K 12 -31.88 43.38 52.40
N VAL K 13 -32.27 42.36 53.15
CA VAL K 13 -33.21 41.35 52.69
C VAL K 13 -34.31 41.15 53.72
N THR K 14 -35.55 41.06 53.23
CA THR K 14 -36.67 40.65 54.07
C THR K 14 -36.63 39.13 54.26
N PRO K 15 -36.84 38.64 55.49
CA PRO K 15 -36.88 37.19 55.71
C PRO K 15 -37.96 36.53 54.87
N GLY K 16 -37.57 35.47 54.17
CA GLY K 16 -38.48 34.76 53.29
C GLY K 16 -38.45 35.18 51.83
N ASP K 17 -37.41 35.91 51.39
CA ASP K 17 -37.31 36.39 50.03
C ASP K 17 -36.12 35.75 49.31
N ASP K 18 -36.26 35.61 47.99
CA ASP K 18 -35.15 35.14 47.17
C ASP K 18 -34.08 36.21 47.02
N VAL K 19 -32.82 35.79 46.99
CA VAL K 19 -31.71 36.70 46.73
C VAL K 19 -30.69 36.01 45.83
N SER K 20 -29.91 36.82 45.13
CA SER K 20 -28.81 36.36 44.28
C SER K 20 -27.56 37.17 44.59
N LEU K 21 -26.45 36.47 44.80
CA LEU K 21 -25.15 37.11 45.01
C LEU K 21 -24.28 36.85 43.78
N SER K 22 -23.83 37.91 43.12
CA SER K 22 -23.14 37.79 41.85
C SER K 22 -21.64 37.68 42.07
N CYS K 23 -21.03 36.68 41.43
CA CYS K 23 -19.59 36.44 41.49
C CYS K 23 -19.09 36.39 40.04
N ARG K 24 -18.25 37.35 39.66
CA ARG K 24 -17.79 37.50 38.30
C ARG K 24 -16.28 37.26 38.26
N ALA K 25 -15.86 36.39 37.34
CA ALA K 25 -14.46 36.02 37.19
C ALA K 25 -13.88 36.69 35.95
N SER K 26 -12.66 37.22 36.09
CA SER K 26 -11.99 37.85 34.97
C SER K 26 -11.54 36.83 33.92
N GLN K 27 -11.41 35.57 34.29
CA GLN K 27 -11.03 34.50 33.38
C GLN K 27 -11.99 33.33 33.57
N SER K 28 -12.14 32.52 32.52
CA SER K 28 -13.01 31.36 32.57
C SER K 28 -12.40 30.29 33.47
N ILE K 29 -13.19 29.79 34.41
CA ILE K 29 -12.69 28.84 35.41
C ILE K 29 -13.58 27.60 35.46
N SER K 30 -14.39 27.40 34.42
CA SER K 30 -15.34 26.30 34.35
C SER K 30 -16.30 26.32 35.53
N ASN K 31 -16.22 25.32 36.41
CA ASN K 31 -17.02 25.30 37.62
C ASN K 31 -16.14 25.39 38.87
N ASN K 32 -14.86 25.70 38.71
CA ASN K 32 -13.95 25.66 39.85
C ASN K 32 -14.16 26.88 40.74
N LEU K 33 -15.39 27.08 41.19
CA LEU K 33 -15.74 28.16 42.09
C LEU K 33 -16.57 27.60 43.25
N HIS K 34 -16.38 28.19 44.42
CA HIS K 34 -16.94 27.62 45.65
C HIS K 34 -17.38 28.74 46.57
N TRP K 35 -18.54 28.54 47.19
CA TRP K 35 -19.23 29.55 47.99
C TRP K 35 -19.12 29.23 49.48
N TYR K 36 -18.83 30.27 50.28
CA TYR K 36 -18.62 30.18 51.71
C TYR K 36 -19.40 31.26 52.44
N GLN K 37 -19.83 30.91 53.66
CA GLN K 37 -20.56 31.80 54.55
C GLN K 37 -19.78 31.95 55.85
N GLN K 38 -19.56 33.20 56.26
CA GLN K 38 -18.83 33.50 57.49
C GLN K 38 -19.69 34.40 58.37
N LYS K 39 -19.96 33.94 59.59
CA LYS K 39 -20.76 34.66 60.56
C LYS K 39 -19.86 35.45 61.51
N SER K 40 -20.44 35.99 62.57
CA SER K 40 -19.69 36.82 63.51
C SER K 40 -18.71 35.99 64.32
N HIS K 41 -17.47 36.46 64.40
CA HIS K 41 -16.40 35.85 65.18
C HIS K 41 -16.14 34.40 64.80
N GLU K 42 -16.61 33.97 63.62
CA GLU K 42 -16.53 32.58 63.23
C GLU K 42 -15.77 32.43 61.93
N SER K 43 -15.15 31.27 61.75
CA SER K 43 -14.47 30.94 60.51
C SER K 43 -15.51 30.71 59.41
N PRO K 44 -15.14 30.92 58.13
CA PRO K 44 -16.12 30.67 57.05
C PRO K 44 -16.47 29.19 56.95
N ARG K 45 -17.64 28.95 56.35
CA ARG K 45 -18.19 27.61 56.20
C ARG K 45 -18.47 27.36 54.73
N LEU K 46 -18.06 26.20 54.24
CA LEU K 46 -18.29 25.83 52.86
C LEU K 46 -19.79 25.62 52.62
N LEU K 47 -20.38 26.33 51.66
CA LEU K 47 -21.80 26.12 51.40
C LEU K 47 -22.05 25.07 50.35
N ILE K 48 -21.74 25.39 49.09
CA ILE K 48 -21.90 24.43 48.01
C ILE K 48 -20.61 24.29 47.25
N LYS K 49 -20.12 23.06 47.14
CA LYS K 49 -18.87 22.81 46.42
C LYS K 49 -19.18 22.81 44.95
N TYR K 50 -18.26 23.31 44.14
CA TYR K 50 -18.38 23.42 42.69
C TYR K 50 -19.46 24.40 42.23
N ALA K 51 -19.81 24.36 40.96
CA ALA K 51 -20.81 25.29 40.50
C ALA K 51 -22.15 25.06 41.21
N SER K 52 -22.52 23.80 41.34
CA SER K 52 -23.78 23.46 41.93
C SER K 52 -23.81 22.12 42.66
N GLN K 53 -23.15 22.00 43.80
CA GLN K 53 -23.23 20.71 44.49
C GLN K 53 -23.52 20.85 45.98
N SER K 54 -24.42 20.01 46.47
CA SER K 54 -24.84 20.02 47.87
C SER K 54 -23.76 19.52 48.83
N ILE K 55 -23.67 20.17 49.99
CA ILE K 55 -22.70 19.81 51.02
C ILE K 55 -23.38 19.53 52.34
N SER K 56 -23.10 18.36 52.92
CA SER K 56 -23.64 17.88 54.19
C SER K 56 -25.09 18.28 54.42
N GLY K 57 -25.32 19.17 55.38
CA GLY K 57 -26.65 19.62 55.72
C GLY K 57 -26.84 21.12 55.56
N ILE K 58 -26.13 21.70 54.61
CA ILE K 58 -26.25 23.12 54.28
C ILE K 58 -27.67 23.35 53.74
N PRO K 59 -28.29 24.50 54.00
CA PRO K 59 -29.65 24.72 53.49
C PRO K 59 -29.74 24.47 51.99
N SER K 60 -30.84 23.84 51.58
CA SER K 60 -30.97 23.37 50.21
C SER K 60 -31.43 24.47 49.27
N LYS K 61 -30.77 25.63 49.33
CA LYS K 61 -31.16 26.78 48.52
C LYS K 61 -29.92 27.53 48.01
N PHE K 62 -28.94 26.80 47.47
CA PHE K 62 -27.71 27.43 47.00
C PHE K 62 -27.21 26.77 45.73
N GLY K 63 -26.26 27.43 45.06
CA GLY K 63 -25.52 26.85 43.96
C GLY K 63 -26.00 27.19 42.56
N ARG K 64 -25.18 27.91 41.81
CA ARG K 64 -25.51 28.28 40.43
C ARG K 64 -24.30 28.93 39.77
N GLY K 65 -24.11 28.64 38.48
CA GLY K 65 -23.14 29.34 37.67
C GLY K 65 -22.14 28.41 37.00
N SER K 66 -21.46 28.97 36.01
CA SER K 66 -20.36 28.31 35.31
C SER K 66 -19.62 29.36 34.49
N GLY K 67 -18.39 29.00 34.09
CA GLY K 67 -17.60 29.87 33.23
C GLY K 67 -17.01 31.07 33.94
N THR K 68 -17.53 32.26 33.62
CA THR K 68 -17.12 33.49 34.27
C THR K 68 -18.23 34.14 35.08
N ASP K 69 -19.48 33.70 34.92
CA ASP K 69 -20.62 34.27 35.63
C ASP K 69 -21.16 33.23 36.60
N PHE K 70 -21.13 33.54 37.88
CA PHE K 70 -21.64 32.65 38.91
C PHE K 70 -22.59 33.43 39.81
N THR K 71 -23.59 32.73 40.35
CA THR K 71 -24.52 33.38 41.27
C THR K 71 -24.87 32.42 42.39
N LEU K 72 -24.88 32.94 43.61
CA LEU K 72 -25.35 32.20 44.78
C LEU K 72 -26.81 32.56 44.98
N ILE K 73 -27.69 31.63 44.68
CA ILE K 73 -29.11 31.77 44.97
C ILE K 73 -29.33 31.49 46.44
N ILE K 74 -30.28 32.19 47.05
CA ILE K 74 -30.83 31.83 48.36
C ILE K 74 -32.35 31.97 48.27
N ASN K 75 -33.06 30.85 48.43
CA ASN K 75 -34.48 30.82 48.16
C ASN K 75 -35.29 31.49 49.27
N ARG K 76 -35.03 31.14 50.52
CA ARG K 76 -35.74 31.70 51.68
C ARG K 76 -34.70 32.17 52.69
N VAL K 77 -34.36 33.45 52.64
CA VAL K 77 -33.44 34.02 53.62
C VAL K 77 -34.09 33.99 55.00
N GLU K 78 -33.40 33.40 55.97
CA GLU K 78 -33.86 33.34 57.34
C GLU K 78 -32.99 34.23 58.22
N THR K 79 -33.35 34.31 59.50
CA THR K 79 -32.68 35.24 60.41
C THR K 79 -31.21 34.89 60.59
N GLU K 80 -30.86 33.60 60.59
CA GLU K 80 -29.47 33.21 60.78
C GLU K 80 -28.62 33.39 59.54
N ASP K 81 -29.22 33.70 58.39
CA ASP K 81 -28.48 33.84 57.14
C ASP K 81 -27.75 35.16 57.01
N PHE K 82 -27.68 35.95 58.07
CA PHE K 82 -26.85 37.15 58.06
C PHE K 82 -25.37 36.76 58.03
N GLY K 83 -24.56 37.60 57.38
CA GLY K 83 -23.13 37.37 57.41
C GLY K 83 -22.44 37.69 56.11
N VAL K 84 -21.13 37.44 56.02
CA VAL K 84 -20.39 37.73 54.80
C VAL K 84 -20.32 36.48 53.94
N TYR K 85 -20.62 36.63 52.66
CA TYR K 85 -20.55 35.54 51.70
C TYR K 85 -19.37 35.80 50.76
N PHE K 86 -18.55 34.77 50.58
CA PHE K 86 -17.36 34.83 49.74
C PHE K 86 -17.42 33.74 48.68
N CYS K 87 -16.88 34.03 47.51
CA CYS K 87 -16.66 33.02 46.48
C CYS K 87 -15.17 32.95 46.20
N GLN K 88 -14.67 31.74 45.96
CA GLN K 88 -13.27 31.53 45.67
C GLN K 88 -13.12 30.61 44.48
N GLN K 89 -12.01 30.78 43.75
CA GLN K 89 -11.69 29.96 42.60
C GLN K 89 -10.55 29.01 42.94
N SER K 90 -10.64 27.78 42.43
CA SER K 90 -9.59 26.79 42.62
C SER K 90 -8.96 26.37 41.30
N ASP K 91 -9.03 27.22 40.28
CA ASP K 91 -8.46 26.91 38.97
C ASP K 91 -6.99 27.32 38.90
N SER K 92 -6.71 28.61 39.08
CA SER K 92 -5.34 29.09 39.10
C SER K 92 -4.81 29.13 40.54
N TRP K 93 -3.49 29.11 40.66
CA TRP K 93 -2.86 29.03 41.98
C TRP K 93 -3.02 30.29 42.84
N PRO K 94 -3.14 31.51 42.27
CA PRO K 94 -3.45 32.69 43.09
C PRO K 94 -4.52 32.48 44.17
N TYR K 95 -5.58 31.73 43.86
CA TYR K 95 -6.61 31.37 44.83
C TYR K 95 -7.24 32.62 45.46
N THR K 96 -7.91 33.40 44.62
CA THR K 96 -8.47 34.67 45.04
C THR K 96 -9.85 34.50 45.66
N PHE K 97 -10.39 35.60 46.20
CA PHE K 97 -11.68 35.62 46.87
C PHE K 97 -12.45 36.85 46.39
N GLY K 98 -13.56 37.13 47.06
CA GLY K 98 -14.31 38.35 46.86
C GLY K 98 -14.90 38.80 48.18
N GLY K 99 -16.02 39.51 48.13
CA GLY K 99 -16.72 39.81 49.35
C GLY K 99 -18.11 40.40 49.17
N THR K 100 -19.10 39.87 49.89
CA THR K 100 -20.40 40.53 49.97
C THR K 100 -20.92 40.37 51.40
N LYS K 101 -21.76 41.33 51.82
CA LYS K 101 -22.31 41.36 53.17
C LYS K 101 -23.82 41.27 53.08
N LEU K 102 -24.38 40.14 53.52
CA LEU K 102 -25.83 39.94 53.53
C LEU K 102 -26.35 40.35 54.90
N GLU K 103 -27.14 41.43 54.91
CA GLU K 103 -27.88 41.89 56.07
C GLU K 103 -29.37 41.67 55.84
N ILE K 104 -30.13 41.72 56.93
CA ILE K 104 -31.55 41.39 56.91
C ILE K 104 -32.35 42.62 57.32
N ILE K 105 -33.34 42.98 56.51
CA ILE K 105 -34.19 44.13 56.80
C ILE K 105 -35.38 43.69 57.66
N GLN L 1 -12.94 11.39 62.78
CA GLN L 1 -13.09 12.26 61.61
C GLN L 1 -11.94 13.26 61.54
N VAL L 2 -11.93 14.07 60.48
CA VAL L 2 -10.86 15.04 60.27
C VAL L 2 -10.95 16.15 61.31
N GLN L 3 -9.82 16.50 61.90
CA GLN L 3 -9.71 17.67 62.75
C GLN L 3 -8.33 18.29 62.58
N LEU L 4 -8.29 19.61 62.67
CA LEU L 4 -7.07 20.40 62.53
C LEU L 4 -6.92 21.30 63.75
N GLN L 5 -5.74 21.27 64.37
CA GLN L 5 -5.48 22.00 65.60
C GLN L 5 -4.26 22.88 65.41
N GLN L 6 -4.42 24.19 65.62
CA GLN L 6 -3.34 25.14 65.47
C GLN L 6 -3.01 25.78 66.81
N SER L 7 -1.71 26.09 67.01
CA SER L 7 -1.28 26.67 68.28
C SER L 7 -0.76 28.09 68.13
N GLY L 8 0.31 28.31 67.36
CA GLY L 8 0.89 29.64 67.25
C GLY L 8 1.49 30.15 68.56
N ALA L 9 2.42 31.12 68.47
CA ALA L 9 2.89 31.78 69.67
C ALA L 9 1.88 32.80 70.18
N GLU L 10 1.19 33.48 69.26
CA GLU L 10 0.06 34.39 69.47
C GLU L 10 0.47 35.76 70.00
N LEU L 11 1.76 36.01 70.27
CA LEU L 11 2.20 37.32 70.73
C LEU L 11 3.66 37.51 70.32
N ALA L 12 3.94 38.61 69.64
CA ALA L 12 5.28 38.84 69.11
C ALA L 12 5.52 40.34 68.98
N ARG L 13 6.82 40.70 68.88
CA ARG L 13 7.37 42.03 68.73
C ARG L 13 7.72 42.31 67.27
N PRO L 14 7.64 43.57 66.84
CA PRO L 14 7.98 43.88 65.44
C PRO L 14 9.45 43.59 65.15
N GLY L 15 9.69 42.93 64.01
CA GLY L 15 11.02 42.56 63.59
C GLY L 15 11.45 41.16 63.96
N THR L 16 10.68 40.46 64.80
CA THR L 16 11.02 39.11 65.22
C THR L 16 10.36 38.10 64.29
N SER L 17 10.38 36.83 64.69
CA SER L 17 9.83 35.74 63.89
C SER L 17 8.95 34.85 64.76
N VAL L 18 8.07 34.10 64.09
CA VAL L 18 7.12 33.22 64.77
C VAL L 18 6.85 32.03 63.85
N LYS L 19 6.56 30.88 64.45
CA LYS L 19 6.25 29.67 63.69
C LYS L 19 4.95 29.07 64.22
N LEU L 20 3.89 29.18 63.41
CA LEU L 20 2.62 28.55 63.70
C LEU L 20 2.62 27.11 63.22
N SER L 21 1.91 26.26 63.95
CA SER L 21 1.82 24.84 63.64
C SER L 21 0.36 24.44 63.41
N CYS L 22 0.19 23.30 62.75
CA CYS L 22 -1.15 22.77 62.46
C CYS L 22 -1.05 21.26 62.44
N LYS L 23 -1.67 20.62 63.43
CA LYS L 23 -1.73 19.17 63.54
C LYS L 23 -3.01 18.66 62.91
N ALA L 24 -2.89 17.64 62.05
CA ALA L 24 -4.02 17.07 61.34
C ALA L 24 -4.25 15.64 61.80
N SER L 25 -5.52 15.26 61.94
CA SER L 25 -5.83 13.87 62.28
C SER L 25 -7.17 13.48 61.67
N GLY L 26 -7.37 12.18 61.52
CA GLY L 26 -8.58 11.63 60.96
C GLY L 26 -8.49 11.24 59.50
N TYR L 27 -7.44 11.66 58.79
CA TYR L 27 -7.26 11.32 57.39
C TYR L 27 -5.79 11.09 57.12
N THR L 28 -5.48 10.70 55.88
CA THR L 28 -4.10 10.47 55.47
C THR L 28 -3.45 11.81 55.19
N PHE L 29 -2.55 12.24 56.08
CA PHE L 29 -2.00 13.59 56.03
C PHE L 29 -1.37 13.94 54.70
N THR L 30 -0.93 12.93 53.93
CA THR L 30 -0.17 13.14 52.71
C THR L 30 -1.00 13.00 51.44
N THR L 31 -2.34 13.07 51.54
CA THR L 31 -3.19 12.96 50.37
C THR L 31 -3.99 14.22 50.07
N TYR L 32 -3.94 15.24 50.92
CA TYR L 32 -4.66 16.49 50.72
C TYR L 32 -3.72 17.66 50.80
N TRP L 33 -3.89 18.61 49.88
CA TRP L 33 -3.23 19.91 50.00
C TRP L 33 -3.74 20.63 51.24
N ILE L 34 -2.84 21.32 51.93
CA ILE L 34 -3.19 22.09 53.13
C ILE L 34 -2.81 23.53 52.88
N GLN L 35 -3.77 24.43 53.04
CA GLN L 35 -3.57 25.82 52.72
C GLN L 35 -3.84 26.71 53.91
N TRP L 36 -3.21 27.88 53.90
CA TRP L 36 -3.31 28.84 54.99
C TRP L 36 -4.00 30.10 54.51
N VAL L 37 -4.88 30.64 55.35
CA VAL L 37 -5.68 31.81 55.02
C VAL L 37 -5.54 32.83 56.14
N LYS L 38 -5.22 34.06 55.79
CA LYS L 38 -5.09 35.16 56.74
C LYS L 38 -6.35 36.01 56.75
N GLN L 39 -6.83 36.33 57.95
CA GLN L 39 -8.02 37.16 58.11
C GLN L 39 -7.70 38.24 59.15
N ARG L 40 -7.59 39.49 58.69
CA ARG L 40 -7.47 40.58 59.64
C ARG L 40 -8.79 40.76 60.38
N PRO L 41 -8.76 41.25 61.63
CA PRO L 41 -10.01 41.37 62.41
C PRO L 41 -11.07 42.19 61.71
N GLY L 42 -12.17 41.53 61.32
CA GLY L 42 -13.27 42.18 60.64
C GLY L 42 -13.16 42.23 59.13
N GLN L 43 -11.98 41.97 58.58
CA GLN L 43 -11.75 42.05 57.15
C GLN L 43 -12.15 40.74 56.48
N GLY L 44 -11.83 40.59 55.20
CA GLY L 44 -12.08 39.37 54.48
C GLY L 44 -10.87 38.45 54.49
N LEU L 45 -11.05 37.29 53.84
CA LEU L 45 -9.98 36.30 53.76
C LEU L 45 -8.87 36.76 52.83
N GLU L 46 -7.65 36.30 53.10
CA GLU L 46 -6.49 36.60 52.27
C GLU L 46 -5.67 35.33 52.15
N TRP L 47 -5.62 34.77 50.94
CA TRP L 47 -4.89 33.53 50.71
C TRP L 47 -3.39 33.76 50.87
N ILE L 48 -2.72 32.82 51.54
CA ILE L 48 -1.30 32.92 51.85
C ILE L 48 -0.48 31.94 51.02
N GLY L 49 -0.80 30.65 51.12
CA GLY L 49 -0.06 29.64 50.37
C GLY L 49 -0.63 28.27 50.65
N THR L 50 -0.12 27.29 49.89
CA THR L 50 -0.53 25.91 50.04
C THR L 50 0.68 25.00 49.98
N ILE L 51 0.64 23.94 50.79
CA ILE L 51 1.68 22.93 50.84
C ILE L 51 1.04 21.58 50.52
N TYR L 52 1.71 20.80 49.67
CA TYR L 52 1.39 19.39 49.54
C TYR L 52 2.43 18.62 50.34
N PRO L 53 2.05 17.98 51.45
CA PRO L 53 3.02 17.22 52.25
C PRO L 53 3.44 15.90 51.64
N GLY L 54 2.80 15.45 50.56
CA GLY L 54 3.22 14.21 49.93
C GLY L 54 4.65 14.26 49.45
N ASP L 55 5.03 15.37 48.81
CA ASP L 55 6.43 15.59 48.41
C ASP L 55 6.86 17.03 48.68
N GLY L 56 6.14 17.75 49.55
CA GLY L 56 6.51 19.09 49.94
C GLY L 56 6.42 20.14 48.85
N ASP L 57 5.33 20.15 48.10
CA ASP L 57 5.14 21.12 47.02
C ASP L 57 4.57 22.42 47.57
N THR L 58 5.39 23.47 47.59
CA THR L 58 4.97 24.80 48.03
C THR L 58 4.46 25.61 46.86
N ARG L 59 3.38 26.35 47.09
CA ARG L 59 3.01 27.43 46.15
C ARG L 59 2.37 28.56 46.92
N TYR L 60 2.94 29.75 46.78
CA TYR L 60 2.53 30.94 47.52
C TYR L 60 1.88 31.94 46.59
N THR L 61 1.23 32.93 47.20
CA THR L 61 0.88 34.16 46.48
C THR L 61 2.06 35.11 46.51
N GLN L 62 2.08 36.02 45.54
CA GLN L 62 3.21 36.95 45.42
C GLN L 62 3.29 37.90 46.61
N LYS L 63 2.19 38.13 47.32
CA LYS L 63 2.21 39.07 48.44
C LYS L 63 2.87 38.49 49.69
N PHE L 64 2.83 37.18 49.87
CA PHE L 64 3.40 36.52 51.04
C PHE L 64 4.60 35.65 50.69
N LYS L 65 5.47 36.14 49.80
CA LYS L 65 6.59 35.32 49.33
C LYS L 65 7.66 35.17 50.40
N GLY L 66 8.31 36.27 50.77
CA GLY L 66 9.35 36.22 51.79
C GLY L 66 8.83 36.23 53.21
N LYS L 67 7.58 36.64 53.41
CA LYS L 67 7.01 36.67 54.75
C LYS L 67 6.75 35.26 55.27
N ALA L 68 5.94 34.49 54.55
CA ALA L 68 5.55 33.16 54.98
C ALA L 68 6.48 32.10 54.40
N THR L 69 6.81 31.12 55.22
CA THR L 69 7.56 29.95 54.80
C THR L 69 6.81 28.71 55.24
N LEU L 70 6.38 27.89 54.28
CA LEU L 70 5.54 26.73 54.57
C LEU L 70 6.36 25.46 54.55
N THR L 71 6.22 24.66 55.60
CA THR L 71 6.88 23.36 55.70
C THR L 71 5.91 22.34 56.24
N ALA L 72 6.27 21.07 56.15
CA ALA L 72 5.42 20.00 56.64
C ALA L 72 6.29 18.79 57.00
N ASP L 73 5.99 18.17 58.13
CA ASP L 73 6.71 16.99 58.58
C ASP L 73 5.84 15.77 58.32
N LYS L 74 6.35 14.83 57.52
CA LYS L 74 5.59 13.64 57.17
C LYS L 74 5.33 12.77 58.39
N SER L 75 6.33 12.65 59.27
CA SER L 75 6.25 11.71 60.38
C SER L 75 5.34 12.17 61.51
N SER L 76 5.01 13.46 61.58
CA SER L 76 4.25 14.00 62.70
C SER L 76 2.89 14.56 62.32
N SER L 77 2.53 14.57 61.04
CA SER L 77 1.27 15.13 60.56
C SER L 77 1.11 16.58 61.01
N THR L 78 2.16 17.37 60.80
CA THR L 78 2.18 18.77 61.20
C THR L 78 2.63 19.64 60.03
N ALA L 79 1.86 20.68 59.75
CA ALA L 79 2.20 21.70 58.76
C ALA L 79 2.50 22.99 59.49
N TYR L 80 3.66 23.59 59.20
CA TYR L 80 4.11 24.80 59.86
C TYR L 80 4.17 25.96 58.88
N MET L 81 3.82 27.15 59.36
CA MET L 81 4.02 28.39 58.64
C MET L 81 4.90 29.29 59.49
N GLN L 82 5.94 29.84 58.89
CA GLN L 82 6.86 30.72 59.60
C GLN L 82 6.71 32.14 59.06
N LEU L 83 6.38 33.07 59.95
CA LEU L 83 6.26 34.48 59.61
C LEU L 83 7.45 35.22 60.20
N ILE L 84 8.19 35.92 59.34
CA ILE L 84 9.43 36.58 59.74
C ILE L 84 9.35 38.05 59.34
N SER L 85 10.18 38.85 60.01
CA SER L 85 10.19 40.31 59.84
C SER L 85 8.80 40.89 60.08
N LEU L 86 8.26 40.57 61.25
CA LEU L 86 6.89 40.94 61.58
C LEU L 86 6.72 42.44 61.67
N ALA L 87 5.66 42.94 61.05
CA ALA L 87 5.26 44.34 61.11
C ALA L 87 3.84 44.42 61.66
N SER L 88 3.33 45.64 61.78
CA SER L 88 1.98 45.83 62.32
C SER L 88 0.90 45.29 61.39
N GLU L 89 1.22 45.07 60.11
CA GLU L 89 0.25 44.57 59.14
C GLU L 89 -0.01 43.08 59.27
N ASP L 90 0.74 42.36 60.10
CA ASP L 90 0.62 40.92 60.23
C ASP L 90 -0.30 40.50 61.37
N SER L 91 -0.86 41.44 62.12
CA SER L 91 -1.72 41.12 63.25
C SER L 91 -3.07 40.66 62.72
N ALA L 92 -3.28 39.35 62.66
CA ALA L 92 -4.51 38.79 62.10
C ALA L 92 -4.70 37.40 62.67
N VAL L 93 -5.82 36.78 62.28
CA VAL L 93 -6.16 35.41 62.65
C VAL L 93 -5.85 34.51 61.45
N TYR L 94 -5.06 33.47 61.68
CA TYR L 94 -4.53 32.63 60.62
C TYR L 94 -5.12 31.24 60.71
N TYR L 95 -5.63 30.73 59.59
CA TYR L 95 -6.31 29.45 59.52
C TYR L 95 -5.53 28.48 58.65
N CYS L 96 -5.52 27.21 59.06
CA CYS L 96 -4.93 26.11 58.31
C CYS L 96 -6.05 25.12 57.99
N VAL L 97 -6.30 24.89 56.70
CA VAL L 97 -7.48 24.14 56.26
C VAL L 97 -7.12 23.20 55.12
N ALA L 98 -8.03 22.25 54.87
CA ALA L 98 -7.97 21.34 53.74
C ALA L 98 -9.39 20.88 53.45
N GLY L 99 -9.70 20.69 52.17
CA GLY L 99 -11.03 20.27 51.76
C GLY L 99 -11.24 18.78 51.92
N TYR L 100 -12.41 18.33 51.48
CA TYR L 100 -12.75 16.92 51.58
C TYR L 100 -13.17 16.27 50.27
N ASP L 101 -13.62 17.02 49.26
CA ASP L 101 -13.77 16.47 47.92
C ASP L 101 -12.83 17.13 46.92
N THR L 102 -12.93 18.44 46.73
CA THR L 102 -12.00 19.16 45.88
C THR L 102 -10.85 19.63 46.76
N SER L 103 -9.65 19.10 46.51
CA SER L 103 -8.52 19.37 47.40
C SER L 103 -8.23 20.86 47.51
N GLY L 104 -8.57 21.63 46.49
CA GLY L 104 -8.35 23.07 46.53
C GLY L 104 -9.29 23.81 47.46
N THR L 105 -10.50 23.29 47.66
CA THR L 105 -11.46 24.02 48.48
C THR L 105 -11.16 23.84 49.96
N MET L 106 -11.76 24.71 50.77
CA MET L 106 -11.69 24.62 52.23
C MET L 106 -13.00 24.03 52.72
N GLY L 107 -12.96 22.79 53.18
CA GLY L 107 -14.15 22.16 53.69
C GLY L 107 -14.17 22.06 55.20
N TYR L 108 -13.03 21.67 55.79
CA TYR L 108 -12.92 21.45 57.22
C TYR L 108 -11.89 22.44 57.77
N TRP L 109 -12.28 23.15 58.83
CA TRP L 109 -11.54 24.32 59.31
C TRP L 109 -10.80 24.04 60.61
N GLY L 110 -9.65 24.71 60.77
CA GLY L 110 -8.96 24.73 62.03
C GLY L 110 -9.46 25.85 62.93
N GLN L 111 -9.03 25.81 64.19
CA GLN L 111 -9.52 26.77 65.17
C GLN L 111 -8.95 28.16 65.00
N GLY L 112 -7.87 28.30 64.25
CA GLY L 112 -7.28 29.61 64.02
C GLY L 112 -6.25 29.98 65.06
N THR L 113 -5.29 30.80 64.64
CA THR L 113 -4.27 31.35 65.52
C THR L 113 -4.28 32.86 65.37
N SER L 114 -4.58 33.56 66.46
CA SER L 114 -4.60 35.02 66.47
C SER L 114 -3.25 35.53 66.95
N VAL L 115 -2.53 36.20 66.06
CA VAL L 115 -1.21 36.76 66.38
C VAL L 115 -1.36 38.28 66.50
N THR L 116 -0.47 38.88 67.30
CA THR L 116 -0.49 40.32 67.53
C THR L 116 0.93 40.83 67.53
N VAL L 117 1.25 41.69 66.56
CA VAL L 117 2.59 42.25 66.45
C VAL L 117 2.62 43.64 67.06
N ALA M 1 3.84 46.78 73.13
CA ALA M 1 3.24 46.90 74.45
C ALA M 1 3.25 45.57 75.19
N LYS M 2 3.39 45.63 76.51
CA LYS M 2 3.43 44.44 77.34
C LYS M 2 2.03 43.99 77.75
N THR M 3 1.96 42.77 78.29
CA THR M 3 0.69 42.20 78.71
C THR M 3 0.21 42.84 80.00
N THR M 4 -1.09 43.16 80.04
CA THR M 4 -1.72 43.74 81.21
C THR M 4 -2.97 42.95 81.56
N ALA M 5 -3.12 42.61 82.84
CA ALA M 5 -4.29 41.88 83.29
C ALA M 5 -5.53 42.76 83.20
N PRO M 6 -6.68 42.18 82.83
CA PRO M 6 -7.90 42.99 82.73
C PRO M 6 -8.53 43.24 84.09
N SER M 7 -9.17 44.39 84.20
CA SER M 7 -9.94 44.74 85.40
C SER M 7 -11.41 44.46 85.13
N VAL M 8 -12.00 43.60 85.94
CA VAL M 8 -13.40 43.20 85.80
C VAL M 8 -14.22 44.00 86.81
N TYR M 9 -15.20 44.74 86.31
CA TYR M 9 -16.04 45.60 87.14
C TYR M 9 -17.49 45.16 87.01
N PRO M 10 -18.15 44.78 88.11
CA PRO M 10 -19.60 44.49 88.06
C PRO M 10 -20.39 45.78 87.99
N LEU M 11 -21.24 45.90 86.97
CA LEU M 11 -22.07 47.08 86.76
C LEU M 11 -23.48 46.75 87.24
N ALA M 12 -23.80 47.22 88.44
CA ALA M 12 -25.08 47.00 89.12
C ALA M 12 -26.03 48.15 88.83
N PRO M 13 -27.29 47.87 88.51
CA PRO M 13 -28.23 48.95 88.21
C PRO M 13 -28.86 49.52 89.47
N SER M 14 -37.50 45.89 84.29
CA SER M 14 -36.74 44.74 83.79
C SER M 14 -35.26 45.08 83.94
N VAL M 15 -34.52 44.19 84.58
CA VAL M 15 -33.20 44.52 85.10
C VAL M 15 -32.12 44.13 84.11
N THR M 16 -31.24 45.07 83.79
CA THR M 16 -30.11 44.86 82.90
C THR M 16 -28.83 45.01 83.72
N LEU M 17 -28.09 43.92 83.88
CA LEU M 17 -26.82 43.91 84.57
C LEU M 17 -25.68 44.03 83.56
N GLY M 18 -24.55 44.57 84.01
CA GLY M 18 -23.41 44.76 83.13
C GLY M 18 -22.14 44.23 83.73
N CYS M 19 -21.16 44.01 82.86
CA CYS M 19 -19.83 43.57 83.27
C CYS M 19 -18.82 44.26 82.36
N LEU M 20 -17.92 45.04 82.97
CA LEU M 20 -16.94 45.84 82.21
C LEU M 20 -15.55 45.24 82.40
N VAL M 21 -15.00 44.67 81.34
CA VAL M 21 -13.66 44.11 81.34
C VAL M 21 -12.76 45.13 80.64
N LYS M 22 -12.08 45.97 81.42
CA LYS M 22 -11.37 47.12 80.88
C LYS M 22 -9.86 46.96 81.07
N GLY M 23 -9.10 47.61 80.18
CA GLY M 23 -7.67 47.69 80.36
C GLY M 23 -6.95 46.37 80.16
N TYR M 24 -7.30 45.64 79.10
CA TYR M 24 -6.73 44.32 78.83
C TYR M 24 -5.81 44.40 77.62
N PHE M 25 -4.72 43.62 77.69
CA PHE M 25 -3.80 43.46 76.57
C PHE M 25 -2.91 42.25 76.80
N PRO M 26 -2.72 41.40 75.80
CA PRO M 26 -3.44 41.39 74.51
C PRO M 26 -4.75 40.62 74.59
N GLU M 27 -5.68 40.89 73.66
CA GLU M 27 -6.92 40.14 73.58
C GLU M 27 -6.63 38.68 73.21
N PRO M 28 -7.58 37.75 73.40
CA PRO M 28 -9.00 37.91 73.75
C PRO M 28 -9.36 37.73 75.21
N VAL M 29 -10.57 38.14 75.60
CA VAL M 29 -11.14 37.85 76.90
C VAL M 29 -12.43 37.07 76.68
N THR M 30 -12.61 36.01 77.45
CA THR M 30 -13.81 35.18 77.39
C THR M 30 -14.76 35.61 78.50
N LEU M 31 -16.05 35.67 78.18
CA LEU M 31 -17.04 36.15 79.13
C LEU M 31 -18.29 35.28 79.05
N THR M 32 -18.74 34.79 80.20
CA THR M 32 -19.98 34.04 80.29
C THR M 32 -20.78 34.53 81.49
N TRP M 33 -22.08 34.23 81.49
CA TRP M 33 -22.98 34.60 82.58
C TRP M 33 -23.58 33.33 83.17
N ASN M 34 -23.22 33.03 84.42
CA ASN M 34 -23.72 31.87 85.15
C ASN M 34 -23.42 30.57 84.40
N SER M 35 -22.14 30.38 84.10
CA SER M 35 -21.58 29.21 83.44
C SER M 35 -22.05 29.05 82.00
N GLY M 36 -22.89 29.96 81.49
CA GLY M 36 -23.36 29.89 80.12
C GLY M 36 -24.82 29.55 79.95
N SER M 37 -25.51 29.15 81.03
CA SER M 37 -26.92 28.77 80.94
C SER M 37 -27.85 29.98 80.92
N LEU M 38 -27.37 31.17 81.25
CA LEU M 38 -28.17 32.38 81.27
C LEU M 38 -27.99 33.20 79.99
N SER M 39 -27.68 32.55 78.87
CA SER M 39 -27.43 33.26 77.63
C SER M 39 -28.69 33.88 77.02
N SER M 40 -29.87 33.51 77.50
CA SER M 40 -31.12 34.02 76.94
C SER M 40 -31.32 35.46 77.41
N GLY M 41 -30.65 36.38 76.71
CA GLY M 41 -30.76 37.79 77.04
C GLY M 41 -29.42 38.47 77.25
N VAL M 42 -28.34 37.86 76.76
CA VAL M 42 -27.00 38.42 76.87
C VAL M 42 -26.57 38.94 75.51
N HIS M 43 -25.88 40.08 75.50
CA HIS M 43 -25.33 40.66 74.28
C HIS M 43 -23.90 41.10 74.56
N THR M 44 -22.93 40.29 74.14
CA THR M 44 -21.52 40.57 74.36
C THR M 44 -20.96 41.36 73.19
N PHE M 45 -20.26 42.45 73.48
CA PHE M 45 -19.72 43.40 72.52
C PHE M 45 -18.25 43.15 72.26
N PRO M 46 -17.77 43.35 71.03
CA PRO M 46 -16.34 43.22 70.76
C PRO M 46 -15.54 44.35 71.40
N ALA M 47 -14.28 44.07 71.68
CA ALA M 47 -13.42 45.02 72.36
C ALA M 47 -13.01 46.16 71.42
N VAL M 48 -12.58 47.26 72.04
CA VAL M 48 -12.05 48.41 71.31
C VAL M 48 -10.69 48.76 71.91
N LEU M 49 -9.73 49.07 71.04
CA LEU M 49 -8.37 49.40 71.45
C LEU M 49 -8.29 50.89 71.75
N GLN M 50 -8.30 51.23 73.04
CA GLN M 50 -8.01 52.58 73.49
C GLN M 50 -6.52 52.66 73.81
N SER M 51 -5.81 53.49 73.04
CA SER M 51 -4.36 53.61 73.15
C SER M 51 -3.69 52.25 72.99
N ASP M 52 -3.18 51.68 74.09
CA ASP M 52 -2.50 50.39 74.06
C ASP M 52 -3.24 49.32 74.85
N LEU M 53 -4.49 49.55 75.24
CA LEU M 53 -5.23 48.61 76.05
C LEU M 53 -6.64 48.43 75.50
N TYR M 54 -7.19 47.24 75.68
CA TYR M 54 -8.50 46.89 75.14
C TYR M 54 -9.60 47.03 76.19
N THR M 55 -10.79 47.41 75.73
CA THR M 55 -11.95 47.54 76.58
C THR M 55 -13.10 46.74 75.99
N LEU M 56 -13.75 45.94 76.84
CA LEU M 56 -14.90 45.14 76.45
C LEU M 56 -15.95 45.27 77.54
N SER M 57 -17.20 45.03 77.17
CA SER M 57 -18.29 45.05 78.14
C SER M 57 -19.40 44.14 77.66
N SER M 58 -20.24 43.71 78.60
CA SER M 58 -21.34 42.82 78.29
C SER M 58 -22.55 43.19 79.12
N SER M 59 -23.74 42.92 78.57
CA SER M 59 -25.01 43.19 79.22
C SER M 59 -25.88 41.95 79.20
N VAL M 60 -26.59 41.71 80.30
CA VAL M 60 -27.57 40.64 80.41
C VAL M 60 -28.86 41.21 80.94
N THR M 61 -29.97 40.93 80.26
CA THR M 61 -31.27 41.47 80.61
C THR M 61 -32.20 40.35 81.06
N VAL M 62 -32.78 40.50 82.24
CA VAL M 62 -33.72 39.52 82.80
C VAL M 62 -34.92 40.27 83.38
N THR M 63 -35.98 39.51 83.63
CA THR M 63 -37.15 40.05 84.30
C THR M 63 -36.82 40.33 85.77
N SER M 64 -37.57 41.27 86.36
CA SER M 64 -37.30 41.74 87.71
C SER M 64 -37.50 40.66 88.78
N SER M 65 -38.12 39.53 88.44
CA SER M 65 -38.45 38.53 89.45
C SER M 65 -37.21 37.84 90.02
N THR M 66 -36.13 37.71 89.23
CA THR M 66 -35.07 36.77 89.58
C THR M 66 -33.68 37.37 89.72
N TRP M 67 -33.43 38.60 89.25
CA TRP M 67 -32.06 39.13 89.37
C TRP M 67 -31.66 39.36 90.81
N PRO M 68 -32.48 39.98 91.67
CA PRO M 68 -32.15 39.95 93.10
C PRO M 68 -32.39 38.59 93.74
N SER M 69 -33.31 37.80 93.18
CA SER M 69 -33.65 36.51 93.77
C SER M 69 -32.54 35.48 93.59
N GLN M 70 -31.76 35.58 92.51
CA GLN M 70 -30.75 34.59 92.19
C GLN M 70 -29.43 35.27 91.84
N SER M 71 -28.33 34.53 92.03
CA SER M 71 -27.00 35.06 91.81
C SER M 71 -26.69 35.06 90.31
N ILE M 72 -26.39 36.24 89.77
CA ILE M 72 -25.96 36.39 88.39
C ILE M 72 -24.51 36.87 88.41
N THR M 73 -23.60 36.00 87.98
CA THR M 73 -22.17 36.27 88.01
C THR M 73 -21.64 36.28 86.58
N CYS M 74 -20.79 37.26 86.26
CA CYS M 74 -20.07 37.27 85.00
C CYS M 74 -18.68 36.71 85.24
N ASN M 75 -18.35 35.66 84.49
CA ASN M 75 -17.06 34.99 84.57
C ASN M 75 -16.22 35.44 83.38
N VAL M 76 -15.02 35.96 83.67
CA VAL M 76 -14.12 36.51 82.66
C VAL M 76 -12.80 35.77 82.75
N ALA M 77 -12.28 35.39 81.59
CA ALA M 77 -11.02 34.63 81.49
C ALA M 77 -10.14 35.27 80.43
N HIS M 78 -9.00 35.80 80.85
CA HIS M 78 -8.00 36.41 79.97
C HIS M 78 -6.74 35.56 80.07
N PRO M 79 -6.55 34.58 79.19
CA PRO M 79 -5.39 33.69 79.30
C PRO M 79 -4.05 34.36 79.03
N ALA M 80 -4.04 35.56 78.46
CA ALA M 80 -2.76 36.22 78.17
C ALA M 80 -2.02 36.58 79.44
N SER M 81 -2.74 36.88 80.53
CA SER M 81 -2.13 37.18 81.81
C SER M 81 -2.59 36.21 82.90
N SER M 82 -3.12 35.05 82.51
CA SER M 82 -3.60 34.04 83.45
C SER M 82 -4.66 34.60 84.40
N THR M 83 -5.55 35.44 83.85
CA THR M 83 -6.60 36.06 84.65
C THR M 83 -7.87 35.23 84.57
N LYS M 84 -8.42 34.87 85.73
CA LYS M 84 -9.71 34.17 85.81
C LYS M 84 -10.49 34.81 86.95
N VAL M 85 -11.38 35.73 86.62
CA VAL M 85 -12.08 36.54 87.62
C VAL M 85 -13.58 36.33 87.47
N ASP M 86 -14.25 35.98 88.57
CA ASP M 86 -15.70 35.89 88.62
C ASP M 86 -16.21 37.07 89.41
N LYS M 87 -17.03 37.92 88.78
CA LYS M 87 -17.58 39.11 89.40
C LYS M 87 -19.09 38.94 89.55
N LYS M 88 -19.58 39.05 90.78
CA LYS M 88 -21.01 38.94 91.05
C LYS M 88 -21.64 40.32 91.04
N ILE M 89 -22.85 40.39 90.49
CA ILE M 89 -23.60 41.65 90.42
C ILE M 89 -24.49 41.73 91.66
N GLU M 90 -24.11 42.58 92.61
CA GLU M 90 -24.87 42.81 93.82
C GLU M 90 -25.57 44.15 93.77
N PRO M 91 -26.76 44.28 94.36
CA PRO M 91 -27.53 45.51 94.23
C PRO M 91 -26.79 46.73 94.78
N ARG M 92 -26.96 47.86 94.10
CA ARG M 92 -26.35 49.11 94.52
C ARG M 92 -27.37 50.23 94.40
N GLY M 93 -27.22 51.24 95.24
CA GLY M 93 -28.06 52.41 95.20
C GLY M 93 -29.50 52.11 95.59
N PRO M 94 -30.44 52.93 95.08
CA PRO M 94 -31.87 52.81 95.36
C PRO M 94 -32.54 51.69 94.58
N ALA N 1 -36.38 48.37 65.62
CA ALA N 1 -36.57 48.21 67.05
C ALA N 1 -35.90 49.36 67.78
N ALA N 2 -36.60 49.90 68.78
CA ALA N 2 -36.03 50.96 69.59
C ALA N 2 -34.95 50.39 70.50
N PRO N 3 -33.76 50.98 70.55
CA PRO N 3 -32.68 50.40 71.36
C PRO N 3 -33.01 50.44 72.85
N THR N 4 -32.84 49.29 73.51
CA THR N 4 -32.90 49.25 74.96
C THR N 4 -31.59 49.77 75.50
N VAL N 5 -31.64 50.87 76.25
CA VAL N 5 -30.46 51.60 76.69
C VAL N 5 -30.33 51.43 78.20
N SER N 6 -29.11 51.13 78.64
CA SER N 6 -28.80 50.95 80.06
C SER N 6 -27.49 51.64 80.36
N ILE N 7 -27.51 52.59 81.29
CA ILE N 7 -26.32 53.32 81.71
C ILE N 7 -25.89 52.79 83.08
N PHE N 8 -24.57 52.69 83.28
CA PHE N 8 -24.00 52.11 84.49
C PHE N 8 -22.92 53.03 85.04
N PRO N 9 -22.99 53.37 86.32
CA PRO N 9 -21.94 54.19 86.94
C PRO N 9 -20.69 53.36 87.18
N PRO N 10 -19.57 54.01 87.46
CA PRO N 10 -18.35 53.25 87.81
C PRO N 10 -18.56 52.42 89.07
N SER N 11 -17.90 51.27 89.11
CA SER N 11 -18.00 50.37 90.25
C SER N 11 -17.15 50.89 91.41
N SER N 12 -17.28 50.22 92.56
CA SER N 12 -16.57 50.67 93.76
C SER N 12 -15.06 50.49 93.61
N GLU N 13 -14.62 49.30 93.20
CA GLU N 13 -13.18 49.04 93.11
C GLU N 13 -12.51 49.93 92.08
N GLN N 14 -13.21 50.24 90.98
CA GLN N 14 -12.65 51.15 89.99
C GLN N 14 -12.43 52.54 90.58
N LEU N 15 -13.38 53.01 91.40
CA LEU N 15 -13.19 54.30 92.08
C LEU N 15 -12.08 54.22 93.12
N THR N 16 -11.84 53.04 93.69
CA THR N 16 -10.69 52.88 94.58
C THR N 16 -9.38 53.05 93.81
N SER N 17 -9.31 52.50 92.60
CA SER N 17 -8.07 52.55 91.84
C SER N 17 -7.71 53.96 91.40
N GLY N 18 -8.71 54.80 91.12
CA GLY N 18 -8.43 56.18 90.75
C GLY N 18 -9.00 56.58 89.41
N GLY N 19 -9.88 55.74 88.85
CA GLY N 19 -10.55 56.04 87.60
C GLY N 19 -12.06 55.93 87.77
N ALA N 20 -12.76 56.22 86.68
CA ALA N 20 -14.22 56.15 86.69
C ALA N 20 -14.71 56.02 85.25
N SER N 21 -15.40 54.93 84.97
CA SER N 21 -15.88 54.64 83.62
C SER N 21 -17.40 54.51 83.65
N VAL N 22 -18.07 55.41 82.94
CA VAL N 22 -19.53 55.35 82.78
C VAL N 22 -19.82 54.52 81.54
N VAL N 23 -20.52 53.41 81.72
CA VAL N 23 -20.75 52.48 80.62
C VAL N 23 -22.18 52.65 80.13
N CYS N 24 -22.40 52.42 78.83
CA CYS N 24 -23.73 52.52 78.25
C CYS N 24 -23.90 51.42 77.23
N PHE N 25 -25.03 50.71 77.32
CA PHE N 25 -25.37 49.62 76.42
C PHE N 25 -26.64 49.96 75.67
N LEU N 26 -26.64 49.71 74.37
CA LEU N 26 -27.80 49.94 73.51
C LEU N 26 -28.00 48.66 72.71
N ASN N 27 -28.96 47.86 73.14
CA ASN N 27 -29.16 46.53 72.60
C ASN N 27 -30.46 46.44 71.81
N ASN N 28 -30.50 45.51 70.85
CA ASN N 28 -31.73 45.12 70.17
C ASN N 28 -32.30 46.30 69.38
N PHE N 29 -31.45 46.90 68.54
CA PHE N 29 -31.87 48.02 67.70
C PHE N 29 -31.55 47.72 66.24
N TYR N 30 -32.41 48.20 65.35
CA TYR N 30 -32.22 48.11 63.91
C TYR N 30 -32.89 49.33 63.31
N PRO N 31 -32.26 49.98 62.31
CA PRO N 31 -31.01 49.64 61.62
C PRO N 31 -29.75 49.96 62.42
N LYS N 32 -28.59 49.57 61.90
CA LYS N 32 -27.33 49.75 62.60
C LYS N 32 -26.91 51.21 62.70
N ASP N 33 -27.49 52.10 61.90
CA ASP N 33 -27.15 53.52 61.98
C ASP N 33 -27.69 54.07 63.30
N ILE N 34 -26.78 54.35 64.22
CA ILE N 34 -27.15 54.87 65.54
C ILE N 34 -26.01 55.75 66.01
N ASN N 35 -26.36 56.84 66.68
CA ASN N 35 -25.37 57.78 67.17
C ASN N 35 -25.55 57.91 68.69
N VAL N 36 -24.45 57.82 69.41
CA VAL N 36 -24.46 57.82 70.87
C VAL N 36 -23.78 59.09 71.35
N LYS N 37 -24.43 59.81 72.27
CA LYS N 37 -23.92 61.09 72.75
C LYS N 37 -23.89 61.11 74.27
N TRP N 38 -22.75 61.49 74.83
CA TRP N 38 -22.63 61.64 76.27
C TRP N 38 -22.86 63.09 76.65
N LYS N 39 -23.50 63.30 77.80
CA LYS N 39 -23.79 64.65 78.29
C LYS N 39 -23.38 64.71 79.76
N ILE N 40 -22.34 65.49 80.04
CA ILE N 40 -21.90 65.77 81.40
C ILE N 40 -22.48 67.11 81.80
N ASP N 41 -23.27 67.12 82.88
CA ASP N 41 -23.94 68.33 83.37
C ASP N 41 -24.76 69.01 82.28
N GLY N 42 -25.28 68.23 81.34
CA GLY N 42 -26.09 68.74 80.27
C GLY N 42 -25.33 69.19 79.03
N SER N 43 -24.01 69.20 79.08
CA SER N 43 -23.18 69.62 77.95
C SER N 43 -22.54 68.41 77.30
N GLU N 44 -22.49 68.40 75.97
CA GLU N 44 -22.01 67.24 75.23
C GLU N 44 -20.54 66.99 75.52
N ARG N 45 -20.19 65.71 75.70
CA ARG N 45 -18.83 65.28 75.95
C ARG N 45 -18.48 64.17 74.96
N GLN N 46 -17.37 64.35 74.24
CA GLN N 46 -16.92 63.37 73.26
C GLN N 46 -15.54 62.80 73.54
N ASN N 47 -14.77 63.43 74.43
CA ASN N 47 -13.45 62.91 74.79
C ASN N 47 -13.58 61.80 75.83
N GLY N 48 -12.76 60.77 75.70
CA GLY N 48 -12.84 59.63 76.58
C GLY N 48 -13.93 58.63 76.24
N VAL N 49 -14.59 58.80 75.10
CA VAL N 49 -15.68 57.93 74.68
C VAL N 49 -15.18 56.98 73.61
N LEU N 50 -15.37 55.68 73.83
CA LEU N 50 -15.07 54.66 72.83
C LEU N 50 -16.33 53.85 72.56
N ASN N 51 -16.63 53.64 71.28
CA ASN N 51 -17.84 52.97 70.84
C ASN N 51 -17.48 51.65 70.17
N SER N 52 -18.33 50.65 70.37
CA SER N 52 -18.11 49.32 69.82
C SER N 52 -19.46 48.74 69.41
N TRP N 53 -19.69 48.58 68.11
CA TRP N 53 -20.91 47.99 67.59
C TRP N 53 -20.70 46.51 67.31
N THR N 54 -21.70 45.70 67.65
CA THR N 54 -21.67 44.29 67.31
C THR N 54 -22.21 44.10 65.88
N ASP N 55 -21.84 42.98 65.29
CA ASP N 55 -22.47 42.57 64.04
C ASP N 55 -23.92 42.19 64.31
N GLN N 56 -24.73 42.18 63.25
CA GLN N 56 -26.14 41.91 63.40
C GLN N 56 -26.35 40.54 64.05
N ASP N 57 -27.27 40.49 65.01
CA ASP N 57 -27.47 39.29 65.81
C ASP N 57 -27.93 38.13 64.93
N SER N 58 -27.51 36.92 65.31
CA SER N 58 -27.79 35.73 64.54
C SER N 58 -29.15 35.13 64.81
N LYS N 59 -29.93 35.71 65.74
CA LYS N 59 -31.19 35.13 66.17
C LYS N 59 -32.40 36.02 65.93
N ASP N 60 -32.30 37.32 66.22
CA ASP N 60 -33.40 38.25 65.99
C ASP N 60 -33.07 39.34 64.97
N SER N 61 -31.89 39.28 64.33
CA SER N 61 -31.50 40.22 63.29
C SER N 61 -31.56 41.68 63.79
N THR N 62 -30.95 41.91 64.94
CA THR N 62 -30.84 43.24 65.53
C THR N 62 -29.38 43.52 65.87
N TYR N 63 -29.09 44.79 66.14
CA TYR N 63 -27.74 45.23 66.43
C TYR N 63 -27.60 45.61 67.91
N SER N 64 -26.34 45.71 68.33
CA SER N 64 -26.01 46.11 69.69
C SER N 64 -24.78 47.00 69.66
N MET N 65 -24.65 47.87 70.66
CA MET N 65 -23.55 48.81 70.72
C MET N 65 -23.23 49.15 72.17
N SER N 66 -21.94 49.28 72.47
CA SER N 66 -21.46 49.67 73.79
C SER N 66 -20.67 50.96 73.66
N SER N 67 -21.06 51.98 74.42
CA SER N 67 -20.37 53.26 74.44
C SER N 67 -19.86 53.49 75.86
N THR N 68 -18.54 53.69 75.99
CA THR N 68 -17.90 53.79 77.28
C THR N 68 -17.19 55.14 77.40
N LEU N 69 -17.49 55.87 78.48
CA LEU N 69 -16.90 57.17 78.76
C LEU N 69 -15.92 57.03 79.93
N THR N 70 -14.64 57.23 79.65
CA THR N 70 -13.60 57.04 80.66
C THR N 70 -13.14 58.40 81.17
N LEU N 71 -12.97 58.50 82.50
CA LEU N 71 -12.53 59.75 83.11
C LEU N 71 -11.76 59.42 84.38
N THR N 72 -11.00 60.40 84.85
CA THR N 72 -10.34 60.26 86.13
C THR N 72 -11.34 60.49 87.27
N LYS N 73 -10.97 60.05 88.46
CA LYS N 73 -11.83 60.23 89.62
C LYS N 73 -12.07 61.71 89.91
N ASP N 74 -11.01 62.53 89.77
CA ASP N 74 -11.14 63.96 89.98
C ASP N 74 -12.13 64.57 89.01
N GLU N 75 -12.09 64.15 87.74
CA GLU N 75 -13.04 64.67 86.76
C GLU N 75 -14.44 64.09 86.97
N TYR N 76 -14.54 62.85 87.46
CA TYR N 76 -15.84 62.23 87.64
C TYR N 76 -16.60 62.84 88.81
N GLU N 77 -15.90 63.15 89.90
CA GLU N 77 -16.57 63.61 91.11
C GLU N 77 -16.71 65.13 91.18
N ARG N 78 -16.16 65.88 90.23
CA ARG N 78 -16.40 67.31 90.15
C ARG N 78 -17.59 67.66 89.26
N HIS N 79 -18.20 66.66 88.62
CA HIS N 79 -19.44 66.81 87.88
C HIS N 79 -20.49 65.89 88.50
N ASN N 80 -21.76 66.18 88.20
CA ASN N 80 -22.87 65.48 88.84
C ASN N 80 -23.68 64.62 87.87
N SER N 81 -24.22 65.22 86.82
CA SER N 81 -25.20 64.55 85.96
C SER N 81 -24.51 63.92 84.75
N TYR N 82 -24.82 62.65 84.50
CA TYR N 82 -24.29 61.92 83.35
C TYR N 82 -25.45 61.37 82.54
N THR N 83 -25.45 61.64 81.23
CA THR N 83 -26.53 61.25 80.34
C THR N 83 -25.97 60.51 79.14
N CYS N 84 -26.61 59.40 78.77
CA CYS N 84 -26.32 58.66 77.55
C CYS N 84 -27.53 58.81 76.63
N GLU N 85 -27.31 59.37 75.44
CA GLU N 85 -28.37 59.68 74.51
C GLU N 85 -28.20 58.88 73.22
N ALA N 86 -29.32 58.42 72.68
CA ALA N 86 -29.37 57.55 71.52
C ALA N 86 -30.20 58.21 70.44
N THR N 87 -29.55 58.63 69.36
CA THR N 87 -30.28 59.03 68.16
C THR N 87 -30.34 57.83 67.23
N HIS N 88 -31.56 57.42 66.89
CA HIS N 88 -31.83 56.24 66.09
C HIS N 88 -32.94 56.57 65.11
N LYS N 89 -33.29 55.61 64.25
CA LYS N 89 -34.31 55.83 63.25
C LYS N 89 -35.73 55.56 63.73
N THR N 90 -35.89 55.02 64.95
CA THR N 90 -37.21 54.65 65.44
C THR N 90 -37.99 55.82 66.04
N SER N 91 -37.32 56.92 66.37
CA SER N 91 -38.01 58.07 66.96
C SER N 91 -37.14 59.31 66.81
N THR N 92 -37.80 60.46 66.75
CA THR N 92 -37.09 61.73 66.67
C THR N 92 -36.60 62.22 68.02
N SER N 93 -37.12 61.66 69.11
CA SER N 93 -36.66 62.01 70.44
C SER N 93 -35.54 61.08 70.86
N PRO N 94 -34.34 61.60 71.15
CA PRO N 94 -33.24 60.71 71.55
C PRO N 94 -33.55 59.98 72.84
N ILE N 95 -33.20 58.70 72.87
CA ILE N 95 -33.42 57.87 74.05
C ILE N 95 -32.37 58.27 75.10
N VAL N 96 -32.84 58.73 76.26
CA VAL N 96 -31.97 59.31 77.27
C VAL N 96 -31.97 58.41 78.50
N LYS N 97 -30.79 58.05 78.96
CA LYS N 97 -30.60 57.38 80.24
C LYS N 97 -29.61 58.21 81.06
N SER N 98 -30.10 58.83 82.13
CA SER N 98 -29.31 59.78 82.89
C SER N 98 -29.34 59.43 84.37
N PHE N 99 -28.24 59.74 85.05
CA PHE N 99 -28.12 59.50 86.47
C PHE N 99 -27.28 60.59 87.11
N ASN N 100 -27.54 60.85 88.38
CA ASN N 100 -26.79 61.84 89.16
C ASN N 100 -25.85 61.10 90.11
N ARG N 101 -24.60 61.56 90.18
CA ARG N 101 -23.60 60.89 91.00
C ARG N 101 -24.00 60.86 92.48
N ASN N 102 -24.78 61.85 92.92
CA ASN N 102 -25.19 61.90 94.32
C ASN N 102 -26.08 60.72 94.68
N GLU N 103 -27.02 60.37 93.79
CA GLU N 103 -27.94 59.27 94.05
C GLU N 103 -27.80 58.15 93.03
S SO4 O . -1.33 -33.81 25.09
O1 SO4 O . -1.69 -35.25 25.31
O2 SO4 O . -2.26 -32.97 25.89
O3 SO4 O . 0.08 -33.57 25.54
O4 SO4 O . -1.45 -33.46 23.63
S SO4 P . 13.51 -37.14 12.24
O1 SO4 P . 14.02 -38.53 12.04
O2 SO4 P . 12.02 -37.12 12.20
O3 SO4 P . 13.97 -36.65 13.59
O4 SO4 P . 14.04 -36.25 11.16
S SO4 Q . -32.28 -16.23 -15.62
O1 SO4 Q . -31.86 -17.56 -16.18
O2 SO4 Q . -33.70 -15.95 -16.01
O3 SO4 Q . -32.17 -16.26 -14.12
O4 SO4 Q . -31.39 -15.16 -16.15
S SO4 R . 3.21 -33.63 19.62
O1 SO4 R . 3.21 -35.14 19.51
O2 SO4 R . 1.82 -33.14 19.89
O3 SO4 R . 4.08 -33.26 20.78
O4 SO4 R . 3.67 -33.07 18.33
ZN ZN S . -17.43 -70.18 21.12
MG MG T . 0.77 -5.28 -17.01
S SO4 U . 9.80 -2.27 2.03
O1 SO4 U . 10.25 -3.70 1.98
O2 SO4 U . 8.52 -2.18 2.80
O3 SO4 U . 10.85 -1.44 2.68
O4 SO4 U . 9.56 -1.78 0.63
S SO4 V . 38.20 -4.93 3.72
O1 SO4 V . 38.11 -6.42 3.84
O2 SO4 V . 36.94 -4.29 4.22
O3 SO4 V . 39.36 -4.43 4.53
O4 SO4 V . 38.39 -4.58 2.27
S SO4 W . 44.96 8.30 -16.44
O1 SO4 W . 44.36 7.00 -16.89
O2 SO4 W . 43.86 9.26 -16.10
O3 SO4 W . 45.81 8.06 -15.23
O4 SO4 W . 45.79 8.89 -17.54
S SO4 X . 25.58 35.43 -7.73
O1 SO4 X . 25.59 33.94 -7.83
O2 SO4 X . 24.19 35.94 -7.46
O3 SO4 X . 26.44 35.81 -6.57
O4 SO4 X . 26.04 36.01 -9.02
MG MG Y . -17.27 -19.68 -31.69
MG MG Z . -50.43 24.48 -15.59
S SO4 AA . 55.30 52.56 -50.41
O1 SO4 AA . 55.35 51.06 -50.44
O2 SO4 AA . 53.89 53.03 -50.50
O3 SO4 AA . 55.88 53.04 -49.13
O4 SO4 AA . 56.04 53.05 -51.62
S SO4 BA . 30.69 23.40 -75.45
O1 SO4 BA . 30.66 21.88 -75.56
O2 SO4 BA . 29.27 23.87 -75.19
O3 SO4 BA . 31.42 23.68 -74.26
O4 SO4 BA . 31.01 23.87 -76.75
MG MG CA . 8.68 23.29 -39.74
MG MG DA . 12.99 25.25 -55.14
MG MG EA . 35.33 20.12 -79.94
MG MG FA . 63.30 41.55 -54.67
MG MG GA . 56.74 49.54 -62.16
MG MG HA . 43.84 18.67 -73.57
MG MG IA . 34.30 57.56 -32.87
#